data_8K9M
#
_entry.id   8K9M
#
_cell.length_a   1.00
_cell.length_b   1.00
_cell.length_c   1.00
_cell.angle_alpha   90.00
_cell.angle_beta   90.00
_cell.angle_gamma   90.00
#
_symmetry.space_group_name_H-M   'P 1'
#
loop_
_entity.id
_entity.type
_entity.pdbx_description
1 polymer 'Spike glycoprotein'
2 polymer 'Heavy chain of S2H5 Fab'
3 polymer 'Light chain of S2H5 Fab'
4 non-polymer 2-acetamido-2-deoxy-beta-D-glucopyranose
#
loop_
_entity_poly.entity_id
_entity_poly.type
_entity_poly.pdbx_seq_one_letter_code
_entity_poly.pdbx_strand_id
1 'polypeptide(L)'
;MFVFLVLLPLVSSQCVNLTTRTQLPPAYTNSFTRGVYYPDKVFRSSVLHSTQDLFLPFFSNVTWFHAIHVSGTNGTKRFD
NPVLPFNDGVYFASTEKSNIIRGWIFGTTLDSKTQSLLIVNNATNVVIKVCEFQFCNDPFLGVYYHKNNKSWMESEFRVY
SSANNCTFEYVSQPFLMDLEGKQGNFKNLREFVFKNIDGYFKIYSKHTPINLVRDLPQGFSALEPLVDLPIGINITRFQT
LLALHRSYLTPGDSSSGWTAGAAAYYVGYLQPRTFLLKYNENGTITDAVDCALDPLSETKCTLKSFTVEKGIYQTSNFRV
QPTESIVRFPNITNLCPFGEVFNATRFASVYAWNRKRISNCVADYSVLYNSASFSTFKCYGVSPTKLNDLCFTNVYADSF
VIRGDEVRQIAPGQTGKIADYNYKLPDDFTGCVIAWNSNNLDSKVGGNYNYLYRLFRKSNLKPFERDISTEIYQAGSTPC
NGVEGFNCYFPLQSYGFQPTNGVGYQPYRVVVLSFELLHAPATVCGPKKSTNLVKNKCVNFNFNGLTGTGVLTESNKKFL
PFQQFGRDIADTTDAVRDPQTLEILDITPCSFGGVSVITPGTNTSNQVAVLYQDVNCTEVPVAIHADQLTPTWRVYSTGS
NVFQTRAGCLIGAEHVNNSYECDIPIGAGICASYQTQTNSPGSASSVASQSIIAYTMSLGAENSVAYSNNSIAIPTNFTI
SVTTEILPVSMTKTSVDCTMYICGDSTECSNLLLQYGSFCTQLNRALTGIAVEQDKNTQEVFAQVKQIYKTPPIKDFGGF
NFSQILPDPSKPSKRSFIEDLLFNKVTLADAGFIKQYGDCLGDIAARDLICAQKFNGLTVLPPLLTDEMIAQYTSALLAG
TITSGWTFGAGAALQIPFAMQMAYRFNGIGVTQNVLYENQKLIANQFNSAIGKIQDSLSSTASALGKLQDVVNQNAQALN
TLVKQLSSNFGAISSVLNDILSRLDPPEAEVQIDRLITGRLQSLQTYVTQQLIRAAEIRASANLAATKMSECVLGQSKRV
DFCGKGYHLMSFPQSAPHGVVFLHVTYVPAQEKNFTTAPAICHDGKAHFPREGVFVSNGTHWFVTQRNFYEPQIITTDNT
FVSGNCDVVIGIVNNTVYDPLQPELDSFKEELDKYFKNHTSPDVDLGDISGINASVVNIQKEIDRLNEVAKNLNESLIDL
QELGKYEQGSGYIPEAPRDGQAYVRKDGEWVLLSTFLENLYFQGDYKDDDDKHHHHHHHHH
;
E,C,D
2 'polypeptide(L)'
;EVQLLQSGAELVRPGALVKLSCKASGFNIKDYYMHWVKQRPEQGLEWFGWIDPENGNTIYDPKFQGKASITADTSSNTAY
LQLSSLTSEDTAVYYCAGSGNYEDAMDYWGQGTSVTVSSAKTTPPSVYPLAPGSAAQTNSMVTLGCLVKGYFPEPVTVTW
NSGSLSSGVHTFPAVLQSDLYTLSSSVTVPSSTWPSETVTCNVAHPASSTKVDKKI
;
A,G
3 'polypeptide(L)'
;DVLMTQTPLSLPVSLGDQASISCRSSQSIVHSNGNTYLEWYLQKPGQSPKLLIYKVSNRFSGVPDRFSGSGSGTDFTLKI
SRVEAEDLGVYYCFQGSHVPRTFGGGTKLEIKRADAAPTVSIFPPSSEQLTSGGASVVCFLNNFYPKDINVKWKIDGSER
QNGVLNSWTDQDSKDSTYSMSSTLTLTKDEYERHNSYTCEATHKTSTSPIVKSFNRNEC
;
B,F
#
loop_
_chem_comp.id
_chem_comp.type
_chem_comp.name
_chem_comp.formula
NAG D-saccharide, beta linking 2-acetamido-2-deoxy-beta-D-glucopyranose 'C8 H15 N O6'
#
# COMPACT_ATOMS: atom_id res chain seq x y z
N GLN A 14 35.12 -34.09 -34.05
CA GLN A 14 35.07 -33.45 -32.70
C GLN A 14 35.68 -32.06 -32.73
N CYS A 15 37.02 -32.00 -32.66
CA CYS A 15 37.74 -30.74 -32.59
C CYS A 15 38.37 -30.33 -33.92
N VAL A 16 38.06 -31.05 -35.00
CA VAL A 16 38.67 -30.71 -36.29
C VAL A 16 37.94 -29.52 -36.90
N ASN A 17 38.69 -28.49 -37.26
CA ASN A 17 38.11 -27.27 -37.81
C ASN A 17 37.85 -27.42 -39.30
N LEU A 18 36.78 -26.77 -39.75
CA LEU A 18 36.41 -26.80 -41.16
C LEU A 18 37.41 -26.04 -42.01
N THR A 19 37.68 -26.58 -43.20
CA THR A 19 38.67 -25.97 -44.10
C THR A 19 38.17 -24.64 -44.66
N THR A 20 36.92 -24.62 -45.14
CA THR A 20 36.40 -23.46 -45.84
C THR A 20 35.70 -22.46 -44.92
N ARG A 21 35.59 -22.74 -43.63
CA ARG A 21 34.93 -21.82 -42.72
C ARG A 21 35.67 -20.49 -42.65
N THR A 22 34.93 -19.39 -42.73
CA THR A 22 35.48 -18.05 -42.62
C THR A 22 34.56 -17.21 -41.75
N GLN A 23 35.15 -16.43 -40.85
CA GLN A 23 34.38 -15.58 -39.95
C GLN A 23 33.86 -14.36 -40.70
N LEU A 24 32.65 -13.92 -40.33
CA LEU A 24 32.01 -12.76 -40.92
C LEU A 24 31.48 -11.87 -39.81
N PRO A 25 31.36 -10.56 -40.06
CA PRO A 25 30.83 -9.67 -39.02
C PRO A 25 29.38 -9.95 -38.74
N PRO A 26 28.89 -9.68 -37.53
CA PRO A 26 27.49 -9.96 -37.21
C PRO A 26 26.53 -8.96 -37.84
N ALA A 27 26.21 -9.16 -39.12
CA ALA A 27 25.26 -8.29 -39.79
C ALA A 27 23.88 -8.45 -39.17
N TYR A 28 23.08 -7.38 -39.26
CA TYR A 28 21.77 -7.33 -38.64
C TYR A 28 20.69 -7.13 -39.70
N THR A 29 19.50 -7.64 -39.40
CA THR A 29 18.34 -7.48 -40.27
C THR A 29 17.13 -7.17 -39.40
N ASN A 30 16.09 -6.66 -40.04
CA ASN A 30 14.89 -6.20 -39.33
C ASN A 30 13.79 -7.24 -39.41
N SER A 31 13.07 -7.39 -38.29
CA SER A 31 11.92 -8.27 -38.20
C SER A 31 10.66 -7.44 -38.05
N PHE A 32 9.62 -7.79 -38.81
CA PHE A 32 8.42 -6.98 -38.89
C PHE A 32 7.56 -7.12 -37.64
N THR A 33 7.08 -8.34 -37.36
CA THR A 33 6.22 -8.60 -36.22
C THR A 33 6.58 -9.89 -35.50
N ARG A 34 7.73 -10.49 -35.81
CA ARG A 34 8.10 -11.75 -35.19
C ARG A 34 8.42 -11.55 -33.71
N GLY A 35 8.24 -12.61 -32.93
CA GLY A 35 8.36 -12.57 -31.49
C GLY A 35 7.06 -12.73 -30.75
N VAL A 36 5.96 -13.00 -31.46
CA VAL A 36 4.64 -13.17 -30.84
C VAL A 36 4.43 -14.64 -30.56
N TYR A 37 4.03 -14.96 -29.32
CA TYR A 37 3.76 -16.32 -28.93
C TYR A 37 2.73 -16.31 -27.81
N TYR A 38 2.12 -17.46 -27.59
CA TYR A 38 1.13 -17.59 -26.52
C TYR A 38 1.85 -17.60 -25.18
N PRO A 39 1.57 -16.65 -24.27
CA PRO A 39 2.26 -16.67 -22.98
C PRO A 39 2.04 -17.96 -22.20
N ASP A 40 0.85 -18.55 -22.31
CA ASP A 40 0.52 -19.77 -21.60
C ASP A 40 -0.48 -20.57 -22.42
N LYS A 41 -1.00 -21.64 -21.84
CA LYS A 41 -1.94 -22.53 -22.51
C LYS A 41 -3.39 -22.08 -22.34
N VAL A 42 -3.64 -20.96 -21.66
CA VAL A 42 -5.00 -20.46 -21.53
C VAL A 42 -5.53 -20.06 -22.91
N PHE A 43 -6.81 -20.36 -23.15
CA PHE A 43 -7.44 -20.08 -24.43
C PHE A 43 -8.29 -18.82 -24.33
N ARG A 44 -8.25 -18.01 -25.39
CA ARG A 44 -9.06 -16.81 -25.47
C ARG A 44 -9.40 -16.56 -26.95
N SER A 45 -10.62 -16.11 -27.21
CA SER A 45 -11.07 -15.87 -28.57
C SER A 45 -11.90 -14.61 -28.62
N SER A 46 -11.82 -13.91 -29.76
CA SER A 46 -12.61 -12.70 -30.00
C SER A 46 -12.41 -11.68 -28.89
N VAL A 47 -11.17 -11.56 -28.40
CA VAL A 47 -10.83 -10.61 -27.35
C VAL A 47 -9.42 -10.10 -27.60
N LEU A 48 -9.12 -8.94 -27.02
CA LEU A 48 -7.79 -8.34 -27.08
C LEU A 48 -7.21 -8.37 -25.68
N HIS A 49 -6.20 -9.22 -25.48
CA HIS A 49 -5.61 -9.46 -24.17
C HIS A 49 -4.26 -8.76 -24.08
N SER A 50 -4.01 -8.12 -22.95
CA SER A 50 -2.76 -7.44 -22.67
C SER A 50 -1.94 -8.28 -21.70
N THR A 51 -0.70 -8.58 -22.07
CA THR A 51 0.18 -9.40 -21.25
C THR A 51 1.60 -8.91 -21.40
N GLN A 52 2.38 -9.07 -20.32
CA GLN A 52 3.77 -8.66 -20.29
C GLN A 52 4.64 -9.87 -20.00
N ASP A 53 5.55 -10.17 -20.91
CA ASP A 53 6.46 -11.31 -20.77
C ASP A 53 7.67 -11.05 -21.68
N LEU A 54 8.57 -12.02 -21.72
CA LEU A 54 9.77 -11.90 -22.53
C LEU A 54 9.40 -11.97 -24.00
N PHE A 55 9.56 -10.86 -24.72
CA PHE A 55 9.18 -10.77 -26.12
C PHE A 55 10.31 -10.14 -26.92
N LEU A 56 10.34 -10.46 -28.22
CA LEU A 56 11.26 -9.81 -29.14
C LEU A 56 10.58 -8.55 -29.68
N PRO A 57 11.12 -7.36 -29.44
CA PRO A 57 10.47 -6.15 -29.94
C PRO A 57 10.35 -6.17 -31.46
N PHE A 58 9.22 -5.66 -31.95
CA PHE A 58 9.00 -5.58 -33.39
C PHE A 58 9.93 -4.54 -34.01
N PHE A 59 10.25 -4.74 -35.29
CA PHE A 59 11.17 -3.87 -36.02
C PHE A 59 12.52 -3.79 -35.32
N SER A 60 12.88 -4.86 -34.60
CA SER A 60 14.17 -4.92 -33.93
C SER A 60 15.23 -5.45 -34.88
N ASN A 61 16.46 -5.54 -34.39
CA ASN A 61 17.60 -6.01 -35.17
C ASN A 61 17.96 -7.43 -34.75
N VAL A 62 18.05 -8.32 -35.72
CA VAL A 62 18.40 -9.72 -35.48
C VAL A 62 19.60 -10.07 -36.34
N THR A 63 20.48 -10.89 -35.78
CA THR A 63 21.72 -11.24 -36.48
C THR A 63 21.41 -11.91 -37.81
N TRP A 64 22.20 -11.55 -38.83
CA TRP A 64 22.06 -12.07 -40.18
C TRP A 64 23.16 -13.09 -40.41
N PHE A 65 22.79 -14.36 -40.44
CA PHE A 65 23.74 -15.46 -40.61
C PHE A 65 23.28 -16.36 -41.75
N HIS A 66 24.25 -16.99 -42.41
CA HIS A 66 23.96 -17.91 -43.51
C HIS A 66 25.03 -18.99 -43.54
N ALA A 67 24.69 -20.12 -44.16
CA ALA A 67 25.59 -21.25 -44.29
C ALA A 67 25.81 -21.55 -45.76
N ILE A 68 27.08 -21.57 -46.17
CA ILE A 68 27.44 -21.86 -47.55
C ILE A 68 28.70 -22.71 -47.56
N HIS A 69 29.17 -23.08 -48.76
CA HIS A 69 30.38 -23.88 -48.89
C HIS A 69 31.59 -23.11 -48.39
N LYS A 77 32.34 -19.99 -48.75
CA LYS A 77 33.43 -20.25 -47.84
C LYS A 77 33.18 -19.58 -46.49
N ARG A 78 31.90 -19.52 -46.09
CA ARG A 78 31.50 -18.91 -44.82
C ARG A 78 30.53 -19.86 -44.13
N PHE A 79 30.97 -20.48 -43.04
CA PHE A 79 30.15 -21.37 -42.23
C PHE A 79 29.89 -20.69 -40.90
N ASP A 80 28.62 -20.51 -40.55
CA ASP A 80 28.22 -19.74 -39.38
C ASP A 80 27.79 -20.68 -38.26
N ASN A 81 28.67 -20.87 -37.28
CA ASN A 81 28.33 -21.54 -36.03
C ASN A 81 28.86 -20.72 -34.86
N PRO A 82 28.36 -19.51 -34.69
CA PRO A 82 28.88 -18.64 -33.64
C PRO A 82 28.24 -18.94 -32.28
N VAL A 83 28.79 -18.30 -31.25
CA VAL A 83 28.26 -18.38 -29.90
C VAL A 83 27.60 -17.04 -29.58
N LEU A 84 26.33 -17.10 -29.14
CA LEU A 84 25.57 -15.91 -28.86
C LEU A 84 25.07 -15.93 -27.42
N PRO A 85 24.93 -14.76 -26.79
CA PRO A 85 24.47 -14.74 -25.40
C PRO A 85 22.99 -15.08 -25.29
N PHE A 86 22.69 -16.06 -24.44
CA PHE A 86 21.30 -16.44 -24.22
C PHE A 86 20.54 -15.36 -23.46
N ASN A 87 21.19 -14.70 -22.51
CA ASN A 87 20.55 -13.66 -21.69
C ASN A 87 19.32 -14.29 -21.04
N ASP A 88 18.20 -13.56 -20.96
CA ASP A 88 16.97 -14.14 -20.42
C ASP A 88 16.15 -14.88 -21.46
N GLY A 89 16.49 -14.75 -22.74
CA GLY A 89 15.78 -15.44 -23.78
C GLY A 89 16.18 -14.90 -25.14
N VAL A 90 15.92 -15.73 -26.16
CA VAL A 90 16.24 -15.39 -27.54
C VAL A 90 15.12 -15.91 -28.45
N TYR A 91 15.14 -15.45 -29.69
CA TYR A 91 14.17 -15.83 -30.70
C TYR A 91 14.91 -16.34 -31.93
N PHE A 92 14.30 -17.31 -32.62
CA PHE A 92 14.90 -17.95 -33.78
C PHE A 92 13.98 -17.84 -34.99
N ALA A 93 14.58 -17.65 -36.17
CA ALA A 93 13.85 -17.64 -37.42
C ALA A 93 14.82 -17.99 -38.54
N SER A 94 14.38 -18.82 -39.48
CA SER A 94 15.24 -19.29 -40.56
C SER A 94 14.39 -19.69 -41.75
N THR A 95 14.93 -19.45 -42.94
CA THR A 95 14.31 -19.89 -44.19
C THR A 95 15.13 -21.03 -44.76
N GLU A 96 14.45 -22.12 -45.14
CA GLU A 96 15.11 -23.36 -45.50
C GLU A 96 14.48 -23.95 -46.75
N LYS A 97 15.29 -24.72 -47.48
CA LYS A 97 14.83 -25.57 -48.57
C LYS A 97 15.04 -27.04 -48.24
N SER A 98 16.27 -27.43 -47.90
CA SER A 98 16.59 -28.78 -47.47
C SER A 98 16.63 -28.92 -45.95
N ASN A 99 16.27 -27.86 -45.22
CA ASN A 99 16.28 -27.87 -43.76
C ASN A 99 17.69 -28.19 -43.23
N ILE A 100 18.61 -27.28 -43.53
CA ILE A 100 19.99 -27.45 -43.10
C ILE A 100 20.08 -27.41 -41.57
N ILE A 101 19.25 -26.58 -40.94
CA ILE A 101 19.30 -26.44 -39.48
C ILE A 101 19.09 -27.80 -38.84
N ARG A 102 19.99 -28.16 -37.93
CA ARG A 102 19.94 -29.46 -37.26
C ARG A 102 19.43 -29.34 -35.83
N GLY A 103 19.93 -28.37 -35.07
CA GLY A 103 19.57 -28.25 -33.67
C GLY A 103 20.34 -27.14 -33.00
N TRP A 104 20.42 -27.21 -31.68
CA TRP A 104 21.08 -26.17 -30.91
C TRP A 104 21.75 -26.80 -29.69
N ILE A 105 22.70 -26.07 -29.13
CA ILE A 105 23.39 -26.46 -27.90
C ILE A 105 23.23 -25.32 -26.91
N PHE A 106 22.74 -25.64 -25.71
CA PHE A 106 22.47 -24.65 -24.67
C PHE A 106 23.24 -25.00 -23.41
N GLY A 107 23.76 -23.98 -22.74
CA GLY A 107 24.46 -24.18 -21.48
C GLY A 107 25.20 -22.93 -21.09
N THR A 108 25.67 -22.94 -19.84
CA THR A 108 26.47 -21.82 -19.34
C THR A 108 27.87 -21.84 -19.97
N THR A 109 28.47 -23.03 -20.03
CA THR A 109 29.79 -23.20 -20.63
C THR A 109 29.78 -24.16 -21.80
N LEU A 110 28.70 -24.90 -22.02
CA LEU A 110 28.61 -25.88 -23.10
C LEU A 110 29.69 -26.95 -22.97
N ASP A 111 30.13 -27.22 -21.73
CA ASP A 111 31.18 -28.19 -21.46
C ASP A 111 30.75 -29.03 -20.27
N SER A 112 31.57 -30.03 -19.93
CA SER A 112 31.27 -30.91 -18.82
C SER A 112 31.31 -30.21 -17.47
N LYS A 113 31.82 -28.97 -17.42
CA LYS A 113 31.87 -28.24 -16.15
C LYS A 113 30.49 -28.12 -15.52
N THR A 114 29.44 -28.05 -16.34
CA THR A 114 28.08 -27.92 -15.84
C THR A 114 27.14 -28.65 -16.82
N GLN A 115 25.84 -28.51 -16.56
CA GLN A 115 24.83 -29.17 -17.39
C GLN A 115 24.47 -28.29 -18.58
N SER A 116 24.16 -28.92 -19.71
CA SER A 116 23.85 -28.23 -20.94
C SER A 116 22.63 -28.87 -21.60
N LEU A 117 21.68 -28.05 -22.03
CA LEU A 117 20.53 -28.53 -22.77
C LEU A 117 20.84 -28.58 -24.26
N LEU A 118 20.46 -29.68 -24.89
CA LEU A 118 20.70 -29.90 -26.32
C LEU A 118 19.44 -30.40 -26.98
N ILE A 119 19.13 -29.84 -28.14
CA ILE A 119 18.02 -30.27 -28.97
C ILE A 119 18.57 -30.64 -30.34
N VAL A 120 18.42 -31.90 -30.73
CA VAL A 120 18.95 -32.41 -31.98
C VAL A 120 17.86 -33.18 -32.71
N ASN A 121 17.69 -32.87 -34.00
CA ASN A 121 16.78 -33.61 -34.87
C ASN A 121 17.64 -34.41 -35.83
N ASN A 122 17.87 -35.69 -35.50
CA ASN A 122 18.81 -36.53 -36.22
C ASN A 122 18.12 -37.45 -37.23
N ALA A 123 17.08 -36.96 -37.90
CA ALA A 123 16.37 -37.59 -39.01
C ALA A 123 15.38 -38.66 -38.55
N THR A 124 15.29 -38.94 -37.25
CA THR A 124 14.32 -39.89 -36.73
C THR A 124 13.35 -39.26 -35.75
N ASN A 125 13.86 -38.49 -34.78
CA ASN A 125 13.01 -37.86 -33.78
C ASN A 125 13.82 -36.77 -33.10
N VAL A 126 13.09 -35.88 -32.41
CA VAL A 126 13.70 -34.78 -31.65
C VAL A 126 14.13 -35.34 -30.30
N VAL A 127 15.41 -35.14 -29.97
CA VAL A 127 16.00 -35.67 -28.74
C VAL A 127 16.44 -34.51 -27.87
N ILE A 128 15.98 -34.50 -26.62
CA ILE A 128 16.33 -33.49 -25.64
C ILE A 128 16.92 -34.19 -24.43
N LYS A 129 18.13 -33.77 -24.03
CA LYS A 129 18.85 -34.41 -22.94
C LYS A 129 19.53 -33.35 -22.09
N VAL A 130 19.68 -33.66 -20.80
CA VAL A 130 20.40 -32.80 -19.85
C VAL A 130 21.49 -33.65 -19.22
N CYS A 131 22.73 -33.41 -19.62
CA CYS A 131 23.87 -34.13 -19.06
C CYS A 131 25.08 -33.20 -19.08
N GLU A 132 26.24 -33.74 -18.73
CA GLU A 132 27.50 -33.00 -18.79
C GLU A 132 28.23 -33.40 -20.06
N PHE A 133 28.12 -32.57 -21.09
CA PHE A 133 28.65 -32.86 -22.41
C PHE A 133 30.04 -32.27 -22.57
N GLN A 134 30.87 -32.97 -23.34
CA GLN A 134 32.21 -32.49 -23.65
C GLN A 134 32.15 -31.50 -24.80
N PHE A 135 32.68 -30.30 -24.59
CA PHE A 135 32.61 -29.27 -25.62
C PHE A 135 33.44 -29.64 -26.83
N CYS A 136 32.95 -29.23 -28.00
CA CYS A 136 33.65 -29.44 -29.26
C CYS A 136 33.79 -28.11 -30.00
N ASN A 137 34.86 -28.01 -30.79
CA ASN A 137 35.12 -26.77 -31.52
C ASN A 137 33.98 -26.46 -32.49
N ASP A 138 33.56 -27.45 -33.28
CA ASP A 138 32.50 -27.29 -34.26
C ASP A 138 31.54 -28.47 -34.15
N PRO A 139 30.66 -28.47 -33.15
CA PRO A 139 29.70 -29.57 -33.02
C PRO A 139 28.61 -29.49 -34.08
N PHE A 140 28.26 -30.65 -34.63
CA PHE A 140 27.20 -30.73 -35.64
C PHE A 140 26.87 -32.17 -35.98
N LEU A 141 25.89 -32.36 -36.85
CA LEU A 141 25.51 -33.68 -37.35
C LEU A 141 25.45 -33.65 -38.87
N GLY A 142 25.80 -34.78 -39.49
CA GLY A 142 25.78 -34.86 -40.94
C GLY A 142 25.58 -36.28 -41.40
N VAL A 143 25.53 -36.43 -42.72
CA VAL A 143 25.27 -37.72 -43.37
C VAL A 143 26.26 -37.87 -44.51
N TYR A 144 26.43 -39.11 -44.98
CA TYR A 144 27.45 -39.38 -45.98
C TYR A 144 27.03 -40.55 -46.87
N TYR A 145 27.38 -40.44 -48.16
CA TYR A 145 27.29 -41.55 -49.12
C TYR A 145 25.86 -42.07 -49.24
N HIS A 146 25.01 -41.21 -49.80
CA HIS A 146 23.58 -41.53 -49.93
C HIS A 146 23.32 -42.55 -51.02
N LYS A 147 23.80 -42.29 -52.25
CA LYS A 147 23.59 -43.16 -53.40
C LYS A 147 22.12 -43.59 -53.53
N ASN A 148 21.86 -44.76 -54.11
CA ASN A 148 20.54 -45.02 -54.70
C ASN A 148 19.50 -45.45 -53.65
N ASN A 149 19.43 -44.70 -52.55
CA ASN A 149 18.22 -44.56 -51.76
C ASN A 149 18.45 -43.36 -50.87
N LYS A 150 17.64 -42.32 -51.04
CA LYS A 150 18.02 -40.97 -50.63
C LYS A 150 18.44 -40.90 -49.17
N SER A 151 17.73 -41.61 -48.29
CA SER A 151 18.15 -41.75 -46.90
C SER A 151 18.29 -40.40 -46.20
N TRP A 152 19.53 -39.88 -46.12
CA TRP A 152 19.85 -38.70 -45.32
C TRP A 152 19.52 -38.92 -43.84
N MET A 153 20.07 -40.00 -43.28
CA MET A 153 19.91 -40.32 -41.87
C MET A 153 21.23 -40.13 -41.13
N GLU A 154 21.13 -39.68 -39.89
CA GLU A 154 22.31 -39.31 -39.10
C GLU A 154 23.38 -40.38 -39.19
N SER A 155 24.58 -39.96 -39.62
CA SER A 155 25.72 -40.87 -39.76
C SER A 155 26.69 -40.69 -38.60
N GLU A 156 27.18 -39.48 -38.36
CA GLU A 156 28.15 -39.23 -37.31
C GLU A 156 27.53 -38.37 -36.21
N PHE A 157 28.02 -38.55 -34.98
CA PHE A 157 27.55 -37.80 -33.82
C PHE A 157 28.72 -37.01 -33.27
N ARG A 158 28.93 -35.81 -33.81
CA ARG A 158 29.98 -34.91 -33.36
C ARG A 158 29.49 -33.92 -32.32
N VAL A 159 28.21 -33.97 -31.95
CA VAL A 159 27.63 -32.96 -31.06
C VAL A 159 28.44 -32.89 -29.77
N TYR A 160 28.74 -34.04 -29.17
CA TYR A 160 29.58 -34.09 -27.99
C TYR A 160 30.30 -35.42 -27.95
N SER A 161 31.41 -35.46 -27.22
CA SER A 161 32.22 -36.67 -27.14
C SER A 161 31.68 -37.66 -26.11
N SER A 162 31.24 -37.16 -24.96
CA SER A 162 30.76 -38.03 -23.89
C SER A 162 29.76 -37.27 -23.04
N ALA A 163 28.97 -38.04 -22.27
CA ALA A 163 27.97 -37.47 -21.39
C ALA A 163 27.98 -38.22 -20.06
N ASN A 164 27.57 -37.52 -19.01
CA ASN A 164 27.50 -38.10 -17.68
C ASN A 164 26.59 -37.22 -16.82
N ASN A 165 26.12 -37.79 -15.72
CA ASN A 165 25.25 -37.09 -14.78
C ASN A 165 24.01 -36.55 -15.50
N CYS A 166 23.22 -37.46 -16.06
CA CYS A 166 22.03 -37.10 -16.80
C CYS A 166 20.84 -37.00 -15.86
N THR A 167 20.15 -35.84 -15.89
CA THR A 167 19.01 -35.60 -15.03
C THR A 167 17.70 -35.50 -15.79
N PHE A 168 17.72 -35.45 -17.11
CA PHE A 168 16.50 -35.33 -17.90
C PHE A 168 16.73 -35.91 -19.28
N GLU A 169 15.67 -36.49 -19.85
CA GLU A 169 15.70 -37.03 -21.20
C GLU A 169 14.28 -37.05 -21.74
N TYR A 170 14.15 -36.67 -23.02
CA TYR A 170 12.85 -36.62 -23.65
C TYR A 170 12.98 -37.10 -25.09
N VAL A 171 11.91 -37.70 -25.61
CA VAL A 171 11.86 -38.23 -26.97
C VAL A 171 10.53 -37.84 -27.59
N SER A 172 10.56 -37.39 -28.84
CA SER A 172 9.36 -37.02 -29.56
C SER A 172 8.94 -38.17 -30.49
N GLN A 173 7.85 -37.98 -31.22
CA GLN A 173 7.35 -39.02 -32.11
C GLN A 173 8.32 -39.24 -33.27
N PRO A 174 8.56 -40.51 -33.65
CA PRO A 174 9.40 -40.76 -34.83
C PRO A 174 8.83 -40.08 -36.07
N PHE A 175 9.74 -39.57 -36.90
CA PHE A 175 9.35 -38.99 -38.19
C PHE A 175 10.55 -39.04 -39.12
N LEU A 176 10.26 -38.95 -40.42
CA LEU A 176 11.28 -38.96 -41.45
C LEU A 176 11.58 -37.52 -41.84
N MET A 177 12.86 -37.16 -41.83
CA MET A 177 13.28 -35.79 -42.16
C MET A 177 13.83 -35.77 -43.58
N ASP A 178 13.34 -34.82 -44.38
CA ASP A 178 13.75 -34.70 -45.77
C ASP A 178 14.84 -33.64 -45.88
N LEU A 179 16.08 -34.10 -46.04
CA LEU A 179 17.22 -33.22 -46.23
C LEU A 179 17.66 -33.11 -47.69
N GLU A 180 16.89 -33.67 -48.62
CA GLU A 180 17.25 -33.62 -50.02
C GLU A 180 17.28 -32.17 -50.51
N GLY A 181 18.29 -31.85 -51.32
CA GLY A 181 18.40 -30.51 -51.85
C GLY A 181 17.29 -30.21 -52.85
N LYS A 182 16.89 -28.95 -52.90
CA LYS A 182 15.86 -28.49 -53.82
C LYS A 182 16.26 -27.15 -54.42
N GLN A 183 15.75 -26.89 -55.61
CA GLN A 183 16.03 -25.65 -56.33
C GLN A 183 14.89 -24.65 -56.10
N GLY A 184 15.03 -23.47 -56.69
CA GLY A 184 14.02 -22.44 -56.57
C GLY A 184 14.14 -21.63 -55.30
N ASN A 185 13.05 -20.98 -54.90
CA ASN A 185 13.04 -20.13 -53.72
C ASN A 185 12.93 -20.98 -52.46
N PHE A 186 13.03 -20.33 -51.31
CA PHE A 186 12.94 -21.01 -50.03
C PHE A 186 11.50 -21.39 -49.75
N LYS A 187 11.23 -22.69 -49.65
CA LYS A 187 9.87 -23.21 -49.52
C LYS A 187 9.44 -23.44 -48.08
N ASN A 188 10.32 -23.24 -47.10
CA ASN A 188 10.03 -23.57 -45.71
C ASN A 188 10.42 -22.41 -44.81
N LEU A 189 9.69 -22.27 -43.70
CA LEU A 189 9.97 -21.25 -42.70
C LEU A 189 9.79 -21.86 -41.32
N ARG A 190 10.85 -21.87 -40.52
CA ARG A 190 10.82 -22.40 -39.17
C ARG A 190 11.21 -21.30 -38.19
N GLU A 191 10.42 -21.14 -37.14
CA GLU A 191 10.67 -20.14 -36.11
C GLU A 191 10.48 -20.76 -34.74
N PHE A 192 11.40 -20.49 -33.83
CA PHE A 192 11.36 -21.02 -32.47
C PHE A 192 11.67 -19.92 -31.47
N VAL A 193 11.16 -20.11 -30.25
CA VAL A 193 11.36 -19.17 -29.16
C VAL A 193 12.01 -19.90 -28.00
N PHE A 194 13.12 -19.36 -27.51
CA PHE A 194 13.84 -19.92 -26.37
C PHE A 194 13.80 -18.91 -25.23
N LYS A 195 13.32 -19.33 -24.06
CA LYS A 195 13.16 -18.42 -22.94
C LYS A 195 13.39 -19.19 -21.64
N ASN A 196 13.66 -18.43 -20.57
CA ASN A 196 13.93 -18.99 -19.26
C ASN A 196 13.14 -18.22 -18.22
N ILE A 197 12.33 -18.93 -17.43
CA ILE A 197 11.58 -18.33 -16.33
C ILE A 197 11.84 -19.17 -15.09
N ASP A 198 12.46 -18.56 -14.07
CA ASP A 198 12.74 -19.22 -12.80
C ASP A 198 13.33 -20.61 -13.02
N GLY A 199 14.10 -20.76 -14.09
CA GLY A 199 14.70 -22.04 -14.44
C GLY A 199 13.80 -22.96 -15.24
N TYR A 200 12.53 -22.61 -15.43
CA TYR A 200 11.61 -23.43 -16.22
C TYR A 200 11.66 -22.98 -17.66
N PHE A 201 12.04 -23.89 -18.55
CA PHE A 201 12.23 -23.57 -19.96
C PHE A 201 10.95 -23.81 -20.74
N LYS A 202 10.64 -22.88 -21.65
CA LYS A 202 9.48 -22.99 -22.51
C LYS A 202 9.94 -22.90 -23.96
N ILE A 203 9.48 -23.83 -24.80
CA ILE A 203 9.85 -23.91 -26.21
C ILE A 203 8.58 -23.79 -27.04
N TYR A 204 8.64 -22.95 -28.07
CA TYR A 204 7.52 -22.71 -28.97
C TYR A 204 7.96 -22.98 -30.39
N SER A 205 7.02 -23.46 -31.21
CA SER A 205 7.32 -23.87 -32.57
C SER A 205 6.24 -23.40 -33.53
N LYS A 206 6.63 -23.21 -34.79
CA LYS A 206 5.71 -22.82 -35.86
C LYS A 206 6.37 -23.13 -37.20
N HIS A 207 5.55 -23.58 -38.15
CA HIS A 207 6.05 -24.02 -39.46
C HIS A 207 5.03 -23.66 -40.52
N THR A 208 5.48 -22.96 -41.56
CA THR A 208 4.63 -22.60 -42.69
C THR A 208 5.46 -22.60 -43.96
N PRO A 209 4.84 -22.88 -45.11
CA PRO A 209 5.54 -22.69 -46.39
C PRO A 209 5.56 -21.23 -46.80
N ILE A 210 6.62 -20.87 -47.52
CA ILE A 210 6.81 -19.51 -47.99
C ILE A 210 7.47 -19.53 -49.37
N ASN A 211 7.42 -18.39 -50.05
CA ASN A 211 8.11 -18.18 -51.32
C ASN A 211 8.97 -16.93 -51.16
N LEU A 212 10.25 -17.13 -50.86
CA LEU A 212 11.13 -16.04 -50.46
C LEU A 212 12.42 -16.07 -51.27
N VAL A 213 12.91 -14.89 -51.63
CA VAL A 213 14.18 -14.78 -52.34
C VAL A 213 15.32 -14.52 -51.36
N ARG A 214 15.13 -13.58 -50.43
CA ARG A 214 16.15 -13.25 -49.46
C ARG A 214 15.49 -12.58 -48.26
N ASP A 215 16.21 -12.60 -47.13
CA ASP A 215 15.78 -11.95 -45.89
C ASP A 215 14.60 -12.74 -45.34
N LEU A 216 13.50 -12.10 -44.94
CA LEU A 216 12.36 -12.77 -44.34
C LEU A 216 11.08 -12.29 -45.01
N PRO A 217 10.03 -13.10 -44.99
CA PRO A 217 8.75 -12.67 -45.57
C PRO A 217 8.06 -11.63 -44.72
N GLN A 218 7.17 -10.87 -45.36
CA GLN A 218 6.38 -9.85 -44.69
C GLN A 218 5.02 -10.44 -44.34
N GLY A 219 4.78 -10.64 -43.05
CA GLY A 219 3.53 -11.22 -42.61
C GLY A 219 3.50 -11.33 -41.11
N PHE A 220 2.57 -12.15 -40.61
CA PHE A 220 2.40 -12.39 -39.19
C PHE A 220 2.34 -13.88 -38.92
N SER A 221 2.83 -14.27 -37.74
CA SER A 221 2.85 -15.67 -37.35
C SER A 221 2.66 -15.77 -35.84
N ALA A 222 2.13 -16.92 -35.41
CA ALA A 222 1.92 -17.21 -34.00
C ALA A 222 2.54 -18.56 -33.69
N LEU A 223 3.43 -18.58 -32.70
CA LEU A 223 4.14 -19.80 -32.33
C LEU A 223 3.39 -20.52 -31.21
N GLU A 224 3.54 -21.85 -31.18
CA GLU A 224 2.82 -22.68 -30.24
C GLU A 224 3.78 -23.56 -29.44
N PRO A 225 3.41 -23.96 -28.23
CA PRO A 225 4.30 -24.82 -27.42
C PRO A 225 4.58 -26.13 -28.14
N LEU A 226 5.81 -26.64 -27.94
CA LEU A 226 6.23 -27.91 -28.49
C LEU A 226 6.48 -28.94 -27.39
N VAL A 227 7.19 -28.56 -26.33
CA VAL A 227 7.48 -29.44 -25.21
C VAL A 227 7.57 -28.59 -23.94
N ASP A 228 7.42 -29.27 -22.80
CA ASP A 228 7.63 -28.66 -21.49
C ASP A 228 8.92 -29.22 -20.90
N LEU A 229 9.82 -28.32 -20.50
CA LEU A 229 11.16 -28.68 -20.05
C LEU A 229 11.45 -28.05 -18.69
N PRO A 230 10.89 -28.60 -17.62
CA PRO A 230 11.22 -28.13 -16.26
C PRO A 230 12.56 -28.68 -15.77
N ILE A 231 13.64 -28.02 -16.20
CA ILE A 231 14.99 -28.49 -15.92
C ILE A 231 15.60 -27.67 -14.80
N GLY A 232 15.75 -26.37 -15.02
CA GLY A 232 16.32 -25.50 -13.99
C GLY A 232 17.83 -25.38 -14.02
N ILE A 233 18.40 -24.99 -15.15
CA ILE A 233 19.84 -24.80 -15.28
C ILE A 233 20.10 -23.43 -15.89
N ASN A 234 21.10 -22.75 -15.37
CA ASN A 234 21.49 -21.43 -15.86
C ASN A 234 22.15 -21.56 -17.23
N ILE A 235 21.69 -20.77 -18.18
CA ILE A 235 22.21 -20.78 -19.54
C ILE A 235 22.52 -19.33 -19.92
N THR A 236 23.76 -19.08 -20.32
CA THR A 236 24.20 -17.74 -20.70
C THR A 236 24.68 -17.65 -22.15
N ARG A 237 24.76 -18.77 -22.86
CA ARG A 237 25.22 -18.77 -24.24
C ARG A 237 24.65 -20.00 -24.93
N PHE A 238 24.66 -19.97 -26.27
CA PHE A 238 24.10 -21.06 -27.05
C PHE A 238 24.76 -21.08 -28.42
N GLN A 239 24.60 -22.22 -29.10
CA GLN A 239 25.14 -22.42 -30.43
C GLN A 239 24.04 -22.94 -31.34
N THR A 240 24.22 -22.71 -32.65
CA THR A 240 23.29 -23.18 -33.67
C THR A 240 23.97 -24.28 -34.47
N LEU A 241 23.33 -25.44 -34.53
CA LEU A 241 23.86 -26.58 -35.26
C LEU A 241 23.42 -26.54 -36.71
N LEU A 242 24.27 -27.04 -37.60
CA LEU A 242 24.01 -27.06 -39.03
C LEU A 242 24.34 -28.43 -39.58
N ALA A 243 23.66 -28.80 -40.67
CA ALA A 243 23.84 -30.09 -41.32
C ALA A 243 24.65 -29.90 -42.59
N LEU A 244 25.72 -30.67 -42.73
CA LEU A 244 26.59 -30.59 -43.90
C LEU A 244 26.26 -31.74 -44.85
N HIS A 245 26.94 -31.75 -46.00
CA HIS A 245 26.74 -32.74 -47.03
C HIS A 245 28.03 -33.52 -47.28
N ARG A 246 27.88 -34.77 -47.68
CA ARG A 246 29.01 -35.64 -47.97
C ARG A 246 28.62 -36.55 -49.13
N SER A 247 29.62 -37.13 -49.79
CA SER A 247 29.35 -37.96 -50.94
C SER A 247 30.55 -38.87 -51.21
N TYR A 248 30.29 -39.93 -51.98
CA TYR A 248 31.34 -40.83 -52.45
C TYR A 248 32.32 -40.14 -53.39
N LEU A 249 31.93 -38.99 -53.96
CA LEU A 249 32.67 -38.41 -55.06
C LEU A 249 33.66 -37.36 -54.60
N THR A 250 33.24 -36.44 -53.74
CA THR A 250 34.07 -35.30 -53.32
C THR A 250 34.10 -35.22 -51.80
N PRO A 251 34.74 -36.18 -51.15
CA PRO A 251 34.91 -36.10 -49.69
C PRO A 251 36.08 -35.19 -49.31
N GLY A 252 36.40 -35.12 -48.02
CA GLY A 252 37.48 -34.27 -47.55
C GLY A 252 38.09 -34.83 -46.29
N ASP A 253 39.01 -34.06 -45.72
CA ASP A 253 39.70 -34.46 -44.51
C ASP A 253 38.71 -34.55 -43.34
N SER A 254 39.00 -35.45 -42.40
CA SER A 254 38.13 -35.67 -41.26
C SER A 254 38.37 -34.64 -40.17
N SER A 255 37.42 -33.73 -39.95
CA SER A 255 36.20 -33.59 -40.74
C SER A 255 36.19 -32.22 -41.42
N SER A 256 37.39 -31.75 -41.79
CA SER A 256 37.54 -30.39 -42.30
C SER A 256 37.04 -30.24 -43.73
N GLY A 257 36.98 -31.34 -44.48
CA GLY A 257 36.66 -31.25 -45.89
C GLY A 257 35.18 -31.44 -46.21
N TRP A 258 34.31 -31.29 -45.21
CA TRP A 258 32.88 -31.45 -45.38
C TRP A 258 32.22 -30.09 -45.59
N THR A 259 31.16 -30.09 -46.40
CA THR A 259 30.44 -28.89 -46.77
C THR A 259 28.95 -29.04 -46.46
N ALA A 260 28.28 -27.90 -46.34
CA ALA A 260 26.86 -27.87 -46.01
C ALA A 260 26.11 -27.11 -47.10
N GLY A 261 24.80 -27.29 -47.12
CA GLY A 261 23.96 -26.65 -48.10
C GLY A 261 23.71 -25.18 -47.81
N ALA A 262 22.87 -24.58 -48.64
CA ALA A 262 22.56 -23.16 -48.55
C ALA A 262 21.36 -22.96 -47.64
N ALA A 263 21.53 -22.20 -46.57
CA ALA A 263 20.45 -21.89 -45.65
C ALA A 263 20.79 -20.62 -44.90
N ALA A 264 19.76 -20.00 -44.33
CA ALA A 264 19.92 -18.76 -43.58
C ALA A 264 19.08 -18.83 -42.32
N TYR A 265 19.69 -18.47 -41.18
CA TYR A 265 19.01 -18.45 -39.90
C TYR A 265 19.33 -17.14 -39.18
N TYR A 266 18.36 -16.68 -38.38
CA TYR A 266 18.48 -15.42 -37.67
C TYR A 266 18.16 -15.64 -36.20
N VAL A 267 18.82 -14.87 -35.34
CA VAL A 267 18.71 -14.99 -33.89
C VAL A 267 18.36 -13.63 -33.32
N GLY A 268 17.35 -13.57 -32.46
CA GLY A 268 16.95 -12.36 -31.80
C GLY A 268 17.14 -12.44 -30.29
N TYR A 269 16.70 -11.37 -29.62
CA TYR A 269 16.78 -11.27 -28.18
C TYR A 269 15.42 -10.91 -27.61
N LEU A 270 15.05 -11.55 -26.51
CA LEU A 270 13.76 -11.33 -25.86
C LEU A 270 13.91 -10.34 -24.72
N GLN A 271 12.92 -9.46 -24.59
CA GLN A 271 12.89 -8.44 -23.56
C GLN A 271 11.53 -8.45 -22.90
N PRO A 272 11.43 -8.00 -21.64
CA PRO A 272 10.13 -7.98 -20.95
C PRO A 272 9.22 -6.85 -21.42
N ARG A 273 8.53 -7.10 -22.54
CA ARG A 273 7.65 -6.12 -23.16
C ARG A 273 6.20 -6.57 -23.06
N THR A 274 5.29 -5.62 -23.23
CA THR A 274 3.86 -5.86 -23.14
C THR A 274 3.25 -5.79 -24.53
N PHE A 275 2.47 -6.82 -24.88
CA PHE A 275 1.82 -6.90 -26.18
C PHE A 275 0.31 -6.99 -26.01
N LEU A 276 -0.42 -6.56 -27.03
CA LEU A 276 -1.86 -6.72 -27.12
C LEU A 276 -2.14 -7.87 -28.08
N LEU A 277 -2.58 -9.00 -27.54
CA LEU A 277 -2.82 -10.20 -28.34
C LEU A 277 -4.27 -10.18 -28.82
N LYS A 278 -4.45 -10.02 -30.13
CA LYS A 278 -5.78 -9.99 -30.74
C LYS A 278 -6.15 -11.41 -31.14
N TYR A 279 -7.18 -11.95 -30.51
CA TYR A 279 -7.61 -13.32 -30.73
C TYR A 279 -8.83 -13.36 -31.64
N ASN A 280 -8.79 -14.25 -32.64
CA ASN A 280 -9.88 -14.39 -33.58
C ASN A 280 -10.97 -15.28 -32.99
N GLU A 281 -11.96 -15.64 -33.80
CA GLU A 281 -13.04 -16.50 -33.32
C GLU A 281 -12.53 -17.87 -32.94
N ASN A 282 -11.49 -18.37 -33.62
CA ASN A 282 -10.91 -19.68 -33.34
C ASN A 282 -9.79 -19.63 -32.32
N GLY A 283 -9.46 -18.45 -31.79
CA GLY A 283 -8.41 -18.30 -30.81
C GLY A 283 -7.04 -18.02 -31.38
N THR A 284 -6.86 -18.12 -32.69
CA THR A 284 -5.58 -17.83 -33.31
C THR A 284 -5.35 -16.33 -33.35
N ILE A 285 -4.09 -15.93 -33.13
CA ILE A 285 -3.74 -14.52 -33.13
C ILE A 285 -3.53 -14.07 -34.57
N THR A 286 -4.22 -13.00 -34.95
CA THR A 286 -4.09 -12.42 -36.29
C THR A 286 -3.34 -11.10 -36.30
N ASP A 287 -3.11 -10.50 -35.13
CA ASP A 287 -2.42 -9.22 -35.05
C ASP A 287 -1.80 -9.08 -33.67
N ALA A 288 -0.80 -8.22 -33.58
CA ALA A 288 -0.13 -7.94 -32.31
C ALA A 288 0.37 -6.51 -32.33
N VAL A 289 0.51 -5.93 -31.14
CA VAL A 289 0.94 -4.55 -30.98
C VAL A 289 2.04 -4.50 -29.93
N ASP A 290 3.16 -3.87 -30.25
CA ASP A 290 4.25 -3.66 -29.30
C ASP A 290 4.19 -2.22 -28.80
N CYS A 291 3.86 -2.05 -27.51
CA CYS A 291 3.63 -0.72 -26.98
C CYS A 291 4.85 0.18 -27.17
N ALA A 292 6.04 -0.29 -26.84
CA ALA A 292 7.25 0.53 -26.88
C ALA A 292 7.64 0.93 -28.30
N LEU A 293 7.19 0.20 -29.32
CA LEU A 293 7.60 0.50 -30.69
C LEU A 293 7.15 1.87 -31.13
N ASP A 294 5.85 2.16 -30.98
CA ASP A 294 5.22 3.32 -31.59
C ASP A 294 4.36 4.04 -30.56
N PRO A 295 4.36 5.38 -30.54
CA PRO A 295 3.37 6.08 -29.73
C PRO A 295 1.94 5.71 -30.09
N LEU A 296 1.68 5.36 -31.35
CA LEU A 296 0.39 4.78 -31.69
C LEU A 296 0.17 3.47 -30.96
N SER A 297 1.23 2.66 -30.84
CA SER A 297 1.11 1.41 -30.09
C SER A 297 0.85 1.69 -28.61
N GLU A 298 1.50 2.72 -28.05
CA GLU A 298 1.22 3.08 -26.66
C GLU A 298 -0.21 3.56 -26.50
N THR A 299 -0.73 4.30 -27.50
CA THR A 299 -2.12 4.71 -27.46
C THR A 299 -3.05 3.50 -27.46
N LYS A 300 -2.76 2.51 -28.31
CA LYS A 300 -3.57 1.30 -28.34
C LYS A 300 -3.50 0.58 -27.00
N CYS A 301 -2.30 0.46 -26.43
CA CYS A 301 -2.14 -0.24 -25.16
C CYS A 301 -2.90 0.46 -24.04
N THR A 302 -2.85 1.79 -23.99
CA THR A 302 -3.61 2.53 -22.99
C THR A 302 -5.11 2.36 -23.20
N LEU A 303 -5.56 2.41 -24.46
CA LEU A 303 -6.97 2.22 -24.76
C LEU A 303 -7.37 0.75 -24.76
N LYS A 304 -6.40 -0.16 -24.75
CA LYS A 304 -6.67 -1.60 -24.78
C LYS A 304 -7.54 -1.96 -25.99
N SER A 305 -7.26 -1.33 -27.12
CA SER A 305 -7.98 -1.59 -28.35
C SER A 305 -7.00 -1.56 -29.51
N PHE A 306 -7.31 -2.31 -30.57
CA PHE A 306 -6.45 -2.38 -31.74
C PHE A 306 -6.72 -1.27 -32.75
N THR A 307 -7.74 -0.44 -32.51
CA THR A 307 -8.07 0.68 -33.38
C THR A 307 -7.99 1.98 -32.57
N VAL A 308 -7.38 2.99 -33.17
CA VAL A 308 -7.22 4.29 -32.54
C VAL A 308 -7.98 5.32 -33.38
N GLU A 309 -8.92 6.03 -32.74
CA GLU A 309 -9.70 7.04 -33.42
C GLU A 309 -8.98 8.38 -33.40
N LYS A 310 -9.26 9.21 -34.39
CA LYS A 310 -8.64 10.52 -34.47
C LYS A 310 -8.92 11.33 -33.20
N GLY A 311 -7.88 11.92 -32.65
CA GLY A 311 -8.01 12.68 -31.43
C GLY A 311 -6.69 12.73 -30.68
N ILE A 312 -6.76 13.24 -29.46
CA ILE A 312 -5.60 13.37 -28.58
C ILE A 312 -5.92 12.65 -27.28
N TYR A 313 -5.05 11.71 -26.90
CA TYR A 313 -5.27 10.87 -25.72
C TYR A 313 -4.05 10.93 -24.83
N GLN A 314 -4.26 10.66 -23.53
CA GLN A 314 -3.20 10.57 -22.56
C GLN A 314 -2.83 9.10 -22.39
N THR A 315 -1.58 8.75 -22.68
CA THR A 315 -1.16 7.36 -22.66
C THR A 315 -0.47 7.00 -21.35
N SER A 316 0.48 7.82 -20.92
CA SER A 316 1.26 7.55 -19.71
C SER A 316 1.79 8.87 -19.18
N ASN A 317 2.71 8.79 -18.22
CA ASN A 317 3.31 9.97 -17.60
C ASN A 317 4.82 9.88 -17.75
N PHE A 318 5.42 10.93 -18.32
CA PHE A 318 6.86 10.98 -18.46
C PHE A 318 7.51 11.57 -17.21
N ARG A 319 8.66 11.01 -16.85
CA ARG A 319 9.41 11.49 -15.69
C ARG A 319 10.90 11.41 -16.01
N VAL A 320 11.67 12.23 -15.29
CA VAL A 320 13.13 12.26 -15.44
C VAL A 320 13.74 11.45 -14.31
N GLN A 321 14.46 10.38 -14.66
CA GLN A 321 15.05 9.52 -13.66
C GLN A 321 16.28 10.18 -13.04
N PRO A 322 16.58 9.86 -11.78
CA PRO A 322 17.75 10.45 -11.14
C PRO A 322 19.05 9.99 -11.79
N THR A 323 20.03 10.89 -11.84
CA THR A 323 21.33 10.54 -12.39
C THR A 323 22.06 9.55 -11.49
N GLU A 324 22.11 9.83 -10.19
CA GLU A 324 22.78 8.96 -9.23
C GLU A 324 22.25 9.26 -7.85
N SER A 325 22.53 8.34 -6.92
CA SER A 325 22.11 8.49 -5.53
C SER A 325 23.16 9.32 -4.78
N ILE A 326 22.71 10.40 -4.16
CA ILE A 326 23.59 11.31 -3.42
C ILE A 326 23.20 11.23 -1.95
N VAL A 327 24.20 11.02 -1.10
CA VAL A 327 24.00 10.89 0.34
C VAL A 327 24.85 11.97 1.02
N ARG A 328 24.21 12.79 1.84
CA ARG A 328 24.90 13.85 2.58
C ARG A 328 24.47 13.76 4.05
N PHE A 329 25.17 12.92 4.80
CA PHE A 329 24.90 12.75 6.22
C PHE A 329 25.60 13.82 7.03
N PRO A 330 25.12 14.09 8.25
CA PRO A 330 25.78 15.09 9.09
C PRO A 330 27.15 14.62 9.55
N ASN A 331 27.94 15.56 10.06
CA ASN A 331 29.29 15.25 10.52
C ASN A 331 29.25 14.17 11.60
N ILE A 332 30.19 13.24 11.51
CA ILE A 332 30.28 12.12 12.44
C ILE A 332 31.33 12.42 13.50
N THR A 333 31.64 13.70 13.70
CA THR A 333 32.65 14.10 14.66
C THR A 333 32.13 13.87 16.09
N ASN A 334 32.93 14.30 17.07
CA ASN A 334 32.61 14.11 18.48
C ASN A 334 32.58 12.62 18.84
N LEU A 335 33.47 11.86 18.22
CA LEU A 335 33.55 10.43 18.47
C LEU A 335 34.08 10.17 19.88
N CYS A 336 33.56 9.12 20.51
CA CYS A 336 34.09 8.69 21.80
C CYS A 336 35.47 8.08 21.60
N PRO A 337 36.33 8.08 22.62
CA PRO A 337 37.72 7.64 22.42
C PRO A 337 37.88 6.13 22.48
N PHE A 338 37.49 5.44 21.40
CA PHE A 338 37.75 4.01 21.31
C PHE A 338 39.24 3.74 21.14
N GLY A 339 39.93 4.60 20.39
CA GLY A 339 41.37 4.47 20.26
C GLY A 339 42.09 4.57 21.59
N GLU A 340 41.67 5.52 22.44
CA GLU A 340 42.24 5.60 23.77
C GLU A 340 41.92 4.35 24.58
N VAL A 341 40.71 3.80 24.42
CA VAL A 341 40.35 2.59 25.15
C VAL A 341 41.27 1.45 24.77
N PHE A 342 41.51 1.26 23.46
CA PHE A 342 42.34 0.14 23.02
C PHE A 342 43.83 0.42 23.19
N ASN A 343 44.21 1.68 23.41
CA ASN A 343 45.59 2.07 23.64
C ASN A 343 45.82 2.68 25.02
N ALA A 344 44.91 2.44 25.97
CA ALA A 344 45.07 3.01 27.29
C ALA A 344 46.33 2.49 27.98
N THR A 345 46.86 3.30 28.89
CA THR A 345 48.11 2.96 29.54
C THR A 345 48.00 1.64 30.31
N ARG A 346 46.90 1.43 31.01
CA ARG A 346 46.70 0.24 31.82
C ARG A 346 45.28 -0.28 31.63
N PHE A 347 45.13 -1.59 31.86
CA PHE A 347 43.84 -2.26 31.81
C PHE A 347 43.57 -2.92 33.16
N ALA A 348 42.29 -3.10 33.47
CA ALA A 348 41.90 -3.76 34.70
C ALA A 348 42.12 -5.26 34.58
N SER A 349 42.20 -5.92 35.73
CA SER A 349 42.42 -7.35 35.76
C SER A 349 41.22 -8.09 35.18
N VAL A 350 41.45 -9.37 34.84
CA VAL A 350 40.38 -10.17 34.24
C VAL A 350 39.21 -10.31 35.20
N TYR A 351 39.48 -10.54 36.48
CA TYR A 351 38.40 -10.58 37.47
C TYR A 351 37.84 -9.19 37.75
N ALA A 352 38.68 -8.16 37.69
CA ALA A 352 38.27 -6.78 37.92
C ALA A 352 37.96 -6.04 36.63
N TRP A 353 37.49 -6.74 35.59
CA TRP A 353 37.21 -6.10 34.32
C TRP A 353 36.26 -4.92 34.50
N ASN A 354 36.63 -3.79 33.90
CA ASN A 354 35.84 -2.58 34.02
C ASN A 354 34.66 -2.60 33.05
N ARG A 355 33.53 -2.08 33.53
CA ARG A 355 32.32 -1.95 32.73
C ARG A 355 32.10 -0.46 32.47
N LYS A 356 32.33 -0.04 31.22
CA LYS A 356 32.29 1.36 30.85
C LYS A 356 31.09 1.63 29.95
N ARG A 357 30.32 2.66 30.27
CA ARG A 357 29.15 3.03 29.50
C ARG A 357 29.53 4.07 28.47
N ILE A 358 29.22 3.79 27.20
CA ILE A 358 29.53 4.68 26.09
C ILE A 358 28.20 5.18 25.52
N SER A 359 28.01 6.49 25.50
CA SER A 359 26.78 7.08 24.98
C SER A 359 27.04 8.56 24.74
N ASN A 360 26.09 9.19 24.04
CA ASN A 360 26.15 10.63 23.74
C ASN A 360 27.37 10.94 22.88
N CYS A 361 27.57 10.13 21.85
CA CYS A 361 28.66 10.35 20.89
C CYS A 361 28.39 9.48 19.67
N VAL A 362 29.24 9.63 18.66
CA VAL A 362 29.15 8.87 17.43
C VAL A 362 30.31 7.89 17.38
N ALA A 363 30.11 6.78 16.67
CA ALA A 363 31.11 5.73 16.52
C ALA A 363 31.45 5.58 15.05
N ASP A 364 32.75 5.66 14.74
CA ASP A 364 33.26 5.43 13.39
C ASP A 364 33.98 4.10 13.38
N TYR A 365 33.29 3.04 12.96
CA TYR A 365 33.81 1.69 13.00
C TYR A 365 34.63 1.32 11.77
N SER A 366 34.65 2.18 10.74
CA SER A 366 35.45 1.87 9.56
C SER A 366 36.93 1.78 9.88
N VAL A 367 37.45 2.70 10.70
CA VAL A 367 38.87 2.67 11.04
C VAL A 367 39.20 1.47 11.92
N LEU A 368 38.25 1.00 12.73
CA LEU A 368 38.56 -0.08 13.67
C LEU A 368 38.58 -1.44 12.98
N TYR A 369 37.44 -1.85 12.41
CA TYR A 369 37.34 -3.21 11.87
C TYR A 369 38.22 -3.41 10.64
N ASN A 370 38.34 -2.40 9.78
CA ASN A 370 38.96 -2.56 8.47
C ASN A 370 40.42 -2.16 8.43
N SER A 371 41.02 -1.78 9.57
CA SER A 371 42.41 -1.37 9.57
C SER A 371 43.38 -2.54 9.62
N ALA A 372 42.91 -3.74 9.97
CA ALA A 372 43.75 -4.93 10.06
C ALA A 372 44.94 -4.68 11.00
N SER A 373 44.68 -3.94 12.07
CA SER A 373 45.70 -3.64 13.08
C SER A 373 45.61 -4.58 14.28
N PHE A 374 44.75 -5.58 14.25
CA PHE A 374 44.52 -6.47 15.36
C PHE A 374 44.70 -7.92 14.92
N SER A 375 45.22 -8.75 15.82
CA SER A 375 45.55 -10.13 15.47
C SER A 375 44.30 -10.92 15.11
N THR A 376 43.28 -10.87 15.96
CA THR A 376 42.07 -11.66 15.76
C THR A 376 40.85 -10.76 15.97
N PHE A 377 39.79 -11.05 15.22
CA PHE A 377 38.53 -10.31 15.31
C PHE A 377 37.39 -11.20 14.88
N LYS A 378 36.36 -11.30 15.72
CA LYS A 378 35.18 -12.08 15.41
C LYS A 378 33.96 -11.43 16.05
N CYS A 379 32.79 -11.72 15.50
CA CYS A 379 31.52 -11.21 16.00
C CYS A 379 30.53 -12.35 16.13
N TYR A 380 29.64 -12.22 17.12
CA TYR A 380 28.63 -13.23 17.42
C TYR A 380 27.25 -12.65 17.17
N GLY A 381 26.46 -13.34 16.35
CA GLY A 381 25.11 -12.94 16.07
C GLY A 381 24.94 -11.98 14.91
N VAL A 382 25.90 -11.09 14.70
CA VAL A 382 25.81 -10.09 13.63
C VAL A 382 27.18 -9.95 12.97
N SER A 383 27.17 -9.83 11.65
CA SER A 383 28.41 -9.65 10.91
C SER A 383 28.96 -8.24 11.14
N PRO A 384 30.29 -8.07 11.08
CA PRO A 384 30.85 -6.73 11.30
C PRO A 384 30.37 -5.70 10.30
N THR A 385 30.15 -6.10 9.05
CA THR A 385 29.69 -5.14 8.04
C THR A 385 28.31 -4.60 8.37
N LYS A 386 27.39 -5.46 8.83
CA LYS A 386 26.04 -5.00 9.15
C LYS A 386 26.05 -4.05 10.34
N LEU A 387 26.90 -4.30 11.34
CA LEU A 387 26.95 -3.44 12.51
C LEU A 387 27.24 -1.99 12.16
N ASN A 388 27.94 -1.75 11.04
CA ASN A 388 28.27 -0.37 10.67
C ASN A 388 27.05 0.41 10.23
N ASP A 389 25.98 -0.28 9.83
CA ASP A 389 24.76 0.36 9.36
C ASP A 389 23.62 0.28 10.38
N LEU A 390 23.90 -0.10 11.61
CA LEU A 390 22.88 -0.28 12.63
C LEU A 390 23.04 0.75 13.74
N CYS A 391 21.91 1.18 14.29
CA CYS A 391 21.87 2.06 15.45
C CYS A 391 21.49 1.25 16.68
N PHE A 392 22.32 1.33 17.71
CA PHE A 392 22.14 0.52 18.91
C PHE A 392 21.44 1.32 20.00
N THR A 393 21.13 0.65 21.10
CA THR A 393 20.50 1.27 22.26
C THR A 393 21.50 1.48 23.40
N ASN A 394 22.23 0.43 23.77
CA ASN A 394 23.27 0.51 24.79
C ASN A 394 24.51 -0.22 24.31
N VAL A 395 25.67 0.37 24.56
CA VAL A 395 26.96 -0.20 24.15
C VAL A 395 27.86 -0.29 25.37
N TYR A 396 28.48 -1.46 25.56
CA TYR A 396 29.37 -1.68 26.68
C TYR A 396 30.67 -2.28 26.18
N ALA A 397 31.78 -1.89 26.83
CA ALA A 397 33.10 -2.39 26.50
C ALA A 397 33.75 -2.94 27.75
N ASP A 398 34.20 -4.20 27.70
CA ASP A 398 34.84 -4.87 28.82
C ASP A 398 36.30 -5.13 28.43
N SER A 399 37.22 -4.45 29.11
CA SER A 399 38.64 -4.54 28.80
C SER A 399 39.35 -5.38 29.86
N PHE A 400 40.12 -6.36 29.41
CA PHE A 400 40.87 -7.22 30.31
C PHE A 400 42.03 -7.84 29.55
N VAL A 401 42.99 -8.37 30.31
CA VAL A 401 44.17 -9.01 29.76
C VAL A 401 44.26 -10.43 30.31
N ILE A 402 44.42 -11.39 29.40
CA ILE A 402 44.51 -12.80 29.78
C ILE A 402 45.61 -13.46 28.94
N ARG A 403 45.99 -14.66 29.34
CA ARG A 403 47.04 -15.39 28.66
C ARG A 403 46.55 -15.90 27.30
N GLY A 404 47.51 -16.31 26.46
CA GLY A 404 47.16 -16.75 25.13
C GLY A 404 46.25 -17.96 25.13
N ASP A 405 46.57 -18.95 25.96
CA ASP A 405 45.75 -20.16 26.03
C ASP A 405 44.34 -19.86 26.52
N GLU A 406 44.14 -18.75 27.23
CA GLU A 406 42.83 -18.39 27.75
C GLU A 406 42.00 -17.55 26.78
N VAL A 407 42.58 -17.13 25.66
CA VAL A 407 41.82 -16.31 24.72
C VAL A 407 40.67 -17.10 24.11
N ARG A 408 40.86 -18.41 23.87
CA ARG A 408 39.81 -19.22 23.29
C ARG A 408 38.60 -19.37 24.21
N GLN A 409 38.74 -19.03 25.49
CA GLN A 409 37.64 -19.13 26.43
C GLN A 409 36.68 -17.95 26.37
N ILE A 410 37.00 -16.92 25.60
CA ILE A 410 36.15 -15.73 25.47
C ILE A 410 35.19 -15.97 24.32
N ALA A 411 34.03 -16.56 24.63
CA ALA A 411 33.00 -16.83 23.63
C ALA A 411 31.73 -17.32 24.32
N PRO A 412 30.58 -17.23 23.67
CA PRO A 412 29.35 -17.69 24.33
C PRO A 412 29.41 -19.17 24.65
N GLY A 413 28.82 -19.53 25.80
CA GLY A 413 28.77 -20.92 26.21
C GLY A 413 30.12 -21.57 26.42
N GLN A 414 31.06 -20.85 27.04
CA GLN A 414 32.40 -21.36 27.30
C GLN A 414 32.57 -21.67 28.79
N THR A 415 33.64 -22.38 29.11
CA THR A 415 33.97 -22.74 30.49
C THR A 415 35.47 -22.58 30.67
N GLY A 416 35.94 -22.81 31.89
CA GLY A 416 37.35 -22.70 32.20
C GLY A 416 37.62 -21.71 33.32
N LYS A 417 38.92 -21.43 33.49
CA LYS A 417 39.34 -20.53 34.57
C LYS A 417 38.88 -19.11 34.35
N ILE A 418 38.64 -18.72 33.10
CA ILE A 418 38.28 -17.34 32.78
C ILE A 418 36.79 -17.25 32.48
N ALA A 419 36.29 -18.15 31.64
CA ALA A 419 34.89 -18.07 31.22
C ALA A 419 33.95 -18.22 32.41
N ASP A 420 34.25 -19.16 33.31
CA ASP A 420 33.34 -19.46 34.41
C ASP A 420 33.63 -18.61 35.64
N TYR A 421 34.90 -18.46 35.99
CA TYR A 421 35.28 -17.85 37.27
C TYR A 421 35.56 -16.36 37.17
N ASN A 422 35.87 -15.83 35.98
CA ASN A 422 36.27 -14.43 35.87
C ASN A 422 35.27 -13.62 35.05
N TYR A 423 34.99 -14.04 33.82
CA TYR A 423 34.17 -13.28 32.89
C TYR A 423 33.44 -14.26 31.98
N LYS A 424 32.10 -14.26 32.06
CA LYS A 424 31.26 -15.18 31.31
C LYS A 424 30.44 -14.41 30.28
N LEU A 425 30.44 -14.89 29.05
CA LEU A 425 29.62 -14.31 27.99
C LEU A 425 28.34 -15.13 27.81
N PRO A 426 27.16 -14.50 27.77
CA PRO A 426 25.92 -15.26 27.61
C PRO A 426 25.84 -15.90 26.23
N ASP A 427 25.07 -16.99 26.17
CA ASP A 427 24.89 -17.69 24.90
C ASP A 427 24.25 -16.80 23.85
N ASP A 428 23.48 -15.80 24.27
CA ASP A 428 22.83 -14.86 23.36
C ASP A 428 23.67 -13.61 23.12
N PHE A 429 24.93 -13.61 23.54
CA PHE A 429 25.80 -12.44 23.38
C PHE A 429 25.86 -12.02 21.93
N THR A 430 25.45 -10.79 21.65
CA THR A 430 25.40 -10.24 20.30
C THR A 430 26.58 -9.32 19.99
N GLY A 431 27.56 -9.24 20.88
CA GLY A 431 28.69 -8.35 20.68
C GLY A 431 29.80 -8.99 19.88
N CYS A 432 30.98 -8.38 19.95
CA CYS A 432 32.16 -8.82 19.23
C CYS A 432 33.34 -8.92 20.18
N VAL A 433 34.33 -9.71 19.78
CA VAL A 433 35.52 -9.97 20.57
C VAL A 433 36.73 -9.46 19.80
N ILE A 434 37.58 -8.68 20.48
CA ILE A 434 38.77 -8.10 19.87
C ILE A 434 39.97 -8.48 20.74
N ALA A 435 41.03 -8.96 20.09
CA ALA A 435 42.26 -9.31 20.78
C ALA A 435 43.44 -9.07 19.85
N TRP A 436 44.58 -8.78 20.44
CA TRP A 436 45.80 -8.52 19.67
C TRP A 436 47.01 -8.75 20.56
N ASN A 437 48.17 -8.86 19.92
CA ASN A 437 49.42 -9.18 20.60
C ASN A 437 49.98 -7.92 21.26
N SER A 438 50.13 -7.96 22.58
CA SER A 438 50.75 -6.88 23.34
C SER A 438 52.05 -7.31 24.01
N ASN A 439 52.71 -8.34 23.49
CA ASN A 439 53.93 -8.84 24.11
C ASN A 439 55.01 -7.77 24.16
N ASN A 440 55.01 -6.83 23.22
CA ASN A 440 56.01 -5.77 23.18
C ASN A 440 55.63 -4.58 24.07
N LEU A 441 54.45 -4.59 24.70
CA LEU A 441 53.98 -3.46 25.48
C LEU A 441 53.87 -3.82 26.96
N ASP A 442 53.12 -4.88 27.30
CA ASP A 442 52.82 -5.20 28.69
C ASP A 442 53.78 -6.20 29.32
N SER A 443 54.81 -6.64 28.59
CA SER A 443 55.76 -7.62 29.09
C SER A 443 57.05 -6.91 29.52
N LYS A 444 57.60 -7.35 30.66
CA LYS A 444 58.83 -6.78 31.17
C LYS A 444 59.61 -7.87 31.90
N VAL A 445 60.92 -7.62 32.06
CA VAL A 445 61.77 -8.60 32.73
C VAL A 445 61.28 -8.79 34.17
N GLY A 446 61.32 -10.05 34.62
CA GLY A 446 60.89 -10.40 35.96
C GLY A 446 59.42 -10.68 36.12
N GLY A 447 58.63 -10.53 35.06
CA GLY A 447 57.20 -10.82 35.14
C GLY A 447 56.39 -9.59 35.51
N ASN A 448 55.18 -9.53 34.97
CA ASN A 448 54.22 -8.46 35.25
C ASN A 448 53.10 -9.05 36.10
N TYR A 449 53.15 -8.81 37.40
CA TYR A 449 52.17 -9.34 38.33
C TYR A 449 51.02 -8.38 38.61
N ASN A 450 50.96 -7.24 37.93
CA ASN A 450 49.87 -6.29 38.15
C ASN A 450 48.54 -6.89 37.76
N TYR A 451 48.52 -7.81 36.78
CA TYR A 451 47.29 -8.44 36.34
C TYR A 451 47.11 -9.76 37.09
N LEU A 452 45.94 -9.93 37.70
CA LEU A 452 45.61 -11.11 38.47
C LEU A 452 44.34 -11.75 37.93
N TYR A 453 44.19 -13.04 38.21
CA TYR A 453 43.02 -13.80 37.76
C TYR A 453 42.50 -14.64 38.92
N ARG A 454 41.21 -14.95 38.86
CA ARG A 454 40.54 -15.74 39.90
C ARG A 454 40.49 -17.19 39.45
N LEU A 455 41.06 -18.08 40.27
CA LEU A 455 41.08 -19.50 39.94
C LEU A 455 39.99 -20.27 40.66
N PHE A 456 39.64 -19.86 41.88
CA PHE A 456 38.70 -20.58 42.72
C PHE A 456 37.48 -19.72 43.01
N ARG A 457 36.30 -20.35 42.95
CA ARG A 457 35.07 -19.70 43.37
C ARG A 457 34.08 -20.79 43.78
N LYS A 458 33.15 -20.41 44.66
CA LYS A 458 32.18 -21.38 45.17
C LYS A 458 31.22 -21.86 44.10
N SER A 459 31.09 -21.13 42.99
CA SER A 459 30.21 -21.53 41.90
C SER A 459 30.65 -20.80 40.63
N ASN A 460 29.84 -20.90 39.58
CA ASN A 460 30.15 -20.26 38.31
C ASN A 460 29.47 -18.90 38.24
N LEU A 461 30.19 -17.92 37.69
CA LEU A 461 29.66 -16.57 37.57
C LEU A 461 28.51 -16.52 36.57
N LYS A 462 27.59 -15.59 36.82
CA LYS A 462 26.52 -15.29 35.89
C LYS A 462 27.05 -14.43 34.74
N PRO A 463 26.33 -14.37 33.63
CA PRO A 463 26.78 -13.54 32.50
C PRO A 463 26.96 -12.09 32.94
N PHE A 464 28.05 -11.48 32.47
CA PHE A 464 28.36 -10.08 32.79
C PHE A 464 28.38 -9.85 34.31
N GLU A 465 28.96 -10.79 35.04
CA GLU A 465 29.10 -10.68 36.49
C GLU A 465 30.56 -10.45 36.85
N ARG A 466 30.79 -9.50 37.76
CA ARG A 466 32.13 -9.17 38.23
C ARG A 466 32.20 -9.48 39.71
N ASP A 467 33.22 -10.25 40.10
CA ASP A 467 33.43 -10.65 41.50
C ASP A 467 34.86 -10.28 41.89
N ILE A 468 34.99 -9.25 42.73
CA ILE A 468 36.29 -8.82 43.22
C ILE A 468 36.53 -9.24 44.66
N SER A 469 35.69 -10.11 45.21
CA SER A 469 35.85 -10.55 46.59
C SER A 469 37.21 -11.21 46.80
N THR A 470 37.86 -10.85 47.89
CA THR A 470 39.16 -11.42 48.26
C THR A 470 39.06 -12.52 49.30
N GLU A 471 37.84 -13.00 49.59
CA GLU A 471 37.67 -14.04 50.59
C GLU A 471 38.48 -15.28 50.23
N ILE A 472 39.14 -15.85 51.24
CA ILE A 472 39.95 -17.05 51.02
C ILE A 472 39.03 -18.22 50.72
N TYR A 473 39.35 -18.95 49.65
CA TYR A 473 38.53 -20.09 49.24
C TYR A 473 38.84 -21.30 50.10
N GLN A 474 37.80 -21.97 50.57
CA GLN A 474 37.92 -23.15 51.41
C GLN A 474 37.64 -24.38 50.55
N ALA A 475 38.70 -25.09 50.15
CA ALA A 475 38.54 -26.26 49.29
C ALA A 475 37.95 -27.43 50.06
N GLY A 476 38.46 -27.70 51.25
CA GLY A 476 38.01 -28.83 52.04
C GLY A 476 37.14 -28.43 53.21
N SER A 477 37.12 -29.25 54.25
CA SER A 477 36.36 -28.97 55.46
C SER A 477 37.16 -28.19 56.49
N THR A 478 38.43 -27.91 56.23
CA THR A 478 39.26 -27.18 57.17
C THR A 478 38.82 -25.71 57.21
N PRO A 479 38.45 -25.16 58.36
CA PRO A 479 38.07 -23.74 58.40
C PRO A 479 39.23 -22.85 57.97
N CYS A 480 38.89 -21.77 57.26
CA CYS A 480 39.87 -20.81 56.78
C CYS A 480 39.78 -19.49 57.54
N ASN A 481 38.58 -18.92 57.66
CA ASN A 481 38.37 -17.66 58.36
C ASN A 481 39.26 -16.55 57.78
N GLY A 482 39.42 -16.55 56.46
CA GLY A 482 40.21 -15.52 55.81
C GLY A 482 41.70 -15.61 56.06
N VAL A 483 42.20 -16.79 56.43
CA VAL A 483 43.62 -17.00 56.71
C VAL A 483 44.10 -18.15 55.85
N GLU A 484 45.21 -17.96 55.15
CA GLU A 484 45.77 -19.01 54.33
C GLU A 484 46.29 -20.15 55.19
N GLY A 485 46.19 -21.37 54.66
CA GLY A 485 46.63 -22.54 55.40
C GLY A 485 46.18 -23.81 54.71
N PHE A 486 46.11 -24.89 55.49
CA PHE A 486 45.71 -26.18 54.95
C PHE A 486 44.32 -26.08 54.34
N ASN A 487 44.19 -26.49 53.08
CA ASN A 487 42.93 -26.42 52.34
C ASN A 487 42.37 -25.00 52.36
N CYS A 488 43.25 -24.01 52.25
CA CYS A 488 42.87 -22.61 52.22
C CYS A 488 43.84 -21.87 51.32
N TYR A 489 43.35 -21.40 50.17
CA TYR A 489 44.19 -20.75 49.17
C TYR A 489 43.56 -19.43 48.74
N PHE A 490 44.39 -18.41 48.60
CA PHE A 490 43.93 -17.12 48.12
C PHE A 490 43.42 -17.25 46.69
N PRO A 491 42.28 -16.65 46.34
CA PRO A 491 41.67 -16.97 45.03
C PRO A 491 42.32 -16.26 43.86
N LEU A 492 43.02 -15.16 44.09
CA LEU A 492 43.54 -14.34 42.99
C LEU A 492 45.04 -14.57 42.81
N GLN A 493 45.41 -15.04 41.62
CA GLN A 493 46.80 -15.29 41.28
C GLN A 493 47.23 -14.37 40.14
N SER A 494 48.52 -14.06 40.10
CA SER A 494 49.07 -13.09 39.16
C SER A 494 49.50 -13.77 37.87
N TYR A 495 49.33 -13.07 36.76
CA TYR A 495 49.82 -13.55 35.47
C TYR A 495 51.32 -13.36 35.37
N GLY A 496 51.98 -14.24 34.61
CA GLY A 496 53.40 -14.08 34.33
C GLY A 496 53.60 -13.65 32.89
N PHE A 497 54.17 -12.46 32.70
CA PHE A 497 54.37 -11.90 31.37
C PHE A 497 55.84 -11.56 31.21
N GLN A 498 56.48 -12.14 30.20
CA GLN A 498 57.86 -11.87 29.85
C GLN A 498 58.00 -11.90 28.34
N PRO A 499 58.85 -11.06 27.76
CA PRO A 499 59.03 -11.11 26.30
C PRO A 499 59.47 -12.46 25.78
N THR A 500 60.24 -13.22 26.57
CA THR A 500 60.75 -14.51 26.14
C THR A 500 59.81 -15.66 26.47
N ASN A 501 58.67 -15.40 27.10
CA ASN A 501 57.73 -16.46 27.42
C ASN A 501 57.09 -17.02 26.15
N GLY A 502 56.52 -18.21 26.29
CA GLY A 502 55.89 -18.86 25.16
C GLY A 502 54.67 -18.09 24.67
N VAL A 503 54.28 -18.38 23.43
CA VAL A 503 53.18 -17.65 22.81
C VAL A 503 51.92 -17.77 23.63
N GLY A 504 51.67 -18.95 24.21
CA GLY A 504 50.48 -19.13 25.02
C GLY A 504 50.44 -18.22 26.23
N TYR A 505 51.60 -17.93 26.82
CA TYR A 505 51.68 -17.09 28.01
C TYR A 505 51.93 -15.63 27.68
N GLN A 506 52.08 -15.26 26.40
CA GLN A 506 52.27 -13.87 26.06
C GLN A 506 50.99 -13.07 26.32
N PRO A 507 51.11 -11.80 26.69
CA PRO A 507 49.91 -10.99 26.95
C PRO A 507 49.16 -10.66 25.68
N TYR A 508 47.85 -10.83 25.72
CA TYR A 508 46.95 -10.43 24.64
C TYR A 508 45.88 -9.53 25.21
N ARG A 509 45.88 -8.26 24.78
CA ARG A 509 44.88 -7.31 25.25
C ARG A 509 43.54 -7.63 24.62
N VAL A 510 42.55 -7.95 25.45
CA VAL A 510 41.23 -8.35 24.99
C VAL A 510 40.22 -7.33 25.49
N VAL A 511 39.46 -6.76 24.56
CA VAL A 511 38.37 -5.85 24.89
C VAL A 511 37.13 -6.35 24.15
N VAL A 512 36.05 -6.59 24.89
CA VAL A 512 34.82 -7.14 24.35
C VAL A 512 33.79 -6.02 24.25
N LEU A 513 33.28 -5.79 23.04
CA LEU A 513 32.27 -4.77 22.79
C LEU A 513 30.90 -5.45 22.79
N SER A 514 30.08 -5.16 23.79
CA SER A 514 28.76 -5.74 23.92
C SER A 514 27.74 -4.77 23.36
N PHE A 515 26.97 -5.22 22.37
CA PHE A 515 25.93 -4.41 21.74
C PHE A 515 24.57 -4.98 22.11
N GLU A 516 23.75 -4.17 22.77
CA GLU A 516 22.42 -4.57 23.21
C GLU A 516 21.37 -3.74 22.50
N LEU A 517 20.33 -4.42 22.01
CA LEU A 517 19.24 -3.79 21.26
C LEU A 517 18.00 -3.74 22.15
N LEU A 518 17.63 -2.54 22.59
CA LEU A 518 16.44 -2.34 23.40
C LEU A 518 15.86 -0.97 23.06
N HIS A 519 14.85 -0.55 23.81
CA HIS A 519 14.18 0.74 23.61
C HIS A 519 14.61 1.68 24.73
N ALA A 520 15.74 2.36 24.52
CA ALA A 520 16.25 3.32 25.48
C ALA A 520 17.23 4.26 24.78
N PRO A 521 16.74 5.17 23.94
CA PRO A 521 17.67 6.02 23.18
C PRO A 521 18.40 6.99 24.11
N ALA A 522 19.62 7.39 23.72
CA ALA A 522 20.30 6.98 22.50
C ALA A 522 21.80 6.84 22.77
N THR A 523 22.47 6.05 21.94
CA THR A 523 23.88 5.76 22.12
C THR A 523 24.58 5.88 20.77
N VAL A 524 25.83 5.39 20.72
CA VAL A 524 26.62 5.50 19.50
C VAL A 524 25.91 4.77 18.37
N CYS A 525 26.04 5.34 17.17
CA CYS A 525 25.51 4.74 15.95
C CYS A 525 26.67 4.42 15.01
N GLY A 526 26.41 3.55 14.04
CA GLY A 526 27.41 3.14 13.10
C GLY A 526 27.89 4.30 12.25
N PRO A 527 29.03 4.14 11.59
CA PRO A 527 29.57 5.24 10.79
C PRO A 527 28.60 5.64 9.69
N LYS A 528 28.53 6.95 9.45
CA LYS A 528 27.65 7.53 8.43
C LYS A 528 28.51 8.34 7.48
N LYS A 529 28.59 7.88 6.23
CA LYS A 529 29.45 8.48 5.22
C LYS A 529 28.61 9.18 4.16
N SER A 530 29.08 10.35 3.73
CA SER A 530 28.42 11.14 2.71
C SER A 530 29.08 10.91 1.35
N THR A 531 28.57 11.60 0.34
CA THR A 531 29.09 11.51 -1.02
C THR A 531 29.14 12.91 -1.62
N ASN A 532 29.68 13.00 -2.83
CA ASN A 532 29.79 14.29 -3.50
C ASN A 532 28.41 14.85 -3.81
N LEU A 533 28.28 16.17 -3.69
CA LEU A 533 27.02 16.85 -3.92
C LEU A 533 26.93 17.33 -5.37
N VAL A 534 25.75 17.21 -5.96
CA VAL A 534 25.48 17.65 -7.31
C VAL A 534 24.26 18.57 -7.29
N LYS A 535 24.29 19.60 -8.14
CA LYS A 535 23.26 20.61 -8.18
C LYS A 535 22.74 20.78 -9.59
N ASN A 536 21.51 21.28 -9.70
CA ASN A 536 20.88 21.56 -10.98
C ASN A 536 20.79 20.30 -11.85
N LYS A 537 20.49 19.17 -11.22
CA LYS A 537 20.31 17.92 -11.94
C LYS A 537 19.41 17.00 -11.13
N CYS A 538 18.66 16.16 -11.84
CA CYS A 538 17.79 15.20 -11.18
C CYS A 538 18.62 14.10 -10.54
N VAL A 539 18.43 13.89 -9.24
CA VAL A 539 19.22 12.94 -8.46
C VAL A 539 18.39 12.45 -7.28
N ASN A 540 18.82 11.32 -6.72
CA ASN A 540 18.22 10.77 -5.50
C ASN A 540 19.04 11.28 -4.32
N PHE A 541 18.41 12.05 -3.44
CA PHE A 541 19.08 12.69 -2.32
C PHE A 541 18.66 12.04 -1.00
N ASN A 542 19.64 11.79 -0.13
CA ASN A 542 19.41 11.24 1.19
C ASN A 542 20.13 12.13 2.20
N PHE A 543 19.36 13.02 2.83
CA PHE A 543 19.91 13.96 3.81
C PHE A 543 19.45 13.53 5.20
N ASN A 544 20.40 13.04 6.01
CA ASN A 544 20.09 12.56 7.35
C ASN A 544 18.96 11.53 7.29
N GLY A 545 17.81 11.83 7.91
CA GLY A 545 16.67 10.94 7.88
C GLY A 545 15.66 11.23 6.79
N LEU A 546 15.99 12.10 5.84
CA LEU A 546 15.09 12.48 4.77
C LEU A 546 15.57 11.90 3.45
N THR A 547 14.63 11.43 2.63
CA THR A 547 14.94 10.84 1.34
C THR A 547 13.91 11.33 0.32
N GLY A 548 14.31 11.33 -0.93
CA GLY A 548 13.42 11.74 -2.01
C GLY A 548 14.18 11.90 -3.31
N THR A 549 13.43 12.28 -4.34
CA THR A 549 13.98 12.50 -5.67
C THR A 549 13.61 13.90 -6.13
N GLY A 550 14.60 14.63 -6.63
CA GLY A 550 14.36 15.98 -7.09
C GLY A 550 15.65 16.63 -7.54
N VAL A 551 15.53 17.92 -7.86
CA VAL A 551 16.65 18.73 -8.32
C VAL A 551 17.07 19.66 -7.20
N LEU A 552 18.36 19.68 -6.89
CA LEU A 552 18.91 20.49 -5.81
C LEU A 552 19.52 21.75 -6.42
N THR A 553 19.03 22.91 -5.99
CA THR A 553 19.51 24.19 -6.48
C THR A 553 19.53 25.21 -5.35
N GLU A 554 20.63 25.96 -5.25
CA GLU A 554 20.73 26.99 -4.24
C GLU A 554 19.74 28.11 -4.53
N SER A 555 19.16 28.68 -3.47
CA SER A 555 18.16 29.73 -3.59
C SER A 555 18.44 30.80 -2.55
N ASN A 556 17.54 31.79 -2.47
CA ASN A 556 17.67 32.89 -1.54
C ASN A 556 17.08 32.60 -0.18
N LYS A 557 16.41 31.46 -0.01
CA LYS A 557 15.83 31.11 1.28
C LYS A 557 16.92 30.99 2.33
N LYS A 558 16.63 31.48 3.53
CA LYS A 558 17.58 31.46 4.65
C LYS A 558 16.88 30.89 5.87
N PHE A 559 17.21 29.65 6.23
CA PHE A 559 16.64 29.04 7.41
C PHE A 559 17.31 29.58 8.67
N LEU A 560 16.61 29.47 9.79
CA LEU A 560 17.20 29.86 11.07
C LEU A 560 18.30 28.88 11.44
N PRO A 561 19.19 29.27 12.36
CA PRO A 561 20.36 28.42 12.65
C PRO A 561 20.00 26.99 13.02
N PHE A 562 18.89 26.78 13.72
CA PHE A 562 18.48 25.45 14.15
C PHE A 562 17.34 24.89 13.31
N GLN A 563 16.97 25.54 12.21
CA GLN A 563 15.96 25.02 11.30
C GLN A 563 16.66 24.35 10.11
N GLN A 564 16.38 23.07 9.93
CA GLN A 564 17.14 22.24 8.99
C GLN A 564 16.41 22.07 7.66
N PHE A 565 15.19 21.53 7.71
CA PHE A 565 14.43 21.20 6.50
C PHE A 565 13.18 22.06 6.42
N GLY A 566 12.84 22.47 5.20
CA GLY A 566 11.68 23.31 4.96
C GLY A 566 10.49 22.53 4.42
N ARG A 567 9.33 23.16 4.54
CA ARG A 567 8.08 22.57 4.05
C ARG A 567 7.16 23.71 3.61
N ASP A 568 6.24 23.37 2.71
CA ASP A 568 5.32 24.35 2.15
C ASP A 568 3.96 24.27 2.86
N ILE A 569 2.99 25.03 2.38
CA ILE A 569 1.64 24.97 2.93
C ILE A 569 1.05 23.57 2.74
N ALA A 570 1.55 22.82 1.76
CA ALA A 570 1.08 21.48 1.48
C ALA A 570 1.76 20.43 2.35
N ASP A 571 2.64 20.83 3.25
CA ASP A 571 3.39 19.89 4.09
C ASP A 571 4.31 19.01 3.25
N THR A 572 4.87 19.60 2.19
CA THR A 572 5.82 18.92 1.32
C THR A 572 7.13 19.69 1.31
N THR A 573 8.24 18.94 1.32
CA THR A 573 9.57 19.55 1.40
C THR A 573 9.95 20.12 0.04
N ASP A 574 10.18 21.44 0.00
CA ASP A 574 10.67 22.11 -1.20
C ASP A 574 12.07 22.68 -1.01
N ALA A 575 12.60 22.66 0.22
CA ALA A 575 13.94 23.15 0.49
C ALA A 575 14.50 22.41 1.69
N VAL A 576 15.83 22.38 1.77
CA VAL A 576 16.53 21.69 2.85
C VAL A 576 17.86 22.37 3.10
N ARG A 577 18.47 22.07 4.24
CA ARG A 577 19.79 22.56 4.60
C ARG A 577 20.72 21.36 4.73
N ASP A 578 21.90 21.48 4.12
CA ASP A 578 22.85 20.38 4.11
C ASP A 578 23.26 20.02 5.53
N PRO A 579 23.11 18.76 5.97
CA PRO A 579 23.56 18.42 7.33
C PRO A 579 25.04 18.65 7.55
N GLN A 580 25.86 18.45 6.52
CA GLN A 580 27.30 18.56 6.68
C GLN A 580 27.78 20.00 6.60
N THR A 581 27.42 20.70 5.52
CA THR A 581 27.83 22.08 5.29
C THR A 581 26.66 23.02 5.56
N LEU A 582 26.93 24.32 5.44
CA LEU A 582 25.93 25.36 5.66
C LEU A 582 25.50 25.90 4.31
N GLU A 583 24.32 25.47 3.86
CA GLU A 583 23.78 25.93 2.58
C GLU A 583 22.28 25.67 2.57
N ILE A 584 21.58 26.41 1.71
CA ILE A 584 20.14 26.26 1.52
C ILE A 584 19.90 25.86 0.08
N LEU A 585 19.26 24.70 -0.11
CA LEU A 585 19.01 24.15 -1.44
C LEU A 585 17.52 23.88 -1.60
N ASP A 586 16.96 24.33 -2.72
CA ASP A 586 15.57 24.06 -3.03
C ASP A 586 15.43 22.73 -3.77
N ILE A 587 14.52 21.90 -3.28
CA ILE A 587 14.24 20.60 -3.89
C ILE A 587 13.14 20.80 -4.92
N THR A 588 13.52 20.96 -6.19
CA THR A 588 12.56 21.00 -7.27
C THR A 588 12.36 19.58 -7.78
N PRO A 589 11.17 18.99 -7.64
CA PRO A 589 10.98 17.61 -8.09
C PRO A 589 11.35 17.46 -9.56
N CYS A 590 11.94 16.31 -9.89
CA CYS A 590 12.39 16.07 -11.26
C CYS A 590 11.23 16.25 -12.23
N SER A 591 11.50 16.94 -13.33
CA SER A 591 10.44 17.33 -14.26
C SER A 591 9.67 16.10 -14.74
N PHE A 592 8.35 16.24 -14.77
CA PHE A 592 7.48 15.14 -15.16
C PHE A 592 6.24 15.71 -15.84
N GLY A 593 5.52 14.83 -16.51
CA GLY A 593 4.28 15.24 -17.17
C GLY A 593 3.66 14.06 -17.87
N GLY A 594 2.44 14.29 -18.36
CA GLY A 594 1.73 13.26 -19.09
C GLY A 594 2.39 12.97 -20.42
N VAL A 595 1.86 11.95 -21.10
CA VAL A 595 2.28 11.58 -22.44
C VAL A 595 1.07 11.71 -23.33
N SER A 596 0.99 12.81 -24.07
CA SER A 596 -0.14 13.10 -24.94
C SER A 596 0.25 12.71 -26.37
N VAL A 597 -0.60 11.93 -27.02
CA VAL A 597 -0.34 11.41 -28.35
C VAL A 597 -1.28 12.11 -29.33
N ILE A 598 -0.70 12.73 -30.35
CA ILE A 598 -1.46 13.39 -31.40
C ILE A 598 -1.29 12.56 -32.67
N THR A 599 -2.34 11.85 -33.06
CA THR A 599 -2.30 11.00 -34.25
C THR A 599 -3.69 10.94 -34.85
N PRO A 600 -3.80 10.80 -36.16
CA PRO A 600 -5.12 10.63 -36.78
C PRO A 600 -5.58 9.18 -36.67
N GLY A 601 -6.71 8.89 -37.30
CA GLY A 601 -7.24 7.53 -37.28
C GLY A 601 -6.29 6.56 -37.94
N THR A 602 -6.31 5.32 -37.47
CA THR A 602 -5.42 4.30 -38.02
C THR A 602 -5.66 4.10 -39.51
N ASN A 603 -6.88 4.37 -39.98
CA ASN A 603 -7.20 4.25 -41.39
C ASN A 603 -6.76 5.46 -42.21
N THR A 604 -6.25 6.51 -41.57
CA THR A 604 -5.83 7.71 -42.28
C THR A 604 -4.32 7.71 -42.50
N SER A 605 -3.55 7.63 -41.41
CA SER A 605 -2.10 7.64 -41.51
C SER A 605 -1.52 7.21 -40.17
N ASN A 606 -0.26 6.81 -40.21
CA ASN A 606 0.47 6.39 -39.01
C ASN A 606 1.31 7.50 -38.40
N GLN A 607 1.27 8.71 -38.97
CA GLN A 607 2.04 9.81 -38.41
C GLN A 607 1.57 10.13 -37.00
N VAL A 608 2.53 10.30 -36.09
CA VAL A 608 2.24 10.57 -34.69
C VAL A 608 3.14 11.70 -34.21
N ALA A 609 2.66 12.44 -33.20
CA ALA A 609 3.42 13.51 -32.58
C ALA A 609 3.27 13.39 -31.07
N VAL A 610 4.39 13.46 -30.36
CA VAL A 610 4.40 13.35 -28.90
C VAL A 610 4.50 14.74 -28.30
N LEU A 611 3.62 15.03 -27.35
CA LEU A 611 3.54 16.34 -26.70
C LEU A 611 4.00 16.23 -25.26
N TYR A 612 4.85 17.17 -24.84
CA TYR A 612 5.29 17.25 -23.46
C TYR A 612 4.47 18.33 -22.73
N GLN A 613 4.23 18.11 -21.44
CA GLN A 613 3.36 18.96 -20.66
C GLN A 613 4.16 19.75 -19.63
N ASP A 614 4.01 21.07 -19.66
CA ASP A 614 4.61 21.96 -18.66
C ASP A 614 6.11 21.70 -18.52
N VAL A 615 6.78 21.50 -19.67
CA VAL A 615 8.22 21.28 -19.69
C VAL A 615 8.72 21.59 -21.09
N ASN A 616 9.95 22.09 -21.16
CA ASN A 616 10.59 22.39 -22.43
C ASN A 616 11.16 21.09 -23.02
N CYS A 617 11.94 21.21 -24.09
CA CYS A 617 12.55 20.06 -24.72
C CYS A 617 13.79 19.65 -23.94
N THR A 618 13.74 18.51 -23.26
CA THR A 618 14.82 18.06 -22.40
C THR A 618 15.49 16.80 -22.95
N GLU A 619 14.71 15.74 -23.14
CA GLU A 619 15.28 14.48 -23.60
C GLU A 619 15.43 14.48 -25.12
N VAL A 620 14.31 14.60 -25.84
CA VAL A 620 14.28 14.58 -27.30
C VAL A 620 15.33 13.63 -27.89
N ASN A 641 12.35 17.70 -35.81
CA ASN A 641 11.01 18.25 -35.62
C ASN A 641 10.74 18.53 -34.14
N VAL A 642 11.71 19.15 -33.48
CA VAL A 642 11.61 19.50 -32.07
C VAL A 642 11.30 20.99 -31.98
N PHE A 643 10.06 21.31 -31.62
CA PHE A 643 9.60 22.68 -31.52
C PHE A 643 8.93 22.89 -30.16
N GLN A 644 8.90 24.14 -29.73
CA GLN A 644 8.36 24.52 -28.42
C GLN A 644 6.99 25.16 -28.62
N THR A 645 5.98 24.63 -27.94
CA THR A 645 4.64 25.19 -27.94
C THR A 645 4.34 25.81 -26.58
N ARG A 646 3.29 26.64 -26.55
CA ARG A 646 2.93 27.30 -25.30
C ARG A 646 2.59 26.29 -24.21
N ALA A 647 1.83 25.24 -24.56
CA ALA A 647 1.53 24.20 -23.60
C ALA A 647 2.79 23.46 -23.18
N GLY A 648 3.68 23.17 -24.12
CA GLY A 648 4.91 22.48 -23.82
C GLY A 648 5.62 22.06 -25.09
N CYS A 649 6.83 21.53 -24.90
CA CYS A 649 7.63 21.09 -26.03
C CYS A 649 6.89 19.98 -26.79
N LEU A 650 6.86 20.11 -28.12
CA LEU A 650 6.16 19.18 -28.98
C LEU A 650 7.14 18.62 -30.00
N ILE A 651 7.07 17.31 -30.23
CA ILE A 651 7.92 16.63 -31.20
C ILE A 651 7.05 15.82 -32.15
N GLY A 652 7.43 15.82 -33.42
CA GLY A 652 6.74 15.07 -34.44
C GLY A 652 5.84 15.88 -35.34
N ALA A 653 5.57 17.14 -35.02
CA ALA A 653 4.72 18.01 -35.82
C ALA A 653 5.53 19.21 -36.32
N GLU A 654 5.14 19.72 -37.48
CA GLU A 654 5.78 20.86 -38.11
C GLU A 654 5.02 22.13 -37.74
N HIS A 655 5.70 23.05 -37.07
CA HIS A 655 5.07 24.30 -36.68
C HIS A 655 4.77 25.16 -37.91
N VAL A 656 3.58 25.75 -37.93
CA VAL A 656 3.14 26.60 -39.03
C VAL A 656 2.64 27.92 -38.46
N ASN A 657 3.16 29.03 -38.98
CA ASN A 657 2.73 30.34 -38.52
C ASN A 657 1.27 30.59 -38.86
N ASN A 658 0.82 30.13 -40.03
CA ASN A 658 -0.57 30.33 -40.44
C ASN A 658 -1.52 29.67 -39.44
N SER A 659 -2.63 30.34 -39.18
CA SER A 659 -3.63 29.86 -38.22
C SER A 659 -4.74 29.15 -38.96
N TYR A 660 -5.14 27.99 -38.43
CA TYR A 660 -6.19 27.17 -39.01
C TYR A 660 -7.16 26.74 -37.91
N GLU A 661 -8.33 26.28 -38.33
CA GLU A 661 -9.33 25.80 -37.38
C GLU A 661 -8.81 24.57 -36.65
N CYS A 662 -9.10 24.50 -35.35
CA CYS A 662 -8.61 23.40 -34.54
C CYS A 662 -9.25 22.08 -34.94
N ASP A 663 -8.42 21.05 -35.08
CA ASP A 663 -8.89 19.69 -35.34
C ASP A 663 -8.55 18.78 -34.18
N ILE A 664 -7.29 18.72 -33.77
CA ILE A 664 -6.87 17.93 -32.60
C ILE A 664 -6.37 18.91 -31.55
N PRO A 665 -7.07 19.09 -30.42
CA PRO A 665 -6.67 20.12 -29.46
C PRO A 665 -5.36 19.77 -28.78
N ILE A 666 -4.46 20.76 -28.70
CA ILE A 666 -3.20 20.61 -27.98
C ILE A 666 -3.36 21.27 -26.61
N GLY A 667 -3.83 22.50 -26.60
CA GLY A 667 -4.02 23.25 -25.38
C GLY A 667 -3.20 24.53 -25.37
N ALA A 668 -3.61 25.45 -24.49
CA ALA A 668 -2.91 26.72 -24.28
C ALA A 668 -2.82 27.53 -25.58
N GLY A 669 -3.91 27.55 -26.34
CA GLY A 669 -3.97 28.38 -27.53
C GLY A 669 -3.33 27.80 -28.76
N ILE A 670 -3.06 26.50 -28.78
CA ILE A 670 -2.42 25.85 -29.93
C ILE A 670 -3.22 24.62 -30.30
N CYS A 671 -3.18 24.25 -31.58
CA CYS A 671 -3.85 23.08 -32.11
C CYS A 671 -3.04 22.52 -33.27
N ALA A 672 -3.31 21.25 -33.59
CA ALA A 672 -2.65 20.57 -34.69
C ALA A 672 -3.69 19.86 -35.56
N SER A 673 -3.32 19.63 -36.81
CA SER A 673 -4.19 18.94 -37.75
C SER A 673 -3.32 18.19 -38.76
N TYR A 674 -3.94 17.22 -39.42
CA TYR A 674 -3.27 16.42 -40.44
C TYR A 674 -3.51 17.07 -41.79
N GLN A 675 -2.51 17.78 -42.30
CA GLN A 675 -2.64 18.53 -43.54
C GLN A 675 -1.36 18.42 -44.34
N THR A 676 -1.44 18.79 -45.61
CA THR A 676 -0.29 18.76 -46.51
C THR A 676 0.85 19.61 -45.94
N SER A 689 1.97 13.23 -49.14
CA SER A 689 2.71 14.40 -48.69
C SER A 689 1.92 15.15 -47.62
N GLN A 690 1.43 14.41 -46.62
CA GLN A 690 0.66 14.97 -45.53
C GLN A 690 1.22 14.47 -44.20
N SER A 691 1.22 15.35 -43.21
CA SER A 691 1.73 15.02 -41.89
C SER A 691 1.06 15.92 -40.86
N ILE A 692 1.43 15.71 -39.60
CA ILE A 692 0.88 16.51 -38.51
C ILE A 692 1.61 17.83 -38.44
N ILE A 693 0.87 18.92 -38.25
CA ILE A 693 1.42 20.26 -38.19
C ILE A 693 0.91 20.95 -36.94
N ALA A 694 1.75 21.82 -36.38
CA ALA A 694 1.41 22.61 -35.20
C ALA A 694 1.17 24.06 -35.61
N TYR A 695 0.09 24.64 -35.10
CA TYR A 695 -0.28 26.00 -35.47
C TYR A 695 -1.15 26.59 -34.37
N THR A 696 -1.21 27.92 -34.35
CA THR A 696 -2.14 28.61 -33.47
C THR A 696 -3.55 28.46 -34.03
N MET A 697 -4.47 28.00 -33.19
CA MET A 697 -5.83 27.70 -33.65
C MET A 697 -6.48 28.98 -34.17
N SER A 698 -7.22 28.86 -35.27
CA SER A 698 -7.95 29.98 -35.81
C SER A 698 -9.32 30.09 -35.14
N LEU A 699 -9.66 31.29 -34.68
CA LEU A 699 -10.94 31.56 -34.06
C LEU A 699 -12.04 31.82 -35.09
N GLY A 700 -11.70 31.80 -36.37
CA GLY A 700 -12.62 32.11 -37.44
C GLY A 700 -12.14 33.29 -38.28
N ALA A 701 -12.73 33.42 -39.46
CA ALA A 701 -12.37 34.51 -40.35
C ALA A 701 -12.66 35.84 -39.69
N GLU A 702 -11.68 36.74 -39.71
CA GLU A 702 -11.85 38.06 -39.12
C GLU A 702 -12.72 38.92 -40.02
N ASN A 703 -13.75 39.55 -39.44
CA ASN A 703 -14.69 40.38 -40.18
C ASN A 703 -14.72 41.76 -39.53
N SER A 704 -14.29 42.78 -40.27
CA SER A 704 -14.32 44.16 -39.80
C SER A 704 -15.61 44.80 -40.29
N VAL A 705 -16.52 45.07 -39.37
CA VAL A 705 -17.82 45.63 -39.70
C VAL A 705 -17.70 47.15 -39.74
N ALA A 706 -17.96 47.73 -40.91
CA ALA A 706 -17.96 49.18 -41.06
C ALA A 706 -19.28 49.75 -40.56
N TYR A 707 -19.20 50.71 -39.66
CA TYR A 707 -20.38 51.28 -39.01
C TYR A 707 -20.61 52.70 -39.52
N SER A 708 -21.87 52.99 -39.85
CA SER A 708 -22.28 54.33 -40.23
C SER A 708 -23.73 54.53 -39.79
N ASN A 709 -24.04 55.74 -39.32
CA ASN A 709 -25.38 56.01 -38.80
C ASN A 709 -26.44 55.87 -39.88
N ASN A 710 -26.15 56.31 -41.11
CA ASN A 710 -27.12 56.32 -42.19
C ASN A 710 -27.07 55.05 -43.04
N SER A 711 -26.24 54.07 -42.69
CA SER A 711 -26.08 52.85 -43.48
C SER A 711 -26.66 51.67 -42.73
N ILE A 712 -27.38 50.80 -43.44
CA ILE A 712 -27.99 49.61 -42.86
C ILE A 712 -27.93 48.50 -43.90
N ALA A 713 -28.03 47.26 -43.41
CA ALA A 713 -28.09 46.07 -44.25
C ALA A 713 -29.34 45.28 -43.91
N ILE A 714 -30.13 44.95 -44.91
CA ILE A 714 -31.35 44.16 -44.75
C ILE A 714 -31.24 42.94 -45.66
N PRO A 715 -31.58 41.75 -45.20
CA PRO A 715 -31.48 40.57 -46.07
C PRO A 715 -32.36 40.70 -47.30
N THR A 716 -31.74 40.57 -48.48
CA THR A 716 -32.47 40.56 -49.74
C THR A 716 -32.92 39.16 -50.13
N ASN A 717 -32.47 38.13 -49.42
CA ASN A 717 -32.88 36.76 -49.68
C ASN A 717 -32.69 35.96 -48.40
N PHE A 718 -33.39 34.82 -48.33
CA PHE A 718 -33.34 33.97 -47.16
C PHE A 718 -33.27 32.51 -47.59
N THR A 719 -32.67 31.70 -46.72
CA THR A 719 -32.59 30.25 -46.92
C THR A 719 -32.98 29.56 -45.64
N ILE A 720 -33.91 28.61 -45.73
CA ILE A 720 -34.36 27.85 -44.57
C ILE A 720 -33.37 26.72 -44.34
N SER A 721 -32.70 26.74 -43.19
CA SER A 721 -31.69 25.75 -42.84
C SER A 721 -32.17 24.91 -41.67
N VAL A 722 -32.00 23.60 -41.78
CA VAL A 722 -32.35 22.66 -40.74
C VAL A 722 -31.06 22.18 -40.08
N THR A 723 -30.99 22.27 -38.76
CA THR A 723 -29.78 21.95 -38.02
C THR A 723 -29.92 20.58 -37.37
N THR A 724 -28.80 19.86 -37.26
CA THR A 724 -28.77 18.55 -36.61
C THR A 724 -28.17 18.69 -35.22
N GLU A 725 -28.94 18.30 -34.21
CA GLU A 725 -28.53 18.37 -32.81
C GLU A 725 -28.90 17.07 -32.12
N ILE A 726 -27.96 16.52 -31.37
CA ILE A 726 -28.09 15.21 -30.76
C ILE A 726 -27.93 15.35 -29.25
N LEU A 727 -28.99 15.05 -28.50
CA LEU A 727 -29.01 15.19 -27.06
C LEU A 727 -29.35 13.84 -26.43
N PRO A 728 -28.74 13.50 -25.29
CA PRO A 728 -29.11 12.26 -24.62
C PRO A 728 -30.34 12.42 -23.74
N VAL A 729 -31.12 11.34 -23.63
CA VAL A 729 -32.34 11.34 -22.84
C VAL A 729 -32.27 10.24 -21.79
N SER A 730 -32.14 8.99 -22.24
CA SER A 730 -32.15 7.84 -21.36
C SER A 730 -30.77 7.19 -21.31
N MET A 731 -30.25 7.04 -20.10
CA MET A 731 -29.02 6.32 -19.84
C MET A 731 -29.29 4.83 -19.88
N THR A 732 -28.30 4.06 -20.33
CA THR A 732 -28.47 2.61 -20.46
C THR A 732 -28.80 1.98 -19.12
N LYS A 733 -29.71 1.01 -19.15
CA LYS A 733 -30.17 0.33 -17.95
C LYS A 733 -29.07 -0.58 -17.42
N THR A 734 -28.96 -0.69 -16.10
CA THR A 734 -28.05 -1.64 -15.47
C THR A 734 -28.46 -1.79 -14.01
N SER A 735 -28.64 -3.04 -13.58
CA SER A 735 -28.92 -3.37 -12.18
C SER A 735 -27.94 -4.45 -11.76
N VAL A 736 -26.85 -4.04 -11.11
CA VAL A 736 -25.79 -4.95 -10.69
C VAL A 736 -26.22 -5.65 -9.42
N ASP A 737 -26.20 -6.98 -9.43
CA ASP A 737 -26.51 -7.77 -8.25
C ASP A 737 -25.28 -7.78 -7.35
N CYS A 738 -25.26 -6.90 -6.34
CA CYS A 738 -24.13 -6.83 -5.43
C CYS A 738 -23.90 -8.15 -4.71
N THR A 739 -24.91 -9.01 -4.63
CA THR A 739 -24.69 -10.35 -4.08
C THR A 739 -23.95 -11.23 -5.09
N MET A 740 -24.49 -11.36 -6.30
CA MET A 740 -23.88 -12.24 -7.30
C MET A 740 -22.56 -11.67 -7.80
N TYR A 741 -22.47 -10.35 -7.99
CA TYR A 741 -21.27 -9.77 -8.59
C TYR A 741 -20.03 -10.05 -7.75
N ILE A 742 -20.15 -9.90 -6.42
CA ILE A 742 -19.01 -10.12 -5.55
C ILE A 742 -18.97 -11.57 -5.08
N CYS A 743 -20.03 -12.01 -4.39
CA CYS A 743 -20.08 -13.32 -3.76
C CYS A 743 -20.82 -14.35 -4.59
N GLY A 744 -20.82 -14.21 -5.91
CA GLY A 744 -21.46 -15.18 -6.77
C GLY A 744 -20.92 -16.58 -6.58
N ASP A 745 -21.82 -17.55 -6.40
CA ASP A 745 -21.45 -18.95 -6.20
C ASP A 745 -20.56 -19.12 -4.97
N SER A 746 -20.78 -18.30 -3.94
CA SER A 746 -20.01 -18.39 -2.71
C SER A 746 -20.93 -18.07 -1.54
N THR A 747 -21.07 -19.03 -0.61
CA THR A 747 -21.93 -18.81 0.55
C THR A 747 -21.17 -18.14 1.68
N GLU A 748 -19.90 -18.52 1.89
CA GLU A 748 -19.10 -17.87 2.92
C GLU A 748 -18.87 -16.40 2.61
N CYS A 749 -18.71 -16.07 1.32
CA CYS A 749 -18.57 -14.67 0.94
C CYS A 749 -19.83 -13.88 1.28
N SER A 750 -21.00 -14.45 1.00
CA SER A 750 -22.24 -13.78 1.35
C SER A 750 -22.37 -13.62 2.86
N ASN A 751 -22.00 -14.66 3.62
CA ASN A 751 -22.03 -14.56 5.07
C ASN A 751 -21.12 -13.43 5.57
N LEU A 752 -19.92 -13.33 5.00
CA LEU A 752 -19.02 -12.24 5.38
C LEU A 752 -19.57 -10.89 4.93
N LEU A 753 -20.39 -10.88 3.88
CA LEU A 753 -21.02 -9.63 3.43
C LEU A 753 -22.13 -9.19 4.38
N LEU A 754 -22.79 -10.14 5.04
CA LEU A 754 -23.83 -9.76 6.00
C LEU A 754 -23.30 -8.81 7.07
N GLN A 755 -22.08 -9.03 7.58
CA GLN A 755 -21.55 -8.14 8.60
C GLN A 755 -21.39 -6.71 8.12
N TYR A 756 -20.93 -6.50 6.89
CA TYR A 756 -21.03 -5.18 6.28
C TYR A 756 -22.46 -4.71 6.19
N GLY A 757 -23.37 -5.60 5.80
CA GLY A 757 -24.78 -5.35 6.00
C GLY A 757 -25.40 -4.53 4.89
N SER A 758 -25.76 -3.29 5.22
CA SER A 758 -26.62 -2.50 4.35
C SER A 758 -25.94 -2.00 3.09
N PHE A 759 -24.62 -2.17 2.95
CA PHE A 759 -23.95 -1.69 1.74
C PHE A 759 -24.54 -2.32 0.49
N CYS A 760 -24.72 -3.64 0.50
CA CYS A 760 -25.21 -4.35 -0.67
C CYS A 760 -26.60 -3.86 -1.06
N THR A 761 -27.50 -3.76 -0.08
CA THR A 761 -28.86 -3.33 -0.37
C THR A 761 -28.90 -1.87 -0.77
N GLN A 762 -28.04 -1.04 -0.19
CA GLN A 762 -27.98 0.36 -0.58
C GLN A 762 -27.56 0.52 -2.04
N LEU A 763 -26.55 -0.23 -2.46
CA LEU A 763 -26.15 -0.14 -3.86
C LEU A 763 -27.22 -0.71 -4.79
N ASN A 764 -27.88 -1.80 -4.38
CA ASN A 764 -28.98 -2.33 -5.19
C ASN A 764 -30.09 -1.30 -5.35
N ARG A 765 -30.52 -0.69 -4.25
CA ARG A 765 -31.57 0.33 -4.33
C ARG A 765 -31.10 1.54 -5.12
N ALA A 766 -29.81 1.87 -5.03
CA ALA A 766 -29.28 2.99 -5.80
C ALA A 766 -29.41 2.72 -7.29
N LEU A 767 -29.02 1.52 -7.73
CA LEU A 767 -29.16 1.18 -9.14
C LEU A 767 -30.62 1.15 -9.56
N THR A 768 -31.50 0.62 -8.69
CA THR A 768 -32.92 0.61 -9.02
C THR A 768 -33.47 2.03 -9.16
N GLY A 769 -33.06 2.94 -8.27
CA GLY A 769 -33.51 4.32 -8.38
C GLY A 769 -32.95 5.00 -9.61
N ILE A 770 -31.72 4.66 -10.00
CA ILE A 770 -31.18 5.16 -11.25
C ILE A 770 -32.08 4.73 -12.40
N ALA A 771 -32.42 3.44 -12.44
CA ALA A 771 -33.25 2.93 -13.54
C ALA A 771 -34.61 3.62 -13.57
N VAL A 772 -35.21 3.80 -12.39
CA VAL A 772 -36.47 4.53 -12.31
C VAL A 772 -36.29 5.95 -12.82
N GLU A 773 -35.11 6.54 -12.54
CA GLU A 773 -34.86 7.90 -12.99
C GLU A 773 -34.82 8.00 -14.51
N GLN A 774 -34.14 7.06 -15.18
CA GLN A 774 -34.16 7.11 -16.65
C GLN A 774 -35.54 6.77 -17.20
N ASP A 775 -36.30 5.91 -16.53
CA ASP A 775 -37.68 5.71 -16.96
C ASP A 775 -38.47 7.01 -16.89
N LYS A 776 -38.29 7.77 -15.79
CA LYS A 776 -38.94 9.07 -15.67
C LYS A 776 -38.46 10.03 -16.75
N ASN A 777 -37.17 10.02 -17.06
CA ASN A 777 -36.65 10.84 -18.15
C ASN A 777 -37.34 10.52 -19.46
N THR A 778 -37.42 9.23 -19.80
CA THR A 778 -38.07 8.82 -21.04
C THR A 778 -39.51 9.30 -21.06
N GLN A 779 -40.26 9.07 -19.97
CA GLN A 779 -41.65 9.48 -19.95
C GLN A 779 -41.80 11.00 -20.08
N GLU A 780 -40.96 11.75 -19.38
CA GLU A 780 -41.10 13.21 -19.35
C GLU A 780 -40.68 13.85 -20.67
N VAL A 781 -39.71 13.26 -21.37
CA VAL A 781 -39.20 13.81 -22.63
C VAL A 781 -40.03 13.34 -23.82
N PHE A 782 -40.09 12.03 -24.06
CA PHE A 782 -40.69 11.55 -25.29
C PHE A 782 -42.21 11.70 -25.28
N ALA A 783 -42.81 11.94 -24.12
CA ALA A 783 -44.27 12.04 -24.00
C ALA A 783 -44.61 13.41 -23.43
N GLN A 784 -45.18 14.26 -24.28
CA GLN A 784 -45.73 15.55 -23.88
C GLN A 784 -47.21 15.68 -24.16
N VAL A 785 -47.84 14.65 -24.75
CA VAL A 785 -49.25 14.67 -25.09
C VAL A 785 -49.89 13.38 -24.59
N LYS A 786 -51.21 13.42 -24.43
CA LYS A 786 -51.98 12.28 -23.96
C LYS A 786 -52.63 11.51 -25.10
N GLN A 787 -52.37 11.87 -26.35
CA GLN A 787 -53.03 11.27 -27.51
C GLN A 787 -52.02 11.05 -28.62
N ILE A 788 -52.42 10.25 -29.60
CA ILE A 788 -51.57 9.86 -30.72
C ILE A 788 -52.21 10.35 -32.01
N TYR A 789 -51.39 10.92 -32.89
CA TYR A 789 -51.85 11.53 -34.13
C TYR A 789 -51.25 10.81 -35.32
N LYS A 790 -52.00 10.78 -36.42
CA LYS A 790 -51.56 10.16 -37.66
C LYS A 790 -51.84 11.10 -38.83
N THR A 791 -50.88 11.16 -39.78
CA THR A 791 -51.04 12.01 -40.94
C THR A 791 -52.00 11.38 -41.95
N PRO A 792 -52.70 12.19 -42.73
CA PRO A 792 -53.65 11.63 -43.71
C PRO A 792 -52.93 10.94 -44.85
N PRO A 793 -53.56 9.95 -45.49
CA PRO A 793 -52.90 9.30 -46.64
C PRO A 793 -52.59 10.27 -47.76
N ILE A 794 -53.44 11.26 -47.99
CA ILE A 794 -53.21 12.28 -49.01
C ILE A 794 -52.55 13.48 -48.33
N LYS A 795 -51.36 13.85 -48.82
CA LYS A 795 -50.54 14.88 -48.19
C LYS A 795 -50.31 16.00 -49.18
N ASP A 796 -50.68 17.22 -48.79
CA ASP A 796 -50.41 18.43 -49.56
C ASP A 796 -49.99 19.52 -48.58
N PHE A 797 -48.69 19.62 -48.33
CA PHE A 797 -48.16 20.52 -47.33
C PHE A 797 -47.58 21.80 -47.92
N GLY A 798 -47.83 22.08 -49.19
CA GLY A 798 -47.31 23.26 -49.84
C GLY A 798 -45.99 23.09 -50.54
N GLY A 799 -45.51 21.85 -50.70
CA GLY A 799 -44.25 21.57 -51.38
C GLY A 799 -43.25 20.79 -50.56
N PHE A 800 -43.35 20.80 -49.24
CA PHE A 800 -42.44 20.04 -48.40
C PHE A 800 -42.66 18.54 -48.59
N ASN A 801 -41.59 17.77 -48.40
CA ASN A 801 -41.62 16.32 -48.47
C ASN A 801 -41.17 15.78 -47.12
N PHE A 802 -42.11 15.34 -46.31
CA PHE A 802 -41.83 14.80 -44.98
C PHE A 802 -41.67 13.29 -44.97
N SER A 803 -41.69 12.65 -46.14
CA SER A 803 -41.51 11.19 -46.19
C SER A 803 -40.20 10.78 -45.55
N GLN A 804 -39.16 11.60 -45.66
CA GLN A 804 -37.89 11.29 -45.03
C GLN A 804 -38.02 11.22 -43.52
N ILE A 805 -38.83 12.11 -42.93
CA ILE A 805 -38.98 12.17 -41.49
C ILE A 805 -40.15 11.36 -40.97
N LEU A 806 -41.18 11.16 -41.78
CA LEU A 806 -42.38 10.44 -41.34
C LEU A 806 -42.15 8.93 -41.36
N PRO A 807 -42.89 8.19 -40.53
CA PRO A 807 -42.68 6.75 -40.46
C PRO A 807 -43.08 6.05 -41.75
N ASP A 808 -42.45 4.90 -41.99
CA ASP A 808 -42.78 4.05 -43.14
C ASP A 808 -43.53 2.82 -42.64
N PRO A 809 -44.84 2.70 -42.90
CA PRO A 809 -45.58 1.53 -42.38
C PRO A 809 -45.10 0.21 -42.95
N SER A 810 -44.45 0.21 -44.11
CA SER A 810 -44.02 -1.04 -44.72
C SER A 810 -42.91 -1.74 -43.94
N LYS A 811 -42.11 -0.98 -43.20
CA LYS A 811 -41.01 -1.57 -42.45
C LYS A 811 -41.54 -2.45 -41.32
N PRO A 812 -40.79 -3.48 -40.94
CA PRO A 812 -41.26 -4.32 -39.82
C PRO A 812 -41.47 -3.54 -38.54
N SER A 813 -40.61 -2.55 -38.28
CA SER A 813 -40.77 -1.62 -37.17
C SER A 813 -41.03 -0.24 -37.74
N LYS A 814 -42.13 0.38 -37.34
CA LYS A 814 -42.50 1.68 -37.87
C LYS A 814 -41.39 2.70 -37.60
N ARG A 815 -40.80 3.20 -38.67
CA ARG A 815 -39.71 4.17 -38.56
C ARG A 815 -39.59 4.93 -39.87
N SER A 816 -38.90 6.06 -39.81
CA SER A 816 -38.68 6.90 -40.98
C SER A 816 -37.30 6.62 -41.57
N PHE A 817 -37.08 7.10 -42.79
CA PHE A 817 -35.80 6.87 -43.45
C PHE A 817 -34.65 7.54 -42.71
N ILE A 818 -34.88 8.72 -42.15
CA ILE A 818 -33.82 9.45 -41.46
C ILE A 818 -33.33 8.67 -40.25
N GLU A 819 -34.25 8.16 -39.41
CA GLU A 819 -33.84 7.51 -38.18
C GLU A 819 -33.29 6.11 -38.41
N ASP A 820 -33.40 5.58 -39.63
CA ASP A 820 -32.71 4.34 -39.95
C ASP A 820 -31.22 4.46 -39.66
N LEU A 821 -30.60 5.56 -40.11
CA LEU A 821 -29.20 5.81 -39.79
C LEU A 821 -28.99 6.04 -38.31
N LEU A 822 -29.91 6.77 -37.67
CA LEU A 822 -29.75 7.08 -36.25
C LEU A 822 -29.67 5.80 -35.42
N PHE A 823 -30.51 4.81 -35.73
CA PHE A 823 -30.40 3.52 -35.06
C PHE A 823 -29.21 2.70 -35.57
N ASN A 824 -28.90 2.77 -36.86
CA ASN A 824 -27.85 1.95 -37.44
C ASN A 824 -26.46 2.49 -37.12
N LYS A 825 -26.30 3.81 -37.06
CA LYS A 825 -24.99 4.43 -36.90
C LYS A 825 -24.54 4.52 -35.46
N VAL A 826 -25.32 4.02 -34.51
CA VAL A 826 -24.95 4.01 -33.10
C VAL A 826 -24.90 2.56 -32.64
N THR A 827 -23.78 2.19 -32.01
CA THR A 827 -23.60 0.83 -31.51
C THR A 827 -24.13 0.71 -30.09
N ASP A 848 -20.12 -12.54 -26.56
CA ASP A 848 -20.68 -11.19 -26.59
C ASP A 848 -20.46 -10.48 -25.27
N LEU A 849 -20.31 -9.16 -25.33
CA LEU A 849 -20.11 -8.38 -24.11
C LEU A 849 -21.32 -8.49 -23.18
N ILE A 850 -22.53 -8.45 -23.75
CA ILE A 850 -23.74 -8.47 -22.93
C ILE A 850 -23.83 -9.77 -22.14
N CYS A 851 -23.59 -10.91 -22.80
CA CYS A 851 -23.66 -12.19 -22.12
C CYS A 851 -22.60 -12.31 -21.03
N ALA A 852 -21.38 -11.88 -21.33
CA ALA A 852 -20.32 -11.93 -20.32
C ALA A 852 -20.67 -11.06 -19.11
N GLN A 853 -21.17 -9.86 -19.34
CA GLN A 853 -21.56 -8.99 -18.24
C GLN A 853 -22.70 -9.61 -17.43
N LYS A 854 -23.68 -10.19 -18.10
CA LYS A 854 -24.78 -10.84 -17.39
C LYS A 854 -24.29 -11.98 -16.53
N PHE A 855 -23.36 -12.80 -17.06
CA PHE A 855 -22.85 -13.93 -16.29
C PHE A 855 -22.09 -13.48 -15.04
N ASN A 856 -21.63 -12.23 -15.00
CA ASN A 856 -20.90 -11.71 -13.86
C ASN A 856 -21.78 -10.92 -12.90
N GLY A 857 -23.09 -10.91 -13.10
CA GLY A 857 -24.00 -10.21 -12.22
C GLY A 857 -24.45 -8.86 -12.69
N LEU A 858 -24.11 -8.46 -13.91
CA LEU A 858 -24.52 -7.17 -14.47
C LEU A 858 -25.76 -7.40 -15.32
N THR A 859 -26.93 -7.11 -14.75
CA THR A 859 -28.21 -7.33 -15.41
C THR A 859 -28.58 -6.09 -16.20
N VAL A 860 -28.86 -6.27 -17.49
CA VAL A 860 -29.27 -5.18 -18.37
C VAL A 860 -30.79 -5.25 -18.49
N LEU A 861 -31.47 -4.31 -17.86
CA LEU A 861 -32.93 -4.26 -17.88
C LEU A 861 -33.41 -3.62 -19.17
N PRO A 862 -34.34 -4.23 -19.91
CA PRO A 862 -34.86 -3.57 -21.10
C PRO A 862 -35.59 -2.29 -20.73
N PRO A 863 -35.51 -1.25 -21.54
CA PRO A 863 -36.18 0.01 -21.19
C PRO A 863 -37.70 -0.17 -21.14
N LEU A 864 -38.33 0.60 -20.25
CA LEU A 864 -39.78 0.56 -20.14
C LEU A 864 -40.45 0.98 -21.43
N LEU A 865 -39.79 1.80 -22.25
CA LEU A 865 -40.31 2.23 -23.53
C LEU A 865 -39.42 1.67 -24.62
N THR A 866 -40.00 0.87 -25.52
CA THR A 866 -39.25 0.31 -26.62
C THR A 866 -38.99 1.38 -27.69
N ASP A 867 -37.92 1.17 -28.45
CA ASP A 867 -37.64 2.06 -29.57
C ASP A 867 -38.81 2.11 -30.53
N GLU A 868 -39.55 1.01 -30.65
CA GLU A 868 -40.70 0.97 -31.53
C GLU A 868 -41.77 1.99 -31.09
N MET A 869 -41.97 2.13 -29.78
CA MET A 869 -42.96 3.10 -29.31
C MET A 869 -42.38 4.50 -29.18
N ILE A 870 -41.06 4.62 -29.04
CA ILE A 870 -40.45 5.94 -29.24
C ILE A 870 -40.74 6.42 -30.66
N ALA A 871 -40.73 5.49 -31.61
CA ALA A 871 -41.07 5.83 -32.99
C ALA A 871 -42.50 6.34 -33.12
N GLN A 872 -43.48 5.70 -32.47
CA GLN A 872 -44.85 6.21 -32.50
C GLN A 872 -45.01 7.52 -31.75
N TYR A 873 -44.31 7.73 -30.63
CA TYR A 873 -44.33 9.05 -30.01
C TYR A 873 -43.83 10.12 -30.99
N THR A 874 -42.71 9.84 -31.65
CA THR A 874 -42.16 10.79 -32.61
C THR A 874 -43.14 11.03 -33.75
N SER A 875 -43.76 9.95 -34.26
CA SER A 875 -44.70 10.09 -35.36
C SER A 875 -45.91 10.90 -34.96
N ALA A 876 -46.44 10.66 -33.76
CA ALA A 876 -47.59 11.42 -33.29
C ALA A 876 -47.25 12.89 -33.15
N LEU A 877 -46.08 13.20 -32.56
CA LEU A 877 -45.71 14.60 -32.40
C LEU A 877 -45.45 15.27 -33.75
N LEU A 878 -44.85 14.55 -34.69
CA LEU A 878 -44.63 15.09 -36.02
C LEU A 878 -45.97 15.39 -36.70
N ALA A 879 -46.92 14.45 -36.60
CA ALA A 879 -48.23 14.67 -37.20
C ALA A 879 -48.93 15.86 -36.55
N GLY A 880 -48.80 16.01 -35.23
CA GLY A 880 -49.38 17.16 -34.57
C GLY A 880 -48.77 18.46 -35.07
N THR A 881 -47.45 18.53 -35.15
CA THR A 881 -46.80 19.75 -35.62
C THR A 881 -47.16 20.05 -37.07
N ILE A 882 -47.39 19.00 -37.87
CA ILE A 882 -47.70 19.21 -39.28
C ILE A 882 -49.13 19.71 -39.44
N THR A 883 -50.09 19.00 -38.84
CA THR A 883 -51.50 19.33 -39.05
C THR A 883 -51.95 20.45 -38.12
N SER A 884 -51.88 20.24 -36.81
CA SER A 884 -52.36 21.20 -35.83
C SER A 884 -51.32 22.24 -35.44
N GLY A 885 -50.08 22.09 -35.90
CA GLY A 885 -49.07 23.08 -35.59
C GLY A 885 -48.72 23.06 -34.12
N TRP A 886 -49.10 24.14 -33.42
CA TRP A 886 -48.77 24.31 -32.01
C TRP A 886 -50.00 24.27 -31.11
N THR A 887 -51.18 24.05 -31.67
CA THR A 887 -52.43 24.13 -30.93
C THR A 887 -52.77 22.85 -30.16
N PHE A 888 -52.19 21.71 -30.55
CA PHE A 888 -52.55 20.45 -29.91
C PHE A 888 -51.87 20.26 -28.55
N GLY A 889 -50.80 20.99 -28.27
CA GLY A 889 -50.13 20.87 -26.99
C GLY A 889 -50.69 21.82 -25.95
N ALA A 890 -51.39 22.85 -26.40
CA ALA A 890 -51.98 23.85 -25.51
C ALA A 890 -53.43 23.57 -25.17
N GLY A 891 -54.00 22.48 -25.67
CA GLY A 891 -55.39 22.18 -25.40
C GLY A 891 -55.97 21.30 -26.50
N ALA A 892 -57.26 21.49 -26.74
CA ALA A 892 -57.96 20.72 -27.76
C ALA A 892 -57.30 20.91 -29.12
N ALA A 893 -57.11 19.81 -29.84
CA ALA A 893 -56.45 19.86 -31.14
C ALA A 893 -57.25 20.73 -32.11
N LEU A 894 -56.54 21.61 -32.82
CA LEU A 894 -57.13 22.45 -33.85
C LEU A 894 -56.43 22.15 -35.17
N GLN A 895 -57.21 22.01 -36.23
CA GLN A 895 -56.64 21.79 -37.55
C GLN A 895 -56.34 23.13 -38.21
N ILE A 896 -55.10 23.32 -38.62
CA ILE A 896 -54.69 24.53 -39.33
C ILE A 896 -53.92 24.10 -40.57
N PRO A 897 -54.15 24.71 -41.74
CA PRO A 897 -53.34 24.36 -42.91
C PRO A 897 -51.88 24.69 -42.66
N PHE A 898 -50.99 23.88 -43.24
CA PHE A 898 -49.56 24.07 -43.02
C PHE A 898 -49.12 25.47 -43.39
N ALA A 899 -49.63 26.00 -44.52
CA ALA A 899 -49.18 27.32 -44.98
C ALA A 899 -49.50 28.40 -43.95
N MET A 900 -50.66 28.33 -43.31
CA MET A 900 -51.02 29.34 -42.32
C MET A 900 -50.21 29.22 -41.03
N GLN A 901 -49.89 28.01 -40.60
CA GLN A 901 -48.95 27.86 -39.49
C GLN A 901 -47.60 28.47 -39.84
N MET A 902 -47.14 28.24 -41.06
CA MET A 902 -45.89 28.82 -41.52
C MET A 902 -45.96 30.35 -41.50
N ALA A 903 -47.08 30.90 -41.97
CA ALA A 903 -47.26 32.35 -41.98
C ALA A 903 -47.25 32.91 -40.56
N TYR A 904 -47.94 32.25 -39.63
CA TYR A 904 -47.98 32.74 -38.27
C TYR A 904 -46.60 32.69 -37.62
N ARG A 905 -45.85 31.60 -37.83
CA ARG A 905 -44.52 31.55 -37.25
C ARG A 905 -43.61 32.62 -37.86
N PHE A 906 -43.75 32.87 -39.16
CA PHE A 906 -42.99 33.94 -39.79
C PHE A 906 -43.32 35.29 -39.19
N ASN A 907 -44.62 35.57 -38.98
CA ASN A 907 -45.01 36.81 -38.31
C ASN A 907 -44.42 36.89 -36.90
N GLY A 908 -44.34 35.75 -36.20
CA GLY A 908 -43.78 35.76 -34.87
C GLY A 908 -42.34 36.22 -34.80
N ILE A 909 -41.53 35.86 -35.81
CA ILE A 909 -40.11 36.22 -35.81
C ILE A 909 -39.88 37.62 -36.36
N GLY A 910 -40.92 38.32 -36.81
CA GLY A 910 -40.77 39.64 -37.38
C GLY A 910 -40.78 39.70 -38.89
N VAL A 911 -40.90 38.56 -39.57
CA VAL A 911 -40.97 38.50 -41.02
C VAL A 911 -42.44 38.48 -41.41
N THR A 912 -42.87 39.49 -42.16
CA THR A 912 -44.26 39.55 -42.60
C THR A 912 -44.58 38.34 -43.47
N GLN A 913 -45.75 37.75 -43.23
CA GLN A 913 -46.09 36.49 -43.88
C GLN A 913 -46.24 36.63 -45.39
N ASN A 914 -46.35 37.86 -45.90
CA ASN A 914 -46.46 38.05 -47.35
C ASN A 914 -45.27 37.42 -48.08
N VAL A 915 -44.11 37.37 -47.44
CA VAL A 915 -42.95 36.73 -48.05
C VAL A 915 -43.23 35.27 -48.33
N LEU A 916 -43.95 34.60 -47.42
CA LEU A 916 -44.22 33.18 -47.56
C LEU A 916 -44.93 32.90 -48.86
N TYR A 917 -46.17 33.38 -49.01
CA TYR A 917 -46.97 32.98 -50.16
C TYR A 917 -46.31 33.38 -51.48
N GLU A 918 -45.38 34.32 -51.45
CA GLU A 918 -44.58 34.63 -52.63
C GLU A 918 -43.51 33.58 -52.88
N ASN A 919 -42.86 33.08 -51.82
CA ASN A 919 -41.74 32.16 -51.96
C ASN A 919 -42.13 30.69 -51.80
N GLN A 920 -43.43 30.41 -51.64
CA GLN A 920 -43.88 29.05 -51.31
C GLN A 920 -43.16 28.00 -52.13
N LYS A 921 -42.92 28.26 -53.41
CA LYS A 921 -42.28 27.26 -54.25
C LYS A 921 -40.79 27.13 -53.94
N LEU A 922 -40.10 28.26 -53.74
CA LEU A 922 -38.66 28.21 -53.48
C LEU A 922 -38.36 27.64 -52.10
N ILE A 923 -39.17 27.96 -51.10
CA ILE A 923 -38.97 27.42 -49.76
C ILE A 923 -39.14 25.90 -49.74
N ALA A 924 -40.05 25.37 -50.56
CA ALA A 924 -40.20 23.92 -50.64
C ALA A 924 -38.91 23.27 -51.12
N ASN A 925 -38.32 23.80 -52.20
CA ASN A 925 -37.05 23.29 -52.68
C ASN A 925 -35.94 23.46 -51.65
N GLN A 926 -35.90 24.60 -50.97
CA GLN A 926 -34.89 24.81 -49.93
C GLN A 926 -34.98 23.73 -48.86
N PHE A 927 -36.19 23.49 -48.33
CA PHE A 927 -36.35 22.52 -47.26
C PHE A 927 -36.05 21.11 -47.76
N ASN A 928 -36.49 20.77 -48.96
CA ASN A 928 -36.22 19.44 -49.50
C ASN A 928 -34.72 19.21 -49.68
N SER A 929 -34.02 20.20 -50.23
CA SER A 929 -32.56 20.08 -50.38
C SER A 929 -31.89 19.98 -49.02
N ALA A 930 -32.35 20.75 -48.04
CA ALA A 930 -31.75 20.68 -46.70
C ALA A 930 -31.90 19.29 -46.11
N ILE A 931 -33.10 18.71 -46.18
CA ILE A 931 -33.31 17.38 -45.60
C ILE A 931 -32.51 16.34 -46.36
N GLY A 932 -32.38 16.50 -47.68
CA GLY A 932 -31.55 15.59 -48.45
C GLY A 932 -30.09 15.66 -48.03
N LYS A 933 -29.57 16.88 -47.83
CA LYS A 933 -28.19 17.03 -47.38
C LYS A 933 -28.00 16.43 -46.00
N ILE A 934 -28.97 16.59 -45.11
CA ILE A 934 -28.86 15.99 -43.78
C ILE A 934 -28.84 14.46 -43.89
N GLN A 935 -29.73 13.90 -44.72
CA GLN A 935 -29.72 12.46 -44.94
C GLN A 935 -28.35 12.00 -45.43
N ASP A 936 -27.79 12.68 -46.43
CA ASP A 936 -26.49 12.31 -46.94
C ASP A 936 -25.39 12.44 -45.89
N SER A 937 -25.40 13.51 -45.10
CA SER A 937 -24.37 13.72 -44.09
C SER A 937 -24.43 12.62 -43.03
N LEU A 938 -25.63 12.29 -42.56
CA LEU A 938 -25.75 11.22 -41.58
C LEU A 938 -25.34 9.88 -42.18
N SER A 939 -25.67 9.64 -43.44
CA SER A 939 -25.25 8.40 -44.08
C SER A 939 -23.73 8.30 -44.18
N SER A 940 -23.06 9.42 -44.49
CA SER A 940 -21.61 9.38 -44.68
C SER A 940 -20.88 9.53 -43.35
N THR A 941 -21.26 10.53 -42.55
CA THR A 941 -20.57 10.84 -41.30
C THR A 941 -21.19 10.02 -40.18
N ALA A 942 -20.41 9.09 -39.62
CA ALA A 942 -20.87 8.31 -38.47
C ALA A 942 -20.67 9.04 -37.15
N SER A 943 -19.90 10.13 -37.14
CA SER A 943 -19.66 10.88 -35.92
C SER A 943 -20.74 11.92 -35.64
N ALA A 944 -21.75 12.04 -36.51
CA ALA A 944 -22.82 12.99 -36.27
C ALA A 944 -23.54 12.68 -34.97
N LEU A 945 -23.83 11.39 -34.72
CA LEU A 945 -24.40 10.95 -33.46
C LEU A 945 -23.34 10.66 -32.41
N GLY A 946 -22.16 11.28 -32.53
CA GLY A 946 -21.12 11.08 -31.54
C GLY A 946 -21.56 11.45 -30.15
N LYS A 947 -22.55 12.33 -30.02
CA LYS A 947 -23.04 12.71 -28.70
C LYS A 947 -23.62 11.51 -27.96
N LEU A 948 -24.47 10.72 -28.64
CA LEU A 948 -25.00 9.50 -28.02
C LEU A 948 -23.97 8.38 -28.02
N GLN A 949 -23.10 8.35 -29.03
CA GLN A 949 -22.03 7.35 -29.03
C GLN A 949 -21.12 7.53 -27.83
N ASP A 950 -20.96 8.76 -27.35
CA ASP A 950 -20.14 9.00 -26.16
C ASP A 950 -20.79 8.40 -24.92
N VAL A 951 -22.11 8.54 -24.79
CA VAL A 951 -22.81 7.93 -23.67
C VAL A 951 -22.70 6.42 -23.74
N VAL A 952 -22.90 5.86 -24.93
CA VAL A 952 -22.80 4.41 -25.10
C VAL A 952 -21.39 3.94 -24.75
N ASN A 953 -20.37 4.67 -25.20
CA ASN A 953 -19.01 4.37 -24.81
C ASN A 953 -18.85 4.38 -23.30
N GLN A 954 -19.04 5.55 -22.67
CA GLN A 954 -18.95 5.65 -21.22
C GLN A 954 -19.59 4.44 -20.54
N ASN A 955 -20.79 4.05 -20.95
CA ASN A 955 -21.44 2.89 -20.35
C ASN A 955 -20.63 1.62 -20.57
N ALA A 956 -20.20 1.38 -21.81
CA ALA A 956 -19.47 0.15 -22.12
C ALA A 956 -18.15 0.10 -21.35
N GLN A 957 -17.45 1.22 -21.30
CA GLN A 957 -16.20 1.30 -20.55
C GLN A 957 -16.42 1.02 -19.07
N ALA A 958 -17.46 1.60 -18.48
CA ALA A 958 -17.72 1.36 -17.07
C ALA A 958 -18.06 -0.11 -16.81
N LEU A 959 -18.91 -0.70 -17.65
CA LEU A 959 -19.30 -2.09 -17.44
C LEU A 959 -18.12 -3.03 -17.64
N ASN A 960 -17.30 -2.77 -18.67
CA ASN A 960 -16.10 -3.55 -18.89
C ASN A 960 -15.14 -3.43 -17.71
N THR A 961 -15.01 -2.21 -17.18
CA THR A 961 -14.17 -2.01 -16.00
C THR A 961 -14.65 -2.86 -14.84
N LEU A 962 -15.95 -2.82 -14.55
CA LEU A 962 -16.44 -3.53 -13.38
C LEU A 962 -16.37 -5.04 -13.56
N VAL A 963 -16.59 -5.54 -14.78
CA VAL A 963 -16.46 -6.98 -15.00
C VAL A 963 -15.00 -7.41 -14.92
N LYS A 964 -14.09 -6.59 -15.46
CA LYS A 964 -12.67 -6.93 -15.40
C LYS A 964 -12.14 -6.86 -13.96
N GLN A 965 -12.66 -5.94 -13.16
CA GLN A 965 -12.09 -5.68 -11.85
C GLN A 965 -12.16 -6.91 -10.94
N LEU A 966 -13.04 -7.87 -11.27
CA LEU A 966 -13.14 -9.08 -10.47
C LEU A 966 -11.83 -9.86 -10.50
N SER A 967 -11.16 -9.89 -11.64
CA SER A 967 -9.90 -10.64 -11.78
C SER A 967 -8.78 -10.05 -10.94
N SER A 968 -8.93 -8.84 -10.41
CA SER A 968 -7.89 -8.23 -9.60
C SER A 968 -7.74 -8.97 -8.27
N ASN A 969 -6.48 -9.12 -7.84
CA ASN A 969 -6.20 -9.85 -6.60
C ASN A 969 -6.51 -9.03 -5.36
N PHE A 970 -6.40 -7.71 -5.42
CA PHE A 970 -6.64 -6.85 -4.27
C PHE A 970 -5.70 -7.20 -3.12
N GLY A 971 -4.47 -7.56 -3.47
CA GLY A 971 -3.49 -7.98 -2.49
C GLY A 971 -3.67 -9.38 -1.97
N ALA A 972 -4.71 -10.09 -2.41
CA ALA A 972 -4.93 -11.46 -1.96
C ALA A 972 -4.14 -12.44 -2.81
N ILE A 973 -4.13 -13.69 -2.36
CA ILE A 973 -3.38 -14.73 -3.06
C ILE A 973 -3.96 -14.96 -4.46
N SER A 974 -5.29 -15.01 -4.57
CA SER A 974 -5.95 -15.28 -5.83
C SER A 974 -7.20 -14.41 -5.94
N SER A 975 -7.65 -14.22 -7.18
CA SER A 975 -8.81 -13.38 -7.47
C SER A 975 -10.10 -14.19 -7.58
N VAL A 976 -10.06 -15.49 -7.32
CA VAL A 976 -11.23 -16.36 -7.44
C VAL A 976 -11.65 -16.81 -6.06
N LEU A 977 -12.93 -16.59 -5.73
CA LEU A 977 -13.44 -17.01 -4.43
C LEU A 977 -13.40 -18.53 -4.30
N ASN A 978 -13.73 -19.25 -5.39
CA ASN A 978 -13.67 -20.70 -5.35
C ASN A 978 -12.27 -21.21 -5.04
N ASP A 979 -11.25 -20.59 -5.63
CA ASP A 979 -9.88 -20.98 -5.33
C ASP A 979 -9.55 -20.76 -3.86
N ILE A 980 -9.98 -19.63 -3.30
CA ILE A 980 -9.73 -19.36 -1.89
C ILE A 980 -10.41 -20.40 -1.03
N LEU A 981 -11.66 -20.73 -1.34
CA LEU A 981 -12.40 -21.73 -0.56
C LEU A 981 -11.73 -23.09 -0.63
N SER A 982 -11.29 -23.49 -1.83
CA SER A 982 -10.65 -24.80 -2.00
C SER A 982 -9.22 -24.83 -1.50
N ARG A 983 -8.61 -23.68 -1.22
CA ARG A 983 -7.23 -23.61 -0.76
C ARG A 983 -7.11 -23.43 0.74
N LEU A 984 -7.77 -22.41 1.30
CA LEU A 984 -7.51 -21.99 2.66
C LEU A 984 -8.61 -22.43 3.62
N ASP A 985 -8.23 -22.55 4.90
CA ASP A 985 -9.19 -22.89 5.94
C ASP A 985 -10.09 -21.70 6.23
N PRO A 986 -11.23 -21.95 6.89
CA PRO A 986 -12.22 -20.87 7.08
C PRO A 986 -11.62 -19.62 7.70
N PRO A 987 -10.74 -19.73 8.72
CA PRO A 987 -10.21 -18.49 9.32
C PRO A 987 -9.48 -17.59 8.33
N GLU A 988 -8.42 -18.09 7.68
CA GLU A 988 -7.66 -17.25 6.75
C GLU A 988 -8.35 -17.14 5.39
N ALA A 989 -9.14 -18.15 5.01
CA ALA A 989 -9.96 -18.00 3.81
C ALA A 989 -10.91 -16.82 3.98
N GLU A 990 -11.43 -16.63 5.19
CA GLU A 990 -12.27 -15.46 5.46
C GLU A 990 -11.49 -14.16 5.32
N VAL A 991 -10.22 -14.14 5.73
CA VAL A 991 -9.40 -12.93 5.56
C VAL A 991 -9.22 -12.62 4.08
N GLN A 992 -8.88 -13.64 3.28
CA GLN A 992 -8.70 -13.42 1.86
C GLN A 992 -9.99 -12.97 1.19
N ILE A 993 -11.10 -13.62 1.54
CA ILE A 993 -12.39 -13.22 0.98
C ILE A 993 -12.76 -11.82 1.45
N ASP A 994 -12.32 -11.45 2.66
CA ASP A 994 -12.53 -10.10 3.14
C ASP A 994 -11.79 -9.09 2.27
N ARG A 995 -10.54 -9.40 1.91
CA ARG A 995 -9.81 -8.52 1.02
C ARG A 995 -10.50 -8.41 -0.34
N LEU A 996 -10.95 -9.54 -0.89
CA LEU A 996 -11.63 -9.51 -2.18
C LEU A 996 -12.92 -8.70 -2.11
N ILE A 997 -13.73 -8.93 -1.07
CA ILE A 997 -14.96 -8.16 -0.89
C ILE A 997 -14.64 -6.68 -0.72
N THR A 998 -13.64 -6.36 0.09
CA THR A 998 -13.20 -4.98 0.22
C THR A 998 -13.02 -4.37 -1.17
N GLY A 999 -12.06 -4.90 -1.93
CA GLY A 999 -11.71 -4.29 -3.20
C GLY A 999 -12.87 -4.22 -4.17
N ARG A 1000 -13.60 -5.32 -4.32
CA ARG A 1000 -14.72 -5.33 -5.26
C ARG A 1000 -15.79 -4.33 -4.83
N LEU A 1001 -15.96 -4.12 -3.53
CA LEU A 1001 -16.92 -3.14 -3.06
C LEU A 1001 -16.47 -1.71 -3.33
N GLN A 1002 -15.19 -1.39 -3.15
CA GLN A 1002 -14.80 -0.02 -3.54
C GLN A 1002 -14.96 0.16 -5.05
N SER A 1003 -14.66 -0.88 -5.83
CA SER A 1003 -14.87 -0.78 -7.27
C SER A 1003 -16.33 -0.50 -7.58
N LEU A 1004 -17.24 -1.26 -6.98
CA LEU A 1004 -18.66 -1.08 -7.28
C LEU A 1004 -19.18 0.22 -6.68
N GLN A 1005 -18.57 0.69 -5.59
CA GLN A 1005 -18.94 1.97 -5.01
C GLN A 1005 -18.59 3.12 -5.93
N THR A 1006 -17.37 3.10 -6.48
CA THR A 1006 -17.01 4.09 -7.48
C THR A 1006 -17.91 3.97 -8.71
N TYR A 1007 -18.23 2.74 -9.10
CA TYR A 1007 -19.14 2.53 -10.22
C TYR A 1007 -20.47 3.23 -9.98
N VAL A 1008 -21.09 2.98 -8.82
CA VAL A 1008 -22.41 3.53 -8.54
C VAL A 1008 -22.33 5.04 -8.39
N THR A 1009 -21.26 5.55 -7.78
CA THR A 1009 -21.11 7.00 -7.63
C THR A 1009 -21.02 7.69 -8.99
N GLN A 1010 -20.14 7.19 -9.86
CA GLN A 1010 -20.00 7.82 -11.17
C GLN A 1010 -21.24 7.56 -12.03
N GLN A 1011 -21.94 6.45 -11.77
CA GLN A 1011 -23.21 6.22 -12.46
C GLN A 1011 -24.27 7.22 -12.03
N LEU A 1012 -24.30 7.56 -10.74
CA LEU A 1012 -25.20 8.61 -10.27
C LEU A 1012 -24.84 9.95 -10.88
N ILE A 1013 -23.55 10.25 -10.99
CA ILE A 1013 -23.13 11.50 -11.61
C ILE A 1013 -23.55 11.54 -13.08
N ARG A 1014 -23.34 10.43 -13.80
CA ARG A 1014 -23.75 10.35 -15.19
C ARG A 1014 -25.26 10.44 -15.31
N ALA A 1015 -25.98 9.85 -14.36
CA ALA A 1015 -27.44 9.93 -14.38
C ALA A 1015 -27.90 11.35 -14.10
N ALA A 1016 -27.17 12.09 -13.27
CA ALA A 1016 -27.52 13.49 -13.02
C ALA A 1016 -27.31 14.34 -14.27
N GLU A 1017 -26.18 14.15 -14.97
CA GLU A 1017 -25.99 14.92 -16.19
C GLU A 1017 -26.96 14.48 -17.28
N ILE A 1018 -27.33 13.20 -17.31
CA ILE A 1018 -28.36 12.74 -18.24
C ILE A 1018 -29.71 13.34 -17.87
N ARG A 1019 -29.98 13.51 -16.58
CA ARG A 1019 -31.20 14.18 -16.14
C ARG A 1019 -31.21 15.63 -16.61
N ALA A 1020 -30.08 16.33 -16.49
CA ALA A 1020 -30.00 17.69 -17.01
C ALA A 1020 -30.24 17.72 -18.51
N SER A 1021 -29.61 16.79 -19.24
CA SER A 1021 -29.80 16.74 -20.69
C SER A 1021 -31.23 16.39 -21.05
N ALA A 1022 -31.87 15.54 -20.26
CA ALA A 1022 -33.24 15.14 -20.55
C ALA A 1022 -34.22 16.27 -20.28
N ASN A 1023 -34.00 17.02 -19.21
CA ASN A 1023 -34.80 18.22 -18.97
C ASN A 1023 -34.59 19.22 -20.09
N LEU A 1024 -33.35 19.38 -20.53
CA LEU A 1024 -33.08 20.28 -21.65
C LEU A 1024 -33.81 19.82 -22.91
N ALA A 1025 -33.77 18.52 -23.21
CA ALA A 1025 -34.46 18.00 -24.39
C ALA A 1025 -35.97 18.16 -24.27
N ALA A 1026 -36.52 17.94 -23.07
CA ALA A 1026 -37.94 18.09 -22.87
C ALA A 1026 -38.38 19.52 -23.10
N THR A 1027 -37.66 20.49 -22.54
CA THR A 1027 -38.01 21.89 -22.76
C THR A 1027 -37.78 22.28 -24.21
N LYS A 1028 -36.75 21.73 -24.84
CA LYS A 1028 -36.51 22.00 -26.25
C LYS A 1028 -37.69 21.54 -27.10
N MET A 1029 -38.17 20.31 -26.87
CA MET A 1029 -39.30 19.82 -27.64
C MET A 1029 -40.56 20.61 -27.33
N SER A 1030 -40.75 20.96 -26.06
CA SER A 1030 -41.93 21.71 -25.67
C SER A 1030 -41.98 23.07 -26.35
N GLU A 1031 -40.83 23.74 -26.45
CA GLU A 1031 -40.81 25.09 -26.99
C GLU A 1031 -40.61 25.08 -28.51
N CYS A 1032 -39.48 24.54 -28.97
CA CYS A 1032 -39.18 24.54 -30.40
C CYS A 1032 -40.14 23.67 -31.19
N VAL A 1033 -40.33 22.41 -30.76
CA VAL A 1033 -41.09 21.44 -31.56
C VAL A 1033 -42.58 21.71 -31.44
N LEU A 1034 -43.11 21.61 -30.23
CA LEU A 1034 -44.55 21.79 -30.02
C LEU A 1034 -44.98 23.16 -30.50
N GLY A 1035 -44.44 24.22 -29.91
CA GLY A 1035 -44.75 25.58 -30.26
C GLY A 1035 -43.60 26.27 -30.98
N GLN A 1036 -43.50 27.58 -30.75
CA GLN A 1036 -42.43 28.39 -31.30
C GLN A 1036 -41.71 29.11 -30.17
N SER A 1037 -40.39 29.15 -30.26
CA SER A 1037 -39.55 29.73 -29.23
C SER A 1037 -38.82 30.96 -29.78
N LYS A 1038 -38.91 32.07 -29.05
CA LYS A 1038 -38.18 33.28 -29.40
C LYS A 1038 -36.76 33.29 -28.85
N ARG A 1039 -36.38 32.26 -28.09
CA ARG A 1039 -35.03 32.18 -27.55
C ARG A 1039 -34.02 32.14 -28.69
N VAL A 1040 -32.93 32.88 -28.53
CA VAL A 1040 -31.92 32.96 -29.58
C VAL A 1040 -30.96 31.79 -29.46
N ASP A 1041 -30.83 31.01 -30.53
CA ASP A 1041 -29.88 29.90 -30.61
C ASP A 1041 -30.26 28.77 -29.67
N PHE A 1042 -31.33 28.93 -28.89
CA PHE A 1042 -31.81 27.82 -28.07
C PHE A 1042 -32.27 26.66 -28.95
N CYS A 1043 -32.99 26.98 -30.03
CA CYS A 1043 -33.41 26.00 -31.01
C CYS A 1043 -32.42 25.84 -32.15
N GLY A 1044 -31.26 26.46 -32.05
CA GLY A 1044 -30.23 26.38 -33.08
C GLY A 1044 -30.02 27.73 -33.75
N LYS A 1045 -28.97 27.77 -34.57
CA LYS A 1045 -28.59 29.00 -35.25
C LYS A 1045 -29.73 29.52 -36.10
N GLY A 1046 -29.93 30.84 -36.07
CA GLY A 1046 -30.96 31.49 -36.84
C GLY A 1046 -32.25 31.65 -36.06
N TYR A 1047 -33.16 32.43 -36.64
CA TYR A 1047 -34.48 32.65 -36.07
C TYR A 1047 -35.25 31.34 -36.13
N HIS A 1048 -35.63 30.82 -34.96
CA HIS A 1048 -36.28 29.52 -34.93
C HIS A 1048 -37.66 29.58 -35.58
N LEU A 1049 -38.01 28.48 -36.26
CA LEU A 1049 -39.33 28.34 -36.88
C LEU A 1049 -40.09 27.17 -36.26
N MET A 1050 -39.51 25.97 -36.26
CA MET A 1050 -40.08 24.79 -35.61
C MET A 1050 -39.05 23.68 -35.69
N SER A 1051 -39.41 22.50 -35.18
CA SER A 1051 -38.45 21.40 -35.13
C SER A 1051 -39.15 20.06 -35.35
N PHE A 1052 -38.42 19.14 -35.97
CA PHE A 1052 -38.89 17.77 -36.21
C PHE A 1052 -38.02 16.82 -35.41
N PRO A 1053 -38.52 16.21 -34.33
CA PRO A 1053 -37.71 15.25 -33.58
C PRO A 1053 -37.64 13.89 -34.27
N GLN A 1054 -36.55 13.18 -33.97
CA GLN A 1054 -36.33 11.84 -34.50
C GLN A 1054 -35.75 10.95 -33.42
N SER A 1055 -36.21 9.70 -33.39
CA SER A 1055 -35.79 8.75 -32.37
C SER A 1055 -34.35 8.31 -32.58
N ALA A 1056 -33.63 8.17 -31.48
CA ALA A 1056 -32.25 7.69 -31.49
C ALA A 1056 -32.04 6.77 -30.31
N PRO A 1057 -31.08 5.85 -30.37
CA PRO A 1057 -30.81 4.97 -29.23
C PRO A 1057 -30.33 5.77 -28.02
N HIS A 1058 -30.98 5.53 -26.88
CA HIS A 1058 -30.61 6.19 -25.63
C HIS A 1058 -30.58 7.71 -25.76
N GLY A 1059 -31.53 8.25 -26.52
CA GLY A 1059 -31.60 9.68 -26.69
C GLY A 1059 -32.54 10.05 -27.82
N VAL A 1060 -32.48 11.33 -28.23
CA VAL A 1060 -33.32 11.84 -29.29
C VAL A 1060 -32.49 12.81 -30.12
N VAL A 1061 -32.85 12.93 -31.39
CA VAL A 1061 -32.22 13.88 -32.32
C VAL A 1061 -33.30 14.80 -32.86
N PHE A 1062 -33.08 16.10 -32.76
CA PHE A 1062 -34.03 17.11 -33.23
C PHE A 1062 -33.55 17.68 -34.55
N LEU A 1063 -34.51 18.11 -35.38
CA LEU A 1063 -34.22 18.85 -36.60
C LEU A 1063 -34.95 20.18 -36.54
N HIS A 1064 -34.31 21.18 -35.93
CA HIS A 1064 -34.87 22.50 -35.79
C HIS A 1064 -34.82 23.23 -37.13
N VAL A 1065 -35.97 23.75 -37.56
CA VAL A 1065 -36.06 24.56 -38.76
C VAL A 1065 -35.92 26.02 -38.35
N THR A 1066 -34.99 26.74 -38.99
CA THR A 1066 -34.69 28.11 -38.62
C THR A 1066 -34.67 28.99 -39.86
N TYR A 1067 -34.94 30.28 -39.64
CA TYR A 1067 -34.91 31.29 -40.69
C TYR A 1067 -33.58 32.03 -40.62
N VAL A 1068 -32.81 31.97 -41.71
CA VAL A 1068 -31.48 32.58 -41.75
C VAL A 1068 -31.37 33.43 -43.00
N PRO A 1069 -30.80 34.63 -42.92
CA PRO A 1069 -30.61 35.43 -44.14
C PRO A 1069 -29.62 34.78 -45.09
N ALA A 1070 -29.83 35.01 -46.38
CA ALA A 1070 -29.00 34.43 -47.42
C ALA A 1070 -28.08 35.47 -48.07
N GLN A 1071 -28.62 36.58 -48.54
CA GLN A 1071 -27.84 37.63 -49.18
C GLN A 1071 -28.14 38.97 -48.51
N GLU A 1072 -27.15 39.86 -48.56
CA GLU A 1072 -27.25 41.17 -47.91
C GLU A 1072 -26.74 42.24 -48.85
N LYS A 1073 -27.25 43.46 -48.67
CA LYS A 1073 -26.81 44.61 -49.45
C LYS A 1073 -27.05 45.86 -48.63
N ASN A 1074 -26.14 46.82 -48.74
CA ASN A 1074 -26.16 48.00 -47.90
C ASN A 1074 -27.14 49.04 -48.44
N PHE A 1075 -27.93 49.63 -47.54
CA PHE A 1075 -28.93 50.63 -47.90
C PHE A 1075 -28.75 51.87 -47.03
N THR A 1076 -29.22 53.00 -47.54
CA THR A 1076 -29.21 54.25 -46.82
C THR A 1076 -30.51 54.38 -46.02
N THR A 1077 -30.38 54.50 -44.70
CA THR A 1077 -31.53 54.53 -43.80
C THR A 1077 -31.54 55.82 -42.99
N ALA A 1078 -32.66 56.06 -42.31
CA ALA A 1078 -32.82 57.24 -41.47
C ALA A 1078 -33.78 56.93 -40.33
N PRO A 1079 -33.51 57.40 -39.11
CA PRO A 1079 -34.40 57.05 -37.98
C PRO A 1079 -35.82 57.53 -38.16
N ALA A 1080 -36.04 58.67 -38.82
CA ALA A 1080 -37.38 59.23 -38.94
C ALA A 1080 -37.45 60.11 -40.16
N ILE A 1081 -38.67 60.44 -40.56
CA ILE A 1081 -38.94 61.29 -41.71
C ILE A 1081 -39.60 62.57 -41.22
N CYS A 1082 -39.12 63.72 -41.72
CA CYS A 1082 -39.64 65.03 -41.35
C CYS A 1082 -40.42 65.59 -42.54
N HIS A 1083 -41.75 65.60 -42.42
CA HIS A 1083 -42.61 66.07 -43.50
C HIS A 1083 -43.35 67.34 -43.09
N ASP A 1084 -44.08 67.33 -41.98
CA ASP A 1084 -44.84 68.50 -41.54
C ASP A 1084 -44.23 69.14 -40.29
N GLY A 1085 -42.95 68.91 -40.02
CA GLY A 1085 -42.30 69.41 -38.83
C GLY A 1085 -42.32 68.44 -37.66
N LYS A 1086 -43.10 67.37 -37.75
CA LYS A 1086 -43.16 66.35 -36.71
C LYS A 1086 -42.52 65.07 -37.22
N ALA A 1087 -41.67 64.49 -36.37
CA ALA A 1087 -40.94 63.29 -36.73
C ALA A 1087 -41.90 62.11 -36.90
N HIS A 1088 -41.66 61.30 -37.92
CA HIS A 1088 -42.45 60.11 -38.19
C HIS A 1088 -41.61 58.87 -37.88
N PHE A 1089 -42.18 57.94 -37.11
CA PHE A 1089 -41.47 56.75 -36.69
C PHE A 1089 -42.15 55.50 -37.23
N PRO A 1090 -41.39 54.52 -37.72
CA PRO A 1090 -42.02 53.27 -38.17
C PRO A 1090 -42.75 52.57 -37.04
N ARG A 1091 -43.88 51.95 -37.38
CA ARG A 1091 -44.58 51.10 -36.42
C ARG A 1091 -44.01 49.68 -36.45
N GLU A 1092 -43.68 49.18 -37.64
CA GLU A 1092 -42.97 47.92 -37.79
C GLU A 1092 -42.04 48.04 -38.99
N GLY A 1093 -40.83 47.52 -38.85
CA GLY A 1093 -39.83 47.65 -39.89
C GLY A 1093 -38.95 48.87 -39.69
N VAL A 1094 -38.25 49.23 -40.76
CA VAL A 1094 -37.34 50.38 -40.74
C VAL A 1094 -37.39 51.09 -42.09
N PHE A 1095 -36.91 52.33 -42.10
CA PHE A 1095 -36.84 53.12 -43.31
C PHE A 1095 -35.57 52.80 -44.07
N VAL A 1096 -35.69 52.70 -45.40
CA VAL A 1096 -34.56 52.41 -46.27
C VAL A 1096 -34.74 53.17 -47.57
N SER A 1097 -33.61 53.47 -48.22
CA SER A 1097 -33.62 54.16 -49.50
C SER A 1097 -32.47 53.66 -50.35
N ASN A 1098 -32.72 53.51 -51.65
CA ASN A 1098 -31.70 53.12 -52.61
C ASN A 1098 -31.09 54.31 -53.34
N GLY A 1099 -31.37 55.53 -52.89
CA GLY A 1099 -30.92 56.74 -53.55
C GLY A 1099 -32.00 57.44 -54.34
N THR A 1100 -33.14 56.78 -54.57
CA THR A 1100 -34.24 57.39 -55.32
C THR A 1100 -35.33 57.87 -54.37
N HIS A 1101 -35.83 56.97 -53.52
CA HIS A 1101 -36.90 57.31 -52.60
C HIS A 1101 -36.75 56.48 -51.32
N TRP A 1102 -37.45 56.91 -50.27
CA TRP A 1102 -37.41 56.25 -48.98
C TRP A 1102 -38.61 55.33 -48.86
N PHE A 1103 -38.36 54.06 -48.56
CA PHE A 1103 -39.40 53.04 -48.45
C PHE A 1103 -39.28 52.32 -47.12
N VAL A 1104 -40.39 51.71 -46.70
CA VAL A 1104 -40.44 50.94 -45.46
C VAL A 1104 -40.16 49.48 -45.78
N THR A 1105 -39.40 48.82 -44.91
CA THR A 1105 -39.04 47.43 -45.11
C THR A 1105 -38.92 46.73 -43.77
N GLN A 1106 -39.03 45.41 -43.80
CA GLN A 1106 -38.84 44.61 -42.59
C GLN A 1106 -37.35 44.53 -42.25
N ARG A 1107 -37.07 44.34 -40.97
CA ARG A 1107 -35.68 44.24 -40.52
C ARG A 1107 -35.06 42.92 -40.97
N ASN A 1108 -35.85 41.84 -41.00
CA ASN A 1108 -35.36 40.52 -41.35
C ASN A 1108 -35.51 40.20 -42.83
N PHE A 1109 -36.17 41.06 -43.61
CA PHE A 1109 -36.34 40.81 -45.03
C PHE A 1109 -36.47 42.15 -45.75
N TYR A 1110 -36.15 42.14 -47.05
CA TYR A 1110 -36.19 43.33 -47.88
C TYR A 1110 -37.46 43.30 -48.73
N GLU A 1111 -38.45 44.12 -48.35
CA GLU A 1111 -39.71 44.25 -49.08
C GLU A 1111 -40.13 45.70 -49.01
N PRO A 1112 -39.68 46.53 -49.96
CA PRO A 1112 -39.99 47.97 -49.89
C PRO A 1112 -41.48 48.23 -49.86
N GLN A 1113 -41.86 49.22 -49.05
CA GLN A 1113 -43.24 49.66 -48.95
C GLN A 1113 -43.28 51.17 -48.87
N ILE A 1114 -44.32 51.78 -49.45
CA ILE A 1114 -44.42 53.23 -49.44
C ILE A 1114 -44.59 53.73 -48.01
N ILE A 1115 -43.92 54.83 -47.70
CA ILE A 1115 -44.04 55.46 -46.39
C ILE A 1115 -45.38 56.17 -46.33
N THR A 1116 -46.21 55.79 -45.36
CA THR A 1116 -47.57 56.31 -45.24
C THR A 1116 -47.90 56.53 -43.78
N THR A 1117 -48.96 57.31 -43.55
CA THR A 1117 -49.44 57.54 -42.19
C THR A 1117 -49.90 56.24 -41.54
N ASP A 1118 -50.53 55.36 -42.32
CA ASP A 1118 -50.94 54.06 -41.80
C ASP A 1118 -49.77 53.11 -41.63
N ASN A 1119 -48.57 53.52 -42.04
CA ASN A 1119 -47.35 52.72 -41.86
C ASN A 1119 -46.42 53.32 -40.82
N THR A 1120 -46.74 54.48 -40.26
CA THR A 1120 -45.89 55.14 -39.28
C THR A 1120 -46.78 55.83 -38.25
N PHE A 1121 -46.14 56.48 -37.28
CA PHE A 1121 -46.85 57.28 -36.28
C PHE A 1121 -46.03 58.51 -35.97
N VAL A 1122 -46.71 59.55 -35.50
CA VAL A 1122 -46.10 60.86 -35.29
C VAL A 1122 -45.81 61.03 -33.80
N SER A 1123 -44.58 61.45 -33.49
CA SER A 1123 -44.19 61.74 -32.13
C SER A 1123 -43.00 62.68 -32.14
N GLY A 1124 -42.85 63.44 -31.05
CA GLY A 1124 -41.73 64.35 -30.94
C GLY A 1124 -41.77 65.42 -32.01
N ASN A 1125 -40.59 65.90 -32.39
CA ASN A 1125 -40.44 66.91 -33.42
C ASN A 1125 -39.13 66.67 -34.16
N CYS A 1126 -38.94 67.42 -35.26
CA CYS A 1126 -37.75 67.23 -36.08
C CYS A 1126 -36.50 67.85 -35.44
N ASP A 1127 -36.65 68.65 -34.39
CA ASP A 1127 -35.52 69.33 -33.77
C ASP A 1127 -34.89 68.54 -32.62
N VAL A 1128 -35.47 67.40 -32.26
CA VAL A 1128 -34.96 66.56 -31.17
C VAL A 1128 -34.39 65.25 -31.71
N VAL A 1129 -35.07 64.65 -32.69
CA VAL A 1129 -34.61 63.39 -33.26
C VAL A 1129 -33.28 63.62 -33.97
N ILE A 1130 -32.30 62.77 -33.66
CA ILE A 1130 -30.97 62.88 -34.25
C ILE A 1130 -30.93 62.06 -35.53
N GLY A 1131 -30.47 62.67 -36.61
CA GLY A 1131 -30.37 62.01 -37.89
C GLY A 1131 -31.64 62.02 -38.71
N ILE A 1132 -32.68 62.74 -38.29
CA ILE A 1132 -33.92 62.77 -39.05
C ILE A 1132 -33.66 63.40 -40.42
N VAL A 1133 -34.44 62.97 -41.40
CA VAL A 1133 -34.31 63.43 -42.77
C VAL A 1133 -35.65 63.97 -43.25
N ASN A 1134 -35.60 64.73 -44.34
CA ASN A 1134 -36.78 65.38 -44.90
C ASN A 1134 -37.31 64.58 -46.08
N ASN A 1135 -38.63 64.35 -46.08
CA ASN A 1135 -39.30 63.66 -47.17
C ASN A 1135 -40.80 63.87 -46.99
N THR A 1136 -41.57 63.47 -48.00
CA THR A 1136 -43.02 63.56 -47.99
C THR A 1136 -43.63 62.22 -47.64
N VAL A 1137 -44.58 62.23 -46.72
CA VAL A 1137 -45.27 61.02 -46.28
C VAL A 1137 -46.58 60.92 -47.06
N TYR A 1138 -46.75 59.83 -47.79
CA TYR A 1138 -47.95 59.64 -48.59
C TYR A 1138 -49.17 59.50 -47.68
N ASP A 1139 -50.25 60.20 -48.04
CA ASP A 1139 -51.49 60.16 -47.29
C ASP A 1139 -52.58 59.53 -48.15
N PRO A 1140 -53.09 58.34 -47.81
CA PRO A 1140 -54.12 57.72 -48.65
C PRO A 1140 -55.41 58.52 -48.73
N LEU A 1141 -55.68 59.40 -47.76
CA LEU A 1141 -56.92 60.17 -47.77
C LEU A 1141 -56.88 61.29 -48.81
N GLN A 1142 -55.71 61.85 -49.09
CA GLN A 1142 -55.64 62.98 -50.02
C GLN A 1142 -56.15 62.62 -51.41
N PRO A 1143 -55.70 61.54 -52.05
CA PRO A 1143 -56.19 61.24 -53.41
C PRO A 1143 -57.69 60.96 -53.47
N GLU A 1144 -58.32 60.58 -52.36
CA GLU A 1144 -59.74 60.31 -52.34
C GLU A 1144 -60.59 61.57 -52.22
N LEU A 1145 -59.97 62.73 -51.98
CA LEU A 1145 -60.73 63.97 -51.86
C LEU A 1145 -61.39 64.35 -53.18
N ASP A 1146 -60.72 64.09 -54.30
CA ASP A 1146 -61.25 64.44 -55.62
C ASP A 1146 -62.25 63.41 -56.14
N SER A 1147 -62.44 62.29 -55.44
CA SER A 1147 -63.38 61.26 -55.87
C SER A 1147 -64.80 61.83 -55.92
N GLU B 1 55.25 -44.23 -45.99
CA GLU B 1 54.56 -45.50 -46.38
C GLU B 1 53.62 -45.96 -45.28
N VAL B 2 52.34 -46.10 -45.62
CA VAL B 2 51.33 -46.56 -44.66
C VAL B 2 51.44 -48.07 -44.52
N GLN B 3 51.29 -48.55 -43.28
CA GLN B 3 51.40 -49.97 -43.00
C GLN B 3 50.62 -50.29 -41.74
N LEU B 4 50.00 -51.48 -41.71
CA LEU B 4 49.20 -51.93 -40.58
C LEU B 4 49.83 -53.20 -40.03
N LEU B 5 49.96 -53.26 -38.70
CA LEU B 5 50.56 -54.40 -38.02
C LEU B 5 49.51 -55.10 -37.16
N GLN B 6 49.51 -56.42 -37.19
CA GLN B 6 48.64 -57.24 -36.37
C GLN B 6 49.45 -58.35 -35.71
N SER B 7 48.86 -58.97 -34.69
CA SER B 7 49.48 -60.13 -34.06
C SER B 7 49.53 -61.30 -35.03
N GLY B 8 50.58 -62.11 -34.90
CA GLY B 8 50.79 -63.22 -35.81
C GLY B 8 49.65 -64.21 -35.83
N ALA B 9 49.18 -64.62 -34.66
CA ALA B 9 48.09 -65.59 -34.57
C ALA B 9 47.68 -65.73 -33.11
N GLU B 10 46.48 -66.28 -32.91
CA GLU B 10 45.96 -66.54 -31.57
C GLU B 10 45.31 -67.91 -31.54
N LEU B 11 45.30 -68.53 -30.36
CA LEU B 11 44.66 -69.81 -30.13
C LEU B 11 43.74 -69.67 -28.92
N VAL B 12 42.47 -70.02 -29.10
CA VAL B 12 41.47 -69.85 -28.06
C VAL B 12 40.49 -71.02 -28.13
N ARG B 13 39.85 -71.30 -27.00
CA ARG B 13 38.88 -72.38 -26.88
C ARG B 13 37.47 -71.87 -27.20
N PRO B 14 36.57 -72.76 -27.57
CA PRO B 14 35.18 -72.32 -27.83
C PRO B 14 34.56 -71.71 -26.58
N GLY B 15 33.74 -70.67 -26.82
CA GLY B 15 33.05 -69.99 -25.75
C GLY B 15 33.81 -68.84 -25.12
N ALA B 16 35.11 -68.74 -25.37
CA ALA B 16 35.92 -67.66 -24.83
C ALA B 16 35.95 -66.50 -25.82
N LEU B 17 36.82 -65.52 -25.58
CA LEU B 17 36.93 -64.34 -26.42
C LEU B 17 38.38 -64.12 -26.84
N VAL B 18 38.54 -63.48 -27.99
CA VAL B 18 39.85 -63.17 -28.54
C VAL B 18 39.89 -61.68 -28.87
N LYS B 19 40.96 -61.00 -28.48
CA LYS B 19 41.14 -59.59 -28.72
C LYS B 19 42.26 -59.41 -29.74
N LEU B 20 41.98 -58.63 -30.79
CA LEU B 20 42.94 -58.39 -31.86
C LEU B 20 43.23 -56.89 -31.96
N SER B 21 44.47 -56.57 -32.34
CA SER B 21 44.93 -55.20 -32.47
C SER B 21 45.48 -54.96 -33.87
N CYS B 22 45.05 -53.86 -34.49
CA CYS B 22 45.55 -53.41 -35.78
C CYS B 22 46.15 -52.03 -35.58
N LYS B 23 47.48 -51.96 -35.57
CA LYS B 23 48.19 -50.72 -35.30
C LYS B 23 48.23 -49.84 -36.55
N ALA B 24 48.25 -48.53 -36.32
CA ALA B 24 48.29 -47.55 -37.39
C ALA B 24 49.66 -46.88 -37.43
N SER B 25 50.26 -46.82 -38.62
CA SER B 25 51.56 -46.19 -38.80
C SER B 25 51.52 -45.35 -40.07
N GLY B 26 52.12 -44.16 -40.00
CA GLY B 26 52.16 -43.26 -41.13
C GLY B 26 50.91 -42.44 -41.34
N PHE B 27 49.92 -42.57 -40.46
CA PHE B 27 48.68 -41.81 -40.60
C PHE B 27 48.04 -41.69 -39.22
N ASN B 28 47.21 -40.65 -39.08
CA ASN B 28 46.51 -40.41 -37.82
C ASN B 28 45.26 -41.28 -37.76
N ILE B 29 45.09 -41.99 -36.64
CA ILE B 29 43.95 -42.89 -36.49
C ILE B 29 42.65 -42.10 -36.44
N LYS B 30 42.68 -40.86 -35.95
CA LYS B 30 41.47 -40.12 -35.68
C LYS B 30 40.66 -39.87 -36.94
N ASP B 31 41.32 -39.43 -38.01
CA ASP B 31 40.63 -38.86 -39.17
C ASP B 31 40.34 -39.87 -40.27
N TYR B 32 40.67 -41.14 -40.09
CA TYR B 32 40.52 -42.16 -41.13
C TYR B 32 39.65 -43.30 -40.63
N TYR B 33 38.76 -43.78 -41.50
CA TYR B 33 37.90 -44.90 -41.17
C TYR B 33 38.72 -46.17 -40.93
N MET B 34 38.04 -47.21 -40.48
CA MET B 34 38.65 -48.50 -40.16
C MET B 34 37.74 -49.62 -40.62
N HIS B 35 38.33 -50.77 -40.95
CA HIS B 35 37.60 -51.90 -41.50
C HIS B 35 38.20 -53.20 -40.99
N TRP B 36 37.44 -54.28 -41.13
CA TRP B 36 37.86 -55.62 -40.77
C TRP B 36 37.31 -56.62 -41.78
N VAL B 37 37.99 -57.75 -41.89
CA VAL B 37 37.65 -58.75 -42.91
C VAL B 37 37.96 -60.15 -42.38
N LYS B 38 37.26 -61.14 -42.92
CA LYS B 38 37.43 -62.54 -42.56
C LYS B 38 37.67 -63.33 -43.84
N GLN B 39 38.70 -64.17 -43.83
CA GLN B 39 39.05 -65.00 -44.98
C GLN B 39 38.99 -66.47 -44.59
N ARG B 40 38.29 -67.27 -45.40
CA ARG B 40 38.21 -68.70 -45.23
C ARG B 40 38.67 -69.41 -46.49
N PRO B 41 39.26 -70.60 -46.37
CA PRO B 41 39.72 -71.29 -47.59
C PRO B 41 38.61 -71.62 -48.56
N GLU B 42 37.40 -71.92 -48.06
CA GLU B 42 36.31 -72.33 -48.94
C GLU B 42 35.44 -71.15 -49.34
N GLN B 43 35.12 -70.26 -48.39
CA GLN B 43 34.23 -69.13 -48.64
C GLN B 43 34.97 -67.87 -49.06
N GLY B 44 36.28 -67.94 -49.26
CA GLY B 44 37.03 -66.75 -49.62
C GLY B 44 36.96 -65.72 -48.51
N LEU B 45 36.69 -64.48 -48.90
CA LEU B 45 36.64 -63.36 -47.95
C LEU B 45 35.23 -63.20 -47.40
N GLU B 46 35.15 -62.71 -46.17
CA GLU B 46 33.87 -62.43 -45.50
C GLU B 46 34.04 -61.17 -44.67
N TRP B 47 33.04 -60.30 -44.70
CA TRP B 47 33.17 -58.97 -44.13
C TRP B 47 32.73 -58.96 -42.67
N PHE B 48 33.34 -58.06 -41.89
CA PHE B 48 33.02 -57.92 -40.47
C PHE B 48 32.25 -56.63 -40.20
N GLY B 49 32.79 -55.47 -40.57
CA GLY B 49 32.19 -54.21 -40.19
C GLY B 49 33.18 -53.09 -40.43
N TRP B 50 32.75 -51.88 -40.06
CA TRP B 50 33.60 -50.71 -40.14
C TRP B 50 33.38 -49.86 -38.89
N ILE B 51 34.44 -49.16 -38.48
CA ILE B 51 34.39 -48.27 -37.33
C ILE B 51 35.16 -47.00 -37.66
N ASP B 52 34.60 -45.88 -37.23
CA ASP B 52 35.27 -44.59 -37.34
C ASP B 52 35.82 -44.20 -35.98
N PRO B 53 37.13 -44.18 -35.76
CA PRO B 53 37.64 -43.80 -34.43
C PRO B 53 37.16 -42.43 -33.97
N GLU B 54 37.00 -41.48 -34.89
CA GLU B 54 36.48 -40.17 -34.52
C GLU B 54 35.04 -40.28 -34.03
N ASN B 55 34.21 -41.08 -34.72
CA ASN B 55 32.81 -41.19 -34.36
C ASN B 55 32.56 -42.38 -33.42
N GLY B 56 33.05 -43.55 -33.78
CA GLY B 56 32.84 -44.75 -33.00
C GLY B 56 31.65 -45.59 -33.44
N ASN B 57 30.85 -45.11 -34.39
CA ASN B 57 29.73 -45.89 -34.88
C ASN B 57 30.23 -47.14 -35.62
N THR B 58 29.49 -48.23 -35.49
CA THR B 58 29.88 -49.50 -36.08
C THR B 58 28.67 -50.19 -36.69
N ILE B 59 28.88 -50.78 -37.86
CA ILE B 59 27.89 -51.62 -38.52
C ILE B 59 28.52 -52.98 -38.77
N TYR B 60 27.73 -54.04 -38.58
CA TYR B 60 28.22 -55.40 -38.64
C TYR B 60 27.44 -56.20 -39.67
N ASP B 61 28.11 -57.17 -40.28
CA ASP B 61 27.46 -58.04 -41.24
C ASP B 61 26.30 -58.78 -40.56
N PRO B 62 25.10 -58.79 -41.16
CA PRO B 62 23.99 -59.56 -40.55
C PRO B 62 24.38 -60.93 -40.05
N LYS B 63 25.39 -61.56 -40.65
CA LYS B 63 25.84 -62.87 -40.17
C LYS B 63 26.37 -62.77 -38.74
N PHE B 64 27.14 -61.72 -38.45
CA PHE B 64 27.83 -61.59 -37.17
C PHE B 64 27.25 -60.50 -36.29
N GLN B 65 26.08 -59.95 -36.62
CA GLN B 65 25.47 -58.92 -35.78
C GLN B 65 25.24 -59.46 -34.37
N GLY B 66 25.68 -58.67 -33.38
CA GLY B 66 25.56 -59.05 -31.99
C GLY B 66 26.62 -60.00 -31.50
N LYS B 67 27.49 -60.49 -32.38
CA LYS B 67 28.54 -61.43 -32.00
C LYS B 67 29.87 -60.75 -31.69
N ALA B 68 30.03 -59.48 -32.05
CA ALA B 68 31.31 -58.81 -31.90
C ALA B 68 31.09 -57.32 -31.65
N SER B 69 32.10 -56.69 -31.07
CA SER B 69 32.12 -55.25 -30.85
C SER B 69 33.47 -54.71 -31.26
N ILE B 70 33.49 -53.55 -31.90
CA ILE B 70 34.71 -52.95 -32.42
C ILE B 70 35.00 -51.67 -31.64
N THR B 71 36.26 -51.50 -31.23
CA THR B 71 36.70 -50.33 -30.50
C THR B 71 38.03 -49.86 -31.08
N ALA B 72 38.38 -48.61 -30.78
CA ALA B 72 39.63 -48.03 -31.26
C ALA B 72 40.23 -47.17 -30.17
N ASP B 73 41.56 -47.04 -30.21
CA ASP B 73 42.31 -46.23 -29.26
C ASP B 73 42.99 -45.10 -30.02
N THR B 74 42.56 -43.86 -29.75
CA THR B 74 43.12 -42.72 -30.47
C THR B 74 44.56 -42.45 -30.03
N SER B 75 44.82 -42.50 -28.72
CA SER B 75 46.17 -42.19 -28.23
C SER B 75 47.19 -43.20 -28.74
N SER B 76 46.86 -44.48 -28.73
CA SER B 76 47.77 -45.53 -29.14
C SER B 76 47.81 -45.73 -30.65
N ASN B 77 46.93 -45.09 -31.40
CA ASN B 77 46.86 -45.25 -32.85
C ASN B 77 46.73 -46.73 -33.22
N THR B 78 45.90 -47.44 -32.46
CA THR B 78 45.68 -48.87 -32.67
C THR B 78 44.19 -49.16 -32.62
N ALA B 79 43.71 -49.96 -33.56
CA ALA B 79 42.32 -50.36 -33.61
C ALA B 79 42.15 -51.74 -33.01
N TYR B 80 41.10 -51.92 -32.21
CA TYR B 80 40.87 -53.13 -31.46
C TYR B 80 39.60 -53.83 -31.93
N LEU B 81 39.67 -55.17 -31.99
CA LEU B 81 38.52 -56.00 -32.34
C LEU B 81 38.34 -57.06 -31.27
N GLN B 82 37.08 -57.33 -30.92
CA GLN B 82 36.76 -58.29 -29.88
C GLN B 82 35.67 -59.22 -30.38
N LEU B 83 35.86 -60.52 -30.14
CA LEU B 83 34.88 -61.55 -30.48
C LEU B 83 34.51 -62.32 -29.23
N SER B 84 33.23 -62.60 -29.06
CA SER B 84 32.72 -63.30 -27.89
C SER B 84 31.89 -64.51 -28.32
N SER B 85 31.80 -65.49 -27.42
CA SER B 85 31.07 -66.72 -27.68
C SER B 85 31.58 -67.41 -28.95
N LEU B 86 32.90 -67.60 -29.01
CA LEU B 86 33.52 -68.18 -30.18
C LEU B 86 33.15 -69.66 -30.31
N THR B 87 33.23 -70.15 -31.55
CA THR B 87 32.93 -71.54 -31.85
C THR B 87 33.86 -72.01 -32.96
N SER B 88 33.64 -73.25 -33.42
CA SER B 88 34.51 -73.82 -34.44
C SER B 88 34.42 -73.04 -35.74
N GLU B 89 33.22 -72.57 -36.10
CA GLU B 89 33.02 -71.87 -37.35
C GLU B 89 33.83 -70.58 -37.44
N ASP B 90 34.28 -70.03 -36.30
CA ASP B 90 35.00 -68.77 -36.30
C ASP B 90 36.46 -68.91 -36.74
N THR B 91 36.95 -70.13 -36.92
CA THR B 91 38.32 -70.31 -37.37
C THR B 91 38.50 -69.73 -38.77
N ALA B 92 39.39 -68.75 -38.90
CA ALA B 92 39.62 -68.07 -40.17
C ALA B 92 40.77 -67.10 -39.99
N VAL B 93 41.18 -66.49 -41.09
CA VAL B 93 42.22 -65.46 -41.10
C VAL B 93 41.54 -64.10 -41.20
N TYR B 94 41.98 -63.15 -40.37
CA TYR B 94 41.35 -61.85 -40.28
C TYR B 94 42.29 -60.77 -40.80
N TYR B 95 41.73 -59.76 -41.46
CA TYR B 95 42.48 -58.65 -42.02
C TYR B 95 41.82 -57.34 -41.62
N CYS B 96 42.64 -56.29 -41.54
CA CYS B 96 42.20 -54.96 -41.14
C CYS B 96 42.63 -53.94 -42.17
N ALA B 97 41.79 -52.93 -42.37
CA ALA B 97 42.05 -51.88 -43.35
C ALA B 97 41.47 -50.55 -42.89
N GLY B 98 41.94 -49.48 -43.53
CA GLY B 98 41.47 -48.15 -43.21
C GLY B 98 42.13 -47.14 -44.12
N SER B 99 42.41 -45.96 -43.56
CA SER B 99 43.11 -44.90 -44.28
C SER B 99 42.37 -44.52 -45.56
N GLY B 100 41.16 -43.98 -45.39
CA GLY B 100 40.28 -43.73 -46.51
C GLY B 100 40.22 -42.28 -46.98
N ASN B 101 40.64 -41.33 -46.15
CA ASN B 101 40.47 -39.91 -46.45
C ASN B 101 39.00 -39.59 -46.64
N TYR B 102 38.15 -40.32 -45.92
CA TYR B 102 36.71 -40.31 -46.13
C TYR B 102 36.39 -40.62 -47.59
N GLU B 103 37.22 -41.45 -48.21
CA GLU B 103 37.10 -41.74 -49.63
C GLU B 103 37.50 -43.19 -49.87
N ASP B 104 37.01 -43.74 -50.99
CA ASP B 104 37.35 -45.09 -51.41
C ASP B 104 38.67 -45.17 -52.16
N ALA B 105 39.24 -44.03 -52.55
CA ALA B 105 40.41 -44.00 -53.41
C ALA B 105 41.67 -44.52 -52.72
N MET B 106 41.67 -44.69 -51.41
CA MET B 106 42.85 -45.13 -50.68
C MET B 106 42.45 -46.08 -49.57
N ASP B 107 43.07 -47.25 -49.55
CA ASP B 107 42.90 -48.19 -48.45
C ASP B 107 44.11 -49.11 -48.43
N TYR B 108 44.42 -49.63 -47.24
CA TYR B 108 45.62 -50.43 -47.03
C TYR B 108 45.28 -51.63 -46.15
N TRP B 109 46.10 -52.67 -46.26
CA TRP B 109 45.84 -53.93 -45.56
C TRP B 109 47.12 -54.39 -44.87
N GLY B 110 46.94 -55.03 -43.71
CA GLY B 110 48.04 -55.65 -43.00
C GLY B 110 48.24 -57.09 -43.42
N GLN B 111 49.29 -57.70 -42.86
CA GLN B 111 49.61 -59.08 -43.21
C GLN B 111 48.52 -60.07 -42.76
N GLY B 112 47.62 -59.64 -41.88
CA GLY B 112 46.55 -60.49 -41.42
C GLY B 112 46.91 -61.29 -40.18
N THR B 113 45.90 -61.90 -39.59
CA THR B 113 46.04 -62.70 -38.38
C THR B 113 45.25 -63.99 -38.54
N SER B 114 45.82 -65.09 -38.05
CA SER B 114 45.17 -66.39 -38.09
C SER B 114 44.68 -66.74 -36.69
N VAL B 115 43.38 -67.00 -36.55
CA VAL B 115 42.76 -67.34 -35.27
C VAL B 115 42.12 -68.70 -35.42
N THR B 116 42.45 -69.62 -34.52
CA THR B 116 41.91 -70.97 -34.51
C THR B 116 41.13 -71.17 -33.22
N VAL B 117 39.89 -71.62 -33.34
CA VAL B 117 39.00 -71.84 -32.20
C VAL B 117 38.83 -73.34 -32.05
N SER B 118 39.55 -73.92 -31.10
CA SER B 118 39.46 -75.35 -30.83
C SER B 118 39.90 -75.61 -29.40
N SER B 119 39.49 -76.76 -28.88
CA SER B 119 39.81 -77.16 -27.51
C SER B 119 41.12 -77.94 -27.41
N ALA B 120 41.79 -78.19 -28.52
CA ALA B 120 43.02 -78.96 -28.51
C ALA B 120 44.16 -78.15 -27.92
N LYS B 121 45.19 -78.86 -27.45
CA LYS B 121 46.37 -78.25 -26.85
C LYS B 121 47.60 -78.57 -27.70
N THR B 122 48.57 -77.65 -27.68
CA THR B 122 49.73 -77.73 -28.55
C THR B 122 50.34 -79.13 -28.51
N THR B 123 50.60 -79.68 -29.70
CA THR B 123 51.16 -81.02 -29.84
C THR B 123 52.37 -80.96 -30.75
N PRO B 124 53.54 -81.47 -30.36
CA PRO B 124 54.70 -81.43 -31.24
C PRO B 124 54.48 -82.32 -32.45
N PRO B 125 55.08 -81.99 -33.60
CA PRO B 125 54.87 -82.80 -34.80
C PRO B 125 55.59 -84.13 -34.72
N SER B 126 55.06 -85.10 -35.47
CA SER B 126 55.68 -86.41 -35.62
C SER B 126 56.23 -86.51 -37.04
N VAL B 127 57.55 -86.58 -37.16
CA VAL B 127 58.23 -86.59 -38.46
C VAL B 127 58.71 -88.00 -38.74
N TYR B 128 58.38 -88.51 -39.93
CA TYR B 128 58.77 -89.85 -40.34
C TYR B 128 59.33 -89.78 -41.76
N PRO B 129 60.38 -90.56 -42.06
CA PRO B 129 60.90 -90.59 -43.43
C PRO B 129 60.06 -91.47 -44.34
N LEU B 130 60.01 -91.07 -45.61
CA LEU B 130 59.27 -91.79 -46.64
C LEU B 130 60.27 -92.34 -47.65
N ALA B 131 60.54 -93.63 -47.58
CA ALA B 131 61.46 -94.29 -48.50
C ALA B 131 60.70 -94.84 -49.71
N PRO B 132 61.42 -95.15 -50.79
CA PRO B 132 60.74 -95.74 -51.96
C PRO B 132 60.11 -97.08 -51.61
N GLY B 133 59.03 -97.39 -52.31
CA GLY B 133 58.26 -98.60 -52.11
C GLY B 133 58.93 -99.82 -52.73
N SER B 134 58.10 -100.66 -53.34
CA SER B 134 58.60 -101.90 -53.93
C SER B 134 59.63 -101.59 -55.02
N ALA B 135 60.64 -102.45 -55.13
CA ALA B 135 61.70 -102.25 -56.11
C ALA B 135 61.20 -102.35 -57.54
N ALA B 136 60.00 -102.88 -57.75
CA ALA B 136 59.46 -102.99 -59.11
C ALA B 136 59.36 -101.63 -59.78
N GLN B 137 59.19 -100.57 -59.00
CA GLN B 137 59.12 -99.21 -59.54
C GLN B 137 60.53 -98.63 -59.62
N THR B 138 60.96 -98.29 -60.82
CA THR B 138 62.29 -97.75 -61.07
C THR B 138 62.19 -96.64 -62.10
N ASN B 139 63.11 -95.68 -62.00
CA ASN B 139 63.16 -94.55 -62.92
C ASN B 139 64.59 -94.01 -62.92
N SER B 140 64.92 -93.25 -63.96
CA SER B 140 66.25 -92.66 -64.05
C SER B 140 66.53 -91.72 -62.88
N MET B 141 65.49 -91.07 -62.35
CA MET B 141 65.59 -90.20 -61.20
C MET B 141 64.78 -90.76 -60.06
N VAL B 142 65.27 -90.54 -58.83
CA VAL B 142 64.65 -91.05 -57.62
C VAL B 142 63.95 -89.91 -56.90
N THR B 143 62.81 -90.23 -56.28
CA THR B 143 62.02 -89.28 -55.52
C THR B 143 62.00 -89.69 -54.06
N LEU B 144 62.03 -88.70 -53.17
CA LEU B 144 61.99 -88.92 -51.74
C LEU B 144 60.94 -88.00 -51.12
N GLY B 145 60.55 -88.33 -49.89
CA GLY B 145 59.50 -87.59 -49.22
C GLY B 145 59.73 -87.52 -47.73
N CYS B 146 59.06 -86.56 -47.10
CA CYS B 146 59.09 -86.37 -45.65
C CYS B 146 57.66 -86.20 -45.16
N LEU B 147 57.30 -86.94 -44.11
CA LEU B 147 55.93 -86.97 -43.63
C LEU B 147 55.81 -86.20 -42.32
N VAL B 148 54.83 -85.31 -42.24
CA VAL B 148 54.51 -84.58 -41.02
C VAL B 148 53.02 -84.73 -40.77
N LYS B 149 52.66 -85.18 -39.57
CA LYS B 149 51.26 -85.44 -39.24
C LYS B 149 51.05 -85.28 -37.75
N GLY B 150 49.81 -85.04 -37.36
CA GLY B 150 49.46 -84.92 -35.95
C GLY B 150 50.14 -83.76 -35.27
N TYR B 151 50.10 -82.59 -35.91
CA TYR B 151 50.76 -81.40 -35.38
C TYR B 151 49.81 -80.21 -35.45
N PHE B 152 49.96 -79.30 -34.49
CA PHE B 152 49.23 -78.05 -34.46
C PHE B 152 49.72 -77.21 -33.29
N PRO B 153 49.58 -75.87 -33.34
CA PRO B 153 49.00 -75.09 -34.44
C PRO B 153 50.02 -74.70 -35.51
N GLU B 154 49.51 -74.16 -36.61
CA GLU B 154 50.34 -73.69 -37.71
C GLU B 154 51.03 -72.39 -37.30
N PRO B 155 52.12 -72.01 -38.00
CA PRO B 155 52.76 -72.69 -39.13
C PRO B 155 53.80 -73.73 -38.73
N VAL B 156 54.06 -74.68 -39.63
CA VAL B 156 55.14 -75.65 -39.46
C VAL B 156 55.89 -75.71 -40.78
N THR B 157 57.20 -75.46 -40.74
CA THR B 157 58.02 -75.38 -41.94
C THR B 157 58.81 -76.67 -42.12
N VAL B 158 58.81 -77.19 -43.35
CA VAL B 158 59.55 -78.39 -43.71
C VAL B 158 60.45 -78.07 -44.89
N THR B 159 61.71 -78.48 -44.80
CA THR B 159 62.69 -78.24 -45.86
C THR B 159 63.57 -79.47 -45.98
N TRP B 160 64.57 -79.39 -46.85
CA TRP B 160 65.50 -80.49 -47.08
C TRP B 160 66.93 -80.00 -46.90
N ASN B 161 67.72 -80.75 -46.13
CA ASN B 161 69.12 -80.43 -45.90
C ASN B 161 69.28 -79.00 -45.38
N SER B 162 68.39 -78.62 -44.47
CA SER B 162 68.42 -77.29 -43.86
C SER B 162 68.29 -76.21 -44.92
N GLY B 163 67.55 -76.50 -46.00
CA GLY B 163 67.35 -75.54 -47.06
C GLY B 163 68.48 -75.42 -48.05
N SER B 164 69.54 -76.22 -47.91
CA SER B 164 70.67 -76.14 -48.82
C SER B 164 70.37 -76.76 -50.18
N LEU B 165 69.36 -77.63 -50.26
CA LEU B 165 68.98 -78.30 -51.50
C LEU B 165 67.63 -77.76 -51.94
N SER B 166 67.64 -76.90 -52.95
CA SER B 166 66.42 -76.32 -53.51
C SER B 166 66.01 -76.95 -54.83
N SER B 167 66.70 -78.02 -55.25
CA SER B 167 66.41 -78.63 -56.54
C SER B 167 65.33 -79.69 -56.39
N GLY B 168 64.25 -79.57 -57.17
CA GLY B 168 63.18 -80.54 -57.16
C GLY B 168 62.42 -80.59 -55.85
N VAL B 169 62.58 -79.57 -55.02
CA VAL B 169 61.93 -79.51 -53.72
C VAL B 169 60.58 -78.85 -53.87
N HIS B 170 59.54 -79.51 -53.36
CA HIS B 170 58.17 -79.01 -53.41
C HIS B 170 57.59 -79.01 -52.00
N THR B 171 57.06 -77.87 -51.58
CA THR B 171 56.45 -77.73 -50.26
C THR B 171 54.94 -77.70 -50.41
N PHE B 172 54.26 -78.56 -49.67
CA PHE B 172 52.81 -78.73 -49.78
C PHE B 172 52.13 -78.09 -48.58
N PRO B 173 51.25 -77.11 -48.77
CA PRO B 173 50.59 -76.49 -47.62
C PRO B 173 49.79 -77.49 -46.79
N ALA B 174 49.70 -77.21 -45.50
CA ALA B 174 49.02 -78.11 -44.57
C ALA B 174 47.52 -78.12 -44.83
N VAL B 175 46.88 -79.19 -44.38
CA VAL B 175 45.43 -79.37 -44.52
C VAL B 175 44.85 -79.66 -43.14
N LEU B 176 43.75 -78.98 -42.81
CA LEU B 176 43.09 -79.14 -41.52
C LEU B 176 42.09 -80.27 -41.60
N GLN B 177 42.19 -81.22 -40.67
CA GLN B 177 41.27 -82.35 -40.60
C GLN B 177 41.13 -82.78 -39.15
N SER B 178 39.90 -82.73 -38.63
CA SER B 178 39.62 -83.15 -37.26
C SER B 178 40.51 -82.41 -36.27
N ASP B 179 40.57 -81.09 -36.43
CA ASP B 179 41.37 -80.22 -35.56
C ASP B 179 42.84 -80.62 -35.57
N LEU B 180 43.32 -81.15 -36.69
CA LEU B 180 44.70 -81.56 -36.83
C LEU B 180 45.21 -81.10 -38.19
N TYR B 181 46.51 -80.80 -38.25
CA TYR B 181 47.16 -80.35 -39.46
C TYR B 181 48.10 -81.43 -39.99
N THR B 182 48.21 -81.51 -41.31
CA THR B 182 49.04 -82.51 -41.97
C THR B 182 49.63 -81.92 -43.24
N LEU B 183 50.95 -81.96 -43.36
CA LEU B 183 51.66 -81.51 -44.55
C LEU B 183 52.72 -82.54 -44.91
N SER B 184 53.17 -82.49 -46.17
CA SER B 184 54.17 -83.41 -46.67
C SER B 184 55.10 -82.65 -47.61
N SER B 185 56.29 -83.20 -47.83
CA SER B 185 57.28 -82.60 -48.71
C SER B 185 57.88 -83.69 -49.59
N SER B 186 58.41 -83.28 -50.73
CA SER B 186 58.96 -84.21 -51.70
C SER B 186 60.17 -83.57 -52.39
N VAL B 187 61.16 -84.41 -52.68
CA VAL B 187 62.36 -83.98 -53.39
C VAL B 187 62.71 -85.03 -54.43
N THR B 188 63.04 -84.58 -55.63
CA THR B 188 63.41 -85.44 -56.74
C THR B 188 64.92 -85.30 -56.98
N VAL B 189 65.63 -86.41 -56.92
CA VAL B 189 67.08 -86.41 -57.11
C VAL B 189 67.42 -87.53 -58.08
N PRO B 190 68.56 -87.43 -58.78
CA PRO B 190 68.95 -88.48 -59.70
C PRO B 190 69.40 -89.74 -58.96
N SER B 191 69.48 -90.84 -59.73
CA SER B 191 69.87 -92.12 -59.15
C SER B 191 71.29 -92.11 -58.60
N SER B 192 72.11 -91.13 -58.98
CA SER B 192 73.48 -91.05 -58.49
C SER B 192 73.57 -90.38 -57.12
N THR B 193 72.45 -89.87 -56.59
CA THR B 193 72.47 -89.20 -55.29
C THR B 193 72.02 -90.14 -54.19
N TRP B 194 70.83 -90.71 -54.32
CA TRP B 194 70.30 -91.63 -53.32
C TRP B 194 70.37 -93.07 -53.82
N PRO B 195 70.74 -94.05 -52.97
CA PRO B 195 71.11 -93.93 -51.55
C PRO B 195 72.59 -93.62 -51.35
N SER B 196 73.31 -93.31 -52.44
CA SER B 196 74.74 -93.05 -52.33
C SER B 196 75.02 -91.87 -51.41
N GLU B 197 74.14 -90.88 -51.40
CA GLU B 197 74.29 -89.69 -50.59
C GLU B 197 73.10 -89.54 -49.66
N THR B 198 73.35 -89.00 -48.46
CA THR B 198 72.32 -88.83 -47.46
C THR B 198 71.38 -87.69 -47.84
N VAL B 199 70.09 -87.90 -47.63
CA VAL B 199 69.06 -86.90 -47.87
C VAL B 199 68.25 -86.78 -46.58
N THR B 200 68.10 -85.55 -46.09
CA THR B 200 67.44 -85.30 -44.81
C THR B 200 66.43 -84.17 -44.96
N CYS B 201 65.35 -84.27 -44.18
CA CYS B 201 64.31 -83.24 -44.13
C CYS B 201 64.26 -82.65 -42.72
N ASN B 202 64.23 -81.33 -42.64
CA ASN B 202 64.20 -80.60 -41.38
C ASN B 202 62.80 -80.02 -41.18
N VAL B 203 62.23 -80.27 -40.01
CA VAL B 203 60.89 -79.79 -39.67
C VAL B 203 61.00 -78.91 -38.43
N ALA B 204 60.40 -77.73 -38.49
CA ALA B 204 60.44 -76.76 -37.40
C ALA B 204 59.02 -76.38 -37.01
N HIS B 205 58.75 -76.40 -35.71
CA HIS B 205 57.45 -76.02 -35.15
C HIS B 205 57.69 -74.90 -34.14
N PRO B 206 57.67 -73.64 -34.57
CA PRO B 206 58.00 -72.55 -33.63
C PRO B 206 57.11 -72.52 -32.39
N ALA B 207 55.83 -72.86 -32.53
CA ALA B 207 54.93 -72.81 -31.39
C ALA B 207 55.39 -73.77 -30.30
N SER B 208 55.76 -74.99 -30.67
CA SER B 208 56.25 -75.99 -29.73
C SER B 208 57.77 -76.02 -29.64
N SER B 209 58.47 -75.20 -30.44
CA SER B 209 59.93 -75.18 -30.43
C SER B 209 60.49 -76.58 -30.68
N THR B 210 59.91 -77.29 -31.63
CA THR B 210 60.31 -78.66 -31.96
C THR B 210 61.09 -78.67 -33.26
N LYS B 211 62.28 -79.27 -33.22
CA LYS B 211 63.13 -79.43 -34.39
C LYS B 211 63.52 -80.90 -34.50
N VAL B 212 63.28 -81.50 -35.66
CA VAL B 212 63.52 -82.92 -35.87
C VAL B 212 64.35 -83.09 -37.14
N ASP B 213 65.21 -84.11 -37.12
CA ASP B 213 66.08 -84.43 -38.24
C ASP B 213 65.95 -85.92 -38.54
N LYS B 214 65.43 -86.26 -39.72
CA LYS B 214 65.18 -87.64 -40.10
C LYS B 214 65.89 -87.92 -41.42
N LYS B 215 66.76 -88.93 -41.42
CA LYS B 215 67.44 -89.34 -42.64
C LYS B 215 66.65 -90.42 -43.36
N ILE B 216 66.67 -90.37 -44.69
CA ILE B 216 65.96 -91.34 -45.50
C ILE B 216 66.95 -92.36 -46.07
N ASP C 1 22.00 -55.91 -47.18
CA ASP C 1 22.62 -57.19 -47.66
C ASP C 1 22.56 -57.28 -49.18
N VAL C 2 23.73 -57.42 -49.80
CA VAL C 2 23.85 -57.53 -51.25
C VAL C 2 24.65 -58.78 -51.57
N LEU C 3 24.31 -59.44 -52.67
CA LEU C 3 24.97 -60.66 -53.11
C LEU C 3 25.73 -60.39 -54.40
N MET C 4 26.95 -60.94 -54.50
CA MET C 4 27.77 -60.83 -55.69
C MET C 4 28.13 -62.22 -56.19
N THR C 5 28.23 -62.37 -57.50
CA THR C 5 28.71 -63.59 -58.13
C THR C 5 29.80 -63.23 -59.14
N GLN C 6 30.86 -64.03 -59.15
CA GLN C 6 32.02 -63.80 -60.00
C GLN C 6 32.23 -64.98 -60.92
N THR C 7 32.59 -64.70 -62.18
CA THR C 7 32.87 -65.71 -63.18
C THR C 7 33.91 -65.15 -64.14
N PRO C 8 34.87 -65.98 -64.60
CA PRO C 8 35.07 -67.39 -64.25
C PRO C 8 35.80 -67.56 -62.91
N LEU C 9 35.79 -68.79 -62.37
CA LEU C 9 36.50 -69.04 -61.13
C LEU C 9 38.00 -68.81 -61.29
N SER C 10 38.56 -69.22 -62.42
CA SER C 10 39.97 -69.00 -62.69
C SER C 10 40.18 -68.98 -64.20
N LEU C 11 41.28 -68.36 -64.62
CA LEU C 11 41.60 -68.22 -66.03
C LEU C 11 43.11 -68.10 -66.24
N PRO C 12 43.66 -68.72 -67.28
CA PRO C 12 45.09 -68.57 -67.55
C PRO C 12 45.38 -67.46 -68.55
N VAL C 13 46.54 -66.83 -68.36
CA VAL C 13 47.00 -65.78 -69.26
C VAL C 13 48.54 -65.77 -69.24
N SER C 14 49.14 -65.77 -70.43
CA SER C 14 50.59 -65.76 -70.53
C SER C 14 51.13 -64.36 -70.22
N LEU C 15 52.45 -64.25 -70.22
CA LEU C 15 53.08 -62.95 -70.07
C LEU C 15 52.84 -62.11 -71.31
N GLY C 16 51.99 -61.08 -71.17
CA GLY C 16 51.64 -60.20 -72.26
C GLY C 16 50.23 -60.37 -72.78
N ASP C 17 49.50 -61.40 -72.32
CA ASP C 17 48.13 -61.58 -72.73
C ASP C 17 47.19 -60.73 -71.87
N GLN C 18 45.92 -60.71 -72.27
CA GLN C 18 44.90 -59.92 -71.59
C GLN C 18 44.03 -60.82 -70.73
N ALA C 19 43.78 -60.39 -69.50
CA ALA C 19 42.95 -61.12 -68.55
C ALA C 19 41.64 -60.38 -68.33
N SER C 20 40.55 -61.15 -68.24
CA SER C 20 39.21 -60.60 -68.10
C SER C 20 38.55 -61.25 -66.89
N ILE C 21 38.23 -60.44 -65.89
CA ILE C 21 37.52 -60.88 -64.69
C ILE C 21 36.28 -60.02 -64.54
N SER C 22 35.12 -60.67 -64.40
CA SER C 22 33.84 -59.98 -64.33
C SER C 22 33.17 -60.23 -62.99
N CYS C 23 32.40 -59.24 -62.55
CA CYS C 23 31.66 -59.30 -61.30
C CYS C 23 30.21 -58.92 -61.54
N ARG C 24 29.32 -59.49 -60.74
CA ARG C 24 27.89 -59.21 -60.82
C ARG C 24 27.36 -58.84 -59.45
N SER C 25 26.41 -57.90 -59.41
CA SER C 25 25.80 -57.45 -58.18
C SER C 25 24.28 -57.59 -58.28
N SER C 26 23.65 -57.88 -57.14
CA SER C 26 22.21 -58.06 -57.10
C SER C 26 21.44 -56.74 -57.08
N GLN C 27 22.11 -55.63 -56.83
CA GLN C 27 21.46 -54.33 -56.80
C GLN C 27 22.33 -53.31 -57.54
N SER C 28 21.70 -52.27 -58.04
CA SER C 28 22.39 -51.22 -58.77
C SER C 28 23.24 -50.41 -57.79
N ILE C 29 24.51 -50.19 -58.14
CA ILE C 29 25.42 -49.42 -57.31
C ILE C 29 25.76 -48.08 -57.91
N VAL C 30 25.15 -47.72 -59.03
CA VAL C 30 25.34 -46.41 -59.66
C VAL C 30 24.26 -45.47 -59.13
N HIS C 31 24.60 -44.18 -59.06
CA HIS C 31 23.69 -43.19 -58.50
C HIS C 31 23.50 -42.02 -59.44
N SER C 32 22.85 -40.95 -58.97
CA SER C 32 22.47 -39.85 -59.85
C SER C 32 23.68 -39.15 -60.47
N ASN C 33 24.76 -38.96 -59.72
CA ASN C 33 25.92 -38.24 -60.24
C ASN C 33 26.61 -38.96 -61.39
N GLY C 34 26.31 -40.25 -61.61
CA GLY C 34 26.81 -40.98 -62.75
C GLY C 34 28.07 -41.78 -62.51
N ASN C 35 28.65 -41.72 -61.31
CA ASN C 35 29.86 -42.47 -61.04
C ASN C 35 29.53 -43.79 -60.35
N THR C 36 30.51 -44.69 -60.33
CA THR C 36 30.34 -46.06 -59.85
C THR C 36 31.10 -46.25 -58.55
N TYR C 37 30.55 -47.09 -57.67
CA TYR C 37 31.14 -47.41 -56.38
C TYR C 37 31.62 -48.85 -56.41
N LEU C 38 32.94 -49.05 -56.46
CA LEU C 38 33.48 -50.40 -56.42
C LEU C 38 35.00 -50.32 -56.27
N GLU C 39 35.57 -51.37 -55.70
CA GLU C 39 37.00 -51.51 -55.53
C GLU C 39 37.43 -52.91 -55.94
N TRP C 40 38.66 -53.04 -56.43
CA TRP C 40 39.23 -54.31 -56.83
C TRP C 40 40.41 -54.64 -55.94
N TYR C 41 40.41 -55.85 -55.38
CA TYR C 41 41.48 -56.32 -54.49
C TYR C 41 42.17 -57.52 -55.09
N LEU C 42 43.49 -57.60 -54.87
CA LEU C 42 44.30 -58.70 -55.34
C LEU C 42 45.13 -59.23 -54.18
N GLN C 43 45.02 -60.52 -53.92
CA GLN C 43 45.75 -61.18 -52.84
C GLN C 43 46.82 -62.08 -53.45
N LYS C 44 48.08 -61.63 -53.40
CA LYS C 44 49.18 -62.43 -53.90
C LYS C 44 49.52 -63.54 -52.93
N PRO C 45 50.21 -64.58 -53.39
CA PRO C 45 50.58 -65.68 -52.48
C PRO C 45 51.40 -65.15 -51.31
N GLY C 46 51.08 -65.65 -50.12
CA GLY C 46 51.76 -65.21 -48.92
C GLY C 46 51.61 -63.75 -48.60
N GLN C 47 50.61 -63.08 -49.16
CA GLN C 47 50.42 -61.65 -48.94
C GLN C 47 48.93 -61.36 -48.83
N SER C 48 48.62 -60.23 -48.20
CA SER C 48 47.26 -59.79 -47.97
C SER C 48 46.69 -59.11 -49.22
N PRO C 49 45.36 -59.05 -49.34
CA PRO C 49 44.77 -58.37 -50.50
C PRO C 49 45.20 -56.91 -50.57
N LYS C 50 45.37 -56.41 -51.79
CA LYS C 50 45.79 -55.03 -52.03
C LYS C 50 44.87 -54.41 -53.08
N LEU C 51 44.57 -53.13 -52.89
CA LEU C 51 43.68 -52.41 -53.80
C LEU C 51 44.34 -52.23 -55.17
N LEU C 52 43.54 -52.41 -56.22
CA LEU C 52 44.00 -52.21 -57.59
C LEU C 52 43.28 -51.03 -58.25
N ILE C 53 41.95 -51.04 -58.28
CA ILE C 53 41.17 -49.98 -58.91
C ILE C 53 40.12 -49.51 -57.92
N TYR C 54 39.82 -48.21 -57.98
CA TYR C 54 38.74 -47.62 -57.20
C TYR C 54 37.81 -46.87 -58.15
N LYS C 55 36.50 -47.03 -57.93
CA LYS C 55 35.46 -46.42 -58.76
C LYS C 55 35.38 -47.04 -60.15
N VAL C 56 36.21 -48.06 -60.42
CA VAL C 56 36.20 -48.80 -61.68
C VAL C 56 36.82 -47.99 -62.81
N SER C 57 36.89 -46.67 -62.66
CA SER C 57 37.37 -45.79 -63.71
C SER C 57 38.65 -45.05 -63.35
N ASN C 58 39.16 -45.24 -62.13
CA ASN C 58 40.36 -44.54 -61.69
C ASN C 58 41.31 -45.54 -61.05
N ARG C 59 42.58 -45.50 -61.47
CA ARG C 59 43.59 -46.41 -60.94
C ARG C 59 44.13 -45.91 -59.61
N PHE C 60 44.38 -46.84 -58.69
CA PHE C 60 44.93 -46.49 -57.39
C PHE C 60 46.40 -46.10 -57.52
N SER C 61 46.82 -45.17 -56.68
CA SER C 61 48.19 -44.68 -56.72
C SER C 61 49.18 -45.81 -56.46
N GLY C 62 50.25 -45.84 -57.26
CA GLY C 62 51.28 -46.85 -57.12
C GLY C 62 51.01 -48.15 -57.84
N VAL C 63 49.83 -48.30 -58.44
CA VAL C 63 49.46 -49.53 -59.14
C VAL C 63 50.01 -49.46 -60.57
N PRO C 64 50.43 -50.57 -61.16
CA PRO C 64 50.87 -50.53 -62.56
C PRO C 64 49.75 -50.07 -63.48
N ASP C 65 50.14 -49.35 -64.54
CA ASP C 65 49.16 -48.78 -65.47
C ASP C 65 48.36 -49.85 -66.21
N ARG C 66 48.82 -51.09 -66.23
CA ARG C 66 48.12 -52.14 -66.96
C ARG C 66 46.77 -52.49 -66.36
N PHE C 67 46.55 -52.22 -65.07
CA PHE C 67 45.30 -52.56 -64.40
C PHE C 67 44.29 -51.43 -64.63
N SER C 68 43.14 -51.79 -65.20
CA SER C 68 42.07 -50.82 -65.44
C SER C 68 40.76 -51.56 -65.56
N GLY C 69 39.69 -50.97 -65.02
CA GLY C 69 38.37 -51.55 -65.07
C GLY C 69 37.41 -50.73 -65.92
N SER C 70 36.31 -51.37 -66.31
CA SER C 70 35.30 -50.72 -67.11
C SER C 70 33.99 -51.50 -66.97
N GLY C 71 32.89 -50.83 -67.28
CA GLY C 71 31.58 -51.44 -67.23
C GLY C 71 30.53 -50.43 -66.83
N SER C 72 29.30 -50.92 -66.78
CA SER C 72 28.15 -50.11 -66.39
C SER C 72 27.10 -51.01 -65.76
N GLY C 73 26.21 -50.40 -64.98
CA GLY C 73 25.18 -51.18 -64.32
C GLY C 73 25.79 -52.10 -63.26
N THR C 74 25.24 -53.31 -63.17
CA THR C 74 25.71 -54.31 -62.22
C THR C 74 26.72 -55.27 -62.81
N ASP C 75 27.08 -55.12 -64.09
CA ASP C 75 28.01 -56.00 -64.78
C ASP C 75 29.27 -55.22 -65.12
N PHE C 76 30.39 -55.60 -64.52
CA PHE C 76 31.68 -54.97 -64.76
C PHE C 76 32.69 -56.02 -65.17
N THR C 77 33.83 -55.56 -65.68
CA THR C 77 34.92 -56.44 -66.07
C THR C 77 36.24 -55.72 -65.81
N LEU C 78 37.24 -56.47 -65.35
CA LEU C 78 38.57 -55.94 -65.07
C LEU C 78 39.47 -56.26 -66.26
N LYS C 79 40.13 -55.23 -66.79
CA LYS C 79 41.02 -55.38 -67.94
C LYS C 79 42.46 -55.20 -67.49
N ILE C 80 43.31 -56.17 -67.83
CA ILE C 80 44.75 -56.10 -67.57
C ILE C 80 45.44 -56.09 -68.93
N SER C 81 46.12 -54.98 -69.25
CA SER C 81 46.71 -54.84 -70.57
C SER C 81 47.70 -55.96 -70.86
N ARG C 82 48.77 -56.05 -70.06
CA ARG C 82 49.81 -57.04 -70.24
C ARG C 82 50.08 -57.70 -68.89
N VAL C 83 49.64 -58.94 -68.74
CA VAL C 83 49.79 -59.65 -67.47
C VAL C 83 51.25 -60.03 -67.29
N GLU C 84 51.78 -59.81 -66.09
CA GLU C 84 53.13 -60.19 -65.74
C GLU C 84 53.11 -61.33 -64.72
N ALA C 85 54.29 -61.88 -64.42
CA ALA C 85 54.38 -62.96 -63.45
C ALA C 85 54.01 -62.50 -62.05
N GLU C 86 54.12 -61.21 -61.76
CA GLU C 86 53.77 -60.68 -60.44
C GLU C 86 52.27 -60.61 -60.22
N ASP C 87 51.46 -60.81 -61.25
CA ASP C 87 50.01 -60.69 -61.15
C ASP C 87 49.34 -61.91 -60.51
N LEU C 88 50.11 -62.95 -60.19
CA LEU C 88 49.52 -64.14 -59.57
C LEU C 88 48.80 -63.77 -58.29
N GLY C 89 47.58 -64.30 -58.14
CA GLY C 89 46.78 -64.01 -56.97
C GLY C 89 45.31 -64.20 -57.27
N VAL C 90 44.47 -63.74 -56.34
CA VAL C 90 43.03 -63.88 -56.44
C VAL C 90 42.42 -62.47 -56.51
N TYR C 91 41.57 -62.24 -57.50
CA TYR C 91 40.91 -60.97 -57.70
C TYR C 91 39.57 -60.96 -56.99
N TYR C 92 39.24 -59.82 -56.39
CA TYR C 92 38.01 -59.66 -55.62
C TYR C 92 37.32 -58.36 -56.01
N CYS C 93 36.01 -58.32 -55.78
CA CYS C 93 35.21 -57.12 -55.99
C CYS C 93 34.61 -56.68 -54.66
N PHE C 94 34.48 -55.37 -54.49
CA PHE C 94 34.09 -54.78 -53.21
C PHE C 94 33.13 -53.63 -53.46
N GLN C 95 32.03 -53.60 -52.69
CA GLN C 95 31.08 -52.50 -52.71
C GLN C 95 31.30 -51.65 -51.48
N GLY C 96 31.52 -50.36 -51.69
CA GLY C 96 31.81 -49.42 -50.62
C GLY C 96 30.60 -48.59 -50.23
N SER C 97 30.86 -47.32 -49.97
CA SER C 97 29.81 -46.34 -49.62
C SER C 97 29.23 -46.72 -48.26
N HIS C 98 27.99 -46.34 -47.96
CA HIS C 98 27.38 -46.58 -46.66
C HIS C 98 26.34 -47.70 -46.80
N VAL C 99 26.80 -48.93 -46.60
CA VAL C 99 25.93 -50.11 -46.72
C VAL C 99 26.75 -51.30 -46.26
N PRO C 100 26.14 -52.33 -45.66
CA PRO C 100 26.90 -53.52 -45.30
C PRO C 100 27.73 -54.02 -46.48
N ARG C 101 29.05 -53.93 -46.32
CA ARG C 101 29.96 -54.21 -47.42
C ARG C 101 29.94 -55.70 -47.76
N THR C 102 30.01 -56.01 -49.05
CA THR C 102 29.95 -57.38 -49.53
C THR C 102 31.19 -57.69 -50.36
N PHE C 103 31.59 -58.96 -50.36
CA PHE C 103 32.77 -59.42 -51.06
C PHE C 103 32.37 -60.35 -52.20
N GLY C 104 33.32 -60.59 -53.10
CA GLY C 104 33.11 -61.47 -54.23
C GLY C 104 33.59 -62.88 -53.98
N GLY C 105 33.29 -63.76 -54.94
CA GLY C 105 33.68 -65.15 -54.82
C GLY C 105 35.15 -65.41 -55.05
N GLY C 106 35.84 -64.51 -55.74
CA GLY C 106 37.25 -64.66 -56.01
C GLY C 106 37.52 -65.20 -57.40
N THR C 107 38.64 -64.77 -57.98
CA THR C 107 39.05 -65.21 -59.31
C THR C 107 40.55 -65.40 -59.31
N LYS C 108 41.00 -66.63 -59.52
CA LYS C 108 42.42 -66.96 -59.52
C LYS C 108 42.99 -66.76 -60.92
N LEU C 109 44.27 -66.40 -60.97
CA LEU C 109 44.98 -66.18 -62.23
C LEU C 109 46.23 -67.04 -62.27
N GLU C 110 46.60 -67.47 -63.48
CA GLU C 110 47.75 -68.32 -63.68
C GLU C 110 48.35 -68.06 -65.06
N ILE C 111 49.57 -68.54 -65.25
CA ILE C 111 50.30 -68.39 -66.50
C ILE C 111 50.22 -69.69 -67.27
N LYS C 112 49.79 -69.60 -68.53
CA LYS C 112 49.69 -70.78 -69.38
C LYS C 112 51.06 -71.35 -69.68
N ARG C 113 51.11 -72.66 -69.90
CA ARG C 113 52.36 -73.34 -70.24
C ARG C 113 52.02 -74.65 -70.93
N ALA C 114 53.03 -75.23 -71.57
CA ALA C 114 52.86 -76.50 -72.24
C ALA C 114 52.39 -77.57 -71.24
N ASP C 115 51.39 -78.34 -71.65
CA ASP C 115 50.83 -79.35 -70.77
C ASP C 115 51.88 -80.41 -70.43
N ALA C 116 51.88 -80.84 -69.17
CA ALA C 116 52.80 -81.86 -68.69
C ALA C 116 52.04 -82.84 -67.83
N ALA C 117 52.42 -84.14 -67.94
CA ALA C 117 51.76 -85.16 -67.15
C ALA C 117 52.39 -85.27 -65.76
N PRO C 118 51.62 -85.70 -64.76
CA PRO C 118 52.18 -85.81 -63.41
C PRO C 118 53.16 -86.96 -63.29
N THR C 119 54.09 -86.81 -62.34
CA THR C 119 55.03 -87.86 -61.98
C THR C 119 54.52 -88.52 -60.71
N VAL C 120 54.10 -89.77 -60.82
CA VAL C 120 53.46 -90.49 -59.72
C VAL C 120 54.52 -91.26 -58.96
N SER C 121 54.63 -90.99 -57.66
CA SER C 121 55.55 -91.72 -56.78
C SER C 121 54.80 -92.02 -55.48
N ILE C 122 54.83 -93.27 -55.06
CA ILE C 122 54.11 -93.73 -53.88
C ILE C 122 55.10 -94.34 -52.90
N PHE C 123 55.01 -93.93 -51.63
CA PHE C 123 55.90 -94.43 -50.59
C PHE C 123 55.10 -95.08 -49.48
N PRO C 124 55.59 -96.18 -48.90
CA PRO C 124 54.86 -96.83 -47.81
C PRO C 124 55.12 -96.13 -46.49
N PRO C 125 54.29 -96.38 -45.48
CA PRO C 125 54.55 -95.80 -44.15
C PRO C 125 55.86 -96.31 -43.59
N SER C 126 56.51 -95.45 -42.80
CA SER C 126 57.76 -95.81 -42.16
C SER C 126 57.54 -96.85 -41.07
N SER C 127 58.62 -97.58 -40.76
CA SER C 127 58.55 -98.55 -39.65
C SER C 127 58.28 -97.86 -38.33
N GLU C 128 58.86 -96.67 -38.12
CA GLU C 128 58.62 -95.95 -36.88
C GLU C 128 57.15 -95.58 -36.72
N GLN C 129 56.49 -95.19 -37.81
CA GLN C 129 55.08 -94.86 -37.74
C GLN C 129 54.26 -96.08 -37.34
N LEU C 130 54.57 -97.24 -37.91
CA LEU C 130 53.90 -98.47 -37.51
C LEU C 130 54.16 -98.80 -36.05
N THR C 131 55.39 -98.60 -35.57
CA THR C 131 55.68 -98.79 -34.15
C THR C 131 54.84 -97.86 -33.29
N SER C 132 54.62 -96.63 -33.73
CA SER C 132 53.81 -95.67 -33.00
C SER C 132 52.32 -96.02 -33.02
N GLY C 133 51.91 -96.96 -33.86
CA GLY C 133 50.52 -97.39 -33.94
C GLY C 133 49.75 -96.83 -35.12
N GLY C 134 50.31 -95.86 -35.84
CA GLY C 134 49.65 -95.26 -36.97
C GLY C 134 50.25 -95.72 -38.30
N ALA C 135 49.61 -95.28 -39.38
CA ALA C 135 50.08 -95.59 -40.74
C ALA C 135 49.51 -94.55 -41.69
N SER C 136 50.30 -94.20 -42.71
CA SER C 136 49.88 -93.22 -43.71
C SER C 136 50.54 -93.57 -45.04
N VAL C 137 49.72 -93.96 -46.01
CA VAL C 137 50.20 -94.25 -47.35
C VAL C 137 50.26 -92.93 -48.11
N VAL C 138 51.45 -92.56 -48.57
CA VAL C 138 51.68 -91.25 -49.17
C VAL C 138 51.96 -91.42 -50.66
N CYS C 139 51.29 -90.59 -51.46
CA CYS C 139 51.44 -90.62 -52.92
C CYS C 139 51.78 -89.21 -53.40
N PHE C 140 52.80 -89.11 -54.25
CA PHE C 140 53.27 -87.83 -54.77
C PHE C 140 52.89 -87.69 -56.23
N LEU C 141 52.29 -86.55 -56.57
CA LEU C 141 51.99 -86.18 -57.95
C LEU C 141 52.59 -84.80 -58.19
N ASN C 142 53.59 -84.72 -59.06
CA ASN C 142 54.35 -83.50 -59.27
C ASN C 142 54.53 -83.25 -60.76
N ASN C 143 54.76 -81.98 -61.10
CA ASN C 143 55.06 -81.56 -62.47
C ASN C 143 53.89 -81.90 -63.41
N PHE C 144 52.74 -81.30 -63.12
CA PHE C 144 51.54 -81.48 -63.92
C PHE C 144 50.87 -80.13 -64.16
N TYR C 145 50.22 -80.01 -65.32
CA TYR C 145 49.49 -78.81 -65.70
C TYR C 145 48.41 -79.25 -66.69
N PRO C 146 47.18 -78.73 -66.56
CA PRO C 146 46.69 -77.71 -65.61
C PRO C 146 46.51 -78.23 -64.19
N LYS C 147 46.14 -77.33 -63.27
CA LYS C 147 45.98 -77.68 -61.87
C LYS C 147 44.91 -78.74 -61.65
N ASP C 148 43.99 -78.91 -62.60
CA ASP C 148 42.94 -79.92 -62.45
C ASP C 148 43.56 -81.30 -62.42
N ILE C 149 43.37 -82.02 -61.32
CA ILE C 149 43.95 -83.35 -61.14
C ILE C 149 43.20 -84.04 -60.01
N ASN C 150 43.23 -85.37 -60.03
CA ASN C 150 42.54 -86.16 -59.02
C ASN C 150 43.30 -87.45 -58.78
N VAL C 151 43.06 -88.05 -57.61
CA VAL C 151 43.71 -89.29 -57.21
C VAL C 151 42.68 -90.19 -56.54
N LYS C 152 42.73 -91.48 -56.85
CA LYS C 152 41.85 -92.47 -56.27
C LYS C 152 42.68 -93.55 -55.60
N TRP C 153 42.32 -93.88 -54.36
CA TRP C 153 43.01 -94.92 -53.59
C TRP C 153 42.28 -96.25 -53.75
N LYS C 154 43.06 -97.32 -53.88
CA LYS C 154 42.51 -98.67 -53.98
C LYS C 154 43.30 -99.58 -53.05
N ILE C 155 42.57 -100.34 -52.22
CA ILE C 155 43.16 -101.29 -51.29
C ILE C 155 42.72 -102.68 -51.72
N ASP C 156 43.67 -103.48 -52.19
CA ASP C 156 43.37 -104.83 -52.68
C ASP C 156 42.28 -104.81 -53.75
N GLY C 157 42.29 -103.79 -54.60
CA GLY C 157 41.29 -103.63 -55.62
C GLY C 157 40.01 -102.95 -55.17
N SER C 158 39.91 -102.57 -53.90
CA SER C 158 38.73 -101.91 -53.35
C SER C 158 39.04 -100.45 -53.09
N GLU C 159 38.19 -99.56 -53.60
CA GLU C 159 38.42 -98.14 -53.44
C GLU C 159 38.08 -97.69 -52.02
N ARG C 160 38.88 -96.77 -51.49
CA ARG C 160 38.69 -96.21 -50.15
C ARG C 160 38.82 -94.70 -50.24
N GLN C 161 37.72 -93.99 -49.91
CA GLN C 161 37.73 -92.53 -50.00
C GLN C 161 38.03 -91.88 -48.66
N ASN C 162 37.78 -92.57 -47.55
CA ASN C 162 37.99 -91.98 -46.24
C ASN C 162 39.49 -91.80 -45.96
N GLY C 163 39.79 -90.77 -45.18
CA GLY C 163 41.17 -90.52 -44.79
C GLY C 163 42.06 -89.99 -45.88
N VAL C 164 41.50 -89.34 -46.90
CA VAL C 164 42.25 -88.83 -48.03
C VAL C 164 42.30 -87.31 -47.95
N LEU C 165 43.51 -86.76 -48.03
CA LEU C 165 43.72 -85.31 -47.98
C LEU C 165 44.63 -84.91 -49.12
N ASN C 166 44.36 -83.76 -49.72
CA ASN C 166 45.13 -83.24 -50.84
C ASN C 166 45.46 -81.77 -50.60
N SER C 167 46.64 -81.36 -51.07
CA SER C 167 47.09 -79.98 -50.95
C SER C 167 47.78 -79.57 -52.24
N TRP C 168 47.37 -78.44 -52.80
CA TRP C 168 47.89 -77.94 -54.07
C TRP C 168 48.88 -76.81 -53.81
N THR C 169 50.03 -76.89 -54.45
CA THR C 169 51.08 -75.89 -54.28
C THR C 169 50.75 -74.64 -55.10
N ASP C 170 51.35 -73.52 -54.68
CA ASP C 170 51.28 -72.31 -55.47
C ASP C 170 52.12 -72.47 -56.73
N GLN C 171 51.81 -71.67 -57.74
CA GLN C 171 52.49 -71.78 -59.03
C GLN C 171 53.99 -71.60 -58.83
N ASP C 172 54.76 -72.50 -59.44
CA ASP C 172 56.21 -72.46 -59.29
C ASP C 172 56.79 -71.25 -60.02
N SER C 173 57.93 -70.77 -59.52
CA SER C 173 58.56 -69.58 -60.09
C SER C 173 59.52 -69.90 -61.23
N LYS C 174 59.83 -71.17 -61.46
CA LYS C 174 60.80 -71.55 -62.50
C LYS C 174 60.12 -72.34 -63.61
N ASP C 175 59.47 -73.46 -63.30
CA ASP C 175 58.80 -74.25 -64.33
C ASP C 175 57.31 -73.96 -64.42
N SER C 176 56.76 -73.15 -63.51
CA SER C 176 55.35 -72.77 -63.55
C SER C 176 54.43 -73.98 -63.48
N THR C 177 54.87 -75.03 -62.80
CA THR C 177 54.10 -76.26 -62.68
C THR C 177 53.33 -76.27 -61.36
N TYR C 178 52.63 -77.37 -61.13
CA TYR C 178 51.86 -77.57 -59.90
C TYR C 178 52.18 -78.94 -59.33
N SER C 179 52.17 -79.03 -58.00
CA SER C 179 52.48 -80.27 -57.30
C SER C 179 51.38 -80.57 -56.29
N MET C 180 51.13 -81.86 -56.09
CA MET C 180 50.07 -82.31 -55.18
C MET C 180 50.44 -83.68 -54.64
N SER C 181 50.06 -83.93 -53.40
CA SER C 181 50.29 -85.21 -52.74
C SER C 181 49.02 -85.67 -52.04
N SER C 182 48.80 -86.98 -52.07
CA SER C 182 47.63 -87.59 -51.46
C SER C 182 48.08 -88.45 -50.30
N THR C 183 47.50 -88.21 -49.12
CA THR C 183 47.83 -88.95 -47.90
C THR C 183 46.61 -89.75 -47.48
N LEU C 184 46.80 -91.07 -47.33
CA LEU C 184 45.75 -91.98 -46.91
C LEU C 184 45.99 -92.36 -45.45
N THR C 185 45.13 -91.88 -44.56
CA THR C 185 45.28 -92.17 -43.14
C THR C 185 44.70 -93.54 -42.83
N LEU C 186 45.51 -94.38 -42.18
CA LEU C 186 45.10 -95.73 -41.83
C LEU C 186 45.72 -96.11 -40.50
N THR C 187 44.98 -96.87 -39.70
CA THR C 187 45.51 -97.38 -38.45
C THR C 187 46.45 -98.56 -38.71
N LYS C 188 47.19 -98.94 -37.67
CA LYS C 188 48.12 -100.06 -37.82
C LYS C 188 47.40 -101.34 -38.21
N ASP C 189 46.28 -101.63 -37.57
CA ASP C 189 45.52 -102.84 -37.92
C ASP C 189 45.00 -102.76 -39.34
N GLU C 190 44.47 -101.59 -39.74
CA GLU C 190 43.96 -101.44 -41.09
C GLU C 190 45.06 -101.60 -42.13
N TYR C 191 46.22 -100.99 -41.88
CA TYR C 191 47.34 -101.11 -42.82
C TYR C 191 47.82 -102.55 -42.92
N GLU C 192 48.05 -103.21 -41.78
CA GLU C 192 48.57 -104.56 -41.79
C GLU C 192 47.54 -105.59 -42.24
N ARG C 193 46.26 -105.21 -42.32
CA ARG C 193 45.23 -106.14 -42.75
C ARG C 193 45.19 -106.29 -44.27
N HIS C 194 45.83 -105.40 -45.01
CA HIS C 194 45.88 -105.46 -46.46
C HIS C 194 47.34 -105.34 -46.93
N ASN C 195 47.59 -105.86 -48.13
CA ASN C 195 48.94 -105.85 -48.70
C ASN C 195 49.01 -104.95 -49.93
N SER C 196 48.13 -105.13 -50.92
CA SER C 196 48.22 -104.35 -52.14
C SER C 196 47.65 -102.96 -51.94
N TYR C 197 48.41 -101.94 -52.34
CA TYR C 197 47.98 -100.56 -52.26
C TYR C 197 48.33 -99.86 -53.57
N THR C 198 47.39 -99.08 -54.10
CA THR C 198 47.53 -98.47 -55.41
C THR C 198 47.17 -96.99 -55.34
N CYS C 199 47.84 -96.18 -56.17
CA CYS C 199 47.56 -94.76 -56.31
C CYS C 199 47.54 -94.43 -57.80
N GLU C 200 46.36 -94.14 -58.33
CA GLU C 200 46.19 -93.79 -59.73
C GLU C 200 45.98 -92.29 -59.87
N ALA C 201 46.73 -91.69 -60.80
CA ALA C 201 46.71 -90.25 -61.03
C ALA C 201 45.83 -89.97 -62.25
N THR C 202 44.72 -89.27 -62.03
CA THR C 202 43.81 -88.90 -63.11
C THR C 202 44.16 -87.48 -63.57
N HIS C 203 44.51 -87.36 -64.85
CA HIS C 203 44.87 -86.06 -65.41
C HIS C 203 44.25 -85.93 -66.79
N LYS C 204 44.02 -84.69 -67.20
CA LYS C 204 43.38 -84.44 -68.49
C LYS C 204 44.26 -84.88 -69.65
N THR C 205 45.58 -84.72 -69.53
CA THR C 205 46.50 -85.01 -70.62
C THR C 205 46.54 -86.50 -70.98
N SER C 206 46.15 -87.39 -70.07
CA SER C 206 46.21 -88.83 -70.32
C SER C 206 44.86 -89.45 -70.02
N THR C 207 44.33 -90.18 -71.00
CA THR C 207 43.07 -90.89 -70.79
C THR C 207 43.22 -91.96 -69.73
N SER C 208 44.32 -92.72 -69.77
CA SER C 208 44.57 -93.76 -68.79
C SER C 208 45.31 -93.18 -67.59
N PRO C 209 44.73 -93.19 -66.39
CA PRO C 209 45.45 -92.63 -65.23
C PRO C 209 46.77 -93.35 -65.00
N ILE C 210 47.77 -92.58 -64.58
CA ILE C 210 49.07 -93.15 -64.24
C ILE C 210 48.94 -93.84 -62.89
N VAL C 211 49.33 -95.10 -62.83
CA VAL C 211 49.09 -95.95 -61.67
C VAL C 211 50.43 -96.44 -61.12
N LYS C 212 50.62 -96.30 -59.81
CA LYS C 212 51.77 -96.84 -59.11
C LYS C 212 51.28 -97.60 -57.89
N SER C 213 51.83 -98.78 -57.67
CA SER C 213 51.38 -99.65 -56.59
C SER C 213 52.58 -100.30 -55.92
N PHE C 214 52.36 -100.78 -54.70
CA PHE C 214 53.39 -101.47 -53.93
C PHE C 214 52.73 -102.51 -53.03
N ASN C 215 53.54 -103.44 -52.56
CA ASN C 215 53.08 -104.50 -51.67
C ASN C 215 53.67 -104.30 -50.28
N ARG C 216 52.82 -104.46 -49.26
CA ARG C 216 53.27 -104.26 -47.88
C ARG C 216 54.37 -105.24 -47.52
N ASN C 217 54.22 -106.50 -47.92
CA ASN C 217 55.24 -107.51 -47.61
C ASN C 217 56.55 -107.24 -48.32
N GLU C 218 56.53 -106.45 -49.40
CA GLU C 218 57.73 -106.13 -50.15
C GLU C 218 58.40 -104.85 -49.66
N CYS C 219 57.87 -104.21 -48.62
CA CYS C 219 58.45 -102.98 -48.09
C CYS C 219 58.71 -103.10 -46.59
N VAL D 16 22.60 23.34 54.70
CA VAL D 16 21.70 24.00 55.69
C VAL D 16 20.81 25.03 54.98
N ASN D 17 19.51 24.95 55.25
CA ASN D 17 18.57 25.90 54.67
C ASN D 17 18.75 27.27 55.30
N LEU D 18 18.21 28.29 54.61
CA LEU D 18 18.31 29.65 55.10
C LEU D 18 17.55 29.81 56.42
N THR D 19 17.93 30.82 57.18
CA THR D 19 17.47 30.96 58.55
C THR D 19 15.95 31.12 58.62
N THR D 20 15.40 32.09 57.87
CA THR D 20 14.00 32.47 58.02
C THR D 20 13.19 32.14 56.77
N ARG D 21 13.56 32.68 55.60
CA ARG D 21 12.74 32.57 54.41
C ARG D 21 11.29 32.88 54.76
N THR D 22 10.34 32.26 54.06
CA THR D 22 8.93 32.46 54.33
C THR D 22 8.13 31.53 53.42
N GLN D 23 6.82 31.48 53.66
CA GLN D 23 5.89 30.77 52.80
C GLN D 23 4.71 31.69 52.54
N LEU D 24 4.48 32.03 51.28
CA LEU D 24 3.45 32.97 50.87
C LEU D 24 2.45 32.29 49.95
N PRO D 25 1.23 32.82 49.86
CA PRO D 25 0.23 32.18 49.01
C PRO D 25 0.67 32.18 47.56
N PRO D 26 0.27 31.17 46.79
CA PRO D 26 0.72 31.10 45.39
C PRO D 26 0.04 32.13 44.51
N ALA D 27 0.52 33.37 44.54
CA ALA D 27 -0.05 34.41 43.71
C ALA D 27 0.12 34.07 42.23
N TYR D 28 -0.88 34.44 41.44
CA TYR D 28 -0.92 34.12 40.02
C TYR D 28 -0.87 35.40 39.19
N THR D 29 -0.31 35.28 37.98
CA THR D 29 -0.23 36.38 37.05
C THR D 29 -0.69 35.91 35.67
N ASN D 30 -1.13 36.84 34.86
CA ASN D 30 -1.70 36.55 33.54
C ASN D 30 -0.63 36.79 32.47
N SER D 31 -0.37 35.77 31.66
CA SER D 31 0.56 35.85 30.54
C SER D 31 -0.25 35.70 29.25
N PHE D 32 -0.43 36.80 28.54
CA PHE D 32 -1.29 36.83 27.37
C PHE D 32 -0.76 35.93 26.25
N THR D 33 0.41 36.25 25.71
CA THR D 33 0.91 35.61 24.50
C THR D 33 2.08 34.67 24.73
N ARG D 34 2.39 34.33 25.99
CA ARG D 34 3.49 33.43 26.26
C ARG D 34 3.10 31.98 25.98
N GLY D 35 4.12 31.13 25.86
CA GLY D 35 3.92 29.72 25.59
C GLY D 35 4.11 29.31 24.15
N VAL D 36 4.69 30.15 23.30
CA VAL D 36 4.84 29.87 21.88
C VAL D 36 6.28 29.44 21.63
N TYR D 37 6.44 28.31 20.92
CA TYR D 37 7.76 27.81 20.57
C TYR D 37 7.62 26.92 19.35
N TYR D 38 8.75 26.65 18.72
CA TYR D 38 8.77 25.78 17.54
C TYR D 38 8.53 24.34 17.94
N PRO D 39 7.48 23.67 17.47
CA PRO D 39 7.24 22.28 17.86
C PRO D 39 8.27 21.30 17.31
N ASP D 40 9.00 21.67 16.26
CA ASP D 40 9.95 20.77 15.63
C ASP D 40 11.04 21.59 14.96
N LYS D 41 11.91 20.91 14.21
CA LYS D 41 13.01 21.55 13.52
C LYS D 41 12.67 21.89 12.07
N VAL D 42 11.44 21.66 11.64
CA VAL D 42 11.06 21.94 10.25
C VAL D 42 10.97 23.44 10.05
N PHE D 43 11.30 23.89 8.84
CA PHE D 43 11.25 25.30 8.48
C PHE D 43 9.98 25.59 7.69
N ARG D 44 9.39 26.75 7.93
CA ARG D 44 8.19 27.17 7.23
C ARG D 44 8.19 28.69 7.12
N SER D 45 7.78 29.19 5.97
CA SER D 45 7.76 30.63 5.72
C SER D 45 6.56 30.99 4.86
N SER D 46 5.91 32.11 5.21
CA SER D 46 4.76 32.61 4.46
C SER D 46 3.68 31.55 4.31
N VAL D 47 3.51 30.74 5.36
CA VAL D 47 2.50 29.69 5.38
C VAL D 47 1.93 29.59 6.80
N LEU D 48 0.78 28.94 6.92
CA LEU D 48 0.10 28.74 8.19
C LEU D 48 0.09 27.25 8.49
N HIS D 49 0.63 26.87 9.64
CA HIS D 49 0.71 25.48 10.07
C HIS D 49 0.27 25.36 11.51
N SER D 50 -0.32 24.22 11.86
CA SER D 50 -0.77 23.95 13.21
C SER D 50 -0.47 22.51 13.57
N THR D 51 -0.23 22.28 14.87
CA THR D 51 0.06 20.94 15.36
C THR D 51 -0.26 20.90 16.84
N GLN D 52 -0.40 19.69 17.37
CA GLN D 52 -0.74 19.47 18.77
C GLN D 52 0.50 19.05 19.53
N ASP D 53 0.73 19.68 20.68
CA ASP D 53 1.90 19.40 21.50
C ASP D 53 1.70 20.10 22.85
N LEU D 54 2.63 19.85 23.77
CA LEU D 54 2.55 20.41 25.12
C LEU D 54 2.72 21.93 25.03
N PHE D 55 1.65 22.67 25.28
CA PHE D 55 1.67 24.13 25.17
C PHE D 55 1.09 24.77 26.41
N LEU D 56 1.40 26.05 26.59
CA LEU D 56 0.83 26.85 27.66
C LEU D 56 -0.31 27.70 27.09
N PRO D 57 -1.55 27.46 27.49
CA PRO D 57 -2.65 28.25 26.92
C PRO D 57 -2.49 29.73 27.18
N PHE D 58 -2.95 30.53 26.21
CA PHE D 58 -2.89 31.98 26.34
C PHE D 58 -3.88 32.46 27.39
N PHE D 59 -3.61 33.64 27.95
CA PHE D 59 -4.38 34.21 29.05
C PHE D 59 -4.44 33.27 30.24
N SER D 60 -3.46 32.37 30.37
CA SER D 60 -3.42 31.44 31.49
C SER D 60 -2.82 32.11 32.72
N ASN D 61 -2.99 31.45 33.86
CA ASN D 61 -2.48 31.95 35.13
C ASN D 61 -1.16 31.24 35.46
N VAL D 62 -0.10 32.02 35.66
CA VAL D 62 1.22 31.50 35.99
C VAL D 62 1.59 31.97 37.39
N THR D 63 2.16 31.07 38.18
CA THR D 63 2.48 31.39 39.57
C THR D 63 3.50 32.51 39.64
N TRP D 64 3.34 33.37 40.65
CA TRP D 64 4.18 34.53 40.86
C TRP D 64 5.17 34.22 41.99
N PHE D 65 6.46 34.24 41.66
CA PHE D 65 7.52 34.00 42.62
C PHE D 65 8.47 35.19 42.64
N HIS D 66 9.13 35.39 43.78
CA HIS D 66 10.00 36.54 43.95
C HIS D 66 11.06 36.21 44.99
N ALA D 67 12.10 37.03 45.02
CA ALA D 67 13.17 36.90 46.00
C ALA D 67 13.69 38.29 46.34
N ILE D 68 13.93 38.52 47.63
CA ILE D 68 14.44 39.81 48.09
C ILE D 68 15.46 39.57 49.20
N HIS D 69 15.97 40.65 49.79
CA HIS D 69 16.97 40.55 50.85
C HIS D 69 16.48 39.65 51.97
N LYS D 77 13.75 39.19 53.08
CA LYS D 77 14.03 37.90 53.71
C LYS D 77 12.94 36.89 53.36
N ARG D 78 12.63 36.79 52.06
CA ARG D 78 11.54 35.93 51.60
C ARG D 78 12.09 34.71 50.87
N PHE D 79 12.87 34.91 49.80
CA PHE D 79 13.48 33.82 49.03
C PHE D 79 12.52 32.64 48.86
N ASP D 80 11.40 32.93 48.20
CA ASP D 80 10.37 31.94 47.95
C ASP D 80 10.81 31.05 46.79
N ASN D 81 11.13 29.80 47.09
CA ASN D 81 11.60 28.84 46.08
C ASN D 81 11.11 27.45 46.47
N PRO D 82 9.82 27.17 46.28
CA PRO D 82 9.29 25.84 46.59
C PRO D 82 9.55 24.85 45.46
N VAL D 83 9.37 23.58 45.79
CA VAL D 83 9.49 22.49 44.83
C VAL D 83 8.11 22.17 44.28
N LEU D 84 7.99 22.10 42.96
CA LEU D 84 6.71 21.89 42.31
C LEU D 84 6.79 20.72 41.34
N PRO D 85 5.70 19.98 41.14
CA PRO D 85 5.73 18.87 40.17
C PRO D 85 6.00 19.36 38.77
N PHE D 86 6.83 18.60 38.04
CA PHE D 86 7.10 18.90 36.64
C PHE D 86 5.95 18.46 35.73
N ASN D 87 5.27 17.38 36.08
CA ASN D 87 4.16 16.85 35.26
C ASN D 87 4.73 16.53 33.87
N ASP D 88 3.99 16.79 32.80
CA ASP D 88 4.49 16.49 31.46
C ASP D 88 5.40 17.59 30.94
N GLY D 89 5.04 18.85 31.15
CA GLY D 89 5.87 19.96 30.72
C GLY D 89 5.51 21.21 31.48
N VAL D 90 6.50 22.09 31.62
CA VAL D 90 6.37 23.30 32.43
C VAL D 90 7.03 24.46 31.69
N TYR D 91 6.39 25.62 31.75
CA TYR D 91 6.90 26.85 31.14
C TYR D 91 7.61 27.69 32.19
N PHE D 92 8.71 28.33 31.79
CA PHE D 92 9.53 29.13 32.68
C PHE D 92 9.73 30.52 32.09
N ALA D 93 9.71 31.53 32.97
CA ALA D 93 10.00 32.91 32.60
C ALA D 93 10.61 33.61 33.80
N SER D 94 11.67 34.38 33.56
CA SER D 94 12.40 35.03 34.64
C SER D 94 12.87 36.41 34.20
N THR D 95 12.67 37.40 35.06
CA THR D 95 13.20 38.73 34.87
C THR D 95 14.46 38.87 35.72
N GLU D 96 15.58 39.18 35.07
CA GLU D 96 16.89 39.15 35.72
C GLU D 96 17.62 40.47 35.52
N LYS D 97 18.43 40.82 36.51
CA LYS D 97 19.38 41.92 36.41
C LYS D 97 20.81 41.42 36.48
N SER D 98 21.14 40.63 37.50
CA SER D 98 22.46 40.01 37.64
C SER D 98 22.44 38.54 37.24
N ASN D 99 21.35 38.06 36.64
CA ASN D 99 21.23 36.65 36.26
C ASN D 99 21.30 35.75 37.49
N ILE D 100 20.39 36.02 38.45
CA ILE D 100 20.37 35.24 39.68
C ILE D 100 20.06 33.77 39.40
N ILE D 101 19.17 33.51 38.45
CA ILE D 101 18.81 32.13 38.12
C ILE D 101 20.07 31.40 37.66
N ARG D 102 20.45 30.36 38.41
CA ARG D 102 21.67 29.62 38.12
C ARG D 102 21.43 28.38 37.26
N GLY D 103 20.22 27.84 37.27
CA GLY D 103 19.92 26.65 36.51
C GLY D 103 18.68 25.98 37.05
N TRP D 104 18.55 24.69 36.73
CA TRP D 104 17.38 23.91 37.14
C TRP D 104 17.81 22.48 37.41
N ILE D 105 17.08 21.82 38.30
CA ILE D 105 17.30 20.42 38.64
C ILE D 105 16.03 19.66 38.33
N PHE D 106 16.14 18.59 37.55
CA PHE D 106 15.01 17.78 37.13
C PHE D 106 15.25 16.32 37.48
N GLY D 107 14.17 15.62 37.79
CA GLY D 107 14.25 14.22 38.15
C GLY D 107 12.95 13.76 38.75
N THR D 108 12.87 12.45 38.95
CA THR D 108 11.67 11.85 39.52
C THR D 108 11.58 12.12 41.02
N THR D 109 12.55 11.59 41.78
CA THR D 109 12.59 11.78 43.22
C THR D 109 13.51 12.91 43.65
N LEU D 110 14.29 13.49 42.74
CA LEU D 110 15.24 14.53 43.07
C LEU D 110 16.24 14.06 44.12
N ASP D 111 16.54 12.76 44.12
CA ASP D 111 17.40 12.15 45.12
C ASP D 111 18.22 11.06 44.44
N SER D 112 19.19 10.51 45.18
CA SER D 112 20.05 9.46 44.63
C SER D 112 19.30 8.17 44.34
N LYS D 113 18.05 8.03 44.81
CA LYS D 113 17.29 6.83 44.54
C LYS D 113 17.10 6.59 43.05
N THR D 114 17.18 7.65 42.23
CA THR D 114 17.01 7.54 40.79
C THR D 114 18.05 8.45 40.13
N GLN D 115 17.92 8.63 38.82
CA GLN D 115 18.80 9.48 38.05
C GLN D 115 18.09 10.79 37.75
N SER D 116 18.72 11.91 38.11
CA SER D 116 18.15 13.23 37.92
C SER D 116 19.03 14.07 37.01
N LEU D 117 18.42 15.07 36.38
CA LEU D 117 19.10 15.96 35.46
C LEU D 117 19.48 17.26 36.17
N LEU D 118 20.70 17.73 35.93
CA LEU D 118 21.20 18.96 36.51
C LEU D 118 21.65 19.89 35.38
N ILE D 119 21.13 21.11 35.37
CA ILE D 119 21.52 22.14 34.43
C ILE D 119 22.01 23.33 35.24
N VAL D 120 23.24 23.78 34.95
CA VAL D 120 23.86 24.87 35.68
C VAL D 120 24.67 25.72 34.72
N ASN D 121 24.67 27.03 34.96
CA ASN D 121 25.48 27.98 34.21
C ASN D 121 26.35 28.73 35.21
N ASN D 122 27.57 28.25 35.41
CA ASN D 122 28.49 28.82 36.39
C ASN D 122 29.26 30.03 35.86
N ALA D 123 28.78 30.65 34.79
CA ALA D 123 29.36 31.81 34.11
C ALA D 123 30.60 31.44 33.31
N THR D 124 31.07 30.20 33.38
CA THR D 124 32.23 29.75 32.60
C THR D 124 31.83 28.70 31.57
N ASN D 125 31.19 27.61 32.01
CA ASN D 125 30.73 26.56 31.12
C ASN D 125 29.33 26.12 31.54
N VAL D 126 28.46 25.89 30.55
CA VAL D 126 27.13 25.37 30.81
C VAL D 126 27.26 23.87 31.04
N VAL D 127 26.93 23.42 32.25
CA VAL D 127 27.13 22.04 32.66
C VAL D 127 25.79 21.35 32.67
N ILE D 128 25.68 20.25 31.92
CA ILE D 128 24.49 19.41 31.89
C ILE D 128 24.95 18.00 32.26
N LYS D 129 24.49 17.52 33.42
CA LYS D 129 24.88 16.21 33.93
C LYS D 129 23.66 15.46 34.42
N VAL D 130 23.66 14.14 34.21
CA VAL D 130 22.61 13.25 34.69
C VAL D 130 23.27 12.19 35.54
N CYS D 131 23.11 12.30 36.85
CA CYS D 131 23.71 11.35 37.79
C CYS D 131 22.75 11.15 38.95
N GLU D 132 23.22 10.44 39.97
CA GLU D 132 22.45 10.23 41.20
C GLU D 132 22.78 11.37 42.16
N PHE D 133 21.88 12.34 42.26
CA PHE D 133 22.11 13.54 43.04
C PHE D 133 21.51 13.38 44.43
N GLN D 134 22.32 13.63 45.46
CA GLN D 134 21.81 13.61 46.83
C GLN D 134 20.90 14.81 47.04
N PHE D 135 19.69 14.55 47.55
CA PHE D 135 18.70 15.61 47.69
C PHE D 135 19.22 16.70 48.62
N CYS D 136 19.06 17.95 48.20
CA CYS D 136 19.44 19.11 48.98
C CYS D 136 18.21 19.96 49.28
N ASN D 137 18.07 20.36 50.54
CA ASN D 137 16.92 21.16 50.93
C ASN D 137 16.92 22.51 50.22
N ASP D 138 18.08 23.16 50.11
CA ASP D 138 18.20 24.49 49.51
C ASP D 138 19.47 24.56 48.69
N PRO D 139 19.44 24.05 47.45
CA PRO D 139 20.63 24.15 46.58
C PRO D 139 20.79 25.57 46.05
N PHE D 140 22.02 26.08 46.12
CA PHE D 140 22.34 27.41 45.63
C PHE D 140 23.85 27.54 45.49
N LEU D 141 24.27 28.62 44.85
CA LEU D 141 25.68 28.96 44.68
C LEU D 141 25.94 30.30 45.37
N GLY D 142 26.64 30.27 46.50
CA GLY D 142 26.91 31.49 47.23
C GLY D 142 28.05 32.28 46.62
N VAL D 143 27.90 33.60 46.66
CA VAL D 143 28.90 34.53 46.14
C VAL D 143 29.07 35.64 47.17
N TYR D 144 30.22 35.66 47.84
CA TYR D 144 30.50 36.65 48.86
C TYR D 144 31.74 37.47 48.51
N TYR D 145 32.11 38.42 49.36
CA TYR D 145 33.28 39.27 49.16
C TYR D 145 33.18 40.02 47.82
N HIS D 146 32.19 40.92 47.76
CA HIS D 146 32.06 41.77 46.59
C HIS D 146 32.90 43.02 46.76
N LYS D 147 32.55 43.85 47.75
CA LYS D 147 33.30 45.04 48.15
C LYS D 147 34.22 45.55 47.03
N ASN D 148 35.47 45.89 47.36
CA ASN D 148 36.50 46.03 46.35
C ASN D 148 36.90 44.66 45.85
N ASN D 149 37.56 44.61 44.70
CA ASN D 149 37.80 43.35 43.99
C ASN D 149 36.46 42.63 43.78
N LYS D 150 35.61 43.29 42.99
CA LYS D 150 34.20 42.95 42.92
C LYS D 150 33.95 41.45 42.81
N SER D 151 34.87 40.69 42.23
CA SER D 151 34.72 39.24 42.16
C SER D 151 33.43 38.87 41.44
N TRP D 152 32.35 38.64 42.19
CA TRP D 152 31.08 38.19 41.62
C TRP D 152 31.26 36.88 40.86
N MET D 153 32.01 35.94 41.45
CA MET D 153 32.26 34.64 40.85
C MET D 153 31.85 33.56 41.83
N GLU D 154 31.60 32.36 41.29
CA GLU D 154 31.16 31.26 42.11
C GLU D 154 32.17 30.97 43.21
N SER D 155 31.67 30.83 44.45
CA SER D 155 32.52 30.56 45.61
C SER D 155 32.11 29.25 46.28
N GLU D 156 30.82 29.02 46.49
CA GLU D 156 30.33 27.82 47.17
C GLU D 156 29.44 27.02 46.25
N PHE D 157 29.46 25.70 46.41
CA PHE D 157 28.72 24.77 45.56
C PHE D 157 27.80 23.93 46.45
N ARG D 158 26.59 24.43 46.69
CA ARG D 158 25.60 23.75 47.50
C ARG D 158 24.62 22.94 46.66
N VAL D 159 24.83 22.85 45.34
CA VAL D 159 23.82 22.29 44.45
C VAL D 159 23.49 20.85 44.87
N TYR D 160 24.51 20.03 45.05
CA TYR D 160 24.31 18.65 45.47
C TYR D 160 25.53 18.16 46.22
N SER D 161 25.30 17.24 47.17
CA SER D 161 26.37 16.76 48.03
C SER D 161 27.33 15.83 47.29
N SER D 162 26.80 14.90 46.50
CA SER D 162 27.63 13.89 45.86
C SER D 162 26.91 13.32 44.64
N ALA D 163 27.69 12.66 43.78
CA ALA D 163 27.18 11.96 42.62
C ALA D 163 28.04 10.73 42.38
N ASN D 164 27.40 9.60 42.10
CA ASN D 164 28.09 8.32 41.98
C ASN D 164 28.07 7.80 40.55
N ASN D 165 26.90 7.63 39.95
CA ASN D 165 26.78 7.06 38.61
C ASN D 165 26.25 8.13 37.66
N CYS D 166 26.97 8.33 36.55
CA CYS D 166 26.60 9.33 35.55
C CYS D 166 26.45 8.64 34.20
N THR D 167 25.24 8.66 33.65
CA THR D 167 24.96 8.07 32.35
C THR D 167 24.99 9.07 31.21
N PHE D 168 25.14 10.37 31.50
CA PHE D 168 25.13 11.39 30.47
C PHE D 168 25.91 12.61 30.97
N GLU D 169 26.52 13.32 30.04
CA GLU D 169 27.28 14.53 30.37
C GLU D 169 27.41 15.40 29.13
N TYR D 170 27.37 16.71 29.33
CA TYR D 170 27.52 17.67 28.25
C TYR D 170 28.04 18.98 28.81
N VAL D 171 28.98 19.60 28.09
CA VAL D 171 29.60 20.84 28.53
C VAL D 171 29.67 21.78 27.33
N SER D 172 29.40 23.07 27.57
CA SER D 172 29.43 24.08 26.53
C SER D 172 30.80 24.74 26.48
N GLN D 173 30.99 25.63 25.51
CA GLN D 173 32.26 26.32 25.32
C GLN D 173 32.51 27.31 26.45
N PRO D 174 33.76 27.68 26.70
CA PRO D 174 34.04 28.68 27.74
C PRO D 174 33.45 30.03 27.39
N PHE D 175 33.10 30.79 28.42
CA PHE D 175 32.54 32.13 28.27
C PHE D 175 32.63 32.83 29.62
N LEU D 176 32.19 34.07 29.67
CA LEU D 176 32.18 34.86 30.90
C LEU D 176 30.86 35.63 30.97
N MET D 177 30.16 35.49 32.09
CA MET D 177 28.90 36.18 32.33
C MET D 177 29.05 37.16 33.47
N ASP D 178 28.48 38.35 33.30
CA ASP D 178 28.58 39.40 34.31
C ASP D 178 27.53 39.14 35.41
N LEU D 179 28.01 38.75 36.58
CA LEU D 179 27.16 38.53 37.75
C LEU D 179 27.00 39.80 38.60
N GLU D 180 27.66 40.88 38.21
CA GLU D 180 27.59 42.12 39.00
C GLU D 180 26.16 42.60 39.11
N GLY D 181 25.80 43.09 40.30
CA GLY D 181 24.47 43.60 40.51
C GLY D 181 24.23 44.88 39.72
N LYS D 182 22.96 45.13 39.41
CA LYS D 182 22.55 46.30 38.66
C LYS D 182 21.41 47.01 39.39
N GLN D 183 21.34 48.32 39.21
CA GLN D 183 20.34 49.16 39.84
C GLN D 183 19.31 49.61 38.81
N GLY D 184 18.06 49.70 39.25
CA GLY D 184 16.98 50.14 38.39
C GLY D 184 16.02 49.03 38.00
N ASN D 185 15.48 49.11 36.79
CA ASN D 185 14.52 48.13 36.32
C ASN D 185 15.24 46.85 35.87
N PHE D 186 14.45 45.84 35.52
CA PHE D 186 14.98 44.56 35.06
C PHE D 186 15.27 44.65 33.57
N LYS D 187 16.55 44.54 33.21
CA LYS D 187 16.98 44.74 31.83
C LYS D 187 17.09 43.45 31.04
N ASN D 188 16.80 42.29 31.64
CA ASN D 188 16.92 41.01 30.95
C ASN D 188 15.68 40.18 31.20
N LEU D 189 15.32 39.37 30.19
CA LEU D 189 14.19 38.47 30.27
C LEU D 189 14.59 37.14 29.64
N ARG D 190 14.41 36.05 30.38
CA ARG D 190 14.73 34.71 29.90
C ARG D 190 13.50 33.83 30.06
N GLU D 191 13.08 33.21 28.95
CA GLU D 191 11.93 32.32 28.93
C GLU D 191 12.34 30.96 28.40
N PHE D 192 12.04 29.91 29.17
CA PHE D 192 12.43 28.55 28.83
C PHE D 192 11.19 27.65 28.79
N VAL D 193 11.20 26.71 27.85
CA VAL D 193 10.17 25.67 27.77
C VAL D 193 10.88 24.32 27.76
N PHE D 194 10.49 23.44 28.68
CA PHE D 194 11.14 22.15 28.85
C PHE D 194 10.11 21.03 28.75
N LYS D 195 10.50 19.94 28.09
CA LYS D 195 9.63 18.77 27.96
C LYS D 195 10.50 17.57 27.61
N ASN D 196 9.93 16.38 27.82
CA ASN D 196 10.59 15.12 27.49
C ASN D 196 9.73 14.38 26.48
N ILE D 197 10.33 14.01 25.35
CA ILE D 197 9.63 13.34 24.26
C ILE D 197 10.36 12.03 23.98
N ASP D 198 9.75 10.92 24.37
CA ASP D 198 10.32 9.59 24.10
C ASP D 198 11.76 9.49 24.60
N GLY D 199 12.00 10.07 25.78
CA GLY D 199 13.32 10.08 26.37
C GLY D 199 14.21 11.23 25.94
N TYR D 200 13.82 11.95 24.89
CA TYR D 200 14.59 13.10 24.42
C TYR D 200 14.10 14.35 25.14
N PHE D 201 14.98 14.97 25.92
CA PHE D 201 14.63 16.17 26.69
C PHE D 201 14.92 17.39 25.84
N LYS D 202 13.87 18.12 25.47
CA LYS D 202 14.00 19.31 24.64
C LYS D 202 14.20 20.54 25.52
N ILE D 203 15.16 21.37 25.14
CA ILE D 203 15.49 22.60 25.87
C ILE D 203 15.23 23.76 24.92
N TYR D 204 14.27 24.61 25.27
CA TYR D 204 13.93 25.79 24.50
C TYR D 204 14.34 27.04 25.28
N SER D 205 14.87 28.04 24.58
CA SER D 205 15.38 29.24 25.22
C SER D 205 15.14 30.45 24.34
N LYS D 206 14.86 31.59 24.98
CA LYS D 206 14.73 32.87 24.31
C LYS D 206 15.20 33.96 25.26
N HIS D 207 15.97 34.91 24.73
CA HIS D 207 16.52 36.00 25.52
C HIS D 207 16.23 37.31 24.80
N THR D 208 15.69 38.28 25.54
CA THR D 208 15.36 39.59 24.99
C THR D 208 15.35 40.61 26.12
N PRO D 209 15.90 41.81 25.90
CA PRO D 209 15.87 42.83 26.95
C PRO D 209 14.47 43.41 27.15
N ILE D 210 14.23 43.88 28.37
CA ILE D 210 12.95 44.48 28.71
C ILE D 210 13.17 45.59 29.74
N ASN D 211 12.11 46.33 30.06
CA ASN D 211 12.13 47.33 31.12
C ASN D 211 10.86 47.16 31.95
N LEU D 212 11.04 46.81 33.22
CA LEU D 212 9.90 46.46 34.07
C LEU D 212 10.17 46.90 35.50
N VAL D 213 9.08 47.21 36.21
CA VAL D 213 9.15 47.53 37.63
C VAL D 213 8.58 46.35 38.41
N ARG D 214 7.38 45.92 38.05
CA ARG D 214 6.75 44.76 38.68
C ARG D 214 5.87 44.03 37.68
N ASP D 215 5.19 42.99 38.12
CA ASP D 215 4.32 42.18 37.26
C ASP D 215 5.19 41.57 36.15
N LEU D 216 4.71 41.49 34.91
CA LEU D 216 5.48 40.91 33.82
C LEU D 216 5.15 41.67 32.55
N PRO D 217 6.07 41.69 31.58
CA PRO D 217 5.79 42.37 30.32
C PRO D 217 4.83 41.58 29.44
N GLN D 218 4.15 42.30 28.56
CA GLN D 218 3.21 41.70 27.60
C GLN D 218 3.81 41.84 26.21
N GLY D 219 4.38 40.75 25.70
CA GLY D 219 4.96 40.77 24.37
C GLY D 219 5.15 39.36 23.86
N PHE D 220 5.08 39.23 22.54
CA PHE D 220 5.22 37.94 21.89
C PHE D 220 6.69 37.52 21.83
N SER D 221 6.92 36.22 21.93
CA SER D 221 8.27 35.66 21.84
C SER D 221 8.18 34.26 21.27
N ALA D 222 9.18 33.88 20.49
CA ALA D 222 9.28 32.56 19.88
C ALA D 222 10.59 31.93 20.34
N LEU D 223 10.50 30.84 21.11
CA LEU D 223 11.69 30.20 21.62
C LEU D 223 12.33 29.29 20.56
N GLU D 224 13.60 28.97 20.79
CA GLU D 224 14.36 28.09 19.93
C GLU D 224 14.98 26.96 20.72
N PRO D 225 15.03 25.75 20.18
CA PRO D 225 15.71 24.65 20.89
C PRO D 225 17.19 24.99 21.09
N LEU D 226 17.75 24.51 22.20
CA LEU D 226 19.16 24.75 22.48
C LEU D 226 20.00 23.50 22.15
N VAL D 227 19.65 22.37 22.75
CA VAL D 227 20.36 21.12 22.54
C VAL D 227 19.39 19.96 22.70
N ASP D 228 19.76 18.82 22.12
CA ASP D 228 19.00 17.58 22.28
C ASP D 228 19.76 16.67 23.24
N LEU D 229 19.07 16.24 24.30
CA LEU D 229 19.68 15.45 25.37
C LEU D 229 19.04 14.07 25.40
N PRO D 230 19.67 13.07 24.78
CA PRO D 230 19.13 11.70 24.88
C PRO D 230 19.38 11.09 26.24
N ILE D 231 18.58 11.50 27.23
CA ILE D 231 18.78 11.07 28.62
C ILE D 231 17.95 9.82 28.87
N GLY D 232 16.63 9.95 28.73
CA GLY D 232 15.75 8.82 28.93
C GLY D 232 15.39 8.54 30.37
N ILE D 233 14.91 9.55 31.09
CA ILE D 233 14.49 9.40 32.48
C ILE D 233 13.13 10.04 32.66
N ASN D 234 12.43 9.61 33.71
CA ASN D 234 11.12 10.15 34.05
C ASN D 234 11.29 11.32 35.01
N ILE D 235 10.69 12.46 34.66
CA ILE D 235 10.79 13.68 35.46
C ILE D 235 9.37 14.02 35.93
N THR D 236 9.19 14.12 37.24
CA THR D 236 7.91 14.49 37.82
C THR D 236 8.01 15.66 38.79
N ARG D 237 9.21 15.96 39.28
CA ARG D 237 9.42 17.09 40.19
C ARG D 237 10.66 17.85 39.73
N PHE D 238 10.72 19.13 40.10
CA PHE D 238 11.83 19.98 39.70
C PHE D 238 12.07 21.02 40.78
N GLN D 239 13.27 21.63 40.71
CA GLN D 239 13.69 22.66 41.65
C GLN D 239 14.32 23.82 40.90
N THR D 240 14.31 24.99 41.52
CA THR D 240 14.92 26.19 40.96
C THR D 240 16.24 26.47 41.64
N LEU D 241 17.20 26.98 40.88
CA LEU D 241 18.52 27.31 41.39
C LEU D 241 18.71 28.82 41.32
N LEU D 242 19.06 29.42 42.46
CA LEU D 242 19.31 30.84 42.57
C LEU D 242 20.66 31.09 43.21
N ALA D 243 21.22 32.26 42.94
CA ALA D 243 22.51 32.67 43.49
C ALA D 243 22.29 33.59 44.69
N LEU D 244 23.00 33.31 45.78
CA LEU D 244 22.88 34.07 47.01
C LEU D 244 24.18 34.80 47.30
N HIS D 245 24.08 35.84 48.11
CA HIS D 245 25.23 36.66 48.49
C HIS D 245 25.14 37.00 49.96
N ARG D 246 26.31 37.34 50.54
CA ARG D 246 26.37 37.75 51.93
C ARG D 246 27.56 38.68 52.11
N SER D 247 27.53 39.45 53.19
CA SER D 247 28.60 40.38 53.50
C SER D 247 29.59 39.77 54.49
N SER D 255 25.54 27.84 56.52
CA SER D 255 25.14 28.49 55.28
C SER D 255 23.74 29.09 55.39
N SER D 256 23.34 29.40 56.63
CA SER D 256 22.02 29.98 56.88
C SER D 256 22.01 31.50 56.87
N GLY D 257 23.17 32.13 56.77
CA GLY D 257 23.28 33.58 56.75
C GLY D 257 23.21 34.21 55.38
N TRP D 258 22.99 33.43 54.34
CA TRP D 258 22.93 33.96 52.97
C TRP D 258 21.60 34.67 52.74
N THR D 259 21.63 35.63 51.82
CA THR D 259 20.44 36.37 51.41
C THR D 259 20.39 36.43 49.88
N ALA D 260 19.30 36.99 49.36
CA ALA D 260 19.06 37.04 47.93
C ALA D 260 18.74 38.46 47.51
N GLY D 261 18.98 38.75 46.23
CA GLY D 261 18.67 40.05 45.66
C GLY D 261 17.24 40.13 45.17
N ALA D 262 16.96 41.23 44.47
CA ALA D 262 15.62 41.48 43.94
C ALA D 262 15.48 40.82 42.58
N ALA D 263 14.61 39.82 42.49
CA ALA D 263 14.38 39.12 41.23
C ALA D 263 13.04 38.40 41.31
N ALA D 264 12.55 37.98 40.14
CA ALA D 264 11.28 37.29 40.05
C ALA D 264 11.31 36.31 38.89
N TYR D 265 10.61 35.19 39.06
CA TYR D 265 10.49 34.17 38.02
C TYR D 265 9.13 33.51 38.12
N TYR D 266 8.73 32.82 37.06
CA TYR D 266 7.39 32.29 36.94
C TYR D 266 7.43 30.82 36.53
N VAL D 267 6.38 30.09 36.89
CA VAL D 267 6.24 28.68 36.58
C VAL D 267 4.83 28.44 36.04
N GLY D 268 4.74 27.68 34.96
CA GLY D 268 3.45 27.34 34.38
C GLY D 268 3.49 25.96 33.77
N TYR D 269 2.33 25.31 33.77
CA TYR D 269 2.21 23.93 33.30
C TYR D 269 1.67 23.91 31.88
N LEU D 270 2.30 23.10 31.03
CA LEU D 270 1.84 22.95 29.66
C LEU D 270 0.66 21.98 29.58
N GLN D 271 -0.07 22.06 28.50
CA GLN D 271 -1.16 21.14 28.29
C GLN D 271 -1.00 20.87 26.84
N PRO D 272 -1.13 19.62 26.45
CA PRO D 272 -1.07 19.45 25.02
C PRO D 272 -2.29 20.10 24.37
N ARG D 273 -2.07 21.09 23.53
CA ARG D 273 -3.17 21.80 22.93
C ARG D 273 -2.87 21.81 21.49
N THR D 274 -3.29 22.84 20.78
CA THR D 274 -2.92 23.05 19.39
C THR D 274 -2.80 24.54 19.11
N PHE D 275 -1.72 24.93 18.43
CA PHE D 275 -1.47 26.33 18.09
C PHE D 275 -1.42 26.49 16.57
N LEU D 276 -2.04 27.56 16.08
CA LEU D 276 -1.94 27.95 14.68
C LEU D 276 -0.89 29.06 14.58
N LEU D 277 0.20 28.76 13.89
CA LEU D 277 1.37 29.63 13.86
C LEU D 277 1.51 30.30 12.50
N LYS D 278 1.76 31.61 12.52
CA LYS D 278 2.05 32.37 11.32
C LYS D 278 3.56 32.42 11.11
N TYR D 279 3.98 32.35 9.84
CA TYR D 279 5.38 32.33 9.47
C TYR D 279 5.65 33.45 8.48
N ASN D 280 6.70 34.23 8.75
CA ASN D 280 7.09 35.32 7.87
C ASN D 280 8.02 34.80 6.78
N GLU D 281 8.52 35.71 5.94
CA GLU D 281 9.44 35.32 4.89
C GLU D 281 10.74 34.76 5.45
N ASN D 282 11.19 35.26 6.60
CA ASN D 282 12.40 34.78 7.22
C ASN D 282 12.18 33.50 8.04
N GLY D 283 10.92 33.10 8.24
CA GLY D 283 10.60 31.93 9.01
C GLY D 283 10.25 32.17 10.46
N THR D 284 10.53 33.37 10.98
CA THR D 284 10.20 33.70 12.35
C THR D 284 8.69 33.87 12.52
N ILE D 285 8.19 33.40 13.66
CA ILE D 285 6.76 33.50 13.95
C ILE D 285 6.45 34.90 14.45
N THR D 286 5.45 35.54 13.85
CA THR D 286 5.02 36.87 14.25
C THR D 286 3.74 36.86 15.07
N ASP D 287 3.01 35.76 15.09
CA ASP D 287 1.77 35.66 15.85
C ASP D 287 1.46 34.21 16.12
N ALA D 288 0.62 33.98 17.13
CA ALA D 288 0.21 32.64 17.51
C ALA D 288 -1.18 32.71 18.12
N VAL D 289 -1.88 31.57 18.13
CA VAL D 289 -3.25 31.49 18.62
C VAL D 289 -3.45 30.11 19.23
N ASP D 290 -4.12 30.07 20.38
CA ASP D 290 -4.49 28.82 21.03
C ASP D 290 -5.86 28.40 20.51
N CYS D 291 -5.96 27.16 20.01
CA CYS D 291 -7.19 26.72 19.38
C CYS D 291 -8.35 26.66 20.38
N ALA D 292 -8.05 26.50 21.66
CA ALA D 292 -9.08 26.53 22.71
C ALA D 292 -8.73 27.67 23.67
N LEU D 293 -9.11 28.89 23.29
CA LEU D 293 -8.99 30.05 24.17
C LEU D 293 -10.33 30.74 24.29
N ASP D 294 -10.96 30.98 23.15
CA ASP D 294 -12.26 31.64 23.06
C ASP D 294 -12.81 31.39 21.67
N PRO D 295 -14.12 31.53 21.48
CA PRO D 295 -14.73 31.14 20.19
C PRO D 295 -14.02 31.70 18.98
N LEU D 296 -13.48 32.92 19.07
CA LEU D 296 -12.76 33.50 17.94
C LEU D 296 -11.53 32.66 17.61
N SER D 297 -10.81 32.19 18.63
CA SER D 297 -9.63 31.36 18.39
C SER D 297 -10.02 30.01 17.80
N GLU D 298 -11.11 29.42 18.29
CA GLU D 298 -11.62 28.20 17.66
C GLU D 298 -11.92 28.42 16.19
N THR D 299 -12.56 29.55 15.84
CA THR D 299 -12.84 29.85 14.44
C THR D 299 -11.55 29.99 13.64
N LYS D 300 -10.56 30.70 14.20
CA LYS D 300 -9.30 30.88 13.49
C LYS D 300 -8.62 29.55 13.22
N CYS D 301 -8.60 28.65 14.20
CA CYS D 301 -8.01 27.34 13.98
C CYS D 301 -8.84 26.50 13.01
N THR D 302 -10.16 26.63 13.04
CA THR D 302 -11.00 25.89 12.11
C THR D 302 -10.74 26.32 10.67
N LEU D 303 -10.58 27.63 10.45
CA LEU D 303 -10.36 28.15 9.11
C LEU D 303 -8.89 28.18 8.70
N LYS D 304 -7.97 27.81 9.61
CA LYS D 304 -6.54 27.81 9.32
C LYS D 304 -6.05 29.20 8.92
N SER D 305 -6.73 30.24 9.40
CA SER D 305 -6.36 31.62 9.07
C SER D 305 -6.77 32.53 10.21
N PHE D 306 -5.92 33.52 10.51
CA PHE D 306 -6.23 34.50 11.54
C PHE D 306 -7.28 35.51 11.10
N THR D 307 -7.45 35.69 9.78
CA THR D 307 -8.44 36.61 9.25
C THR D 307 -9.77 35.87 9.10
N VAL D 308 -10.71 36.15 9.99
CA VAL D 308 -12.01 35.50 10.00
C VAL D 308 -13.00 36.47 9.38
N GLU D 309 -13.56 36.09 8.23
CA GLU D 309 -14.54 36.93 7.57
C GLU D 309 -15.86 36.91 8.34
N LYS D 310 -16.57 38.04 8.30
CA LYS D 310 -17.82 38.17 9.03
C LYS D 310 -18.81 37.09 8.61
N GLY D 311 -19.40 36.42 9.59
CA GLY D 311 -20.36 35.36 9.31
C GLY D 311 -20.42 34.38 10.47
N ILE D 312 -21.08 33.26 10.20
CA ILE D 312 -21.25 32.18 11.16
C ILE D 312 -20.52 30.95 10.63
N TYR D 313 -19.77 30.29 11.51
CA TYR D 313 -18.96 29.14 11.13
C TYR D 313 -19.17 28.02 12.15
N GLN D 314 -19.04 26.78 11.69
CA GLN D 314 -19.16 25.61 12.56
C GLN D 314 -17.77 25.10 12.91
N THR D 315 -17.44 25.12 14.20
CA THR D 315 -16.11 24.76 14.68
C THR D 315 -16.09 23.34 15.23
N SER D 316 -16.90 23.04 16.23
CA SER D 316 -16.89 21.74 16.88
C SER D 316 -18.27 21.44 17.47
N ASN D 317 -18.38 20.28 18.10
CA ASN D 317 -19.64 19.83 18.68
C ASN D 317 -19.76 20.34 20.12
N PHE D 318 -20.92 20.09 20.73
CA PHE D 318 -21.18 20.45 22.12
C PHE D 318 -20.95 19.22 22.99
N ARG D 319 -19.99 19.30 23.89
CA ARG D 319 -19.58 18.16 24.70
C ARG D 319 -20.05 18.34 26.13
N VAL D 320 -20.66 17.29 26.69
CA VAL D 320 -21.09 17.25 28.08
C VAL D 320 -20.25 16.19 28.77
N GLN D 321 -19.24 16.63 29.51
CA GLN D 321 -18.33 15.69 30.17
C GLN D 321 -19.06 14.96 31.29
N PRO D 322 -18.94 13.63 31.37
CA PRO D 322 -19.60 12.90 32.46
C PRO D 322 -19.07 13.33 33.82
N THR D 323 -19.97 13.43 34.79
CA THR D 323 -19.56 13.86 36.13
C THR D 323 -18.83 12.76 36.87
N GLU D 324 -19.30 11.52 36.78
CA GLU D 324 -18.66 10.38 37.42
C GLU D 324 -19.01 9.12 36.65
N SER D 325 -18.67 7.97 37.21
CA SER D 325 -18.95 6.68 36.61
C SER D 325 -19.88 5.89 37.54
N ILE D 326 -20.89 5.26 36.95
CA ILE D 326 -21.89 4.49 37.70
C ILE D 326 -21.69 3.02 37.37
N VAL D 327 -21.58 2.19 38.41
CA VAL D 327 -21.38 0.76 38.26
C VAL D 327 -22.43 0.05 39.11
N ARG D 328 -23.19 -0.85 38.50
CA ARG D 328 -24.22 -1.62 39.18
C ARG D 328 -24.11 -3.06 38.74
N PHE D 329 -23.82 -3.96 39.68
CA PHE D 329 -23.65 -5.38 39.42
C PHE D 329 -24.52 -6.19 40.39
N PRO D 330 -24.90 -7.40 40.00
CA PRO D 330 -25.71 -8.23 40.91
C PRO D 330 -24.92 -8.64 42.15
N ASN D 331 -25.68 -8.85 43.23
CA ASN D 331 -25.09 -9.21 44.52
C ASN D 331 -24.76 -10.70 44.50
N ILE D 332 -23.46 -11.02 44.49
CA ILE D 332 -22.98 -12.40 44.52
C ILE D 332 -21.94 -12.50 45.63
N THR D 333 -22.23 -13.31 46.64
CA THR D 333 -21.34 -13.48 47.78
C THR D 333 -20.53 -14.77 47.73
N ASN D 334 -20.59 -15.51 46.64
CA ASN D 334 -19.91 -16.79 46.50
C ASN D 334 -18.69 -16.64 45.60
N LEU D 335 -17.58 -17.27 46.00
CA LEU D 335 -16.36 -17.28 45.20
C LEU D 335 -16.38 -18.45 44.23
N CYS D 336 -15.95 -18.19 43.00
CA CYS D 336 -15.98 -19.24 41.98
C CYS D 336 -15.02 -20.35 42.35
N PRO D 337 -15.46 -21.62 42.36
CA PRO D 337 -14.55 -22.72 42.72
C PRO D 337 -13.46 -22.94 41.68
N PHE D 338 -12.46 -22.05 41.66
CA PHE D 338 -11.30 -22.26 40.79
C PHE D 338 -10.47 -23.44 41.27
N GLY D 339 -10.65 -23.87 42.52
CA GLY D 339 -9.90 -25.00 43.03
C GLY D 339 -10.19 -26.29 42.27
N GLU D 340 -11.44 -26.50 41.87
CA GLU D 340 -11.83 -27.69 41.13
C GLU D 340 -11.71 -27.50 39.62
N VAL D 341 -11.17 -26.36 39.17
CA VAL D 341 -10.97 -26.11 37.74
C VAL D 341 -9.48 -26.02 37.46
N PHE D 342 -8.80 -25.09 38.12
CA PHE D 342 -7.37 -24.89 37.87
C PHE D 342 -6.52 -25.76 38.78
N ASN D 343 -6.85 -25.82 40.07
CA ASN D 343 -6.03 -26.50 41.06
C ASN D 343 -6.56 -27.88 41.43
N ALA D 344 -7.50 -28.43 40.67
CA ALA D 344 -8.03 -29.75 40.99
C ALA D 344 -6.93 -30.79 40.88
N THR D 345 -7.02 -31.82 41.73
CA THR D 345 -5.98 -32.85 41.77
C THR D 345 -5.84 -33.55 40.43
N ARG D 346 -6.97 -33.86 39.79
CA ARG D 346 -6.97 -34.56 38.50
C ARG D 346 -7.95 -33.90 37.56
N PHE D 347 -7.57 -33.82 36.29
CA PHE D 347 -8.44 -33.30 35.24
C PHE D 347 -8.95 -34.46 34.39
N ALA D 348 -9.93 -34.15 33.54
CA ALA D 348 -10.44 -35.14 32.60
C ALA D 348 -9.54 -35.22 31.37
N SER D 349 -9.64 -36.34 30.65
CA SER D 349 -8.86 -36.52 29.45
C SER D 349 -9.43 -35.69 28.30
N VAL D 350 -8.58 -35.40 27.33
CA VAL D 350 -9.04 -34.70 26.13
C VAL D 350 -10.00 -35.58 25.34
N TYR D 351 -9.79 -36.89 25.36
CA TYR D 351 -10.69 -37.80 24.68
C TYR D 351 -12.11 -37.68 25.22
N ALA D 352 -12.23 -37.58 26.54
CA ALA D 352 -13.51 -37.37 27.21
C ALA D 352 -13.35 -36.18 28.16
N TRP D 353 -13.68 -35.00 27.67
CA TRP D 353 -13.50 -33.75 28.42
C TRP D 353 -14.82 -33.34 29.06
N ASN D 354 -14.74 -32.96 30.34
CA ASN D 354 -15.90 -32.56 31.12
C ASN D 354 -16.07 -31.05 31.04
N ARG D 355 -17.31 -30.60 30.83
CA ARG D 355 -17.62 -29.18 30.73
C ARG D 355 -18.10 -28.70 32.09
N LYS D 356 -17.26 -27.95 32.79
CA LYS D 356 -17.54 -27.52 34.15
C LYS D 356 -18.31 -26.20 34.12
N ARG D 357 -19.34 -26.11 34.96
CA ARG D 357 -20.21 -24.94 35.00
C ARG D 357 -19.75 -23.99 36.10
N ILE D 358 -19.55 -22.72 35.72
CA ILE D 358 -19.20 -21.66 36.67
C ILE D 358 -20.27 -20.59 36.54
N SER D 359 -21.03 -20.38 37.62
CA SER D 359 -22.12 -19.41 37.60
C SER D 359 -22.43 -18.98 39.03
N ASN D 360 -23.05 -17.80 39.15
CA ASN D 360 -23.46 -17.26 40.44
C ASN D 360 -22.31 -17.25 41.44
N CYS D 361 -21.16 -16.73 40.98
CA CYS D 361 -19.97 -16.67 41.82
C CYS D 361 -19.11 -15.50 41.38
N VAL D 362 -18.23 -15.07 42.29
CA VAL D 362 -17.29 -13.99 42.02
C VAL D 362 -16.02 -14.62 41.46
N ALA D 363 -15.63 -14.22 40.25
CA ALA D 363 -14.48 -14.79 39.56
C ALA D 363 -13.30 -13.84 39.70
N ASP D 364 -12.30 -14.26 40.47
CA ASP D 364 -11.07 -13.49 40.65
C ASP D 364 -9.98 -14.11 39.77
N TYR D 365 -9.71 -13.47 38.63
CA TYR D 365 -8.73 -13.96 37.68
C TYR D 365 -7.33 -13.42 37.93
N SER D 366 -7.16 -12.56 38.95
CA SER D 366 -5.85 -11.99 39.22
C SER D 366 -4.82 -13.06 39.56
N VAL D 367 -5.27 -14.24 39.99
CA VAL D 367 -4.34 -15.32 40.31
C VAL D 367 -3.51 -15.68 39.09
N LEU D 368 -4.12 -15.70 37.90
CA LEU D 368 -3.39 -16.02 36.69
C LEU D 368 -2.41 -14.90 36.31
N TYR D 369 -2.76 -13.65 36.64
CA TYR D 369 -1.99 -12.50 36.17
C TYR D 369 -0.97 -12.05 37.22
N ASN D 370 -1.46 -11.65 38.40
CA ASN D 370 -0.56 -11.12 39.43
C ASN D 370 0.37 -12.21 39.94
N SER D 371 -0.17 -13.42 40.15
CA SER D 371 0.65 -14.53 40.60
C SER D 371 1.12 -15.35 39.40
N ALA D 372 2.44 -15.49 39.26
CA ALA D 372 3.03 -16.22 38.16
C ALA D 372 3.11 -17.70 38.51
N SER D 373 2.09 -18.46 38.10
CA SER D 373 2.05 -19.89 38.36
C SER D 373 2.09 -20.68 37.05
N PHE D 374 1.22 -20.33 36.12
CA PHE D 374 1.16 -21.03 34.85
C PHE D 374 2.16 -20.43 33.85
N SER D 375 2.74 -21.30 33.02
CA SER D 375 3.76 -20.85 32.07
C SER D 375 3.13 -20.23 30.83
N THR D 376 2.25 -20.97 30.15
CA THR D 376 1.61 -20.51 28.91
C THR D 376 0.21 -20.01 29.26
N PHE D 377 -0.07 -18.76 28.91
CA PHE D 377 -1.36 -18.14 29.20
C PHE D 377 -1.55 -16.97 28.25
N LYS D 378 -2.75 -16.89 27.65
CA LYS D 378 -3.04 -15.83 26.70
C LYS D 378 -4.54 -15.75 26.48
N CYS D 379 -4.97 -14.62 25.91
CA CYS D 379 -6.37 -14.39 25.57
C CYS D 379 -6.47 -13.88 24.13
N TYR D 380 -7.53 -14.30 23.44
CA TYR D 380 -7.74 -13.94 22.05
C TYR D 380 -8.97 -13.06 21.89
N GLY D 381 -10.15 -13.52 22.34
CA GLY D 381 -11.37 -12.77 22.15
C GLY D 381 -11.50 -11.54 23.01
N VAL D 382 -10.81 -11.51 24.15
CA VAL D 382 -10.84 -10.39 25.08
C VAL D 382 -9.41 -10.09 25.52
N SER D 383 -9.27 -9.02 26.29
CA SER D 383 -7.95 -8.63 26.75
C SER D 383 -7.56 -9.46 27.98
N PRO D 384 -6.26 -9.70 28.18
CA PRO D 384 -5.86 -10.43 29.39
C PRO D 384 -6.25 -9.71 30.67
N THR D 385 -5.81 -8.47 30.85
CA THR D 385 -6.00 -7.76 32.11
C THR D 385 -7.44 -7.32 32.35
N LYS D 386 -8.29 -7.31 31.31
CA LYS D 386 -9.64 -6.78 31.43
C LYS D 386 -10.68 -7.85 31.75
N LEU D 387 -10.27 -9.10 32.03
CA LEU D 387 -11.25 -10.12 32.36
C LEU D 387 -12.03 -9.75 33.61
N ASN D 388 -11.34 -9.27 34.66
CA ASN D 388 -12.02 -8.86 35.87
C ASN D 388 -12.94 -7.67 35.62
N ASP D 389 -12.50 -6.70 34.82
CA ASP D 389 -13.31 -5.52 34.55
C ASP D 389 -14.61 -5.91 33.84
N LEU D 390 -14.51 -6.78 32.84
CA LEU D 390 -15.68 -7.20 32.09
C LEU D 390 -16.30 -8.44 32.73
N CYS D 391 -17.53 -8.30 33.21
CA CYS D 391 -18.26 -9.39 33.85
C CYS D 391 -19.09 -10.12 32.82
N PHE D 392 -19.14 -11.44 32.95
CA PHE D 392 -19.69 -12.33 31.93
C PHE D 392 -21.02 -12.92 32.40
N THR D 393 -21.75 -13.47 31.42
CA THR D 393 -23.08 -14.03 31.70
C THR D 393 -22.96 -15.45 32.27
N ASN D 394 -22.40 -16.37 31.50
CA ASN D 394 -22.22 -17.75 31.92
C ASN D 394 -20.82 -18.20 31.49
N VAL D 395 -20.03 -18.68 32.45
CA VAL D 395 -18.68 -19.14 32.21
C VAL D 395 -18.63 -20.64 32.38
N TYR D 396 -18.16 -21.34 31.35
CA TYR D 396 -18.00 -22.79 31.38
C TYR D 396 -16.57 -23.10 30.98
N ALA D 397 -15.98 -24.12 31.60
CA ALA D 397 -14.56 -24.42 31.44
C ALA D 397 -14.37 -25.83 30.88
N ASP D 398 -13.46 -25.95 29.90
CA ASP D 398 -13.00 -27.24 29.40
C ASP D 398 -11.68 -27.55 30.08
N SER D 399 -11.62 -28.69 30.78
CA SER D 399 -10.40 -29.16 31.41
C SER D 399 -9.95 -30.44 30.73
N PHE D 400 -8.76 -30.40 30.13
CA PHE D 400 -8.24 -31.55 29.40
C PHE D 400 -6.72 -31.50 29.40
N VAL D 401 -6.12 -32.66 29.13
CA VAL D 401 -4.67 -32.81 29.07
C VAL D 401 -4.32 -33.39 27.71
N ILE D 402 -3.33 -32.77 27.05
CA ILE D 402 -2.91 -33.17 25.72
C ILE D 402 -1.38 -33.32 25.71
N ARG D 403 -0.87 -33.81 24.59
CA ARG D 403 0.57 -33.97 24.45
C ARG D 403 1.26 -32.62 24.50
N GLY D 404 2.54 -32.64 24.91
CA GLY D 404 3.26 -31.39 25.10
C GLY D 404 3.30 -30.53 23.85
N ASP D 405 3.54 -31.15 22.70
CA ASP D 405 3.66 -30.42 21.44
C ASP D 405 2.30 -29.99 20.87
N GLU D 406 1.20 -30.44 21.45
CA GLU D 406 -0.13 -30.15 20.94
C GLU D 406 -0.74 -28.88 21.53
N VAL D 407 -0.05 -28.23 22.48
CA VAL D 407 -0.61 -27.05 23.12
C VAL D 407 -0.66 -25.87 22.14
N ARG D 408 0.40 -25.68 21.35
CA ARG D 408 0.45 -24.54 20.46
C ARG D 408 -0.64 -24.56 19.40
N GLN D 409 -1.26 -25.72 19.16
CA GLN D 409 -2.33 -25.85 18.18
C GLN D 409 -3.71 -25.63 18.79
N ILE D 410 -3.80 -25.35 20.09
CA ILE D 410 -5.08 -25.16 20.76
C ILE D 410 -5.40 -23.66 20.74
N ALA D 411 -6.15 -23.24 19.73
CA ALA D 411 -6.58 -21.85 19.60
C ALA D 411 -7.56 -21.72 18.44
N PRO D 412 -8.37 -20.66 18.40
CA PRO D 412 -9.32 -20.51 17.30
C PRO D 412 -8.63 -20.48 15.95
N GLY D 413 -9.10 -21.32 15.03
CA GLY D 413 -8.57 -21.36 13.68
C GLY D 413 -7.32 -22.20 13.50
N GLN D 414 -6.72 -22.67 14.58
CA GLN D 414 -5.51 -23.47 14.46
C GLN D 414 -5.83 -24.87 13.94
N THR D 415 -4.81 -25.53 13.40
CA THR D 415 -4.93 -26.86 12.83
C THR D 415 -4.00 -27.82 13.56
N GLY D 416 -4.42 -29.07 13.61
CA GLY D 416 -3.65 -30.11 14.27
C GLY D 416 -4.51 -31.32 14.54
N LYS D 417 -3.87 -32.34 15.09
CA LYS D 417 -4.58 -33.58 15.39
C LYS D 417 -5.76 -33.31 16.32
N ILE D 418 -5.48 -32.86 17.55
CA ILE D 418 -6.54 -32.57 18.50
C ILE D 418 -7.47 -31.49 17.96
N ALA D 419 -6.90 -30.39 17.46
CA ALA D 419 -7.70 -29.27 17.02
C ALA D 419 -8.67 -29.67 15.92
N ASP D 420 -8.19 -30.41 14.92
CA ASP D 420 -9.02 -30.76 13.79
C ASP D 420 -9.99 -31.89 14.10
N TYR D 421 -9.58 -32.89 14.88
CA TYR D 421 -10.35 -34.12 15.05
C TYR D 421 -11.01 -34.19 16.42
N ASN D 422 -10.24 -34.07 17.50
CA ASN D 422 -10.77 -34.42 18.82
C ASN D 422 -11.47 -33.23 19.48
N TYR D 423 -10.73 -32.15 19.70
CA TYR D 423 -11.26 -30.98 20.40
C TYR D 423 -10.96 -29.73 19.58
N LYS D 424 -12.00 -29.06 19.12
CA LYS D 424 -11.88 -27.92 18.22
C LYS D 424 -12.50 -26.69 18.87
N LEU D 425 -11.86 -25.54 18.65
CA LEU D 425 -12.43 -24.27 19.10
C LEU D 425 -13.12 -23.56 17.94
N PRO D 426 -14.23 -22.86 18.19
CA PRO D 426 -14.86 -22.11 17.10
C PRO D 426 -13.92 -21.08 16.50
N ASP D 427 -14.05 -20.86 15.19
CA ASP D 427 -13.21 -19.86 14.53
C ASP D 427 -13.47 -18.47 15.09
N ASP D 428 -14.74 -18.13 15.32
CA ASP D 428 -15.12 -16.87 15.93
C ASP D 428 -15.16 -16.95 17.46
N PHE D 429 -14.45 -17.90 18.04
CA PHE D 429 -14.51 -18.10 19.49
C PHE D 429 -13.98 -16.87 20.22
N THR D 430 -14.62 -16.56 21.35
CA THR D 430 -14.22 -15.46 22.22
C THR D 430 -13.92 -16.03 23.60
N GLY D 431 -12.65 -16.05 23.96
CA GLY D 431 -12.26 -16.61 25.24
C GLY D 431 -10.76 -16.56 25.43
N CYS D 432 -10.28 -17.34 26.40
CA CYS D 432 -8.87 -17.39 26.76
C CYS D 432 -8.42 -18.84 26.80
N VAL D 433 -7.11 -19.04 26.61
CA VAL D 433 -6.49 -20.35 26.64
C VAL D 433 -5.44 -20.36 27.74
N ILE D 434 -5.47 -21.37 28.59
CA ILE D 434 -4.57 -21.49 29.73
C ILE D 434 -3.86 -22.83 29.65
N ALA D 435 -2.57 -22.83 29.98
CA ALA D 435 -1.79 -24.06 30.00
C ALA D 435 -0.62 -23.92 30.95
N TRP D 436 -0.20 -25.04 31.54
CA TRP D 436 0.94 -25.06 32.44
C TRP D 436 1.51 -26.46 32.47
N ASN D 437 2.75 -26.57 32.95
CA ASN D 437 3.45 -27.85 33.01
C ASN D 437 2.95 -28.65 34.20
N SER D 438 2.54 -29.89 33.95
CA SER D 438 2.10 -30.80 34.99
C SER D 438 2.95 -32.06 35.06
N ASN D 439 4.18 -32.02 34.52
CA ASN D 439 5.03 -33.20 34.53
C ASN D 439 5.27 -33.72 35.94
N ASN D 440 5.42 -32.81 36.91
CA ASN D 440 5.65 -33.23 38.29
C ASN D 440 4.45 -33.94 38.90
N LEU D 441 3.27 -33.82 38.30
CA LEU D 441 2.06 -34.43 38.85
C LEU D 441 1.50 -35.52 37.93
N ASP D 442 1.24 -35.20 36.66
CA ASP D 442 0.59 -36.17 35.78
C ASP D 442 1.48 -37.37 35.49
N SER D 443 2.77 -37.14 35.25
CA SER D 443 3.67 -38.23 34.89
C SER D 443 3.75 -39.25 36.02
N LYS D 444 3.66 -40.54 35.67
CA LYS D 444 3.71 -41.62 36.64
C LYS D 444 4.37 -42.83 36.00
N VAL D 445 5.60 -43.13 36.43
CA VAL D 445 6.34 -44.29 35.95
C VAL D 445 6.42 -44.24 34.43
N GLY D 446 5.85 -45.24 33.76
CA GLY D 446 5.97 -45.35 32.31
C GLY D 446 4.85 -44.72 31.54
N GLY D 447 3.76 -44.36 32.21
CA GLY D 447 2.64 -43.73 31.55
C GLY D 447 1.46 -43.60 32.49
N ASN D 448 0.46 -42.86 32.00
CA ASN D 448 -0.78 -42.64 32.74
C ASN D 448 -1.95 -42.91 31.80
N TYR D 449 -2.71 -43.97 32.09
CA TYR D 449 -3.84 -44.35 31.25
C TYR D 449 -5.08 -43.51 31.51
N ASN D 450 -5.11 -42.74 32.60
CA ASN D 450 -6.25 -41.88 32.86
C ASN D 450 -6.39 -40.77 31.82
N TYR D 451 -5.32 -40.46 31.09
CA TYR D 451 -5.34 -39.46 30.03
C TYR D 451 -5.19 -40.18 28.70
N LEU D 452 -6.23 -40.10 27.87
CA LEU D 452 -6.24 -40.75 26.56
C LEU D 452 -6.68 -39.75 25.50
N TYR D 453 -6.29 -40.02 24.26
CA TYR D 453 -6.60 -39.15 23.14
C TYR D 453 -7.10 -39.97 21.97
N ARG D 454 -7.86 -39.33 21.10
CA ARG D 454 -8.39 -39.96 19.90
C ARG D 454 -7.39 -39.76 18.77
N LEU D 455 -6.71 -40.84 18.37
CA LEU D 455 -5.69 -40.73 17.33
C LEU D 455 -6.31 -40.57 15.95
N PHE D 456 -7.43 -41.23 15.69
CA PHE D 456 -8.08 -41.21 14.38
C PHE D 456 -9.56 -40.88 14.54
N ARG D 457 -10.12 -40.26 13.52
CA ARG D 457 -11.53 -39.93 13.49
C ARG D 457 -12.00 -39.88 12.04
N LYS D 458 -13.27 -40.24 11.83
CA LYS D 458 -13.80 -40.29 10.48
C LYS D 458 -13.82 -38.90 9.83
N SER D 459 -14.23 -37.88 10.59
CA SER D 459 -14.33 -36.53 10.07
C SER D 459 -13.93 -35.57 11.18
N ASN D 460 -14.15 -34.27 10.93
CA ASN D 460 -13.81 -33.22 11.90
C ASN D 460 -15.00 -32.98 12.82
N LEU D 461 -14.79 -33.16 14.12
CA LEU D 461 -15.83 -32.91 15.10
C LEU D 461 -16.13 -31.42 15.19
N LYS D 462 -17.39 -31.09 15.44
CA LYS D 462 -17.79 -29.71 15.57
C LYS D 462 -17.17 -29.10 16.82
N PRO D 463 -17.06 -27.77 16.89
CA PRO D 463 -16.44 -27.15 18.07
C PRO D 463 -17.16 -27.56 19.34
N PHE D 464 -16.37 -27.86 20.38
CA PHE D 464 -16.90 -28.27 21.68
C PHE D 464 -17.84 -29.48 21.54
N GLU D 465 -17.46 -30.40 20.66
CA GLU D 465 -18.20 -31.65 20.48
C GLU D 465 -17.41 -32.80 21.08
N ARG D 466 -18.07 -33.59 21.91
CA ARG D 466 -17.44 -34.71 22.60
C ARG D 466 -18.05 -36.01 22.10
N ASP D 467 -17.20 -36.94 21.67
CA ASP D 467 -17.62 -38.26 21.22
C ASP D 467 -16.65 -39.29 21.79
N ILE D 468 -17.12 -40.07 22.76
CA ILE D 468 -16.28 -41.07 23.42
C ILE D 468 -16.45 -42.45 22.82
N SER D 469 -17.04 -42.56 21.62
CA SER D 469 -17.22 -43.86 20.98
C SER D 469 -15.87 -44.52 20.72
N THR D 470 -15.79 -45.80 21.04
CA THR D 470 -14.57 -46.59 20.85
C THR D 470 -14.60 -47.40 19.56
N GLU D 471 -15.52 -47.10 18.64
CA GLU D 471 -15.62 -47.84 17.40
C GLU D 471 -14.30 -47.79 16.64
N ILE D 472 -13.87 -48.94 16.14
CA ILE D 472 -12.61 -49.01 15.40
C ILE D 472 -12.72 -48.20 14.12
N TYR D 473 -11.62 -47.57 13.74
CA TYR D 473 -11.58 -46.78 12.51
C TYR D 473 -11.39 -47.69 11.32
N GLN D 474 -12.25 -47.54 10.31
CA GLN D 474 -12.22 -48.37 9.10
C GLN D 474 -11.94 -47.46 7.91
N ALA D 475 -10.72 -47.55 7.37
CA ALA D 475 -10.34 -46.74 6.22
C ALA D 475 -10.68 -47.41 4.89
N GLY D 476 -10.88 -48.71 4.87
CA GLY D 476 -11.20 -49.44 3.67
C GLY D 476 -12.65 -49.93 3.66
N SER D 477 -12.96 -50.71 2.62
CA SER D 477 -14.28 -51.29 2.46
C SER D 477 -14.41 -52.65 3.15
N THR D 478 -13.31 -53.23 3.61
CA THR D 478 -13.35 -54.51 4.30
C THR D 478 -13.76 -54.30 5.76
N PRO D 479 -14.81 -54.94 6.25
CA PRO D 479 -15.18 -54.77 7.66
C PRO D 479 -14.02 -55.14 8.58
N CYS D 480 -13.83 -54.32 9.62
CA CYS D 480 -12.74 -54.56 10.55
C CYS D 480 -13.11 -55.57 11.63
N ASN D 481 -14.40 -55.71 11.93
CA ASN D 481 -14.88 -56.65 12.95
C ASN D 481 -14.30 -56.31 14.32
N GLY D 482 -13.96 -55.04 14.55
CA GLY D 482 -13.49 -54.61 15.85
C GLY D 482 -12.08 -55.01 16.18
N VAL D 483 -11.29 -55.45 15.21
CA VAL D 483 -9.90 -55.85 15.44
C VAL D 483 -9.01 -55.09 14.46
N GLU D 484 -7.77 -54.86 14.86
CA GLU D 484 -6.83 -54.14 14.04
C GLU D 484 -6.40 -55.00 12.84
N GLY D 485 -5.92 -54.31 11.81
CA GLY D 485 -5.49 -54.99 10.59
C GLY D 485 -5.33 -53.99 9.46
N PHE D 486 -5.36 -54.51 8.24
CA PHE D 486 -5.25 -53.67 7.06
C PHE D 486 -6.38 -52.66 7.05
N ASN D 487 -6.03 -51.37 6.99
CA ASN D 487 -7.01 -50.29 6.99
C ASN D 487 -7.94 -50.38 8.19
N CYS D 488 -7.38 -50.79 9.34
CA CYS D 488 -8.15 -50.91 10.58
C CYS D 488 -7.25 -50.53 11.74
N TYR D 489 -7.57 -49.44 12.43
CA TYR D 489 -6.78 -48.94 13.53
C TYR D 489 -7.69 -48.56 14.69
N PHE D 490 -7.16 -48.69 15.90
CA PHE D 490 -7.91 -48.33 17.10
C PHE D 490 -7.74 -46.84 17.38
N PRO D 491 -8.80 -46.03 17.34
CA PRO D 491 -8.61 -44.59 17.59
C PRO D 491 -8.05 -44.29 18.98
N LEU D 492 -8.60 -44.91 20.01
CA LEU D 492 -8.18 -44.61 21.38
C LEU D 492 -6.72 -44.99 21.59
N GLN D 493 -5.96 -44.09 22.21
CA GLN D 493 -4.54 -44.31 22.47
C GLN D 493 -4.16 -43.60 23.77
N SER D 494 -3.02 -44.01 24.32
CA SER D 494 -2.52 -43.47 25.58
C SER D 494 -1.28 -42.64 25.33
N TYR D 495 -1.07 -41.65 26.19
CA TYR D 495 0.08 -40.76 26.07
C TYR D 495 1.35 -41.46 26.52
N GLY D 496 2.49 -40.87 26.16
CA GLY D 496 3.78 -41.36 26.58
C GLY D 496 4.34 -40.59 27.77
N PHE D 497 3.46 -39.93 28.52
CA PHE D 497 3.87 -39.11 29.65
C PHE D 497 4.75 -39.91 30.61
N GLN D 498 5.99 -39.48 30.74
CA GLN D 498 6.92 -40.07 31.69
C GLN D 498 7.75 -38.96 32.31
N PRO D 499 8.21 -39.13 33.56
CA PRO D 499 9.08 -38.10 34.15
C PRO D 499 10.39 -37.92 33.42
N THR D 500 10.90 -38.94 32.74
CA THR D 500 12.18 -38.85 32.04
C THR D 500 12.05 -38.38 30.60
N ASN D 501 10.82 -38.22 30.09
CA ASN D 501 10.63 -37.79 28.72
C ASN D 501 11.03 -36.32 28.57
N GLY D 502 11.31 -35.93 27.32
CA GLY D 502 11.69 -34.57 27.04
C GLY D 502 10.51 -33.62 27.10
N VAL D 503 10.82 -32.33 26.98
CA VAL D 503 9.79 -31.29 27.09
C VAL D 503 8.71 -31.49 26.04
N GLY D 504 9.05 -32.08 24.90
CA GLY D 504 8.05 -32.28 23.87
C GLY D 504 6.89 -33.17 24.32
N TYR D 505 7.21 -34.25 25.04
CA TYR D 505 6.19 -35.19 25.49
C TYR D 505 5.68 -34.91 26.90
N GLN D 506 6.21 -33.90 27.58
CA GLN D 506 5.75 -33.61 28.92
C GLN D 506 4.28 -33.17 28.89
N PRO D 507 3.49 -33.58 29.89
CA PRO D 507 2.07 -33.21 29.89
C PRO D 507 1.87 -31.78 30.35
N TYR D 508 0.98 -31.07 29.66
CA TYR D 508 0.57 -29.72 30.05
C TYR D 508 -0.94 -29.70 30.18
N ARG D 509 -1.43 -29.33 31.36
CA ARG D 509 -2.86 -29.24 31.61
C ARG D 509 -3.40 -27.97 30.95
N VAL D 510 -4.43 -28.12 30.12
CA VAL D 510 -4.96 -27.01 29.33
C VAL D 510 -6.41 -26.77 29.75
N VAL D 511 -6.74 -25.48 29.95
CA VAL D 511 -8.09 -25.06 30.30
C VAL D 511 -8.53 -24.00 29.31
N VAL D 512 -9.76 -24.11 28.81
CA VAL D 512 -10.33 -23.19 27.85
C VAL D 512 -11.60 -22.59 28.46
N LEU D 513 -11.72 -21.26 28.37
CA LEU D 513 -12.85 -20.53 28.92
C LEU D 513 -13.69 -19.95 27.78
N SER D 514 -14.99 -20.22 27.81
CA SER D 514 -15.93 -19.67 26.84
C SER D 514 -17.00 -18.89 27.58
N PHE D 515 -17.70 -18.01 26.87
CA PHE D 515 -18.73 -17.19 27.48
C PHE D 515 -19.60 -16.58 26.40
N GLU D 516 -20.69 -15.96 26.83
CA GLU D 516 -21.54 -15.14 25.98
C GLU D 516 -21.62 -13.74 26.57
N LEU D 517 -21.45 -12.75 25.71
CA LEU D 517 -21.34 -11.35 26.14
C LEU D 517 -22.65 -10.63 25.84
N LEU D 518 -23.22 -10.00 26.87
CA LEU D 518 -24.41 -9.17 26.75
C LEU D 518 -25.62 -9.95 26.24
N HIS D 519 -25.59 -11.28 26.35
CA HIS D 519 -26.71 -12.11 25.94
C HIS D 519 -27.56 -12.59 27.11
N ALA D 520 -27.23 -12.18 28.34
CA ALA D 520 -27.95 -12.65 29.52
C ALA D 520 -27.44 -11.89 30.75
N PRO D 521 -28.16 -11.97 31.88
CA PRO D 521 -27.65 -11.34 33.10
C PRO D 521 -26.31 -11.93 33.54
N ALA D 522 -25.48 -11.09 34.13
CA ALA D 522 -24.13 -11.46 34.52
C ALA D 522 -24.20 -12.32 35.79
N THR D 523 -24.14 -13.63 35.61
CA THR D 523 -24.06 -14.57 36.73
C THR D 523 -22.63 -14.76 37.21
N VAL D 524 -21.64 -14.35 36.43
CA VAL D 524 -20.23 -14.39 36.82
C VAL D 524 -19.67 -12.99 36.64
N CYS D 525 -19.23 -12.37 37.73
CA CYS D 525 -18.73 -11.01 37.70
C CYS D 525 -17.49 -10.91 38.57
N GLY D 526 -16.51 -10.13 38.10
CA GLY D 526 -15.26 -9.98 38.80
C GLY D 526 -15.41 -9.17 40.08
N PRO D 527 -14.39 -9.20 40.93
CA PRO D 527 -14.47 -8.46 42.20
C PRO D 527 -14.36 -6.96 42.00
N LYS D 528 -15.37 -6.37 41.37
CA LYS D 528 -15.41 -4.93 41.11
C LYS D 528 -16.48 -4.31 42.00
N LYS D 529 -16.08 -3.34 42.82
CA LYS D 529 -17.02 -2.69 43.72
C LYS D 529 -18.03 -1.84 42.94
N SER D 530 -19.29 -1.93 43.34
CA SER D 530 -20.36 -1.16 42.73
C SER D 530 -20.67 0.07 43.59
N THR D 531 -21.46 0.99 43.04
CA THR D 531 -21.80 2.22 43.73
C THR D 531 -23.29 2.49 43.55
N ASN D 532 -23.74 3.60 44.13
CA ASN D 532 -25.16 3.97 44.08
C ASN D 532 -25.53 4.44 42.69
N LEU D 533 -26.82 4.39 42.39
CA LEU D 533 -27.34 4.81 41.10
C LEU D 533 -27.63 6.31 41.10
N VAL D 534 -27.21 6.98 40.02
CA VAL D 534 -27.39 8.43 39.88
C VAL D 534 -28.14 8.69 38.59
N LYS D 535 -29.16 9.54 38.67
CA LYS D 535 -30.03 9.85 37.55
C LYS D 535 -29.92 11.33 37.19
N ASN D 536 -30.42 11.66 36.00
CA ASN D 536 -30.50 13.03 35.52
C ASN D 536 -29.12 13.68 35.36
N LYS D 537 -28.07 12.86 35.34
CA LYS D 537 -26.71 13.37 35.19
C LYS D 537 -25.96 12.51 34.18
N CYS D 538 -25.06 13.15 33.44
CA CYS D 538 -24.24 12.44 32.47
C CYS D 538 -23.12 11.71 33.18
N VAL D 539 -23.00 10.40 32.92
CA VAL D 539 -22.02 9.55 33.60
C VAL D 539 -21.64 8.42 32.66
N ASN D 540 -20.48 7.82 32.93
CA ASN D 540 -20.03 6.62 32.22
C ASN D 540 -20.54 5.40 32.99
N PHE D 541 -21.48 4.67 32.40
CA PHE D 541 -22.19 3.60 33.09
C PHE D 541 -21.61 2.25 32.72
N ASN D 542 -21.54 1.36 33.70
CA ASN D 542 -21.12 -0.03 33.52
C ASN D 542 -22.22 -0.92 34.08
N PHE D 543 -23.22 -1.22 33.25
CA PHE D 543 -24.37 -2.02 33.67
C PHE D 543 -24.28 -3.39 33.03
N ASN D 544 -24.22 -4.43 33.86
CA ASN D 544 -24.20 -5.81 33.39
C ASN D 544 -23.07 -6.03 32.37
N GLY D 545 -21.92 -5.42 32.60
CA GLY D 545 -20.80 -5.55 31.71
C GLY D 545 -20.87 -4.71 30.45
N LEU D 546 -21.82 -3.78 30.36
CA LEU D 546 -21.99 -2.93 29.19
C LEU D 546 -21.39 -1.56 29.50
N THR D 547 -20.38 -1.17 28.72
CA THR D 547 -19.71 0.11 28.91
C THR D 547 -20.27 1.15 27.95
N GLY D 548 -20.51 2.34 28.48
CA GLY D 548 -21.03 3.43 27.66
C GLY D 548 -21.17 4.68 28.48
N THR D 549 -21.55 5.76 27.80
CA THR D 549 -21.76 7.06 28.42
C THR D 549 -23.12 7.59 28.01
N GLY D 550 -23.82 8.19 28.96
CA GLY D 550 -25.14 8.75 28.68
C GLY D 550 -25.81 9.18 29.97
N VAL D 551 -26.89 9.93 29.79
CA VAL D 551 -27.69 10.40 30.92
C VAL D 551 -28.67 9.32 31.33
N LEU D 552 -28.86 9.17 32.63
CA LEU D 552 -29.76 8.16 33.19
C LEU D 552 -31.02 8.85 33.69
N THR D 553 -32.18 8.33 33.29
CA THR D 553 -33.46 8.89 33.69
C THR D 553 -34.46 7.75 33.85
N GLU D 554 -35.52 8.02 34.61
CA GLU D 554 -36.55 7.03 34.83
C GLU D 554 -37.21 6.65 33.51
N SER D 555 -37.53 5.36 33.37
CA SER D 555 -38.05 4.79 32.14
C SER D 555 -39.54 4.51 32.28
N ASN D 556 -40.31 4.99 31.30
CA ASN D 556 -41.74 4.69 31.23
C ASN D 556 -42.03 3.40 30.47
N LYS D 557 -41.04 2.81 29.82
CA LYS D 557 -41.23 1.56 29.11
C LYS D 557 -41.34 0.40 30.10
N LYS D 558 -42.08 -0.63 29.68
CA LYS D 558 -42.24 -1.84 30.47
C LYS D 558 -41.58 -2.99 29.70
N PHE D 559 -40.63 -3.67 30.34
CA PHE D 559 -39.93 -4.79 29.73
C PHE D 559 -40.46 -6.10 30.31
N LEU D 560 -40.46 -7.13 29.46
CA LEU D 560 -40.88 -8.45 29.91
C LEU D 560 -39.88 -8.98 30.93
N PRO D 561 -40.30 -9.92 31.78
CA PRO D 561 -39.40 -10.38 32.85
C PRO D 561 -38.05 -10.87 32.36
N PHE D 562 -38.03 -11.57 31.22
CA PHE D 562 -36.77 -12.04 30.67
C PHE D 562 -35.99 -10.93 29.98
N GLN D 563 -36.68 -9.93 29.43
CA GLN D 563 -36.00 -8.86 28.71
C GLN D 563 -35.12 -8.05 29.66
N GLN D 564 -33.86 -7.85 29.25
CA GLN D 564 -32.91 -7.12 30.07
C GLN D 564 -32.40 -5.88 29.36
N PHE D 565 -31.92 -6.05 28.12
CA PHE D 565 -31.28 -4.96 27.38
C PHE D 565 -32.20 -4.47 26.28
N GLY D 566 -32.44 -3.16 26.25
CA GLY D 566 -33.21 -2.55 25.19
C GLY D 566 -32.33 -1.86 24.16
N ARG D 567 -32.79 -1.87 22.92
CA ARG D 567 -32.04 -1.30 21.81
C ARG D 567 -32.97 -0.42 20.98
N ASP D 568 -32.40 0.64 20.43
CA ASP D 568 -33.13 1.55 19.57
C ASP D 568 -33.01 1.09 18.12
N ILE D 569 -33.54 1.88 17.19
CA ILE D 569 -33.43 1.56 15.77
C ILE D 569 -31.95 1.45 15.38
N ALA D 570 -31.09 2.23 16.03
CA ALA D 570 -29.65 2.15 15.79
C ALA D 570 -29.03 0.89 16.35
N ASP D 571 -29.77 0.11 17.14
CA ASP D 571 -29.31 -1.09 17.84
C ASP D 571 -28.31 -0.76 18.94
N THR D 572 -28.07 0.50 19.23
CA THR D 572 -27.16 0.88 20.30
C THR D 572 -27.86 0.73 21.66
N THR D 573 -27.17 1.15 22.71
CA THR D 573 -27.72 1.06 24.05
C THR D 573 -28.85 2.07 24.19
N ASP D 574 -30.06 1.58 24.50
CA ASP D 574 -31.23 2.42 24.69
C ASP D 574 -31.72 2.36 26.14
N ALA D 575 -31.96 1.16 26.66
CA ALA D 575 -32.41 0.99 28.04
C ALA D 575 -31.95 -0.37 28.53
N VAL D 576 -31.73 -0.46 29.85
CA VAL D 576 -31.28 -1.69 30.47
C VAL D 576 -31.94 -1.84 31.84
N ARG D 577 -31.75 -2.99 32.47
CA ARG D 577 -32.28 -3.25 33.81
C ARG D 577 -31.15 -3.19 34.82
N ASP D 578 -31.36 -2.43 35.89
CA ASP D 578 -30.36 -2.31 36.94
C ASP D 578 -30.08 -3.67 37.55
N PRO D 579 -28.88 -4.23 37.37
CA PRO D 579 -28.64 -5.60 37.86
C PRO D 579 -28.84 -5.77 39.36
N GLN D 580 -28.48 -4.76 40.16
CA GLN D 580 -28.53 -4.92 41.61
C GLN D 580 -29.98 -4.78 42.12
N THR D 581 -30.58 -3.61 41.91
CA THR D 581 -31.98 -3.38 42.26
C THR D 581 -32.80 -3.39 40.98
N LEU D 582 -33.49 -4.49 40.72
CA LEU D 582 -34.18 -4.68 39.46
C LEU D 582 -35.11 -3.50 39.17
N GLU D 583 -34.81 -2.76 38.11
CA GLU D 583 -35.62 -1.62 37.70
C GLU D 583 -35.27 -1.28 36.26
N ILE D 584 -36.24 -0.71 35.55
CA ILE D 584 -36.07 -0.32 34.16
C ILE D 584 -35.46 1.06 34.11
N LEU D 585 -34.34 1.19 33.38
CA LEU D 585 -33.59 2.43 33.30
C LEU D 585 -33.40 2.80 31.83
N ASP D 586 -33.56 4.08 31.52
CA ASP D 586 -33.31 4.58 30.18
C ASP D 586 -31.96 5.29 30.12
N ILE D 587 -31.28 5.14 28.98
CA ILE D 587 -29.97 5.73 28.76
C ILE D 587 -30.07 6.66 27.56
N THR D 588 -29.61 7.91 27.74
CA THR D 588 -29.61 8.90 26.68
C THR D 588 -28.19 9.39 26.46
N PRO D 589 -27.62 9.23 25.26
CA PRO D 589 -26.25 9.72 25.03
C PRO D 589 -26.14 11.22 25.28
N CYS D 590 -25.00 11.62 25.81
CA CYS D 590 -24.74 13.01 26.16
C CYS D 590 -24.30 13.78 24.92
N SER D 591 -23.80 15.01 25.13
CA SER D 591 -23.32 15.86 24.04
C SER D 591 -24.44 16.18 23.05
N PHE D 592 -25.44 16.87 23.57
CA PHE D 592 -26.59 17.30 22.77
C PHE D 592 -26.18 18.45 21.86
N GLY D 593 -26.45 18.31 20.56
CA GLY D 593 -26.25 19.39 19.62
C GLY D 593 -24.78 19.72 19.41
N GLY D 594 -24.55 20.80 18.65
CA GLY D 594 -23.24 21.29 18.35
C GLY D 594 -23.02 22.70 18.85
N VAL D 595 -21.93 23.30 18.38
CA VAL D 595 -21.55 24.66 18.77
C VAL D 595 -21.26 25.47 17.51
N SER D 596 -21.80 26.68 17.46
CA SER D 596 -21.58 27.59 16.34
C SER D 596 -21.08 28.92 16.87
N VAL D 597 -20.29 29.60 16.06
CA VAL D 597 -19.61 30.84 16.44
C VAL D 597 -20.10 31.97 15.54
N ILE D 598 -20.43 33.10 16.16
CA ILE D 598 -20.86 34.30 15.46
C ILE D 598 -19.90 35.42 15.81
N THR D 599 -19.16 35.91 14.83
CA THR D 599 -18.19 36.98 15.02
C THR D 599 -18.23 37.92 13.82
N PRO D 600 -17.96 39.22 14.03
CA PRO D 600 -17.85 40.13 12.88
C PRO D 600 -16.51 40.00 12.17
N GLY D 601 -16.26 40.88 11.20
CA GLY D 601 -14.99 40.84 10.51
C GLY D 601 -13.82 41.07 11.46
N THR D 602 -12.67 40.49 11.09
CA THR D 602 -11.50 40.59 11.96
C THR D 602 -11.10 42.05 12.20
N ASN D 603 -11.28 42.91 11.20
CA ASN D 603 -10.95 44.33 11.33
C ASN D 603 -12.05 45.13 12.00
N THR D 604 -13.19 44.51 12.32
CA THR D 604 -14.32 45.24 12.93
C THR D 604 -14.24 45.16 14.46
N SER D 605 -14.26 43.94 15.00
CA SER D 605 -14.21 43.76 16.44
C SER D 605 -13.94 42.28 16.73
N ASN D 606 -13.43 42.03 17.94
CA ASN D 606 -13.12 40.68 18.39
C ASN D 606 -14.24 40.07 19.21
N GLN D 607 -15.34 40.79 19.45
CA GLN D 607 -16.45 40.24 20.21
C GLN D 607 -17.09 39.09 19.44
N VAL D 608 -17.49 38.06 20.17
CA VAL D 608 -18.07 36.85 19.58
C VAL D 608 -19.30 36.45 20.37
N ALA D 609 -20.16 35.67 19.72
CA ALA D 609 -21.36 35.12 20.34
C ALA D 609 -21.42 33.62 20.05
N VAL D 610 -21.66 32.83 21.08
CA VAL D 610 -21.65 31.38 20.97
C VAL D 610 -23.09 30.89 20.81
N LEU D 611 -23.29 29.95 19.90
CA LEU D 611 -24.60 29.37 19.62
C LEU D 611 -24.50 27.86 19.82
N TYR D 612 -25.41 27.31 20.62
CA TYR D 612 -25.49 25.87 20.85
C TYR D 612 -26.70 25.34 20.09
N GLN D 613 -26.45 24.51 19.08
CA GLN D 613 -27.50 24.09 18.16
C GLN D 613 -28.44 23.09 18.82
N ASP D 614 -29.74 23.31 18.65
CA ASP D 614 -30.78 22.34 19.03
C ASP D 614 -30.63 21.92 20.50
N VAL D 615 -30.37 22.89 21.36
CA VAL D 615 -30.27 22.65 22.80
C VAL D 615 -30.69 23.90 23.54
N ASN D 616 -31.35 23.71 24.68
CA ASN D 616 -31.74 24.83 25.51
C ASN D 616 -30.56 25.33 26.33
N CYS D 617 -30.68 26.56 26.82
CA CYS D 617 -29.62 27.15 27.63
C CYS D 617 -29.55 26.48 28.98
N THR D 618 -28.55 25.62 29.17
CA THR D 618 -28.42 24.85 30.41
C THR D 618 -27.17 25.26 31.18
N GLU D 619 -26.01 25.22 30.53
CA GLU D 619 -24.76 25.55 31.21
C GLU D 619 -24.60 27.05 31.39
N VAL D 620 -24.58 27.78 30.27
CA VAL D 620 -24.40 29.24 30.27
C VAL D 620 -23.44 29.69 31.37
N ASN D 641 -26.38 37.93 29.14
CA ASN D 641 -26.86 37.94 27.76
C ASN D 641 -27.21 36.52 27.32
N VAL D 642 -28.25 35.95 27.91
CA VAL D 642 -28.70 34.61 27.60
C VAL D 642 -30.10 34.73 27.00
N PHE D 643 -30.25 34.26 25.76
CA PHE D 643 -31.53 34.25 25.07
C PHE D 643 -31.69 32.92 24.35
N GLN D 644 -32.95 32.52 24.15
CA GLN D 644 -33.27 31.22 23.57
C GLN D 644 -34.07 31.41 22.29
N THR D 645 -33.79 30.56 21.31
CA THR D 645 -34.51 30.55 20.04
C THR D 645 -34.56 29.12 19.53
N ARG D 646 -35.39 28.90 18.51
CA ARG D 646 -35.55 27.54 17.97
C ARG D 646 -34.23 27.03 17.39
N ALA D 647 -33.45 27.90 16.76
CA ALA D 647 -32.18 27.48 16.20
C ALA D 647 -31.24 26.93 17.26
N GLY D 648 -31.36 27.42 18.48
CA GLY D 648 -30.53 26.95 19.57
C GLY D 648 -30.38 28.02 20.63
N CYS D 649 -29.45 27.79 21.54
CA CYS D 649 -29.15 28.73 22.62
C CYS D 649 -28.01 29.65 22.17
N LEU D 650 -28.31 30.94 22.07
CA LEU D 650 -27.34 31.95 21.66
C LEU D 650 -27.01 32.82 22.88
N ILE D 651 -25.72 33.09 23.08
CA ILE D 651 -25.25 33.90 24.19
C ILE D 651 -24.29 34.95 23.66
N GLY D 652 -24.20 36.07 24.40
CA GLY D 652 -23.33 37.16 24.03
C GLY D 652 -23.94 38.15 23.05
N ALA D 653 -25.15 37.90 22.57
CA ALA D 653 -25.82 38.77 21.62
C ALA D 653 -27.10 39.32 22.23
N GLU D 654 -27.27 40.63 22.12
CA GLU D 654 -28.44 41.31 22.64
C GLU D 654 -29.58 41.23 21.62
N HIS D 655 -30.78 40.92 22.12
CA HIS D 655 -31.96 40.79 21.27
C HIS D 655 -32.57 42.15 21.03
N VAL D 656 -32.80 42.47 19.75
CA VAL D 656 -33.41 43.73 19.34
C VAL D 656 -34.72 43.39 18.64
N ASN D 657 -35.83 43.94 19.16
CA ASN D 657 -37.13 43.69 18.54
C ASN D 657 -37.20 44.27 17.14
N ASN D 658 -36.66 45.47 16.94
CA ASN D 658 -36.70 46.09 15.62
C ASN D 658 -35.94 45.23 14.61
N SER D 659 -36.56 45.00 13.45
CA SER D 659 -36.01 44.09 12.47
C SER D 659 -35.13 44.81 11.47
N TYR D 660 -34.02 44.16 11.09
CA TYR D 660 -33.03 44.70 10.18
C TYR D 660 -32.68 43.64 9.13
N GLU D 661 -32.02 44.10 8.07
CA GLU D 661 -31.56 43.18 7.02
C GLU D 661 -30.54 42.20 7.57
N CYS D 662 -30.58 40.97 7.08
CA CYS D 662 -29.67 39.94 7.56
C CYS D 662 -28.23 40.33 7.32
N ASP D 663 -27.40 40.16 8.35
CA ASP D 663 -25.96 40.42 8.23
C ASP D 663 -25.19 39.12 8.47
N ILE D 664 -25.46 38.41 9.55
CA ILE D 664 -24.81 37.12 9.84
C ILE D 664 -25.91 36.09 10.05
N PRO D 665 -26.02 35.06 9.21
CA PRO D 665 -27.10 34.08 9.39
C PRO D 665 -26.94 33.31 10.69
N ILE D 666 -28.08 32.93 11.28
CA ILE D 666 -28.09 32.13 12.50
C ILE D 666 -28.94 30.89 12.25
N GLY D 667 -30.17 31.10 11.78
CA GLY D 667 -31.12 30.03 11.57
C GLY D 667 -32.44 30.31 12.29
N ALA D 668 -33.47 29.59 11.86
CA ALA D 668 -34.81 29.74 12.41
C ALA D 668 -35.34 31.16 12.26
N GLY D 669 -34.94 31.83 11.18
CA GLY D 669 -35.44 33.17 10.91
C GLY D 669 -34.78 34.27 11.73
N ILE D 670 -33.55 34.07 12.18
CA ILE D 670 -32.85 35.04 12.99
C ILE D 670 -31.49 35.34 12.35
N CYS D 671 -31.11 36.62 12.38
CA CYS D 671 -29.82 37.05 11.89
C CYS D 671 -29.20 38.01 12.89
N ALA D 672 -27.87 38.03 12.95
CA ALA D 672 -27.12 38.90 13.85
C ALA D 672 -26.29 39.89 13.05
N SER D 673 -26.03 41.03 13.68
CA SER D 673 -25.21 42.08 13.08
C SER D 673 -24.45 42.81 14.17
N TYR D 674 -23.36 43.47 13.77
CA TYR D 674 -22.55 44.26 14.68
C TYR D 674 -22.88 45.72 14.44
N GLN D 675 -23.61 46.33 15.38
CA GLN D 675 -24.10 47.70 15.23
C GLN D 675 -24.08 48.38 16.57
N THR D 676 -24.27 49.70 16.55
CA THR D 676 -24.32 50.50 17.76
C THR D 676 -25.43 50.02 18.69
N SER D 689 -19.25 51.93 21.10
CA SER D 689 -20.54 51.53 21.66
C SER D 689 -21.27 50.59 20.71
N GLN D 690 -20.51 49.71 20.06
CA GLN D 690 -21.05 48.75 19.11
C GLN D 690 -20.85 47.33 19.63
N SER D 691 -21.85 46.48 19.44
CA SER D 691 -21.79 45.10 19.91
C SER D 691 -22.72 44.25 19.06
N ILE D 692 -22.49 42.94 19.11
CA ILE D 692 -23.33 42.02 18.36
C ILE D 692 -24.75 42.06 18.90
N ILE D 693 -25.73 42.03 17.99
CA ILE D 693 -27.14 42.08 18.34
C ILE D 693 -27.89 41.03 17.54
N ALA D 694 -28.94 40.49 18.14
CA ALA D 694 -29.81 39.51 17.52
C ALA D 694 -31.17 40.12 17.27
N TYR D 695 -31.77 39.75 16.13
CA TYR D 695 -33.05 40.33 15.72
C TYR D 695 -33.72 39.39 14.75
N THR D 696 -35.04 39.57 14.61
CA THR D 696 -35.79 38.84 13.59
C THR D 696 -35.40 39.36 12.21
N MET D 697 -34.96 38.45 11.35
CA MET D 697 -34.44 38.85 10.04
C MET D 697 -35.53 39.53 9.23
N SER D 698 -35.18 40.68 8.65
CA SER D 698 -36.15 41.52 7.96
C SER D 698 -36.55 40.93 6.62
N LEU D 699 -37.86 40.89 6.36
CA LEU D 699 -38.40 40.38 5.12
C LEU D 699 -38.37 41.41 3.99
N GLY D 700 -37.90 42.62 4.27
CA GLY D 700 -37.91 43.70 3.32
C GLY D 700 -38.84 44.83 3.75
N ALA D 701 -38.61 46.00 3.16
CA ALA D 701 -39.42 47.17 3.50
C ALA D 701 -40.88 46.90 3.22
N GLU D 702 -41.74 47.20 4.20
CA GLU D 702 -43.17 46.96 4.05
C GLU D 702 -43.78 48.02 3.13
N ASN D 703 -44.53 47.55 2.13
CA ASN D 703 -45.19 48.43 1.18
C ASN D 703 -46.63 47.97 1.00
N SER D 704 -47.58 48.83 1.38
CA SER D 704 -49.00 48.54 1.22
C SER D 704 -49.47 49.19 -0.08
N VAL D 705 -49.86 48.37 -1.05
CA VAL D 705 -50.25 48.85 -2.37
C VAL D 705 -51.78 48.95 -2.38
N ALA D 706 -52.28 50.18 -2.39
CA ALA D 706 -53.72 50.39 -2.54
C ALA D 706 -54.16 49.96 -3.93
N TYR D 707 -55.40 49.48 -4.02
CA TYR D 707 -55.95 48.98 -5.28
C TYR D 707 -57.24 49.74 -5.61
N SER D 708 -57.38 50.11 -6.88
CA SER D 708 -58.58 50.77 -7.35
C SER D 708 -58.76 50.48 -8.83
N ASN D 709 -60.00 50.24 -9.24
CA ASN D 709 -60.26 49.87 -10.63
C ASN D 709 -60.02 51.05 -11.57
N ASN D 710 -60.32 52.27 -11.14
CA ASN D 710 -60.23 53.44 -11.98
C ASN D 710 -58.88 54.16 -11.88
N SER D 711 -57.93 53.61 -11.14
CA SER D 711 -56.62 54.23 -10.94
C SER D 711 -55.53 53.32 -11.48
N ILE D 712 -54.47 53.93 -11.99
CA ILE D 712 -53.31 53.19 -12.49
C ILE D 712 -52.08 54.09 -12.34
N ALA D 713 -50.92 53.45 -12.17
CA ALA D 713 -49.64 54.14 -12.03
C ALA D 713 -48.79 53.84 -13.26
N ILE D 714 -48.29 54.89 -13.90
CA ILE D 714 -47.47 54.75 -15.10
C ILE D 714 -46.16 55.48 -14.87
N PRO D 715 -45.03 54.96 -15.37
CA PRO D 715 -43.75 55.67 -15.17
C PRO D 715 -43.71 56.98 -15.92
N THR D 716 -43.52 58.07 -15.18
CA THR D 716 -43.27 59.38 -15.77
C THR D 716 -41.79 59.63 -16.03
N ASN D 717 -40.92 58.75 -15.54
CA ASN D 717 -39.49 58.85 -15.79
C ASN D 717 -38.91 57.45 -15.71
N PHE D 718 -37.75 57.27 -16.35
CA PHE D 718 -37.09 55.98 -16.39
C PHE D 718 -35.57 56.18 -16.37
N THR D 719 -34.87 55.15 -15.89
CA THR D 719 -33.42 55.15 -15.84
C THR D 719 -32.92 53.80 -16.34
N ILE D 720 -31.95 53.84 -17.23
CA ILE D 720 -31.34 52.61 -17.75
C ILE D 720 -30.22 52.20 -16.81
N SER D 721 -30.42 51.08 -16.12
CA SER D 721 -29.46 50.57 -15.13
C SER D 721 -28.80 49.30 -15.64
N VAL D 722 -27.52 49.17 -15.34
CA VAL D 722 -26.71 48.02 -15.74
C VAL D 722 -26.51 47.15 -14.51
N THR D 723 -27.03 45.93 -14.55
CA THR D 723 -26.88 44.98 -13.46
C THR D 723 -25.69 44.09 -13.73
N THR D 724 -24.72 44.10 -12.82
CA THR D 724 -23.49 43.34 -12.97
C THR D 724 -23.70 41.93 -12.45
N GLU D 725 -23.96 40.99 -13.37
CA GLU D 725 -24.11 39.58 -13.04
C GLU D 725 -22.92 38.80 -13.56
N ILE D 726 -22.33 37.99 -12.69
CA ILE D 726 -21.19 37.16 -13.02
C ILE D 726 -21.61 35.70 -12.83
N LEU D 727 -20.83 34.77 -13.38
CA LEU D 727 -21.05 33.36 -13.19
C LEU D 727 -19.73 32.63 -13.38
N PRO D 728 -19.55 31.48 -12.73
CA PRO D 728 -18.36 30.67 -13.02
C PRO D 728 -18.57 29.81 -14.26
N VAL D 729 -17.48 29.58 -14.98
CA VAL D 729 -17.52 28.78 -16.20
C VAL D 729 -16.56 27.61 -16.08
N SER D 730 -15.28 27.89 -15.93
CA SER D 730 -14.23 26.88 -15.98
C SER D 730 -13.61 26.67 -14.61
N MET D 731 -12.72 25.69 -14.53
CA MET D 731 -11.97 25.38 -13.32
C MET D 731 -10.49 25.35 -13.63
N THR D 732 -9.70 24.99 -12.62
CA THR D 732 -8.27 24.75 -12.84
C THR D 732 -8.05 23.31 -13.27
N LYS D 733 -7.87 23.12 -14.57
CA LYS D 733 -7.70 21.78 -15.13
C LYS D 733 -6.50 21.11 -14.47
N THR D 734 -6.73 19.98 -13.82
CA THR D 734 -5.70 19.27 -13.08
C THR D 734 -5.69 17.80 -13.49
N SER D 735 -4.51 17.20 -13.53
CA SER D 735 -4.33 15.80 -13.88
C SER D 735 -3.43 15.17 -12.82
N VAL D 736 -4.05 14.48 -11.86
CA VAL D 736 -3.32 13.81 -10.78
C VAL D 736 -2.90 12.44 -11.26
N ASP D 737 -1.62 12.11 -11.08
CA ASP D 737 -1.09 10.80 -11.44
C ASP D 737 -1.19 9.88 -10.24
N CYS D 738 -2.17 8.98 -10.27
CA CYS D 738 -2.36 8.04 -9.15
C CYS D 738 -1.26 7.00 -9.06
N THR D 739 -0.56 6.71 -10.15
CA THR D 739 0.57 5.80 -10.08
C THR D 739 1.68 6.36 -9.19
N MET D 740 1.96 7.65 -9.32
CA MET D 740 3.02 8.28 -8.52
C MET D 740 2.50 8.82 -7.20
N TYR D 741 1.26 9.32 -7.19
CA TYR D 741 0.70 9.86 -5.96
C TYR D 741 0.63 8.79 -4.87
N ILE D 742 0.12 7.61 -5.22
CA ILE D 742 0.02 6.53 -4.26
C ILE D 742 1.41 6.04 -3.87
N CYS D 743 2.28 5.84 -4.86
CA CYS D 743 3.60 5.26 -4.66
C CYS D 743 4.64 6.24 -5.18
N GLY D 744 5.54 6.69 -4.29
CA GLY D 744 6.56 7.64 -4.68
C GLY D 744 7.94 7.00 -4.65
N ASP D 745 8.55 6.83 -5.82
CA ASP D 745 9.90 6.28 -5.93
C ASP D 745 9.99 4.93 -5.23
N SER D 746 9.00 4.07 -5.44
CA SER D 746 8.94 2.76 -4.80
C SER D 746 8.47 1.74 -5.82
N THR D 747 9.09 0.55 -5.80
CA THR D 747 8.74 -0.51 -6.74
C THR D 747 7.77 -1.50 -6.12
N GLU D 748 8.00 -1.90 -4.87
CA GLU D 748 7.07 -2.81 -4.20
C GLU D 748 5.69 -2.18 -4.06
N CYS D 749 5.64 -0.88 -3.77
CA CYS D 749 4.36 -0.20 -3.72
C CYS D 749 3.67 -0.23 -5.08
N SER D 750 4.43 -0.04 -6.16
CA SER D 750 3.85 -0.12 -7.49
C SER D 750 3.29 -1.51 -7.77
N ASN D 751 4.03 -2.55 -7.37
CA ASN D 751 3.54 -3.91 -7.56
C ASN D 751 2.25 -4.14 -6.77
N LEU D 752 2.20 -3.65 -5.54
CA LEU D 752 0.98 -3.78 -4.75
C LEU D 752 -0.18 -3.03 -5.38
N LEU D 753 0.07 -1.83 -5.91
CA LEU D 753 -0.98 -1.07 -6.58
C LEU D 753 -1.49 -1.82 -7.81
N LEU D 754 -0.58 -2.46 -8.55
CA LEU D 754 -1.00 -3.21 -9.73
C LEU D 754 -2.00 -4.31 -9.37
N GLN D 755 -1.98 -4.77 -8.12
CA GLN D 755 -2.94 -5.78 -7.69
C GLN D 755 -4.37 -5.30 -7.76
N TYR D 756 -4.60 -3.99 -7.75
CA TYR D 756 -5.94 -3.43 -7.86
C TYR D 756 -6.42 -3.32 -9.30
N GLY D 757 -5.57 -3.66 -10.27
CA GLY D 757 -6.01 -3.69 -11.65
C GLY D 757 -5.92 -2.32 -12.30
N SER D 758 -7.04 -1.91 -12.90
CA SER D 758 -7.10 -0.70 -13.71
C SER D 758 -7.61 0.51 -12.95
N PHE D 759 -7.75 0.42 -11.62
CA PHE D 759 -8.40 1.47 -10.86
C PHE D 759 -7.67 2.80 -11.02
N CYS D 760 -6.35 2.77 -10.96
CA CYS D 760 -5.56 3.98 -11.24
C CYS D 760 -5.85 4.49 -12.64
N THR D 761 -5.93 3.58 -13.60
CA THR D 761 -6.30 3.98 -14.95
C THR D 761 -7.72 4.54 -14.99
N GLN D 762 -8.60 4.05 -14.11
CA GLN D 762 -9.94 4.62 -14.03
C GLN D 762 -9.89 6.06 -13.56
N LEU D 763 -9.10 6.35 -12.52
CA LEU D 763 -8.96 7.73 -12.06
C LEU D 763 -8.38 8.61 -13.16
N ASN D 764 -7.40 8.07 -13.90
CA ASN D 764 -6.81 8.83 -15.00
C ASN D 764 -7.82 9.12 -16.09
N ARG D 765 -8.57 8.11 -16.51
CA ARG D 765 -9.59 8.32 -17.55
C ARG D 765 -10.62 9.31 -17.07
N ALA D 766 -10.99 9.25 -15.78
CA ALA D 766 -11.85 10.29 -15.22
C ALA D 766 -11.25 11.67 -15.45
N LEU D 767 -10.09 11.93 -14.86
CA LEU D 767 -9.54 13.29 -14.91
C LEU D 767 -9.42 13.78 -16.35
N THR D 768 -9.11 12.90 -17.30
CA THR D 768 -9.09 13.33 -18.70
C THR D 768 -10.50 13.63 -19.21
N GLY D 769 -11.50 12.87 -18.76
CA GLY D 769 -12.87 13.19 -19.12
C GLY D 769 -13.28 14.57 -18.63
N ILE D 770 -12.92 14.89 -17.38
CA ILE D 770 -13.19 16.21 -16.84
C ILE D 770 -12.45 17.28 -17.64
N ALA D 771 -11.19 17.02 -18.01
CA ALA D 771 -10.46 17.99 -18.81
C ALA D 771 -11.14 18.25 -20.15
N VAL D 772 -11.55 17.19 -20.84
CA VAL D 772 -12.14 17.35 -22.17
C VAL D 772 -13.51 18.01 -22.07
N GLU D 773 -14.30 17.65 -21.05
CA GLU D 773 -15.60 18.31 -20.90
C GLU D 773 -15.43 19.77 -20.49
N GLN D 774 -14.38 20.11 -19.74
CA GLN D 774 -14.12 21.52 -19.44
C GLN D 774 -13.76 22.28 -20.71
N ASP D 775 -12.93 21.66 -21.57
CA ASP D 775 -12.63 22.29 -22.85
C ASP D 775 -13.91 22.48 -23.67
N LYS D 776 -14.78 21.48 -23.70
CA LYS D 776 -16.07 21.66 -24.37
C LYS D 776 -16.82 22.83 -23.76
N ASN D 777 -17.04 22.80 -22.44
CA ASN D 777 -17.64 23.93 -21.74
C ASN D 777 -17.15 25.25 -22.31
N THR D 778 -15.83 25.44 -22.36
CA THR D 778 -15.29 26.68 -22.91
C THR D 778 -15.78 26.89 -24.34
N GLN D 779 -15.73 25.84 -25.17
CA GLN D 779 -16.11 25.98 -26.57
C GLN D 779 -17.55 26.45 -26.72
N GLU D 780 -18.49 25.74 -26.08
CA GLU D 780 -19.90 26.14 -26.20
C GLU D 780 -20.20 27.50 -25.57
N VAL D 781 -19.65 27.80 -24.39
CA VAL D 781 -20.12 28.97 -23.66
C VAL D 781 -19.46 30.24 -24.21
N PHE D 782 -18.19 30.15 -24.60
CA PHE D 782 -17.48 31.35 -25.04
C PHE D 782 -17.58 31.56 -26.54
N ALA D 783 -17.68 30.47 -27.32
CA ALA D 783 -17.76 30.57 -28.78
C ALA D 783 -19.21 30.38 -29.21
N GLN D 784 -19.78 31.42 -29.83
CA GLN D 784 -21.13 31.39 -30.35
C GLN D 784 -21.21 31.85 -31.80
N VAL D 785 -20.13 32.40 -32.35
CA VAL D 785 -20.10 32.91 -33.72
C VAL D 785 -18.86 32.34 -34.40
N LYS D 786 -18.92 32.29 -35.73
CA LYS D 786 -17.88 31.71 -36.55
C LYS D 786 -16.84 32.72 -37.02
N GLN D 787 -16.92 33.97 -36.57
CA GLN D 787 -16.03 35.02 -37.03
C GLN D 787 -15.72 35.96 -35.88
N ILE D 788 -14.72 36.82 -36.10
CA ILE D 788 -14.28 37.83 -35.13
C ILE D 788 -14.70 39.19 -35.67
N TYR D 789 -15.44 39.94 -34.86
CA TYR D 789 -15.93 41.24 -35.26
C TYR D 789 -15.16 42.35 -34.53
N LYS D 790 -14.73 43.34 -35.30
CA LYS D 790 -13.96 44.46 -34.77
C LYS D 790 -14.61 45.78 -35.16
N THR D 791 -14.64 46.71 -34.19
CA THR D 791 -15.23 48.01 -34.44
C THR D 791 -14.35 48.82 -35.39
N PRO D 792 -14.93 49.75 -36.14
CA PRO D 792 -14.13 50.56 -37.07
C PRO D 792 -13.20 51.49 -36.31
N PRO D 793 -12.14 51.98 -36.95
CA PRO D 793 -11.22 52.89 -36.25
C PRO D 793 -11.91 54.15 -35.74
N ILE D 794 -12.91 54.65 -36.46
CA ILE D 794 -13.69 55.80 -36.01
C ILE D 794 -14.85 55.26 -35.19
N LYS D 795 -14.86 55.56 -33.89
CA LYS D 795 -15.84 55.03 -32.96
C LYS D 795 -16.97 56.05 -32.80
N ASP D 796 -18.15 55.70 -33.30
CA ASP D 796 -19.36 56.51 -33.13
C ASP D 796 -20.48 55.57 -32.70
N PHE D 797 -20.78 55.56 -31.42
CA PHE D 797 -21.66 54.55 -30.83
C PHE D 797 -23.02 55.10 -30.42
N GLY D 798 -23.44 56.23 -30.99
CA GLY D 798 -24.76 56.78 -30.71
C GLY D 798 -24.91 57.41 -29.35
N GLY D 799 -23.82 57.80 -28.70
CA GLY D 799 -23.85 58.42 -27.39
C GLY D 799 -23.22 57.60 -26.30
N PHE D 800 -23.35 56.27 -26.34
CA PHE D 800 -22.74 55.42 -25.32
C PHE D 800 -21.22 55.45 -25.47
N ASN D 801 -20.54 55.21 -24.35
CA ASN D 801 -19.09 55.15 -24.30
C ASN D 801 -18.68 53.72 -23.94
N PHE D 802 -18.33 52.94 -24.95
CA PHE D 802 -17.92 51.55 -24.76
C PHE D 802 -16.42 51.38 -24.61
N SER D 803 -15.67 52.48 -24.53
CA SER D 803 -14.22 52.37 -24.37
C SER D 803 -13.85 51.60 -23.11
N GLN D 804 -14.58 51.83 -22.02
CA GLN D 804 -14.30 51.12 -20.78
C GLN D 804 -14.54 49.61 -20.91
N ILE D 805 -15.41 49.20 -21.85
CA ILE D 805 -15.72 47.79 -22.00
C ILE D 805 -15.03 47.14 -23.19
N LEU D 806 -14.57 47.93 -24.16
CA LEU D 806 -13.90 47.39 -25.34
C LEU D 806 -12.41 47.19 -25.06
N PRO D 807 -11.76 46.28 -25.78
CA PRO D 807 -10.33 46.03 -25.52
C PRO D 807 -9.50 47.29 -25.72
N ASP D 808 -8.46 47.41 -24.91
CA ASP D 808 -7.53 48.53 -25.02
C ASP D 808 -6.35 48.10 -25.88
N PRO D 809 -6.19 48.66 -27.10
CA PRO D 809 -5.06 48.22 -27.94
C PRO D 809 -3.70 48.55 -27.35
N SER D 810 -3.60 49.54 -26.47
CA SER D 810 -2.33 49.91 -25.87
C SER D 810 -1.73 48.80 -25.02
N LYS D 811 -2.54 48.08 -24.24
CA LYS D 811 -2.04 47.01 -23.39
C LYS D 811 -1.49 45.87 -24.25
N PRO D 812 -0.37 45.26 -23.85
CA PRO D 812 0.12 44.11 -24.62
C PRO D 812 -0.89 42.99 -24.73
N SER D 813 -1.68 42.79 -23.69
CA SER D 813 -2.75 41.79 -23.69
C SER D 813 -4.08 42.48 -23.98
N LYS D 814 -4.75 42.02 -25.03
CA LYS D 814 -6.02 42.62 -25.44
C LYS D 814 -7.06 42.40 -24.37
N ARG D 815 -7.43 43.48 -23.67
CA ARG D 815 -8.39 43.41 -22.59
C ARG D 815 -8.87 44.82 -22.30
N SER D 816 -10.17 44.94 -21.99
CA SER D 816 -10.75 46.24 -21.68
C SER D 816 -10.39 46.63 -20.25
N PHE D 817 -10.78 47.84 -19.86
CA PHE D 817 -10.47 48.33 -18.52
C PHE D 817 -11.14 47.48 -17.46
N ILE D 818 -12.33 46.92 -17.76
CA ILE D 818 -13.00 46.07 -16.79
C ILE D 818 -12.27 44.74 -16.63
N GLU D 819 -11.85 44.12 -17.74
CA GLU D 819 -11.13 42.86 -17.65
C GLU D 819 -9.87 43.00 -16.81
N ASP D 820 -9.26 44.19 -16.78
CA ASP D 820 -8.13 44.41 -15.88
C ASP D 820 -8.51 44.06 -14.45
N LEU D 821 -9.62 44.62 -13.97
CA LEU D 821 -10.09 44.35 -12.61
C LEU D 821 -10.53 42.90 -12.45
N LEU D 822 -11.25 42.36 -13.44
CA LEU D 822 -11.73 40.98 -13.32
C LEU D 822 -10.56 40.01 -13.19
N PHE D 823 -9.46 40.29 -13.88
CA PHE D 823 -8.31 39.38 -13.82
C PHE D 823 -7.46 39.64 -12.59
N ASN D 824 -7.32 40.90 -12.17
CA ASN D 824 -6.47 41.21 -11.04
C ASN D 824 -7.11 40.82 -9.71
N LYS D 825 -8.39 41.09 -9.54
CA LYS D 825 -9.07 40.84 -8.26
C LYS D 825 -9.36 39.37 -8.00
N VAL D 826 -9.29 38.53 -9.02
CA VAL D 826 -9.55 37.09 -8.88
C VAL D 826 -8.20 36.38 -8.89
N THR D 827 -7.90 35.69 -7.80
CA THR D 827 -6.63 34.98 -7.66
C THR D 827 -6.83 33.65 -6.96
N LEU D 849 0.36 25.80 -2.43
CA LEU D 849 0.25 26.75 -3.52
C LEU D 849 0.12 26.02 -4.86
N ILE D 850 -0.83 26.45 -5.68
CA ILE D 850 -1.07 25.78 -6.96
C ILE D 850 0.17 25.85 -7.83
N CYS D 851 0.90 26.95 -7.78
CA CYS D 851 2.12 27.07 -8.58
C CYS D 851 3.13 25.99 -8.22
N ALA D 852 3.28 25.73 -6.92
CA ALA D 852 4.23 24.71 -6.47
C ALA D 852 3.61 23.32 -6.40
N GLN D 853 2.29 23.24 -6.27
CA GLN D 853 1.63 21.95 -6.16
C GLN D 853 1.76 21.11 -7.41
N LYS D 854 1.99 21.72 -8.57
CA LYS D 854 2.04 20.96 -9.82
C LYS D 854 3.30 20.10 -9.93
N PHE D 855 4.26 20.27 -9.03
CA PHE D 855 5.46 19.44 -9.01
C PHE D 855 5.36 18.28 -8.03
N ASN D 856 4.23 18.11 -7.35
CA ASN D 856 4.07 17.08 -6.34
C ASN D 856 3.40 15.82 -6.88
N GLY D 857 3.25 15.70 -8.20
CA GLY D 857 2.65 14.54 -8.82
C GLY D 857 1.38 14.84 -9.58
N LEU D 858 0.87 16.07 -9.52
CA LEU D 858 -0.33 16.45 -10.26
C LEU D 858 0.05 17.48 -11.32
N THR D 859 -0.61 17.40 -12.47
CA THR D 859 -0.32 18.27 -13.60
C THR D 859 -1.50 19.20 -13.82
N VAL D 860 -1.22 20.51 -13.84
CA VAL D 860 -2.25 21.52 -14.07
C VAL D 860 -2.25 21.84 -15.56
N LEU D 861 -3.19 21.25 -16.29
CA LEU D 861 -3.24 21.45 -17.73
C LEU D 861 -3.76 22.85 -18.06
N PRO D 862 -3.12 23.57 -18.98
CA PRO D 862 -3.63 24.90 -19.36
C PRO D 862 -4.92 24.76 -20.15
N PRO D 863 -5.79 25.76 -20.11
CA PRO D 863 -7.02 25.69 -20.92
C PRO D 863 -6.72 25.80 -22.41
N LEU D 864 -7.63 25.24 -23.21
CA LEU D 864 -7.43 25.26 -24.65
C LEU D 864 -7.42 26.69 -25.18
N LEU D 865 -8.27 27.56 -24.65
CA LEU D 865 -8.34 28.95 -25.06
C LEU D 865 -7.62 29.80 -24.02
N THR D 866 -6.65 30.59 -24.48
CA THR D 866 -5.89 31.45 -23.58
C THR D 866 -6.71 32.69 -23.21
N ASP D 867 -6.26 33.37 -22.16
CA ASP D 867 -6.98 34.55 -21.67
C ASP D 867 -7.08 35.62 -22.74
N GLU D 868 -6.00 35.86 -23.48
CA GLU D 868 -6.04 36.82 -24.58
C GLU D 868 -7.05 36.38 -25.64
N MET D 869 -7.09 35.09 -25.94
CA MET D 869 -8.02 34.60 -26.95
C MET D 869 -9.46 34.63 -26.45
N ILE D 870 -9.67 34.44 -25.15
CA ILE D 870 -10.98 34.66 -24.56
C ILE D 870 -11.40 36.12 -24.72
N ALA D 871 -10.48 37.03 -24.44
CA ALA D 871 -10.77 38.44 -24.64
C ALA D 871 -11.06 38.73 -26.11
N GLN D 872 -10.43 37.99 -27.02
CA GLN D 872 -10.76 38.13 -28.44
C GLN D 872 -12.19 37.73 -28.75
N TYR D 873 -12.68 36.61 -28.20
CA TYR D 873 -14.09 36.25 -28.36
C TYR D 873 -14.99 37.32 -27.77
N THR D 874 -14.64 37.82 -26.58
CA THR D 874 -15.47 38.84 -25.95
C THR D 874 -15.53 40.09 -26.82
N SER D 875 -14.38 40.50 -27.37
CA SER D 875 -14.35 41.66 -28.24
C SER D 875 -15.17 41.44 -29.49
N ALA D 876 -15.08 40.24 -30.07
CA ALA D 876 -15.88 39.94 -31.26
C ALA D 876 -17.37 40.08 -30.96
N LEU D 877 -17.82 39.49 -29.86
CA LEU D 877 -19.24 39.54 -29.52
C LEU D 877 -19.68 40.96 -29.22
N LEU D 878 -18.86 41.72 -28.49
CA LEU D 878 -19.20 43.10 -28.17
C LEU D 878 -19.29 43.95 -29.44
N ALA D 879 -18.32 43.79 -30.34
CA ALA D 879 -18.34 44.56 -31.58
C ALA D 879 -19.56 44.21 -32.42
N GLY D 880 -19.89 42.93 -32.50
CA GLY D 880 -21.08 42.52 -33.21
C GLY D 880 -22.33 43.15 -32.63
N THR D 881 -22.47 43.06 -31.31
CA THR D 881 -23.65 43.64 -30.67
C THR D 881 -23.73 45.14 -30.84
N ILE D 882 -22.58 45.82 -30.91
CA ILE D 882 -22.56 47.27 -31.05
C ILE D 882 -22.95 47.65 -32.47
N THR D 883 -22.30 47.04 -33.46
CA THR D 883 -22.55 47.41 -34.86
C THR D 883 -23.63 46.54 -35.48
N SER D 884 -23.46 45.21 -35.41
CA SER D 884 -24.38 44.29 -36.05
C SER D 884 -25.62 43.99 -35.21
N GLY D 885 -25.65 44.43 -33.95
CA GLY D 885 -26.83 44.23 -33.14
C GLY D 885 -27.14 42.76 -32.94
N TRP D 886 -28.30 42.33 -33.43
CA TRP D 886 -28.78 40.97 -33.26
C TRP D 886 -28.72 40.15 -34.54
N THR D 887 -28.32 40.75 -35.67
CA THR D 887 -28.35 40.05 -36.94
C THR D 887 -27.37 38.89 -36.98
N PHE D 888 -26.14 39.12 -36.53
CA PHE D 888 -25.10 38.11 -36.67
C PHE D 888 -25.40 36.86 -35.85
N GLY D 889 -26.17 37.02 -34.76
CA GLY D 889 -26.54 35.88 -33.96
C GLY D 889 -27.39 34.89 -34.72
N ALA D 890 -28.23 35.37 -35.62
CA ALA D 890 -29.12 34.53 -36.43
C ALA D 890 -28.53 34.20 -37.80
N GLY D 891 -27.30 34.60 -38.07
CA GLY D 891 -26.70 34.32 -39.37
C GLY D 891 -25.53 35.25 -39.63
N ALA D 892 -25.33 35.54 -40.91
CA ALA D 892 -24.25 36.44 -41.31
C ALA D 892 -24.45 37.83 -40.71
N ALA D 893 -23.36 38.48 -40.34
CA ALA D 893 -23.42 39.78 -39.73
C ALA D 893 -23.96 40.82 -40.72
N LEU D 894 -24.91 41.63 -40.26
CA LEU D 894 -25.49 42.70 -41.07
C LEU D 894 -25.34 44.02 -40.35
N GLN D 895 -25.08 45.08 -41.11
CA GLN D 895 -24.85 46.39 -40.55
C GLN D 895 -26.17 47.07 -40.19
N ILE D 896 -26.28 47.55 -38.96
CA ILE D 896 -27.45 48.31 -38.53
C ILE D 896 -26.96 49.47 -37.66
N PRO D 897 -27.46 50.68 -37.86
CA PRO D 897 -27.04 51.79 -36.99
C PRO D 897 -27.49 51.57 -35.55
N PHE D 898 -26.69 52.08 -34.62
CA PHE D 898 -26.95 51.81 -33.20
C PHE D 898 -28.29 52.39 -32.76
N ALA D 899 -28.66 53.56 -33.28
CA ALA D 899 -29.91 54.18 -32.87
C ALA D 899 -31.12 53.30 -33.19
N MET D 900 -31.17 52.73 -34.39
CA MET D 900 -32.29 51.87 -34.74
C MET D 900 -32.23 50.54 -34.01
N GLN D 901 -31.03 50.07 -33.68
CA GLN D 901 -30.91 48.91 -32.81
C GLN D 901 -31.57 49.19 -31.46
N MET D 902 -31.30 50.36 -30.89
CA MET D 902 -31.88 50.73 -29.61
C MET D 902 -33.39 50.88 -29.73
N ALA D 903 -33.85 51.46 -30.85
CA ALA D 903 -35.28 51.59 -31.09
C ALA D 903 -35.96 50.23 -31.11
N TYR D 904 -35.39 49.27 -31.85
CA TYR D 904 -35.94 47.93 -31.89
C TYR D 904 -35.91 47.25 -30.53
N ARG D 905 -34.82 47.43 -29.77
CA ARG D 905 -34.74 46.82 -28.46
C ARG D 905 -35.81 47.38 -27.51
N PHE D 906 -36.03 48.69 -27.53
CA PHE D 906 -37.10 49.26 -26.71
C PHE D 906 -38.46 48.78 -27.18
N ASN D 907 -38.66 48.67 -28.50
CA ASN D 907 -39.93 48.14 -29.00
C ASN D 907 -40.16 46.71 -28.53
N GLY D 908 -39.09 45.92 -28.44
CA GLY D 908 -39.24 44.54 -28.00
C GLY D 908 -39.82 44.41 -26.61
N ILE D 909 -39.45 45.31 -25.70
CA ILE D 909 -39.98 45.27 -24.33
C ILE D 909 -41.31 45.99 -24.21
N GLY D 910 -41.93 46.38 -25.32
CA GLY D 910 -43.19 47.08 -25.30
C GLY D 910 -43.08 48.59 -25.24
N VAL D 911 -41.87 49.12 -25.08
CA VAL D 911 -41.67 50.57 -25.02
C VAL D 911 -41.59 51.11 -26.43
N THR D 912 -42.45 52.07 -26.76
CA THR D 912 -42.40 52.70 -28.06
C THR D 912 -41.04 53.37 -28.25
N GLN D 913 -40.48 53.24 -29.46
CA GLN D 913 -39.12 53.70 -29.70
C GLN D 913 -39.00 55.22 -29.67
N ASN D 914 -40.12 55.94 -29.64
CA ASN D 914 -40.06 57.40 -29.63
C ASN D 914 -39.28 57.92 -28.43
N VAL D 915 -39.35 57.22 -27.29
CA VAL D 915 -38.62 57.68 -26.11
C VAL D 915 -37.12 57.71 -26.38
N LEU D 916 -36.64 56.81 -27.24
CA LEU D 916 -35.22 56.82 -27.60
C LEU D 916 -34.84 58.15 -28.23
N TYR D 917 -35.52 58.49 -29.34
CA TYR D 917 -35.18 59.74 -30.03
C TYR D 917 -35.54 60.96 -29.21
N GLU D 918 -36.35 60.79 -28.15
CA GLU D 918 -36.69 61.94 -27.31
C GLU D 918 -35.66 62.15 -26.20
N ASN D 919 -35.04 61.07 -25.72
CA ASN D 919 -34.25 61.13 -24.49
C ASN D 919 -32.87 60.47 -24.64
N GLN D 920 -32.37 60.34 -25.86
CA GLN D 920 -31.12 59.62 -26.09
C GLN D 920 -29.94 60.21 -25.31
N LYS D 921 -29.91 61.54 -25.15
CA LYS D 921 -28.76 62.14 -24.49
C LYS D 921 -28.67 61.72 -23.03
N LEU D 922 -29.79 61.81 -22.30
CA LEU D 922 -29.76 61.39 -20.90
C LEU D 922 -29.63 59.87 -20.80
N ILE D 923 -30.14 59.13 -21.79
CA ILE D 923 -29.92 57.68 -21.78
C ILE D 923 -28.43 57.37 -21.88
N ALA D 924 -27.71 58.06 -22.78
CA ALA D 924 -26.27 57.86 -22.90
C ALA D 924 -25.55 58.25 -21.63
N ASN D 925 -25.90 59.40 -21.05
CA ASN D 925 -25.33 59.78 -19.77
C ASN D 925 -25.55 58.71 -18.71
N GLN D 926 -26.78 58.22 -18.57
CA GLN D 926 -27.09 57.22 -17.57
C GLN D 926 -26.28 55.95 -17.78
N PHE D 927 -26.21 55.46 -19.03
CA PHE D 927 -25.50 54.21 -19.27
C PHE D 927 -24.00 54.36 -19.01
N ASN D 928 -23.40 55.44 -19.52
CA ASN D 928 -21.97 55.64 -19.31
C ASN D 928 -21.67 55.77 -17.82
N SER D 929 -22.48 56.53 -17.10
CA SER D 929 -22.21 56.73 -15.68
C SER D 929 -22.47 55.45 -14.88
N ALA D 930 -23.42 54.63 -15.32
CA ALA D 930 -23.66 53.35 -14.66
C ALA D 930 -22.48 52.41 -14.85
N ILE D 931 -21.93 52.37 -16.06
CA ILE D 931 -20.70 51.60 -16.28
C ILE D 931 -19.59 52.16 -15.41
N GLY D 932 -19.56 53.49 -15.22
CA GLY D 932 -18.58 54.09 -14.34
C GLY D 932 -18.69 53.58 -12.90
N LYS D 933 -19.91 53.59 -12.35
CA LYS D 933 -20.08 53.06 -11.00
C LYS D 933 -19.76 51.57 -10.94
N ILE D 934 -20.08 50.81 -11.98
CA ILE D 934 -19.75 49.38 -11.97
C ILE D 934 -18.24 49.20 -11.87
N GLN D 935 -17.50 49.94 -12.70
CA GLN D 935 -16.04 49.84 -12.67
C GLN D 935 -15.50 50.25 -11.31
N ASP D 936 -16.02 51.36 -10.76
CA ASP D 936 -15.53 51.83 -9.47
C ASP D 936 -15.84 50.84 -8.35
N SER D 937 -17.04 50.24 -8.36
CA SER D 937 -17.39 49.27 -7.33
C SER D 937 -16.51 48.04 -7.43
N LEU D 938 -16.26 47.55 -8.64
CA LEU D 938 -15.34 46.43 -8.80
C LEU D 938 -13.94 46.81 -8.33
N SER D 939 -13.51 48.05 -8.56
CA SER D 939 -12.21 48.49 -8.07
C SER D 939 -12.15 48.48 -6.56
N SER D 940 -13.20 48.96 -5.90
CA SER D 940 -13.19 49.08 -4.44
C SER D 940 -13.73 47.83 -3.78
N THR D 941 -14.87 47.33 -4.25
CA THR D 941 -15.53 46.16 -3.68
C THR D 941 -15.27 44.97 -4.58
N ALA D 942 -14.45 44.03 -4.09
CA ALA D 942 -14.15 42.81 -4.83
C ALA D 942 -15.07 41.65 -4.45
N SER D 943 -16.01 41.87 -3.54
CA SER D 943 -16.92 40.80 -3.14
C SER D 943 -17.88 40.41 -4.26
N ALA D 944 -18.04 41.29 -5.26
CA ALA D 944 -18.90 40.97 -6.39
C ALA D 944 -18.41 39.72 -7.12
N LEU D 945 -17.09 39.52 -7.18
CA LEU D 945 -16.50 38.31 -7.71
C LEU D 945 -16.33 37.24 -6.63
N GLY D 946 -17.15 37.29 -5.58
CA GLY D 946 -16.98 36.38 -4.46
C GLY D 946 -17.16 34.93 -4.84
N LYS D 947 -18.12 34.62 -5.69
CA LYS D 947 -18.35 33.22 -6.05
C LYS D 947 -17.24 32.68 -6.93
N LEU D 948 -16.72 33.50 -7.86
CA LEU D 948 -15.56 33.07 -8.64
C LEU D 948 -14.35 32.84 -7.75
N GLN D 949 -14.11 33.76 -6.81
CA GLN D 949 -13.07 33.53 -5.82
C GLN D 949 -13.34 32.26 -5.03
N ASP D 950 -14.62 31.95 -4.80
CA ASP D 950 -14.97 30.73 -4.08
C ASP D 950 -14.65 29.50 -4.90
N VAL D 951 -14.89 29.54 -6.20
CA VAL D 951 -14.52 28.42 -7.06
C VAL D 951 -13.01 28.22 -7.04
N VAL D 952 -12.26 29.31 -7.16
CA VAL D 952 -10.81 29.21 -7.12
C VAL D 952 -10.34 28.64 -5.78
N ASN D 953 -10.91 29.14 -4.68
CA ASN D 953 -10.51 28.69 -3.36
C ASN D 953 -10.90 27.24 -3.13
N GLN D 954 -12.02 26.79 -3.70
CA GLN D 954 -12.43 25.40 -3.53
C GLN D 954 -11.51 24.48 -4.30
N ASN D 955 -11.12 24.87 -5.52
CA ASN D 955 -10.13 24.08 -6.26
C ASN D 955 -8.81 24.03 -5.50
N ALA D 956 -8.39 25.16 -4.95
CA ALA D 956 -7.16 25.19 -4.17
C ALA D 956 -7.26 24.30 -2.94
N GLN D 957 -8.41 24.33 -2.27
CA GLN D 957 -8.61 23.50 -1.08
C GLN D 957 -8.57 22.03 -1.44
N ALA D 958 -9.20 21.65 -2.55
CA ALA D 958 -9.14 20.26 -2.99
C ALA D 958 -7.70 19.83 -3.25
N LEU D 959 -6.94 20.69 -3.94
CA LEU D 959 -5.53 20.36 -4.20
C LEU D 959 -4.73 20.26 -2.90
N ASN D 960 -4.97 21.18 -1.96
CA ASN D 960 -4.27 21.13 -0.68
C ASN D 960 -4.59 19.85 0.07
N THR D 961 -5.86 19.45 0.09
CA THR D 961 -6.23 18.20 0.75
C THR D 961 -5.55 17.02 0.07
N LEU D 962 -5.56 17.00 -1.26
CA LEU D 962 -4.94 15.88 -1.97
C LEU D 962 -3.46 15.77 -1.64
N VAL D 963 -2.75 16.89 -1.64
CA VAL D 963 -1.31 16.84 -1.36
C VAL D 963 -1.06 16.52 0.11
N LYS D 964 -1.84 17.10 1.02
CA LYS D 964 -1.59 16.92 2.45
C LYS D 964 -1.89 15.49 2.88
N GLN D 965 -2.89 14.85 2.28
CA GLN D 965 -3.27 13.51 2.72
C GLN D 965 -2.17 12.49 2.48
N LEU D 966 -1.16 12.83 1.67
CA LEU D 966 0.00 11.96 1.53
C LEU D 966 0.73 11.81 2.85
N SER D 967 0.90 12.90 3.60
CA SER D 967 1.55 12.86 4.90
C SER D 967 0.68 12.19 5.96
N SER D 968 -0.61 12.01 5.71
CA SER D 968 -1.48 11.36 6.67
C SER D 968 -1.07 9.91 6.86
N ASN D 969 -1.13 9.47 8.12
CA ASN D 969 -0.67 8.12 8.46
C ASN D 969 -1.56 7.04 7.84
N PHE D 970 -2.87 7.24 7.83
CA PHE D 970 -3.81 6.26 7.30
C PHE D 970 -3.67 4.92 8.02
N GLY D 971 -3.48 4.98 9.34
CA GLY D 971 -3.45 3.79 10.16
C GLY D 971 -2.16 2.99 10.09
N ALA D 972 -1.13 3.50 9.45
CA ALA D 972 0.12 2.76 9.34
C ALA D 972 1.09 3.18 10.45
N ILE D 973 2.27 2.55 10.45
CA ILE D 973 3.31 2.96 11.39
C ILE D 973 3.86 4.32 11.01
N SER D 974 3.98 4.59 9.71
CA SER D 974 4.49 5.87 9.23
C SER D 974 3.81 6.20 7.91
N SER D 975 3.86 7.48 7.55
CA SER D 975 3.25 7.96 6.32
C SER D 975 4.24 8.04 5.18
N VAL D 976 5.49 7.60 5.37
CA VAL D 976 6.52 7.64 4.35
C VAL D 976 6.83 6.21 3.93
N LEU D 977 6.72 5.95 2.62
CA LEU D 977 6.96 4.60 2.11
C LEU D 977 8.40 4.17 2.34
N ASN D 978 9.35 5.07 2.11
CA ASN D 978 10.75 4.74 2.32
C ASN D 978 11.06 4.38 3.78
N ASP D 979 10.48 5.12 4.73
CA ASP D 979 10.64 4.78 6.14
C ASP D 979 10.09 3.40 6.45
N ILE D 980 8.91 3.06 5.90
CA ILE D 980 8.34 1.75 6.13
C ILE D 980 9.25 0.67 5.58
N LEU D 981 9.77 0.88 4.36
CA LEU D 981 10.65 -0.12 3.76
C LEU D 981 11.93 -0.29 4.58
N SER D 982 12.52 0.81 5.02
CA SER D 982 13.81 0.74 5.72
C SER D 982 13.65 0.13 7.10
N ARG D 983 12.66 0.59 7.87
CA ARG D 983 12.51 0.14 9.25
C ARG D 983 12.00 -1.29 9.33
N LEU D 984 11.05 -1.66 8.46
CA LEU D 984 10.34 -2.91 8.57
C LEU D 984 10.80 -3.92 7.51
N ASP D 985 10.60 -5.19 7.81
CA ASP D 985 10.96 -6.27 6.91
C ASP D 985 9.93 -6.36 5.77
N PRO D 986 10.28 -7.05 4.69
CA PRO D 986 9.39 -7.08 3.51
C PRO D 986 7.98 -7.49 3.85
N PRO D 987 7.77 -8.52 4.69
CA PRO D 987 6.39 -9.00 4.89
C PRO D 987 5.47 -7.97 5.53
N GLU D 988 5.80 -7.47 6.72
CA GLU D 988 4.95 -6.47 7.36
C GLU D 988 5.03 -5.12 6.65
N ALA D 989 6.18 -4.83 6.02
CA ALA D 989 6.29 -3.62 5.21
C ALA D 989 5.27 -3.64 4.08
N GLU D 990 5.04 -4.81 3.48
CA GLU D 990 4.04 -4.93 2.42
C GLU D 990 2.66 -4.60 2.95
N VAL D 991 2.32 -5.06 4.16
CA VAL D 991 0.99 -4.80 4.71
C VAL D 991 0.84 -3.33 5.06
N GLN D 992 1.91 -2.73 5.59
CA GLN D 992 1.89 -1.30 5.87
C GLN D 992 1.68 -0.50 4.59
N ILE D 993 2.40 -0.85 3.53
CA ILE D 993 2.22 -0.18 2.24
C ILE D 993 0.84 -0.45 1.70
N ASP D 994 0.27 -1.61 1.99
CA ASP D 994 -1.08 -1.92 1.52
C ASP D 994 -2.11 -1.01 2.18
N ARG D 995 -2.04 -0.87 3.50
CA ARG D 995 -2.98 0.03 4.17
C ARG D 995 -2.75 1.47 3.75
N LEU D 996 -1.49 1.86 3.55
CA LEU D 996 -1.20 3.20 3.06
C LEU D 996 -1.79 3.43 1.68
N ILE D 997 -1.67 2.43 0.81
CA ILE D 997 -2.25 2.52 -0.54
C ILE D 997 -3.76 2.65 -0.44
N THR D 998 -4.38 1.86 0.45
CA THR D 998 -5.82 1.95 0.62
C THR D 998 -6.22 3.36 1.06
N GLY D 999 -5.51 3.92 2.03
CA GLY D 999 -5.84 5.25 2.49
C GLY D 999 -5.66 6.32 1.43
N ARG D 1000 -4.54 6.29 0.71
CA ARG D 1000 -4.30 7.30 -0.32
C ARG D 1000 -5.29 7.13 -1.48
N LEU D 1001 -5.65 5.89 -1.81
CA LEU D 1001 -6.67 5.67 -2.83
C LEU D 1001 -8.02 6.22 -2.39
N GLN D 1002 -8.37 6.02 -1.12
CA GLN D 1002 -9.60 6.62 -0.60
C GLN D 1002 -9.56 8.14 -0.70
N SER D 1003 -8.40 8.74 -0.40
CA SER D 1003 -8.26 10.18 -0.55
C SER D 1003 -8.47 10.61 -2.01
N LEU D 1004 -7.87 9.86 -2.94
CA LEU D 1004 -8.06 10.17 -4.36
C LEU D 1004 -9.53 10.05 -4.76
N GLN D 1005 -10.22 9.03 -4.26
CA GLN D 1005 -11.63 8.86 -4.60
C GLN D 1005 -12.47 9.99 -4.02
N THR D 1006 -12.20 10.40 -2.79
CA THR D 1006 -12.91 11.55 -2.23
C THR D 1006 -12.70 12.77 -3.10
N TYR D 1007 -11.44 13.07 -3.43
CA TYR D 1007 -11.14 14.19 -4.32
C TYR D 1007 -11.91 14.07 -5.62
N VAL D 1008 -11.89 12.89 -6.23
CA VAL D 1008 -12.48 12.70 -7.55
C VAL D 1008 -13.97 12.93 -7.49
N THR D 1009 -14.67 12.29 -6.56
CA THR D 1009 -16.12 12.42 -6.52
C THR D 1009 -16.54 13.85 -6.18
N GLN D 1010 -15.88 14.48 -5.20
CA GLN D 1010 -16.28 15.83 -4.86
C GLN D 1010 -16.00 16.79 -6.00
N GLN D 1011 -14.85 16.65 -6.67
CA GLN D 1011 -14.55 17.48 -7.82
C GLN D 1011 -15.58 17.27 -8.92
N LEU D 1012 -15.99 16.01 -9.13
CA LEU D 1012 -16.97 15.70 -10.16
C LEU D 1012 -18.32 16.32 -9.83
N ILE D 1013 -18.67 16.35 -8.55
CA ILE D 1013 -19.96 16.94 -8.17
C ILE D 1013 -19.94 18.45 -8.35
N ARG D 1014 -18.86 19.10 -7.89
CA ARG D 1014 -18.72 20.53 -8.17
C ARG D 1014 -18.69 20.78 -9.67
N ALA D 1015 -18.16 19.83 -10.44
CA ALA D 1015 -18.07 19.99 -11.88
C ALA D 1015 -19.42 19.75 -12.55
N ALA D 1016 -20.28 18.92 -11.96
CA ALA D 1016 -21.65 18.82 -12.44
C ALA D 1016 -22.38 20.14 -12.19
N GLU D 1017 -22.15 20.72 -11.01
CA GLU D 1017 -22.69 22.05 -10.75
C GLU D 1017 -22.18 23.06 -11.79
N ILE D 1018 -20.90 22.95 -12.18
CA ILE D 1018 -20.37 23.96 -13.10
C ILE D 1018 -20.80 23.66 -14.54
N ARG D 1019 -21.09 22.40 -14.89
CA ARG D 1019 -21.79 22.16 -16.16
C ARG D 1019 -23.16 22.81 -16.16
N ALA D 1020 -23.90 22.69 -15.04
CA ALA D 1020 -25.19 23.36 -14.98
C ALA D 1020 -25.03 24.86 -15.17
N SER D 1021 -24.11 25.48 -14.43
CA SER D 1021 -23.85 26.90 -14.58
C SER D 1021 -23.35 27.24 -15.98
N ALA D 1022 -22.66 26.30 -16.64
CA ALA D 1022 -22.12 26.56 -17.96
C ALA D 1022 -23.20 26.55 -19.03
N ASN D 1023 -24.13 25.60 -18.94
CA ASN D 1023 -25.29 25.64 -19.83
C ASN D 1023 -26.10 26.90 -19.57
N LEU D 1024 -26.26 27.29 -18.31
CA LEU D 1024 -26.93 28.54 -18.00
C LEU D 1024 -26.20 29.72 -18.63
N ALA D 1025 -24.87 29.70 -18.60
CA ALA D 1025 -24.10 30.80 -19.17
C ALA D 1025 -24.23 30.83 -20.69
N ALA D 1026 -24.20 29.66 -21.33
CA ALA D 1026 -24.38 29.60 -22.77
C ALA D 1026 -25.73 30.18 -23.15
N THR D 1027 -26.79 29.84 -22.40
CA THR D 1027 -28.08 30.45 -22.64
C THR D 1027 -28.00 31.97 -22.44
N LYS D 1028 -27.67 32.40 -21.21
CA LYS D 1028 -27.52 33.83 -20.93
C LYS D 1028 -26.90 34.55 -22.11
N MET D 1029 -25.74 34.08 -22.57
CA MET D 1029 -25.12 34.67 -23.74
C MET D 1029 -26.09 34.66 -24.92
N SER D 1030 -26.48 33.45 -25.36
CA SER D 1030 -27.19 33.29 -26.63
C SER D 1030 -28.40 34.21 -26.74
N GLU D 1031 -29.22 34.28 -25.68
CA GLU D 1031 -30.37 35.19 -25.76
C GLU D 1031 -30.02 36.61 -25.33
N CYS D 1032 -29.56 36.80 -24.10
CA CYS D 1032 -29.39 38.16 -23.60
C CYS D 1032 -28.47 39.00 -24.48
N VAL D 1033 -27.29 38.49 -24.82
CA VAL D 1033 -26.28 39.31 -25.48
C VAL D 1033 -26.55 39.35 -26.98
N LEU D 1034 -26.53 38.17 -27.63
CA LEU D 1034 -26.64 38.12 -29.08
C LEU D 1034 -27.84 38.91 -29.57
N GLY D 1035 -29.04 38.52 -29.13
CA GLY D 1035 -30.26 39.19 -29.46
C GLY D 1035 -30.91 39.85 -28.26
N GLN D 1036 -32.24 39.81 -28.24
CA GLN D 1036 -33.02 40.37 -27.15
C GLN D 1036 -33.82 39.27 -26.47
N SER D 1037 -33.85 39.30 -25.15
CA SER D 1037 -34.53 38.30 -24.33
C SER D 1037 -35.72 38.96 -23.64
N LYS D 1038 -36.91 38.40 -23.84
CA LYS D 1038 -38.11 38.87 -23.18
C LYS D 1038 -38.33 38.20 -21.84
N ARG D 1039 -37.43 37.30 -21.43
CA ARG D 1039 -37.57 36.60 -20.16
C ARG D 1039 -37.49 37.57 -19.00
N VAL D 1040 -38.27 37.29 -17.95
CA VAL D 1040 -38.42 38.20 -16.82
C VAL D 1040 -37.33 37.89 -15.80
N ASP D 1041 -36.44 38.87 -15.57
CA ASP D 1041 -35.44 38.79 -14.52
C ASP D 1041 -34.38 37.73 -14.81
N PHE D 1042 -34.51 37.01 -15.92
CA PHE D 1042 -33.50 36.01 -16.26
C PHE D 1042 -32.18 36.67 -16.63
N CYS D 1043 -32.23 37.66 -17.52
CA CYS D 1043 -31.06 38.42 -17.90
C CYS D 1043 -30.74 39.54 -16.91
N GLY D 1044 -31.56 39.71 -15.88
CA GLY D 1044 -31.37 40.74 -14.88
C GLY D 1044 -32.65 41.48 -14.55
N LYS D 1045 -32.64 42.12 -13.39
CA LYS D 1045 -33.82 42.85 -12.92
C LYS D 1045 -34.22 43.92 -13.93
N GLY D 1046 -35.51 43.96 -14.23
CA GLY D 1046 -36.04 44.91 -15.19
C GLY D 1046 -36.11 44.34 -16.61
N TYR D 1047 -36.75 45.10 -17.49
CA TYR D 1047 -36.90 44.70 -18.88
C TYR D 1047 -35.55 44.77 -19.56
N HIS D 1048 -35.02 43.61 -19.95
CA HIS D 1048 -33.70 43.53 -20.54
C HIS D 1048 -33.68 44.11 -21.96
N LEU D 1049 -32.60 44.80 -22.28
CA LEU D 1049 -32.41 45.37 -23.61
C LEU D 1049 -31.24 44.70 -24.31
N MET D 1050 -30.08 44.70 -23.66
CA MET D 1050 -28.87 44.10 -24.23
C MET D 1050 -27.91 43.78 -23.09
N SER D 1051 -26.97 42.88 -23.37
CA SER D 1051 -25.97 42.47 -22.40
C SER D 1051 -24.58 42.50 -23.02
N PHE D 1052 -23.58 42.86 -22.22
CA PHE D 1052 -22.19 42.95 -22.68
C PHE D 1052 -21.32 42.00 -21.84
N PRO D 1053 -20.90 40.86 -22.39
CA PRO D 1053 -20.03 39.97 -21.61
C PRO D 1053 -18.64 40.56 -21.42
N GLN D 1054 -17.98 40.12 -20.34
CA GLN D 1054 -16.63 40.52 -20.03
C GLN D 1054 -15.88 39.30 -19.50
N SER D 1055 -14.67 39.08 -20.03
CA SER D 1055 -13.91 37.88 -19.67
C SER D 1055 -13.42 37.98 -18.23
N ALA D 1056 -13.45 36.84 -17.54
CA ALA D 1056 -12.96 36.72 -16.17
C ALA D 1056 -12.23 35.40 -16.04
N PRO D 1057 -11.33 35.27 -15.06
CA PRO D 1057 -10.61 34.01 -14.89
C PRO D 1057 -11.57 32.91 -14.42
N HIS D 1058 -11.53 31.78 -15.12
CA HIS D 1058 -12.37 30.64 -14.80
C HIS D 1058 -13.85 31.02 -14.78
N GLY D 1059 -14.22 31.96 -15.65
CA GLY D 1059 -15.60 32.43 -15.67
C GLY D 1059 -15.76 33.54 -16.69
N VAL D 1060 -16.92 34.20 -16.62
CA VAL D 1060 -17.22 35.32 -17.50
C VAL D 1060 -18.16 36.27 -16.76
N VAL D 1061 -17.98 37.55 -17.01
CA VAL D 1061 -18.78 38.60 -16.37
C VAL D 1061 -19.71 39.20 -17.42
N PHE D 1062 -21.00 39.26 -17.09
CA PHE D 1062 -22.01 39.80 -17.98
C PHE D 1062 -22.53 41.12 -17.44
N LEU D 1063 -22.49 42.16 -18.28
CA LEU D 1063 -23.05 43.46 -17.95
C LEU D 1063 -24.43 43.54 -18.60
N HIS D 1064 -25.47 43.37 -17.79
CA HIS D 1064 -26.85 43.28 -18.28
C HIS D 1064 -27.49 44.66 -18.18
N VAL D 1065 -28.06 45.11 -19.29
CA VAL D 1065 -28.76 46.39 -19.34
C VAL D 1065 -30.26 46.11 -19.26
N THR D 1066 -30.95 46.78 -18.35
CA THR D 1066 -32.37 46.59 -18.16
C THR D 1066 -33.06 47.94 -18.02
N TYR D 1067 -34.30 48.00 -18.51
CA TYR D 1067 -35.12 49.21 -18.44
C TYR D 1067 -35.93 49.19 -17.16
N VAL D 1068 -35.72 50.18 -16.30
CA VAL D 1068 -36.38 50.25 -15.00
C VAL D 1068 -36.99 51.64 -14.84
N PRO D 1069 -38.22 51.76 -14.35
CA PRO D 1069 -38.81 53.09 -14.13
C PRO D 1069 -38.13 53.83 -13.00
N ALA D 1070 -38.20 55.17 -13.08
CA ALA D 1070 -37.59 56.04 -12.09
C ALA D 1070 -38.63 56.70 -11.18
N GLN D 1071 -39.62 57.36 -11.76
CA GLN D 1071 -40.65 58.08 -10.99
C GLN D 1071 -42.03 57.59 -11.38
N GLU D 1072 -42.96 57.67 -10.43
CA GLU D 1072 -44.31 57.13 -10.60
C GLU D 1072 -45.33 58.08 -10.01
N LYS D 1073 -46.52 58.09 -10.61
CA LYS D 1073 -47.65 58.87 -10.11
C LYS D 1073 -48.93 58.17 -10.51
N ASN D 1074 -49.93 58.23 -9.66
CA ASN D 1074 -51.22 57.59 -9.91
C ASN D 1074 -52.10 58.48 -10.78
N PHE D 1075 -52.70 57.87 -11.80
CA PHE D 1075 -53.56 58.58 -12.74
C PHE D 1075 -54.87 57.83 -12.91
N THR D 1076 -55.93 58.59 -13.18
CA THR D 1076 -57.24 58.02 -13.42
C THR D 1076 -57.24 57.27 -14.74
N THR D 1077 -57.90 56.11 -14.76
CA THR D 1077 -57.97 55.30 -15.97
C THR D 1077 -59.35 54.64 -16.10
N ALA D 1078 -59.55 53.90 -17.20
CA ALA D 1078 -60.80 53.19 -17.43
C ALA D 1078 -60.57 52.07 -18.43
N PRO D 1079 -61.23 50.92 -18.26
CA PRO D 1079 -60.99 49.81 -19.20
C PRO D 1079 -61.44 50.09 -20.62
N ALA D 1080 -62.66 50.60 -20.78
CA ALA D 1080 -63.22 50.86 -22.10
C ALA D 1080 -63.84 52.25 -22.11
N ILE D 1081 -64.06 52.77 -23.31
CA ILE D 1081 -64.63 54.10 -23.51
C ILE D 1081 -65.76 53.98 -24.53
N CYS D 1082 -66.88 54.64 -24.22
CA CYS D 1082 -68.08 54.58 -25.04
C CYS D 1082 -68.31 55.93 -25.70
N HIS D 1083 -68.30 55.95 -27.03
CA HIS D 1083 -68.50 57.19 -27.78
C HIS D 1083 -69.77 57.14 -28.61
N ASP D 1084 -69.88 56.13 -29.47
CA ASP D 1084 -71.00 56.00 -30.39
C ASP D 1084 -71.92 54.82 -30.06
N GLY D 1085 -71.85 54.30 -28.85
CA GLY D 1085 -72.65 53.15 -28.45
C GLY D 1085 -71.90 51.84 -28.49
N LYS D 1086 -70.74 51.79 -29.14
CA LYS D 1086 -69.91 50.59 -29.19
C LYS D 1086 -68.60 50.86 -28.45
N ALA D 1087 -68.19 49.90 -27.62
CA ALA D 1087 -67.02 50.08 -26.79
C ALA D 1087 -65.76 50.12 -27.66
N HIS D 1088 -64.84 51.02 -27.30
CA HIS D 1088 -63.54 51.11 -27.94
C HIS D 1088 -62.46 50.63 -26.99
N PHE D 1089 -61.57 49.76 -27.48
CA PHE D 1089 -60.55 49.16 -26.65
C PHE D 1089 -59.16 49.59 -27.14
N PRO D 1090 -58.22 49.82 -26.22
CA PRO D 1090 -56.86 50.18 -26.65
C PRO D 1090 -56.25 49.09 -27.52
N ARG D 1091 -55.56 49.51 -28.58
CA ARG D 1091 -54.76 48.55 -29.36
C ARG D 1091 -53.49 48.19 -28.61
N GLU D 1092 -52.84 49.18 -28.00
CA GLU D 1092 -51.67 48.95 -27.16
C GLU D 1092 -51.63 50.03 -26.10
N GLY D 1093 -51.15 49.66 -24.91
CA GLY D 1093 -51.10 50.59 -23.81
C GLY D 1093 -52.38 50.57 -22.99
N VAL D 1094 -52.55 51.63 -22.20
CA VAL D 1094 -53.70 51.78 -21.31
C VAL D 1094 -54.18 53.21 -21.34
N PHE D 1095 -55.51 53.38 -21.27
CA PHE D 1095 -56.09 54.71 -21.18
C PHE D 1095 -55.68 55.38 -19.88
N VAL D 1096 -55.47 56.70 -19.96
CA VAL D 1096 -55.07 57.49 -18.81
C VAL D 1096 -55.72 58.86 -18.91
N SER D 1097 -56.12 59.41 -17.76
CA SER D 1097 -56.73 60.72 -17.69
C SER D 1097 -56.18 61.48 -16.49
N ASN D 1098 -55.82 62.74 -16.72
CA ASN D 1098 -55.31 63.60 -15.65
C ASN D 1098 -56.38 64.54 -15.11
N GLY D 1099 -57.65 64.33 -15.47
CA GLY D 1099 -58.74 65.19 -15.07
C GLY D 1099 -59.21 66.14 -16.15
N THR D 1100 -58.46 66.28 -17.24
CA THR D 1100 -58.85 67.17 -18.33
C THR D 1100 -59.50 66.39 -19.46
N HIS D 1101 -58.80 65.38 -19.98
CA HIS D 1101 -59.29 64.57 -21.08
C HIS D 1101 -58.70 63.17 -20.98
N TRP D 1102 -59.31 62.25 -21.71
CA TRP D 1102 -58.85 60.86 -21.75
C TRP D 1102 -57.89 60.68 -22.91
N PHE D 1103 -56.69 60.16 -22.60
CA PHE D 1103 -55.63 59.95 -23.58
C PHE D 1103 -55.18 58.49 -23.52
N VAL D 1104 -54.25 58.15 -24.41
CA VAL D 1104 -53.68 56.81 -24.51
C VAL D 1104 -52.19 56.89 -24.26
N THR D 1105 -51.66 55.89 -23.56
CA THR D 1105 -50.25 55.89 -23.20
C THR D 1105 -49.78 54.45 -23.02
N GLN D 1106 -48.47 54.26 -23.09
CA GLN D 1106 -47.88 52.95 -22.90
C GLN D 1106 -47.76 52.63 -21.41
N ARG D 1107 -47.73 51.34 -21.10
CA ARG D 1107 -47.65 50.91 -19.70
C ARG D 1107 -46.33 51.34 -19.08
N ASN D 1108 -45.22 51.23 -19.82
CA ASN D 1108 -43.89 51.44 -19.26
C ASN D 1108 -43.45 52.89 -19.28
N PHE D 1109 -44.19 53.79 -19.92
CA PHE D 1109 -43.82 55.20 -19.95
C PHE D 1109 -45.07 56.03 -20.12
N TYR D 1110 -44.97 57.31 -19.73
CA TYR D 1110 -46.11 58.22 -19.76
C TYR D 1110 -45.97 59.16 -20.96
N GLU D 1111 -46.67 58.84 -22.05
CA GLU D 1111 -46.71 59.68 -23.24
C GLU D 1111 -48.15 59.84 -23.69
N PRO D 1112 -48.93 60.68 -23.00
CA PRO D 1112 -50.35 60.83 -23.36
C PRO D 1112 -50.51 61.25 -24.82
N GLN D 1113 -51.51 60.67 -25.47
CA GLN D 1113 -51.82 60.98 -26.86
C GLN D 1113 -53.34 61.01 -27.04
N ILE D 1114 -53.79 61.81 -28.00
CA ILE D 1114 -55.22 61.93 -28.25
C ILE D 1114 -55.78 60.60 -28.68
N ILE D 1115 -56.93 60.23 -28.11
CA ILE D 1115 -57.59 58.99 -28.48
C ILE D 1115 -58.08 59.11 -29.92
N THR D 1116 -57.74 58.11 -30.74
CA THR D 1116 -58.07 58.13 -32.16
C THR D 1116 -58.60 56.77 -32.56
N THR D 1117 -59.35 56.75 -33.67
CA THR D 1117 -59.85 55.49 -34.20
C THR D 1117 -58.72 54.54 -34.56
N ASP D 1118 -57.57 55.08 -34.97
CA ASP D 1118 -56.42 54.25 -35.29
C ASP D 1118 -55.76 53.67 -34.04
N ASN D 1119 -55.97 54.28 -32.88
CA ASN D 1119 -55.38 53.80 -31.63
C ASN D 1119 -56.26 52.80 -30.89
N THR D 1120 -57.49 52.58 -31.36
CA THR D 1120 -58.42 51.68 -30.69
C THR D 1120 -59.19 50.90 -31.75
N PHE D 1121 -59.93 49.89 -31.31
CA PHE D 1121 -60.77 49.09 -32.19
C PHE D 1121 -62.13 48.92 -31.55
N VAL D 1122 -63.14 48.73 -32.40
CA VAL D 1122 -64.53 48.66 -31.98
C VAL D 1122 -64.94 47.20 -31.84
N SER D 1123 -65.49 46.85 -30.68
CA SER D 1123 -65.98 45.50 -30.45
C SER D 1123 -67.02 45.53 -29.33
N GLY D 1124 -67.90 44.52 -29.36
CA GLY D 1124 -68.88 44.38 -28.31
C GLY D 1124 -69.85 45.55 -28.28
N ASN D 1125 -70.31 45.87 -27.07
CA ASN D 1125 -71.26 46.95 -26.86
C ASN D 1125 -70.98 47.58 -25.49
N CYS D 1126 -71.49 48.81 -25.31
CA CYS D 1126 -71.26 49.53 -24.06
C CYS D 1126 -72.08 48.96 -22.91
N ASP D 1127 -73.08 48.13 -23.19
CA ASP D 1127 -73.94 47.58 -22.15
C ASP D 1127 -73.40 46.29 -21.55
N VAL D 1128 -72.29 45.77 -22.05
CA VAL D 1128 -71.70 44.51 -21.57
C VAL D 1128 -70.33 44.74 -20.96
N VAL D 1129 -69.53 45.64 -21.55
CA VAL D 1129 -68.18 45.89 -21.06
C VAL D 1129 -68.25 46.42 -19.64
N ILE D 1130 -67.40 45.88 -18.77
CA ILE D 1130 -67.35 46.29 -17.38
C ILE D 1130 -66.39 47.46 -17.21
N GLY D 1131 -66.85 48.50 -16.51
CA GLY D 1131 -66.03 49.67 -16.27
C GLY D 1131 -65.97 50.65 -17.41
N ILE D 1132 -66.76 50.46 -18.46
CA ILE D 1132 -66.73 51.37 -19.59
C ILE D 1132 -67.17 52.76 -19.15
N VAL D 1133 -66.58 53.79 -19.78
CA VAL D 1133 -66.87 55.17 -19.48
C VAL D 1133 -67.26 55.89 -20.77
N ASN D 1134 -67.62 57.15 -20.65
CA ASN D 1134 -68.09 57.96 -21.76
C ASN D 1134 -67.11 59.09 -22.02
N ASN D 1135 -66.73 59.28 -23.28
CA ASN D 1135 -65.87 60.38 -23.68
C ASN D 1135 -65.93 60.50 -25.21
N THR D 1136 -65.06 61.32 -25.77
CA THR D 1136 -65.02 61.58 -27.19
C THR D 1136 -63.82 60.90 -27.83
N VAL D 1137 -64.02 60.36 -29.03
CA VAL D 1137 -62.97 59.73 -29.82
C VAL D 1137 -62.76 60.58 -31.07
N TYR D 1138 -61.54 61.06 -31.27
CA TYR D 1138 -61.25 61.95 -32.39
C TYR D 1138 -61.18 61.17 -33.69
N ASP D 1139 -61.91 61.65 -34.70
CA ASP D 1139 -61.93 61.03 -36.03
C ASP D 1139 -61.23 61.94 -37.02
N PRO D 1140 -60.03 61.59 -37.51
CA PRO D 1140 -59.34 62.51 -38.45
C PRO D 1140 -60.08 62.70 -39.76
N LEU D 1141 -60.98 61.79 -40.14
CA LEU D 1141 -61.68 61.92 -41.41
C LEU D 1141 -62.58 63.15 -41.43
N GLN D 1142 -63.26 63.44 -40.32
CA GLN D 1142 -64.22 64.55 -40.31
C GLN D 1142 -63.58 65.88 -40.64
N PRO D 1143 -62.56 66.34 -39.91
CA PRO D 1143 -61.96 67.65 -40.24
C PRO D 1143 -61.37 67.70 -41.64
N GLU D 1144 -60.79 66.60 -42.13
CA GLU D 1144 -60.16 66.62 -43.44
C GLU D 1144 -61.18 66.67 -44.56
N LEU D 1145 -62.25 65.88 -44.47
CA LEU D 1145 -63.25 65.86 -45.52
C LEU D 1145 -64.11 67.11 -45.52
N ASP D 1146 -64.45 67.64 -44.35
CA ASP D 1146 -65.27 68.83 -44.25
C ASP D 1146 -64.50 70.11 -44.57
N SER D 1147 -63.18 70.06 -44.63
CA SER D 1147 -62.37 71.24 -44.93
C SER D 1147 -62.16 71.38 -46.43
N GLN E 14 -43.17 -51.94 30.57
CA GLN E 14 -42.00 -51.42 29.80
C GLN E 14 -42.23 -51.58 28.31
N CYS E 15 -42.31 -52.83 27.85
CA CYS E 15 -42.50 -53.14 26.44
C CYS E 15 -43.95 -53.44 26.10
N VAL E 16 -44.88 -53.26 27.03
CA VAL E 16 -46.29 -53.55 26.80
C VAL E 16 -46.95 -52.29 26.26
N ASN E 17 -47.52 -52.38 25.06
CA ASN E 17 -48.21 -51.25 24.45
C ASN E 17 -49.70 -51.32 24.71
N LEU E 18 -50.35 -50.16 24.64
CA LEU E 18 -51.79 -50.10 24.86
C LEU E 18 -52.52 -50.87 23.78
N THR E 19 -53.51 -51.66 24.19
CA THR E 19 -54.35 -52.42 23.27
C THR E 19 -55.61 -51.66 22.88
N THR E 20 -55.85 -50.48 23.45
CA THR E 20 -57.02 -49.67 23.14
C THR E 20 -56.75 -48.62 22.08
N ARG E 21 -55.56 -48.60 21.50
CA ARG E 21 -55.17 -47.59 20.52
C ARG E 21 -54.98 -48.23 19.15
N THR E 22 -55.39 -47.49 18.11
CA THR E 22 -55.21 -47.91 16.73
C THR E 22 -54.46 -46.82 15.99
N GLN E 23 -53.45 -47.22 15.23
CA GLN E 23 -52.63 -46.27 14.48
C GLN E 23 -53.34 -45.85 13.20
N LEU E 24 -53.26 -44.57 12.87
CA LEU E 24 -53.84 -44.01 11.67
C LEU E 24 -52.82 -43.13 10.95
N PRO E 25 -53.01 -42.87 9.66
CA PRO E 25 -52.02 -42.12 8.89
C PRO E 25 -51.79 -40.74 9.50
N PRO E 26 -50.55 -40.22 9.45
CA PRO E 26 -50.26 -38.89 10.02
C PRO E 26 -50.73 -37.74 9.13
N ALA E 27 -52.01 -37.38 9.28
CA ALA E 27 -52.57 -36.30 8.50
C ALA E 27 -51.85 -34.99 8.77
N TYR E 28 -51.73 -34.17 7.74
CA TYR E 28 -51.00 -32.91 7.81
C TYR E 28 -51.97 -31.73 7.76
N THR E 29 -51.63 -30.68 8.50
CA THR E 29 -52.39 -29.43 8.52
C THR E 29 -51.41 -28.28 8.38
N ASN E 30 -51.95 -27.08 8.15
CA ASN E 30 -51.14 -25.89 7.89
C ASN E 30 -51.33 -24.90 9.04
N SER E 31 -50.22 -24.44 9.61
CA SER E 31 -50.23 -23.44 10.68
C SER E 31 -49.96 -22.08 10.06
N PHE E 32 -50.92 -21.16 10.21
CA PHE E 32 -50.83 -19.85 9.55
C PHE E 32 -49.66 -19.03 10.05
N THR E 33 -49.67 -18.66 11.34
CA THR E 33 -48.70 -17.73 11.89
C THR E 33 -47.80 -18.35 12.95
N ARG E 34 -47.90 -19.65 13.20
CA ARG E 34 -47.07 -20.28 14.20
C ARG E 34 -45.62 -20.34 13.74
N GLY E 35 -44.71 -20.38 14.71
CA GLY E 35 -43.28 -20.39 14.44
C GLY E 35 -42.57 -19.11 14.79
N VAL E 36 -43.25 -18.15 15.41
CA VAL E 36 -42.66 -16.86 15.75
C VAL E 36 -42.25 -16.88 17.22
N TYR E 37 -41.02 -16.47 17.50
CA TYR E 37 -40.51 -16.43 18.85
C TYR E 37 -39.41 -15.39 18.94
N TYR E 38 -39.08 -15.00 20.16
CA TYR E 38 -38.03 -14.02 20.40
C TYR E 38 -36.67 -14.66 20.19
N PRO E 39 -35.86 -14.18 19.24
CA PRO E 39 -34.51 -14.78 19.07
C PRO E 39 -33.65 -14.67 20.32
N ASP E 40 -33.78 -13.58 21.08
CA ASP E 40 -32.96 -13.35 22.26
C ASP E 40 -33.76 -12.53 23.26
N LYS E 41 -33.09 -12.15 24.35
CA LYS E 41 -33.71 -11.38 25.42
C LYS E 41 -33.67 -9.88 25.19
N VAL E 42 -33.07 -9.43 24.09
CA VAL E 42 -32.93 -7.99 23.84
C VAL E 42 -34.31 -7.38 23.61
N PHE E 43 -34.59 -6.29 24.31
CA PHE E 43 -35.84 -5.56 24.16
C PHE E 43 -35.76 -4.60 22.98
N ARG E 44 -36.90 -4.39 22.33
CA ARG E 44 -36.97 -3.50 21.18
C ARG E 44 -38.44 -3.24 20.86
N SER E 45 -38.78 -1.96 20.71
CA SER E 45 -40.18 -1.56 20.53
C SER E 45 -40.27 -0.53 19.42
N SER E 46 -41.42 -0.52 18.74
CA SER E 46 -41.70 0.45 17.68
C SER E 46 -40.61 0.44 16.61
N VAL E 47 -40.16 -0.76 16.24
CA VAL E 47 -39.11 -0.93 15.24
C VAL E 47 -39.33 -2.25 14.52
N LEU E 48 -38.74 -2.35 13.32
CA LEU E 48 -38.79 -3.56 12.51
C LEU E 48 -37.38 -4.14 12.43
N HIS E 49 -37.24 -5.40 12.82
CA HIS E 49 -35.95 -6.09 12.81
C HIS E 49 -36.02 -7.34 11.95
N SER E 50 -34.92 -7.64 11.27
CA SER E 50 -34.80 -8.84 10.46
C SER E 50 -33.78 -9.77 11.09
N THR E 51 -34.19 -11.01 11.36
CA THR E 51 -33.33 -12.00 12.00
C THR E 51 -33.45 -13.31 11.26
N GLN E 52 -32.33 -14.04 11.17
CA GLN E 52 -32.29 -15.33 10.51
C GLN E 52 -31.89 -16.40 11.52
N ASP E 53 -32.70 -17.45 11.60
CA ASP E 53 -32.46 -18.57 12.52
C ASP E 53 -33.47 -19.66 12.18
N LEU E 54 -33.31 -20.82 12.82
CA LEU E 54 -34.21 -21.94 12.58
C LEU E 54 -35.63 -21.55 12.97
N PHE E 55 -36.51 -21.46 11.97
CA PHE E 55 -37.89 -21.04 12.16
C PHE E 55 -38.82 -22.04 11.48
N LEU E 56 -40.09 -21.99 11.89
CA LEU E 56 -41.12 -22.79 11.24
C LEU E 56 -41.81 -21.92 10.20
N PRO E 57 -41.68 -22.22 8.91
CA PRO E 57 -42.32 -21.36 7.90
C PRO E 57 -43.83 -21.32 8.06
N PHE E 58 -44.41 -20.17 7.73
CA PHE E 58 -45.86 -20.02 7.75
C PHE E 58 -46.50 -20.89 6.67
N PHE E 59 -47.73 -21.33 6.95
CA PHE E 59 -48.46 -22.22 6.05
C PHE E 59 -47.73 -23.54 5.83
N SER E 60 -46.81 -23.89 6.74
CA SER E 60 -46.07 -25.14 6.61
C SER E 60 -46.90 -26.31 7.12
N ASN E 61 -46.63 -27.48 6.53
CA ASN E 61 -47.37 -28.69 6.90
C ASN E 61 -46.89 -29.19 8.26
N VAL E 62 -47.83 -29.42 9.17
CA VAL E 62 -47.54 -29.95 10.50
C VAL E 62 -48.42 -31.17 10.73
N THR E 63 -47.83 -32.22 11.29
CA THR E 63 -48.54 -33.47 11.48
C THR E 63 -49.72 -33.29 12.44
N TRP E 64 -50.79 -34.04 12.17
CA TRP E 64 -52.03 -33.98 12.95
C TRP E 64 -52.09 -35.21 13.84
N PHE E 65 -52.09 -35.00 15.15
CA PHE E 65 -52.20 -36.07 16.14
C PHE E 65 -53.38 -35.80 17.06
N HIS E 66 -54.00 -36.89 17.53
CA HIS E 66 -55.14 -36.79 18.43
C HIS E 66 -55.22 -38.05 19.27
N ALA E 67 -55.76 -37.90 20.48
CA ALA E 67 -55.96 -39.01 21.40
C ALA E 67 -57.41 -39.01 21.87
N ILE E 68 -57.97 -40.21 22.05
CA ILE E 68 -59.35 -40.37 22.48
C ILE E 68 -59.50 -41.75 23.09
N HIS E 69 -60.56 -41.94 23.87
CA HIS E 69 -60.83 -43.20 24.54
C HIS E 69 -60.65 -44.38 23.59
N LYS E 77 -60.53 -44.62 20.56
CA LYS E 77 -59.68 -45.79 20.49
C LYS E 77 -58.35 -45.46 19.81
N ARG E 78 -57.85 -44.25 20.05
CA ARG E 78 -56.61 -43.80 19.44
C ARG E 78 -55.74 -43.13 20.50
N PHE E 79 -54.45 -43.45 20.48
CA PHE E 79 -53.46 -42.80 21.33
C PHE E 79 -52.15 -42.72 20.56
N ASP E 80 -51.60 -41.52 20.44
CA ASP E 80 -50.41 -41.27 19.62
C ASP E 80 -49.31 -40.70 20.50
N ASN E 81 -48.20 -41.43 20.60
CA ASN E 81 -46.98 -40.94 21.24
C ASN E 81 -45.77 -41.54 20.54
N PRO E 82 -45.69 -41.39 19.22
CA PRO E 82 -44.59 -42.01 18.47
C PRO E 82 -43.28 -41.25 18.62
N VAL E 83 -42.21 -41.92 18.23
CA VAL E 83 -40.88 -41.31 18.20
C VAL E 83 -40.63 -40.84 16.77
N LEU E 84 -40.27 -39.56 16.63
CA LEU E 84 -40.10 -38.95 15.33
C LEU E 84 -38.74 -38.27 15.24
N PRO E 85 -38.19 -38.13 14.04
CA PRO E 85 -36.88 -37.46 13.90
C PRO E 85 -36.95 -36.02 14.39
N PHE E 86 -35.88 -35.59 15.04
CA PHE E 86 -35.80 -34.21 15.53
C PHE E 86 -35.20 -33.27 14.49
N ASN E 87 -34.31 -33.77 13.65
CA ASN E 87 -33.67 -32.97 12.59
C ASN E 87 -32.94 -31.80 13.27
N ASP E 88 -32.89 -30.63 12.64
CA ASP E 88 -32.22 -29.49 13.25
C ASP E 88 -33.06 -28.87 14.35
N GLY E 89 -34.37 -28.76 14.14
CA GLY E 89 -35.25 -28.16 15.12
C GLY E 89 -36.68 -28.59 14.89
N VAL E 90 -37.52 -28.33 15.89
CA VAL E 90 -38.92 -28.73 15.85
C VAL E 90 -39.77 -27.66 16.53
N TYR E 91 -41.08 -27.75 16.31
CA TYR E 91 -42.05 -26.84 16.91
C TYR E 91 -43.24 -27.66 17.39
N PHE E 92 -43.58 -27.52 18.66
CA PHE E 92 -44.65 -28.29 19.28
C PHE E 92 -45.77 -27.37 19.74
N ALA E 93 -47.01 -27.77 19.47
CA ALA E 93 -48.19 -27.04 19.92
C ALA E 93 -49.23 -28.05 20.39
N SER E 94 -49.87 -27.74 21.52
CA SER E 94 -50.83 -28.65 22.12
C SER E 94 -52.05 -27.88 22.59
N THR E 95 -53.23 -28.39 22.27
CA THR E 95 -54.50 -27.87 22.79
C THR E 95 -54.95 -28.81 23.91
N GLU E 96 -55.10 -28.27 25.11
CA GLU E 96 -55.32 -29.07 26.30
C GLU E 96 -56.51 -28.56 27.08
N LYS E 97 -57.21 -29.48 27.74
CA LYS E 97 -58.27 -29.15 28.69
C LYS E 97 -57.88 -29.55 30.10
N SER E 98 -57.48 -30.81 30.30
CA SER E 98 -57.01 -31.30 31.58
C SER E 98 -55.49 -31.35 31.67
N ASN E 99 -54.78 -30.81 30.68
CA ASN E 99 -53.31 -30.82 30.64
C ASN E 99 -52.79 -32.27 30.63
N ILE E 100 -53.28 -33.05 29.65
CA ILE E 100 -52.86 -34.44 29.54
C ILE E 100 -51.38 -34.55 29.19
N ILE E 101 -50.84 -33.65 28.39
CA ILE E 101 -49.44 -33.72 27.98
C ILE E 101 -48.57 -33.74 29.22
N ARG E 102 -47.77 -34.80 29.36
CA ARG E 102 -46.90 -34.92 30.52
C ARG E 102 -45.54 -34.28 30.27
N GLY E 103 -44.98 -34.46 29.08
CA GLY E 103 -43.68 -33.90 28.78
C GLY E 103 -43.14 -34.45 27.48
N TRP E 104 -41.81 -34.39 27.34
CA TRP E 104 -41.15 -34.82 26.12
C TRP E 104 -39.84 -35.52 26.47
N ILE E 105 -39.38 -36.37 25.57
CA ILE E 105 -38.12 -37.09 25.71
C ILE E 105 -37.29 -36.84 24.47
N PHE E 106 -36.00 -36.52 24.65
CA PHE E 106 -35.11 -36.17 23.57
C PHE E 106 -33.81 -36.95 23.67
N GLY E 107 -33.20 -37.19 22.52
CA GLY E 107 -31.95 -37.92 22.46
C GLY E 107 -31.76 -38.49 21.06
N THR E 108 -30.67 -39.24 20.91
CA THR E 108 -30.36 -39.88 19.63
C THR E 108 -31.18 -41.17 19.48
N THR E 109 -30.96 -42.11 20.40
CA THR E 109 -31.73 -43.35 20.43
C THR E 109 -32.79 -43.36 21.52
N LEU E 110 -32.82 -42.35 22.39
CA LEU E 110 -33.78 -42.29 23.49
C LEU E 110 -33.68 -43.55 24.35
N ASP E 111 -32.46 -44.04 24.53
CA ASP E 111 -32.20 -45.26 25.28
C ASP E 111 -30.98 -45.05 26.16
N SER E 112 -30.69 -46.04 27.00
CA SER E 112 -29.55 -45.95 27.91
C SER E 112 -28.21 -46.01 27.20
N LYS E 113 -28.20 -46.33 25.90
CA LYS E 113 -26.93 -46.41 25.18
C LYS E 113 -26.14 -45.10 25.29
N THR E 114 -26.84 -43.96 25.39
CA THR E 114 -26.21 -42.67 25.52
C THR E 114 -27.08 -41.79 26.41
N GLN E 115 -26.62 -40.58 26.68
CA GLN E 115 -27.35 -39.64 27.51
C GLN E 115 -28.60 -39.16 26.77
N SER E 116 -29.72 -39.11 27.49
CA SER E 116 -30.99 -38.66 26.93
C SER E 116 -31.62 -37.65 27.87
N LEU E 117 -32.43 -36.76 27.29
CA LEU E 117 -33.08 -35.70 28.03
C LEU E 117 -34.53 -36.07 28.32
N LEU E 118 -34.97 -35.79 29.56
CA LEU E 118 -36.33 -36.08 30.00
C LEU E 118 -36.90 -34.83 30.64
N ILE E 119 -37.94 -34.27 30.01
CA ILE E 119 -38.67 -33.14 30.55
C ILE E 119 -40.07 -33.61 30.91
N VAL E 120 -40.44 -33.51 32.19
CA VAL E 120 -41.72 -33.97 32.69
C VAL E 120 -42.12 -33.13 33.88
N ASN E 121 -43.44 -32.99 34.08
CA ASN E 121 -44.00 -32.30 35.24
C ASN E 121 -44.93 -33.28 35.95
N ASN E 122 -44.57 -33.66 37.18
CA ASN E 122 -45.26 -34.70 37.92
C ASN E 122 -46.39 -34.17 38.80
N ALA E 123 -46.97 -33.02 38.45
CA ALA E 123 -48.01 -32.31 39.19
C ALA E 123 -47.44 -31.61 40.42
N THR E 124 -46.16 -31.79 40.74
CA THR E 124 -45.53 -31.11 41.87
C THR E 124 -44.43 -30.17 41.39
N ASN E 125 -43.49 -30.67 40.59
CA ASN E 125 -42.39 -29.86 40.07
C ASN E 125 -42.06 -30.29 38.66
N VAL E 126 -41.45 -29.38 37.90
CA VAL E 126 -40.95 -29.69 36.57
C VAL E 126 -39.56 -30.29 36.72
N VAL E 127 -39.41 -31.52 36.22
CA VAL E 127 -38.17 -32.27 36.38
C VAL E 127 -37.45 -32.32 35.05
N ILE E 128 -36.19 -31.87 35.03
CA ILE E 128 -35.34 -31.93 33.85
C ILE E 128 -34.10 -32.73 34.25
N LYS E 129 -33.93 -33.89 33.64
CA LYS E 129 -32.82 -34.79 33.97
C LYS E 129 -32.17 -35.30 32.68
N VAL E 130 -30.86 -35.47 32.73
CA VAL E 130 -30.09 -36.00 31.61
C VAL E 130 -29.29 -37.19 32.14
N CYS E 131 -29.83 -38.39 31.96
CA CYS E 131 -29.20 -39.61 32.46
C CYS E 131 -29.34 -40.69 31.40
N GLU E 132 -29.03 -41.93 31.79
CA GLU E 132 -29.18 -43.08 30.90
C GLU E 132 -30.53 -43.71 31.17
N PHE E 133 -31.45 -43.59 30.21
CA PHE E 133 -32.82 -44.04 30.35
C PHE E 133 -33.02 -45.36 29.60
N GLN E 134 -33.72 -46.29 30.25
CA GLN E 134 -34.12 -47.54 29.60
C GLN E 134 -35.34 -47.26 28.73
N PHE E 135 -35.16 -47.35 27.41
CA PHE E 135 -36.23 -47.00 26.49
C PHE E 135 -37.43 -47.90 26.71
N CYS E 136 -38.62 -47.30 26.73
CA CYS E 136 -39.88 -48.01 26.84
C CYS E 136 -40.68 -47.86 25.55
N ASN E 137 -41.39 -48.91 25.18
CA ASN E 137 -42.17 -48.87 23.95
C ASN E 137 -43.28 -47.83 24.03
N ASP E 138 -44.00 -47.80 25.16
CA ASP E 138 -45.11 -46.86 25.35
C ASP E 138 -45.04 -46.27 26.75
N PRO E 139 -44.06 -45.40 27.00
CA PRO E 139 -43.98 -44.76 28.32
C PRO E 139 -45.12 -43.78 28.55
N PHE E 140 -45.45 -43.59 29.83
CA PHE E 140 -46.51 -42.68 30.22
C PHE E 140 -46.55 -42.63 31.74
N LEU E 141 -47.41 -41.75 32.27
CA LEU E 141 -47.68 -41.65 33.69
C LEU E 141 -49.20 -41.62 33.86
N GLY E 142 -49.76 -42.72 34.34
CA GLY E 142 -51.19 -42.89 34.43
C GLY E 142 -51.70 -42.91 35.87
N VAL E 143 -53.02 -42.72 36.00
CA VAL E 143 -53.71 -42.74 37.28
C VAL E 143 -54.99 -43.53 37.11
N TYR E 144 -55.32 -44.35 38.10
CA TYR E 144 -56.50 -45.21 38.04
C TYR E 144 -57.27 -45.12 39.35
N TYR E 145 -58.49 -45.64 39.34
CA TYR E 145 -59.35 -45.71 40.52
C TYR E 145 -59.60 -44.31 41.10
N HIS E 146 -60.28 -43.50 40.29
CA HIS E 146 -60.64 -42.14 40.70
C HIS E 146 -61.95 -42.15 41.48
N LYS E 147 -63.04 -42.58 40.83
CA LYS E 147 -64.38 -42.66 41.45
C LYS E 147 -64.57 -41.44 42.33
N ASN E 148 -65.15 -41.57 43.52
CA ASN E 148 -65.19 -40.45 44.45
C ASN E 148 -63.78 -40.11 44.91
N ASN E 149 -63.61 -38.86 45.36
CA ASN E 149 -62.29 -38.32 45.68
C ASN E 149 -61.39 -38.38 44.44
N LYS E 150 -61.78 -37.57 43.44
CA LYS E 150 -61.18 -37.64 42.12
C LYS E 150 -59.68 -37.81 42.14
N SER E 151 -58.99 -37.27 43.15
CA SER E 151 -57.56 -37.50 43.32
C SER E 151 -56.79 -37.01 42.10
N TRP E 152 -56.52 -37.90 41.15
CA TRP E 152 -55.70 -37.60 39.97
C TRP E 152 -54.25 -37.29 40.35
N MET E 153 -53.68 -38.13 41.20
CA MET E 153 -52.28 -38.07 41.56
C MET E 153 -51.53 -39.22 40.90
N GLU E 154 -50.26 -38.98 40.59
CA GLU E 154 -49.45 -40.00 39.94
C GLU E 154 -49.40 -41.27 40.79
N SER E 155 -49.66 -42.41 40.14
CA SER E 155 -49.69 -43.71 40.83
C SER E 155 -48.60 -44.62 40.30
N GLU E 156 -48.51 -44.83 38.99
CA GLU E 156 -47.53 -45.71 38.39
C GLU E 156 -46.53 -44.91 37.56
N PHE E 157 -45.26 -45.26 37.70
CA PHE E 157 -44.17 -44.61 36.97
C PHE E 157 -43.71 -45.55 35.87
N ARG E 158 -44.06 -45.22 34.62
CA ARG E 158 -43.73 -46.05 33.47
C ARG E 158 -42.86 -45.33 32.44
N VAL E 159 -42.35 -44.14 32.77
CA VAL E 159 -41.51 -43.42 31.82
C VAL E 159 -40.25 -44.21 31.53
N TYR E 160 -39.60 -44.72 32.57
CA TYR E 160 -38.42 -45.57 32.42
C TYR E 160 -38.28 -46.44 33.66
N SER E 161 -37.59 -47.56 33.50
CA SER E 161 -37.41 -48.49 34.61
C SER E 161 -36.41 -47.96 35.63
N SER E 162 -35.30 -47.39 35.17
CA SER E 162 -34.26 -46.90 36.07
C SER E 162 -33.43 -45.86 35.35
N ALA E 163 -32.59 -45.16 36.12
CA ALA E 163 -31.69 -44.16 35.57
C ALA E 163 -30.38 -44.19 36.34
N ASN E 164 -29.32 -43.80 35.66
CA ASN E 164 -27.98 -43.76 36.25
C ASN E 164 -27.10 -42.90 35.35
N ASN E 165 -25.95 -42.50 35.88
CA ASN E 165 -24.98 -41.68 35.16
C ASN E 165 -25.63 -40.37 34.69
N CYS E 166 -26.05 -39.58 35.67
CA CYS E 166 -26.72 -38.31 35.41
C CYS E 166 -25.69 -37.20 35.29
N THR E 167 -25.71 -36.49 34.16
CA THR E 167 -24.78 -35.40 33.91
C THR E 167 -25.39 -34.04 34.21
N PHE E 168 -26.72 -33.92 34.23
CA PHE E 168 -27.37 -32.64 34.48
C PHE E 168 -28.68 -32.89 35.20
N GLU E 169 -29.12 -31.89 35.97
CA GLU E 169 -30.37 -31.98 36.72
C GLU E 169 -30.86 -30.58 37.01
N TYR E 170 -32.18 -30.39 36.95
CA TYR E 170 -32.79 -29.09 37.23
C TYR E 170 -34.23 -29.31 37.67
N VAL E 171 -34.66 -28.49 38.62
CA VAL E 171 -36.03 -28.53 39.14
C VAL E 171 -36.55 -27.11 39.22
N SER E 172 -37.79 -26.91 38.79
CA SER E 172 -38.43 -25.60 38.79
C SER E 172 -39.25 -25.43 40.07
N GLN E 173 -39.95 -24.30 40.17
CA GLN E 173 -40.77 -24.02 41.34
C GLN E 173 -42.02 -24.89 41.33
N PRO E 174 -42.66 -25.06 42.48
CA PRO E 174 -43.84 -25.94 42.54
C PRO E 174 -44.94 -25.48 41.59
N PHE E 175 -45.58 -26.46 40.95
CA PHE E 175 -46.71 -26.23 40.04
C PHE E 175 -47.85 -27.17 40.38
N LEU E 176 -49.06 -26.77 40.00
CA LEU E 176 -50.26 -27.58 40.19
C LEU E 176 -50.98 -27.67 38.85
N MET E 177 -51.42 -28.88 38.50
CA MET E 177 -52.23 -29.11 37.31
C MET E 177 -53.45 -29.93 37.69
N ASP E 178 -54.55 -29.69 36.98
CA ASP E 178 -55.80 -30.43 37.19
C ASP E 178 -55.99 -31.40 36.03
N LEU E 179 -55.82 -32.68 36.31
CA LEU E 179 -56.02 -33.73 35.31
C LEU E 179 -57.47 -34.20 35.26
N GLU E 180 -58.36 -33.60 36.05
CA GLU E 180 -59.76 -33.98 36.04
C GLU E 180 -60.35 -33.77 34.65
N GLY E 181 -61.18 -34.73 34.22
CA GLY E 181 -61.80 -34.63 32.91
C GLY E 181 -62.72 -33.43 32.83
N LYS E 182 -62.75 -32.81 31.65
CA LYS E 182 -63.60 -31.65 31.38
C LYS E 182 -64.29 -31.83 30.04
N GLN E 183 -65.44 -31.18 29.90
CA GLN E 183 -66.26 -31.25 28.70
C GLN E 183 -66.28 -29.90 28.00
N GLY E 184 -66.35 -29.96 26.68
CA GLY E 184 -66.44 -28.76 25.87
C GLY E 184 -65.20 -28.52 25.03
N ASN E 185 -65.10 -27.28 24.56
CA ASN E 185 -64.00 -26.88 23.70
C ASN E 185 -62.68 -26.81 24.48
N PHE E 186 -61.58 -26.86 23.74
CA PHE E 186 -60.25 -26.76 24.35
C PHE E 186 -60.03 -25.33 24.84
N LYS E 187 -59.79 -25.19 26.14
CA LYS E 187 -59.69 -23.87 26.77
C LYS E 187 -58.26 -23.38 26.93
N ASN E 188 -57.26 -24.20 26.58
CA ASN E 188 -55.86 -23.84 26.78
C ASN E 188 -55.05 -24.17 25.54
N LEU E 189 -53.96 -23.42 25.36
CA LEU E 189 -53.04 -23.64 24.25
C LEU E 189 -51.61 -23.50 24.77
N ARG E 190 -50.76 -24.46 24.42
CA ARG E 190 -49.36 -24.43 24.82
C ARG E 190 -48.51 -24.71 23.59
N GLU E 191 -47.68 -23.73 23.22
CA GLU E 191 -46.80 -23.83 22.05
C GLU E 191 -45.36 -23.73 22.50
N PHE E 192 -44.53 -24.67 22.04
CA PHE E 192 -43.12 -24.73 22.43
C PHE E 192 -42.24 -24.76 21.19
N VAL E 193 -41.05 -24.17 21.33
CA VAL E 193 -40.01 -24.22 20.30
C VAL E 193 -38.76 -24.82 20.92
N PHE E 194 -38.21 -25.85 20.26
CA PHE E 194 -37.05 -26.56 20.76
C PHE E 194 -35.96 -26.56 19.70
N LYS E 195 -34.74 -26.21 20.11
CA LYS E 195 -33.61 -26.20 19.20
C LYS E 195 -32.33 -26.34 20.02
N ASN E 196 -31.26 -26.73 19.33
CA ASN E 196 -29.94 -26.89 19.95
C ASN E 196 -28.93 -26.07 19.16
N ILE E 197 -28.13 -25.28 19.86
CA ILE E 197 -27.13 -24.42 19.24
C ILE E 197 -25.81 -24.68 19.95
N ASP E 198 -24.89 -25.38 19.28
CA ASP E 198 -23.57 -25.68 19.83
C ASP E 198 -23.69 -26.34 21.20
N GLY E 199 -24.66 -27.24 21.32
CA GLY E 199 -24.90 -27.96 22.56
C GLY E 199 -25.82 -27.26 23.53
N TYR E 200 -26.22 -26.02 23.25
CA TYR E 200 -27.12 -25.28 24.10
C TYR E 200 -28.55 -25.49 23.62
N PHE E 201 -29.37 -26.13 24.45
CA PHE E 201 -30.75 -26.44 24.10
C PHE E 201 -31.64 -25.29 24.57
N LYS E 202 -32.24 -24.58 23.62
CA LYS E 202 -33.08 -23.44 23.92
C LYS E 202 -34.54 -23.86 24.02
N ILE E 203 -35.26 -23.27 24.97
CA ILE E 203 -36.67 -23.55 25.20
C ILE E 203 -37.45 -22.24 25.16
N TYR E 204 -38.52 -22.22 24.39
CA TYR E 204 -39.44 -21.09 24.33
C TYR E 204 -40.85 -21.60 24.53
N SER E 205 -41.63 -20.87 25.33
CA SER E 205 -42.96 -21.33 25.72
C SER E 205 -43.96 -20.18 25.63
N LYS E 206 -45.22 -20.54 25.42
CA LYS E 206 -46.33 -19.59 25.38
C LYS E 206 -47.58 -20.27 25.86
N HIS E 207 -48.37 -19.56 26.66
CA HIS E 207 -49.64 -20.07 27.18
C HIS E 207 -50.70 -19.01 26.99
N THR E 208 -51.79 -19.36 26.32
CA THR E 208 -52.89 -18.45 26.06
C THR E 208 -54.17 -19.24 25.90
N PRO E 209 -55.28 -18.73 26.43
CA PRO E 209 -56.56 -19.43 26.25
C PRO E 209 -57.01 -19.38 24.79
N ILE E 210 -57.76 -20.41 24.39
CA ILE E 210 -58.25 -20.53 23.02
C ILE E 210 -59.65 -21.11 23.04
N ASN E 211 -60.35 -20.94 21.91
CA ASN E 211 -61.68 -21.51 21.70
C ASN E 211 -61.65 -22.24 20.37
N LEU E 212 -61.47 -23.56 20.42
CA LEU E 212 -61.27 -24.36 19.22
C LEU E 212 -62.12 -25.61 19.29
N VAL E 213 -62.49 -26.12 18.11
CA VAL E 213 -63.20 -27.39 17.98
C VAL E 213 -62.36 -28.41 17.23
N ARG E 214 -61.79 -28.02 16.09
CA ARG E 214 -60.95 -28.91 15.29
C ARG E 214 -60.04 -28.05 14.42
N ASP E 215 -59.00 -28.68 13.88
CA ASP E 215 -58.02 -28.02 13.00
C ASP E 215 -57.19 -27.08 13.86
N LEU E 216 -57.06 -25.80 13.49
CA LEU E 216 -56.19 -24.87 14.19
C LEU E 216 -56.90 -23.55 14.39
N PRO E 217 -56.52 -22.77 15.39
CA PRO E 217 -57.09 -21.44 15.57
C PRO E 217 -56.46 -20.43 14.62
N GLN E 218 -57.18 -19.33 14.40
CA GLN E 218 -56.72 -18.25 13.53
C GLN E 218 -56.31 -17.08 14.41
N GLY E 219 -55.01 -16.80 14.45
CA GLY E 219 -54.51 -15.73 15.28
C GLY E 219 -52.99 -15.67 15.22
N PHE E 220 -52.43 -14.86 16.12
CA PHE E 220 -50.99 -14.69 16.20
C PHE E 220 -50.55 -14.80 17.65
N SER E 221 -49.32 -15.30 17.84
CA SER E 221 -48.77 -15.47 19.18
C SER E 221 -47.25 -15.44 19.09
N ALA E 222 -46.62 -15.17 20.23
CA ALA E 222 -45.17 -15.14 20.36
C ALA E 222 -44.77 -15.93 21.59
N LEU E 223 -43.61 -16.60 21.52
CA LEU E 223 -43.14 -17.46 22.59
C LEU E 223 -41.99 -16.78 23.33
N GLU E 224 -42.09 -16.77 24.68
CA GLU E 224 -41.08 -16.14 25.52
C GLU E 224 -40.05 -17.18 25.99
N PRO E 225 -38.82 -16.75 26.28
CA PRO E 225 -37.83 -17.68 26.83
C PRO E 225 -38.32 -18.27 28.15
N LEU E 226 -38.00 -19.56 28.34
CA LEU E 226 -38.38 -20.28 29.56
C LEU E 226 -37.13 -20.64 30.36
N VAL E 227 -36.17 -21.34 29.76
CA VAL E 227 -34.96 -21.76 30.45
C VAL E 227 -33.94 -22.20 29.41
N ASP E 228 -32.66 -22.10 29.77
CA ASP E 228 -31.56 -22.50 28.91
C ASP E 228 -30.87 -23.71 29.54
N LEU E 229 -30.73 -24.79 28.76
CA LEU E 229 -30.14 -26.02 29.25
C LEU E 229 -28.81 -26.27 28.54
N PRO E 230 -27.67 -26.02 29.20
CA PRO E 230 -26.37 -26.35 28.57
C PRO E 230 -26.01 -27.82 28.75
N ILE E 231 -26.70 -28.69 28.02
CA ILE E 231 -26.52 -30.13 28.15
C ILE E 231 -25.38 -30.57 27.23
N GLY E 232 -25.52 -30.32 25.93
CA GLY E 232 -24.48 -30.65 24.99
C GLY E 232 -24.57 -32.02 24.37
N ILE E 233 -25.77 -32.60 24.27
CA ILE E 233 -25.96 -33.90 23.67
C ILE E 233 -26.73 -33.74 22.36
N ASN E 234 -26.25 -34.41 21.32
CA ASN E 234 -26.91 -34.40 20.03
C ASN E 234 -28.27 -35.08 20.13
N ILE E 235 -29.27 -34.51 19.46
CA ILE E 235 -30.63 -35.03 19.46
C ILE E 235 -31.03 -35.25 18.01
N THR E 236 -31.38 -36.50 17.67
CA THR E 236 -31.86 -36.84 16.34
C THR E 236 -33.30 -37.33 16.33
N ARG E 237 -33.89 -37.58 17.50
CA ARG E 237 -35.26 -38.05 17.59
C ARG E 237 -35.85 -37.55 18.90
N PHE E 238 -37.19 -37.55 18.96
CA PHE E 238 -37.91 -37.10 20.15
C PHE E 238 -39.16 -37.94 20.31
N GLN E 239 -39.67 -37.96 21.54
CA GLN E 239 -40.85 -38.73 21.89
C GLN E 239 -41.79 -37.88 22.73
N THR E 240 -43.07 -38.25 22.71
CA THR E 240 -44.11 -37.53 23.43
C THR E 240 -44.58 -38.35 24.63
N LEU E 241 -44.98 -37.64 25.68
CA LEU E 241 -45.47 -38.27 26.90
C LEU E 241 -46.85 -37.71 27.22
N LEU E 242 -47.80 -38.60 27.46
CA LEU E 242 -49.17 -38.25 27.78
C LEU E 242 -49.64 -39.00 29.01
N ALA E 243 -50.61 -38.41 29.70
CA ALA E 243 -51.19 -39.02 30.89
C ALA E 243 -52.36 -39.91 30.49
N LEU E 244 -52.47 -41.06 31.15
CA LEU E 244 -53.50 -42.05 30.87
C LEU E 244 -54.33 -42.30 32.11
N HIS E 245 -55.57 -42.74 31.88
CA HIS E 245 -56.49 -43.06 32.98
C HIS E 245 -57.23 -44.34 32.64
N ARG E 246 -57.61 -45.06 33.69
CA ARG E 246 -58.38 -46.30 33.53
C ARG E 246 -59.16 -46.56 34.81
N SER E 247 -60.18 -47.40 34.68
CA SER E 247 -61.02 -47.75 35.82
C SER E 247 -60.49 -48.97 36.54
N SER E 255 -49.84 -52.74 30.67
CA SER E 255 -50.51 -51.46 30.44
C SER E 255 -51.46 -51.57 29.24
N SER E 256 -52.09 -52.73 29.09
CA SER E 256 -53.02 -52.95 27.99
C SER E 256 -54.41 -52.40 28.25
N GLY E 257 -54.71 -51.99 29.48
CA GLY E 257 -56.01 -51.45 29.82
C GLY E 257 -56.08 -49.94 29.91
N TRP E 258 -54.95 -49.24 29.78
CA TRP E 258 -54.94 -47.79 29.84
C TRP E 258 -55.55 -47.19 28.58
N THR E 259 -56.17 -46.02 28.74
CA THR E 259 -56.74 -45.27 27.64
C THR E 259 -56.48 -43.79 27.87
N ALA E 260 -56.78 -42.99 26.84
CA ALA E 260 -56.52 -41.55 26.88
C ALA E 260 -57.80 -40.80 26.55
N GLY E 261 -57.87 -39.56 27.06
CA GLY E 261 -59.02 -38.70 26.83
C GLY E 261 -58.91 -37.92 25.55
N ALA E 262 -59.81 -36.96 25.39
CA ALA E 262 -59.86 -36.13 24.19
C ALA E 262 -58.81 -35.03 24.29
N ALA E 263 -57.81 -35.09 23.41
CA ALA E 263 -56.74 -34.09 23.39
C ALA E 263 -56.07 -34.15 22.03
N ALA E 264 -55.28 -33.12 21.73
CA ALA E 264 -54.59 -33.02 20.46
C ALA E 264 -53.30 -32.23 20.64
N TYR E 265 -52.28 -32.62 19.87
CA TYR E 265 -51.01 -31.90 19.84
C TYR E 265 -50.42 -32.04 18.46
N TYR E 266 -49.51 -31.12 18.12
CA TYR E 266 -48.97 -31.02 16.77
C TYR E 266 -47.45 -30.92 16.81
N VAL E 267 -46.82 -31.34 15.72
CA VAL E 267 -45.38 -31.41 15.59
C VAL E 267 -44.97 -30.57 14.39
N GLY E 268 -43.98 -29.69 14.59
CA GLY E 268 -43.43 -28.88 13.53
C GLY E 268 -41.94 -29.10 13.35
N TYR E 269 -41.43 -28.53 12.26
CA TYR E 269 -40.02 -28.63 11.93
C TYR E 269 -39.48 -27.24 11.61
N LEU E 270 -38.32 -26.91 12.18
CA LEU E 270 -37.72 -25.61 12.01
C LEU E 270 -36.73 -25.63 10.86
N GLN E 271 -36.71 -24.55 10.09
CA GLN E 271 -35.79 -24.37 8.98
C GLN E 271 -35.09 -23.03 9.10
N PRO E 272 -33.86 -22.91 8.57
CA PRO E 272 -33.13 -21.64 8.70
C PRO E 272 -33.67 -20.55 7.79
N ARG E 273 -34.76 -19.91 8.19
CA ARG E 273 -35.38 -18.85 7.43
C ARG E 273 -35.17 -17.51 8.12
N THR E 274 -35.67 -16.45 7.49
CA THR E 274 -35.55 -15.10 8.00
C THR E 274 -36.94 -14.49 8.17
N PHE E 275 -37.14 -13.82 9.30
CA PHE E 275 -38.42 -13.18 9.62
C PHE E 275 -38.22 -11.68 9.81
N LEU E 276 -39.24 -10.91 9.42
CA LEU E 276 -39.30 -9.48 9.69
C LEU E 276 -40.30 -9.28 10.83
N LEU E 277 -39.79 -8.91 12.00
CA LEU E 277 -40.59 -8.85 13.21
C LEU E 277 -41.00 -7.42 13.52
N LYS E 278 -42.28 -7.24 13.85
CA LYS E 278 -42.83 -5.94 14.22
C LYS E 278 -43.09 -5.95 15.72
N TYR E 279 -42.73 -4.86 16.38
CA TYR E 279 -42.81 -4.76 17.84
C TYR E 279 -43.67 -3.55 18.23
N ASN E 280 -44.58 -3.77 19.16
CA ASN E 280 -45.43 -2.70 19.66
C ASN E 280 -44.64 -1.81 20.63
N GLU E 281 -45.32 -0.79 21.16
CA GLU E 281 -44.65 0.10 22.12
C GLU E 281 -44.17 -0.65 23.35
N ASN E 282 -44.83 -1.75 23.70
CA ASN E 282 -44.45 -2.54 24.87
C ASN E 282 -43.40 -3.61 24.55
N GLY E 283 -43.03 -3.78 23.28
CA GLY E 283 -42.05 -4.75 22.88
C GLY E 283 -42.62 -6.08 22.43
N THR E 284 -43.91 -6.34 22.68
CA THR E 284 -44.53 -7.57 22.26
C THR E 284 -44.73 -7.56 20.75
N ILE E 285 -44.60 -8.73 20.12
CA ILE E 285 -44.76 -8.86 18.68
C ILE E 285 -46.24 -8.93 18.36
N THR E 286 -46.70 -8.03 17.48
CA THR E 286 -48.09 -8.03 17.03
C THR E 286 -48.25 -8.58 15.62
N ASP E 287 -47.17 -8.72 14.87
CA ASP E 287 -47.24 -9.25 13.50
C ASP E 287 -45.87 -9.78 13.12
N ALA E 288 -45.87 -10.69 12.14
CA ALA E 288 -44.64 -11.27 11.65
C ALA E 288 -44.84 -11.71 10.20
N VAL E 289 -43.73 -11.80 9.47
CA VAL E 289 -43.75 -12.20 8.07
C VAL E 289 -42.57 -13.13 7.81
N ASP E 290 -42.83 -14.20 7.05
CA ASP E 290 -41.80 -15.15 6.66
C ASP E 290 -41.20 -14.69 5.33
N CYS E 291 -39.92 -14.35 5.34
CA CYS E 291 -39.30 -13.77 4.15
C CYS E 291 -39.44 -14.67 2.93
N ALA E 292 -39.51 -15.99 3.13
CA ALA E 292 -39.75 -16.93 2.04
C ALA E 292 -41.06 -17.65 2.33
N LEU E 293 -42.18 -16.99 1.97
CA LEU E 293 -43.48 -17.61 1.97
C LEU E 293 -44.12 -17.45 0.60
N ASP E 294 -44.07 -16.23 0.08
CA ASP E 294 -44.64 -15.85 -1.19
C ASP E 294 -43.98 -14.57 -1.65
N PRO E 295 -44.16 -14.17 -2.91
CA PRO E 295 -43.53 -12.94 -3.38
C PRO E 295 -43.88 -11.71 -2.57
N LEU E 296 -45.11 -11.65 -2.02
CA LEU E 296 -45.49 -10.51 -1.20
C LEU E 296 -44.62 -10.44 0.06
N SER E 297 -44.40 -11.58 0.72
CA SER E 297 -43.56 -11.59 1.91
C SER E 297 -42.11 -11.27 1.57
N GLU E 298 -41.63 -11.75 0.42
CA GLU E 298 -40.29 -11.39 -0.02
C GLU E 298 -40.17 -9.89 -0.23
N THR E 299 -41.18 -9.26 -0.85
CA THR E 299 -41.16 -7.82 -1.02
C THR E 299 -41.17 -7.11 0.33
N LYS E 300 -41.98 -7.58 1.27
CA LYS E 300 -42.04 -6.96 2.59
C LYS E 300 -40.67 -7.03 3.27
N CYS E 301 -40.01 -8.19 3.22
CA CYS E 301 -38.70 -8.31 3.82
C CYS E 301 -37.67 -7.44 3.11
N THR E 302 -37.73 -7.36 1.77
CA THR E 302 -36.80 -6.53 1.04
C THR E 302 -36.96 -5.06 1.42
N LEU E 303 -38.20 -4.59 1.54
CA LEU E 303 -38.47 -3.21 1.91
C LEU E 303 -38.46 -2.99 3.42
N LYS E 304 -38.34 -4.05 4.21
CA LYS E 304 -38.32 -3.96 5.67
C LYS E 304 -39.56 -3.24 6.19
N SER E 305 -40.70 -3.52 5.55
CA SER E 305 -41.97 -2.93 5.95
C SER E 305 -43.10 -3.82 5.49
N PHE E 306 -44.18 -3.85 6.28
CA PHE E 306 -45.36 -4.63 5.92
C PHE E 306 -46.29 -3.91 4.97
N THR E 307 -46.08 -2.61 4.73
CA THR E 307 -46.90 -1.82 3.82
C THR E 307 -46.14 -1.69 2.51
N VAL E 308 -46.63 -2.38 1.48
CA VAL E 308 -46.02 -2.38 0.16
C VAL E 308 -46.89 -1.52 -0.74
N GLU E 309 -46.34 -0.41 -1.22
CA GLU E 309 -47.08 0.48 -2.10
C GLU E 309 -47.21 -0.14 -3.50
N LYS E 310 -48.12 0.43 -4.28
CA LYS E 310 -48.32 -0.05 -5.64
C LYS E 310 -47.08 0.20 -6.48
N GLY E 311 -46.64 -0.83 -7.19
CA GLY E 311 -45.47 -0.70 -8.05
C GLY E 311 -44.78 -2.04 -8.21
N ILE E 312 -43.61 -1.99 -8.82
CA ILE E 312 -42.77 -3.16 -9.08
C ILE E 312 -41.45 -2.98 -8.35
N TYR E 313 -40.98 -4.06 -7.71
CA TYR E 313 -39.76 -4.03 -6.94
C TYR E 313 -38.92 -5.26 -7.26
N GLN E 314 -37.61 -5.14 -7.08
CA GLN E 314 -36.67 -6.23 -7.27
C GLN E 314 -36.20 -6.71 -5.90
N THR E 315 -36.40 -8.00 -5.62
CA THR E 315 -36.07 -8.56 -4.31
C THR E 315 -34.72 -9.26 -4.35
N SER E 316 -34.58 -10.25 -5.23
CA SER E 316 -33.34 -11.02 -5.34
C SER E 316 -33.24 -11.56 -6.77
N ASN E 317 -32.26 -12.43 -6.98
CA ASN E 317 -32.02 -13.01 -8.29
C ASN E 317 -32.79 -14.33 -8.43
N PHE E 318 -32.64 -14.96 -9.59
CA PHE E 318 -33.23 -16.27 -9.86
C PHE E 318 -32.13 -17.31 -9.68
N ARG E 319 -32.33 -18.22 -8.72
CA ARG E 319 -31.31 -19.19 -8.34
C ARG E 319 -31.60 -20.54 -8.96
N VAL E 320 -30.54 -21.30 -9.25
CA VAL E 320 -30.64 -22.64 -9.80
C VAL E 320 -29.61 -23.50 -9.06
N GLN E 321 -30.08 -24.32 -8.13
CA GLN E 321 -29.16 -25.13 -7.33
C GLN E 321 -28.54 -26.23 -8.20
N PRO E 322 -27.26 -26.56 -7.97
CA PRO E 322 -26.66 -27.66 -8.72
C PRO E 322 -27.36 -28.98 -8.41
N THR E 323 -27.50 -29.81 -9.45
CA THR E 323 -28.18 -31.09 -9.28
C THR E 323 -27.28 -32.11 -8.57
N GLU E 324 -25.99 -32.11 -8.90
CA GLU E 324 -25.04 -33.01 -8.25
C GLU E 324 -23.64 -32.43 -8.38
N SER E 325 -22.69 -33.08 -7.71
CA SER E 325 -21.29 -32.69 -7.77
C SER E 325 -20.58 -33.58 -8.78
N ILE E 326 -19.88 -32.96 -9.73
CA ILE E 326 -19.18 -33.68 -10.79
C ILE E 326 -17.69 -33.51 -10.59
N VAL E 327 -16.95 -34.62 -10.64
CA VAL E 327 -15.50 -34.62 -10.45
C VAL E 327 -14.88 -35.37 -11.62
N ARG E 328 -13.94 -34.72 -12.31
CA ARG E 328 -13.19 -35.33 -13.40
C ARG E 328 -11.73 -34.94 -13.27
N PHE E 329 -10.86 -35.91 -13.05
CA PHE E 329 -9.45 -35.70 -12.81
C PHE E 329 -8.64 -36.62 -13.70
N PRO E 330 -7.39 -36.27 -13.99
CA PRO E 330 -6.55 -37.14 -14.83
C PRO E 330 -6.31 -38.49 -14.18
N ASN E 331 -6.14 -39.51 -15.01
CA ASN E 331 -5.94 -40.88 -14.56
C ASN E 331 -4.46 -41.10 -14.31
N ILE E 332 -4.07 -41.12 -13.04
CA ILE E 332 -2.70 -41.40 -12.63
C ILE E 332 -2.73 -42.47 -11.56
N THR E 333 -2.06 -43.60 -11.80
CA THR E 333 -2.04 -44.72 -10.88
C THR E 333 -0.76 -44.81 -10.07
N ASN E 334 0.12 -43.81 -10.17
CA ASN E 334 1.40 -43.82 -9.49
C ASN E 334 1.40 -42.84 -8.32
N LEU E 335 1.83 -43.32 -7.16
CA LEU E 335 1.97 -42.48 -5.98
C LEU E 335 3.25 -41.67 -6.08
N CYS E 336 3.20 -40.43 -5.60
CA CYS E 336 4.36 -39.56 -5.68
C CYS E 336 5.49 -40.13 -4.81
N PRO E 337 6.74 -39.99 -5.25
CA PRO E 337 7.85 -40.57 -4.47
C PRO E 337 8.15 -39.78 -3.21
N PHE E 338 7.23 -39.83 -2.24
CA PHE E 338 7.48 -39.18 -0.96
C PHE E 338 8.60 -39.87 -0.18
N GLY E 339 8.96 -41.10 -0.55
CA GLY E 339 10.08 -41.76 0.08
C GLY E 339 11.38 -41.01 -0.13
N GLU E 340 11.55 -40.38 -1.29
CA GLU E 340 12.72 -39.57 -1.58
C GLU E 340 12.58 -38.12 -1.14
N VAL E 341 11.46 -37.77 -0.51
CA VAL E 341 11.22 -36.39 -0.07
C VAL E 341 11.09 -36.38 1.46
N PHE E 342 10.17 -37.18 1.98
CA PHE E 342 9.94 -37.19 3.43
C PHE E 342 10.82 -38.25 4.10
N ASN E 343 10.79 -39.47 3.59
CA ASN E 343 11.46 -40.60 4.23
C ASN E 343 12.80 -40.94 3.62
N ALA E 344 13.38 -40.04 2.82
CA ALA E 344 14.68 -40.32 2.23
C ALA E 344 15.73 -40.51 3.32
N THR E 345 16.68 -41.39 3.05
CA THR E 345 17.68 -41.75 4.07
C THR E 345 18.48 -40.53 4.49
N ARG E 346 18.90 -39.71 3.53
CA ARG E 346 19.75 -38.55 3.80
C ARG E 346 19.27 -37.37 2.95
N PHE E 347 18.91 -36.28 3.61
CA PHE E 347 18.61 -35.05 2.91
C PHE E 347 19.89 -34.28 2.60
N ALA E 348 19.80 -33.41 1.60
CA ALA E 348 20.94 -32.55 1.27
C ALA E 348 20.97 -31.34 2.20
N SER E 349 22.14 -30.72 2.28
CA SER E 349 22.32 -29.56 3.13
C SER E 349 21.56 -28.35 2.57
N VAL E 350 21.21 -27.42 3.47
CA VAL E 350 20.58 -26.19 3.03
C VAL E 350 21.51 -25.37 2.14
N TYR E 351 22.82 -25.51 2.34
CA TYR E 351 23.78 -24.82 1.48
C TYR E 351 23.57 -25.20 0.02
N ALA E 352 23.42 -26.49 -0.24
CA ALA E 352 23.08 -27.01 -1.57
C ALA E 352 21.87 -27.92 -1.40
N TRP E 353 20.67 -27.34 -1.42
CA TRP E 353 19.45 -28.07 -1.17
C TRP E 353 18.96 -28.75 -2.43
N ASN E 354 18.56 -30.01 -2.29
CA ASN E 354 18.10 -30.79 -3.44
C ASN E 354 16.84 -30.17 -4.03
N ARG E 355 16.79 -30.09 -5.36
CA ARG E 355 15.61 -29.64 -6.08
C ARG E 355 14.88 -30.86 -6.63
N LYS E 356 13.80 -31.26 -5.97
CA LYS E 356 13.05 -32.45 -6.32
C LYS E 356 11.85 -32.08 -7.17
N ARG E 357 11.68 -32.79 -8.28
CA ARG E 357 10.54 -32.60 -9.18
C ARG E 357 9.52 -33.71 -8.93
N ILE E 358 8.31 -33.32 -8.56
CA ILE E 358 7.23 -34.27 -8.30
C ILE E 358 6.14 -34.01 -9.33
N SER E 359 5.89 -34.99 -10.18
CA SER E 359 4.91 -34.83 -11.26
C SER E 359 4.46 -36.21 -11.71
N ASN E 360 3.34 -36.22 -12.45
CA ASN E 360 2.78 -37.45 -13.00
C ASN E 360 2.59 -38.50 -11.91
N CYS E 361 2.03 -38.06 -10.79
CA CYS E 361 1.83 -38.94 -9.65
C CYS E 361 0.66 -38.43 -8.82
N VAL E 362 0.12 -39.31 -7.99
CA VAL E 362 -0.97 -38.97 -7.09
C VAL E 362 -0.37 -38.49 -5.77
N ALA E 363 -0.72 -37.26 -5.39
CA ALA E 363 -0.20 -36.65 -4.16
C ALA E 363 -1.19 -36.90 -3.04
N ASP E 364 -0.80 -37.74 -2.08
CA ASP E 364 -1.63 -38.08 -0.92
C ASP E 364 -0.87 -37.71 0.34
N TYR E 365 -1.26 -36.61 0.98
CA TYR E 365 -0.63 -36.15 2.22
C TYR E 365 -1.41 -36.57 3.46
N SER E 366 -2.44 -37.42 3.30
CA SER E 366 -3.19 -37.90 4.46
C SER E 366 -2.33 -38.77 5.36
N VAL E 367 -1.18 -39.25 4.87
CA VAL E 367 -0.31 -40.08 5.70
C VAL E 367 0.15 -39.31 6.92
N LEU E 368 0.35 -38.00 6.78
CA LEU E 368 0.76 -37.19 7.93
C LEU E 368 -0.30 -37.24 9.04
N TYR E 369 -1.58 -37.14 8.67
CA TYR E 369 -2.67 -37.25 9.63
C TYR E 369 -3.09 -38.69 9.88
N ASN E 370 -2.64 -39.63 9.05
CA ASN E 370 -2.92 -41.04 9.29
C ASN E 370 -1.89 -41.70 10.19
N SER E 371 -0.83 -40.98 10.56
CA SER E 371 0.17 -41.50 11.48
C SER E 371 0.99 -40.34 12.00
N ALA E 372 1.27 -40.35 13.30
CA ALA E 372 2.04 -39.28 13.93
C ALA E 372 3.51 -39.43 13.54
N SER E 373 3.95 -38.62 12.58
CA SER E 373 5.32 -38.70 12.09
C SER E 373 6.10 -37.42 12.35
N PHE E 374 5.53 -36.28 11.98
CA PHE E 374 6.22 -35.00 12.06
C PHE E 374 5.62 -34.15 13.18
N SER E 375 6.50 -33.53 13.97
CA SER E 375 6.05 -32.74 15.11
C SER E 375 5.36 -31.47 14.66
N THR E 376 5.94 -30.75 13.71
CA THR E 376 5.43 -29.46 13.24
C THR E 376 4.99 -29.58 11.80
N PHE E 377 3.78 -29.10 11.50
CA PHE E 377 3.26 -29.06 10.14
C PHE E 377 2.39 -27.83 10.00
N LYS E 378 2.65 -27.03 8.96
CA LYS E 378 1.90 -25.80 8.76
C LYS E 378 1.83 -25.48 7.27
N CYS E 379 0.84 -24.69 6.89
CA CYS E 379 0.65 -24.23 5.52
C CYS E 379 0.33 -22.74 5.54
N TYR E 380 0.73 -22.06 4.47
CA TYR E 380 0.53 -20.61 4.35
C TYR E 380 -0.45 -20.28 3.23
N GLY E 381 -0.18 -20.72 2.00
CA GLY E 381 -1.02 -20.39 0.87
C GLY E 381 -2.22 -21.28 0.66
N VAL E 382 -2.30 -22.41 1.38
CA VAL E 382 -3.42 -23.33 1.24
C VAL E 382 -3.74 -23.94 2.60
N SER E 383 -4.77 -24.79 2.64
CA SER E 383 -5.18 -25.41 3.90
C SER E 383 -4.47 -26.74 4.09
N PRO E 384 -4.08 -27.06 5.33
CA PRO E 384 -3.40 -28.35 5.55
C PRO E 384 -4.25 -29.55 5.17
N THR E 385 -5.56 -29.48 5.38
CA THR E 385 -6.45 -30.61 5.12
C THR E 385 -7.00 -30.63 3.70
N LYS E 386 -6.89 -29.53 2.95
CA LYS E 386 -7.42 -29.46 1.60
C LYS E 386 -6.37 -29.76 0.53
N LEU E 387 -5.16 -30.18 0.92
CA LEU E 387 -4.15 -30.51 -0.06
C LEU E 387 -4.60 -31.64 -0.98
N ASN E 388 -5.21 -32.68 -0.40
CA ASN E 388 -5.74 -33.77 -1.21
C ASN E 388 -7.01 -33.36 -1.95
N ASP E 389 -7.86 -32.55 -1.33
CA ASP E 389 -9.12 -32.15 -1.97
C ASP E 389 -8.83 -31.33 -3.23
N LEU E 390 -7.87 -30.41 -3.17
CA LEU E 390 -7.54 -29.56 -4.29
C LEU E 390 -6.31 -30.11 -5.01
N CYS E 391 -6.40 -30.24 -6.32
CA CYS E 391 -5.32 -30.79 -7.14
C CYS E 391 -4.57 -29.68 -7.85
N PHE E 392 -3.25 -29.75 -7.78
CA PHE E 392 -2.36 -28.74 -8.34
C PHE E 392 -1.88 -29.18 -9.72
N THR E 393 -1.09 -28.32 -10.35
CA THR E 393 -0.59 -28.59 -11.70
C THR E 393 0.82 -29.14 -11.65
N ASN E 394 1.74 -28.39 -11.06
CA ASN E 394 3.13 -28.79 -10.90
C ASN E 394 3.52 -28.57 -9.45
N VAL E 395 3.95 -29.64 -8.78
CA VAL E 395 4.30 -29.60 -7.36
C VAL E 395 5.79 -29.87 -7.22
N TYR E 396 6.47 -29.01 -6.46
CA TYR E 396 7.91 -29.11 -6.26
C TYR E 396 8.19 -29.23 -4.77
N ALA E 397 9.21 -30.01 -4.43
CA ALA E 397 9.61 -30.24 -3.05
C ALA E 397 11.05 -29.83 -2.84
N ASP E 398 11.30 -29.14 -1.72
CA ASP E 398 12.64 -28.71 -1.34
C ASP E 398 12.98 -29.36 -0.01
N SER E 399 14.13 -30.03 0.04
CA SER E 399 14.57 -30.76 1.22
C SER E 399 15.87 -30.14 1.74
N PHE E 400 15.87 -29.78 3.03
CA PHE E 400 17.07 -29.24 3.66
C PHE E 400 16.92 -29.38 5.17
N VAL E 401 18.05 -29.28 5.87
CA VAL E 401 18.11 -29.42 7.31
C VAL E 401 18.78 -28.19 7.90
N ILE E 402 18.18 -27.65 8.96
CA ILE E 402 18.68 -26.45 9.63
C ILE E 402 18.56 -26.63 11.14
N ARG E 403 19.15 -25.69 11.88
CA ARG E 403 19.08 -25.72 13.32
C ARG E 403 17.64 -25.48 13.80
N GLY E 404 17.34 -25.98 14.99
CA GLY E 404 15.98 -25.85 15.51
C GLY E 404 15.55 -24.41 15.64
N ASP E 405 16.43 -23.55 16.17
CA ASP E 405 16.11 -22.13 16.29
C ASP E 405 15.94 -21.46 14.93
N GLU E 406 16.44 -22.07 13.86
CA GLU E 406 16.33 -21.51 12.52
C GLU E 406 15.04 -21.91 11.83
N VAL E 407 14.23 -22.78 12.44
CA VAL E 407 12.96 -23.19 11.83
C VAL E 407 11.97 -22.03 11.84
N ARG E 408 11.95 -21.25 12.92
CA ARG E 408 10.97 -20.16 13.03
C ARG E 408 11.08 -19.18 11.87
N GLN E 409 12.29 -18.97 11.35
CA GLN E 409 12.53 -18.00 10.29
C GLN E 409 12.37 -18.59 8.90
N ILE E 410 11.83 -19.80 8.78
CA ILE E 410 11.55 -20.40 7.47
C ILE E 410 10.09 -20.12 7.14
N ALA E 411 9.83 -18.99 6.47
CA ALA E 411 8.48 -18.63 6.07
C ALA E 411 8.58 -17.45 5.09
N PRO E 412 7.50 -17.15 4.35
CA PRO E 412 7.57 -16.04 3.39
C PRO E 412 7.94 -14.74 4.08
N GLY E 413 8.87 -14.00 3.46
CA GLY E 413 9.28 -12.71 3.95
C GLY E 413 10.18 -12.74 5.18
N GLN E 414 10.61 -13.92 5.63
CA GLN E 414 11.45 -13.99 6.81
C GLN E 414 12.89 -13.57 6.49
N THR E 415 13.59 -13.12 7.52
CA THR E 415 14.98 -12.69 7.40
C THR E 415 15.80 -13.29 8.55
N GLY E 416 17.08 -13.47 8.29
CA GLY E 416 17.98 -14.02 9.27
C GLY E 416 19.20 -14.62 8.59
N LYS E 417 19.95 -15.39 9.37
CA LYS E 417 21.18 -15.98 8.84
C LYS E 417 20.92 -17.14 7.89
N ILE E 418 19.68 -17.61 7.77
CA ILE E 418 19.32 -18.71 6.88
C ILE E 418 18.40 -18.22 5.75
N ALA E 419 17.37 -17.44 6.08
CA ALA E 419 16.36 -17.09 5.10
C ALA E 419 16.94 -16.27 3.96
N ASP E 420 17.80 -15.29 4.27
CA ASP E 420 18.29 -14.35 3.28
C ASP E 420 19.64 -14.74 2.69
N TYR E 421 20.21 -15.88 3.09
CA TYR E 421 21.58 -16.21 2.70
C TYR E 421 21.67 -17.48 1.85
N ASN E 422 21.12 -18.59 2.34
CA ASN E 422 21.24 -19.86 1.61
C ASN E 422 19.92 -20.24 0.94
N TYR E 423 18.83 -20.27 1.70
CA TYR E 423 17.51 -20.62 1.20
C TYR E 423 16.53 -19.51 1.55
N LYS E 424 15.81 -19.02 0.54
CA LYS E 424 14.87 -17.92 0.72
C LYS E 424 13.53 -18.28 0.10
N LEU E 425 12.44 -17.87 0.75
CA LEU E 425 11.10 -18.12 0.23
C LEU E 425 10.52 -16.82 -0.34
N PRO E 426 9.83 -16.88 -1.48
CA PRO E 426 9.21 -15.66 -2.01
C PRO E 426 8.19 -15.08 -1.04
N ASP E 427 8.06 -13.76 -1.08
CA ASP E 427 7.08 -13.09 -0.23
C ASP E 427 5.67 -13.56 -0.56
N ASP E 428 5.34 -13.72 -1.84
CA ASP E 428 4.07 -14.26 -2.28
C ASP E 428 4.09 -15.78 -2.39
N PHE E 429 5.00 -16.45 -1.68
CA PHE E 429 5.12 -17.90 -1.77
C PHE E 429 3.81 -18.58 -1.42
N THR E 430 3.42 -19.56 -2.24
CA THR E 430 2.24 -20.37 -2.02
C THR E 430 2.68 -21.82 -1.82
N GLY E 431 2.54 -22.32 -0.61
CA GLY E 431 2.98 -23.66 -0.30
C GLY E 431 2.87 -23.94 1.18
N CYS E 432 3.51 -25.05 1.58
CA CYS E 432 3.51 -25.50 2.96
C CYS E 432 4.93 -25.75 3.42
N VAL E 433 5.13 -25.64 4.74
CA VAL E 433 6.43 -25.86 5.38
C VAL E 433 6.29 -27.03 6.34
N ILE E 434 7.20 -27.99 6.24
CA ILE E 434 7.15 -29.21 7.04
C ILE E 434 8.49 -29.38 7.74
N ALA E 435 8.44 -29.68 9.04
CA ALA E 435 9.65 -29.93 9.81
C ALA E 435 9.36 -30.97 10.87
N TRP E 436 10.39 -31.75 11.21
CA TRP E 436 10.28 -32.77 12.23
C TRP E 436 11.66 -33.02 12.83
N ASN E 437 11.67 -33.70 13.97
CA ASN E 437 12.90 -33.96 14.71
C ASN E 437 13.59 -35.19 14.14
N SER E 438 14.85 -35.01 13.73
CA SER E 438 15.67 -36.10 13.22
C SER E 438 16.91 -36.33 14.06
N ASN E 439 16.90 -35.92 15.33
CA ASN E 439 18.09 -36.06 16.17
C ASN E 439 18.56 -37.50 16.26
N ASN E 440 17.63 -38.46 16.23
CA ASN E 440 17.99 -39.87 16.31
C ASN E 440 18.73 -40.36 15.08
N LEU E 441 18.69 -39.62 13.96
CA LEU E 441 19.30 -40.07 12.71
C LEU E 441 20.43 -39.14 12.29
N ASP E 442 20.19 -37.83 12.21
CA ASP E 442 21.19 -36.92 11.64
C ASP E 442 22.36 -36.70 12.60
N SER E 443 22.09 -36.57 13.90
CA SER E 443 23.15 -36.28 14.86
C SER E 443 24.15 -37.43 14.90
N LYS E 444 25.43 -37.09 14.83
CA LYS E 444 26.52 -38.07 14.87
C LYS E 444 27.62 -37.54 15.76
N VAL E 445 27.76 -38.13 16.95
CA VAL E 445 28.82 -37.79 17.90
C VAL E 445 28.78 -36.28 18.16
N GLY E 446 29.86 -35.57 17.85
CA GLY E 446 29.95 -34.16 18.15
C GLY E 446 29.53 -33.26 17.00
N GLY E 447 29.32 -33.84 15.82
CA GLY E 447 28.92 -33.05 14.68
C GLY E 447 28.77 -33.93 13.46
N ASN E 448 28.15 -33.35 12.42
CA ASN E 448 27.93 -34.03 11.16
C ASN E 448 28.27 -33.08 10.02
N TYR E 449 29.39 -33.36 9.35
CA TYR E 449 29.87 -32.50 8.27
C TYR E 449 28.99 -32.56 7.03
N ASN E 450 28.17 -33.60 6.87
CA ASN E 450 27.36 -33.73 5.67
C ASN E 450 26.31 -32.62 5.55
N TYR E 451 25.99 -31.94 6.66
CA TYR E 451 25.08 -30.80 6.63
C TYR E 451 25.89 -29.53 6.89
N LEU E 452 25.81 -28.59 5.95
CA LEU E 452 26.54 -27.34 6.03
C LEU E 452 25.61 -26.20 5.65
N TYR E 453 25.96 -24.99 6.08
CA TYR E 453 25.15 -23.80 5.82
C TYR E 453 26.05 -22.65 5.40
N ARG E 454 25.47 -21.71 4.65
CA ARG E 454 26.18 -20.51 4.20
C ARG E 454 26.02 -19.43 5.26
N LEU E 455 27.10 -19.15 5.99
CA LEU E 455 27.06 -18.13 7.03
C LEU E 455 27.10 -16.72 6.46
N PHE E 456 27.81 -16.51 5.35
CA PHE E 456 28.04 -15.18 4.81
C PHE E 456 27.77 -15.16 3.31
N ARG E 457 27.43 -13.97 2.81
CA ARG E 457 27.21 -13.76 1.39
C ARG E 457 27.40 -12.28 1.10
N LYS E 458 27.73 -11.97 -0.16
CA LYS E 458 28.04 -10.59 -0.53
C LYS E 458 26.80 -9.72 -0.65
N SER E 459 25.60 -10.29 -0.67
CA SER E 459 24.38 -9.52 -0.79
C SER E 459 23.21 -10.39 -0.33
N ASN E 460 22.00 -9.86 -0.47
CA ASN E 460 20.80 -10.58 -0.08
C ASN E 460 20.42 -11.61 -1.13
N LEU E 461 19.97 -12.77 -0.66
CA LEU E 461 19.63 -13.87 -1.55
C LEU E 461 18.30 -13.61 -2.25
N LYS E 462 18.14 -14.21 -3.45
CA LYS E 462 16.92 -14.14 -4.23
C LYS E 462 16.08 -15.40 -3.98
N PRO E 463 14.75 -15.30 -3.94
CA PRO E 463 13.95 -16.49 -3.65
C PRO E 463 14.19 -17.62 -4.66
N PHE E 464 14.20 -18.85 -4.15
CA PHE E 464 14.42 -20.03 -4.97
C PHE E 464 15.76 -19.93 -5.72
N GLU E 465 16.75 -19.37 -5.07
CA GLU E 465 18.09 -19.25 -5.62
C GLU E 465 19.05 -20.10 -4.78
N ARG E 466 19.74 -21.02 -5.43
CA ARG E 466 20.69 -21.92 -4.77
C ARG E 466 22.11 -21.50 -5.17
N ASP E 467 22.85 -20.98 -4.21
CA ASP E 467 24.23 -20.52 -4.43
C ASP E 467 25.18 -21.50 -3.75
N ILE E 468 25.97 -22.21 -4.56
CA ILE E 468 26.97 -23.13 -4.05
C ILE E 468 28.38 -22.59 -4.16
N SER E 469 28.55 -21.32 -4.49
CA SER E 469 29.87 -20.75 -4.64
C SER E 469 30.62 -20.77 -3.31
N THR E 470 31.91 -21.10 -3.37
CA THR E 470 32.76 -21.13 -2.20
C THR E 470 33.62 -19.87 -2.05
N GLU E 471 33.32 -18.83 -2.80
CA GLU E 471 34.12 -17.61 -2.75
C GLU E 471 34.17 -17.06 -1.33
N ILE E 472 35.37 -16.66 -0.91
CA ILE E 472 35.56 -16.17 0.45
C ILE E 472 34.87 -14.81 0.59
N TYR E 473 34.08 -14.66 1.64
CA TYR E 473 33.39 -13.41 1.91
C TYR E 473 34.38 -12.38 2.42
N GLN E 474 34.41 -11.21 1.78
CA GLN E 474 35.33 -10.14 2.15
C GLN E 474 34.59 -9.12 3.00
N ALA E 475 34.94 -9.05 4.28
CA ALA E 475 34.27 -8.11 5.18
C ALA E 475 34.92 -6.73 5.14
N GLY E 476 36.24 -6.67 5.00
CA GLY E 476 36.97 -5.42 5.00
C GLY E 476 37.37 -4.99 3.61
N SER E 477 38.23 -3.97 3.57
CA SER E 477 38.74 -3.44 2.30
C SER E 477 39.96 -4.18 1.80
N THR E 478 40.58 -5.04 2.61
CA THR E 478 41.75 -5.79 2.18
C THR E 478 41.31 -6.99 1.36
N PRO E 479 41.77 -7.14 0.12
CA PRO E 479 41.40 -8.32 -0.66
C PRO E 479 41.76 -9.61 0.06
N CYS E 480 40.84 -10.59 0.02
CA CYS E 480 41.07 -11.86 0.70
C CYS E 480 41.99 -12.79 -0.09
N ASN E 481 42.13 -12.58 -1.40
CA ASN E 481 42.96 -13.44 -2.23
C ASN E 481 42.50 -14.89 -2.20
N GLY E 482 41.21 -15.11 -1.97
CA GLY E 482 40.66 -16.44 -1.94
C GLY E 482 41.18 -17.32 -0.82
N VAL E 483 41.57 -16.73 0.31
CA VAL E 483 42.02 -17.46 1.48
C VAL E 483 41.48 -16.80 2.73
N GLU E 484 41.43 -17.57 3.81
CA GLU E 484 40.94 -17.05 5.08
C GLU E 484 41.94 -16.06 5.68
N GLY E 485 41.42 -15.18 6.52
CA GLY E 485 42.26 -14.19 7.17
C GLY E 485 41.41 -13.17 7.90
N PHE E 486 42.08 -12.10 8.35
CA PHE E 486 41.38 -11.03 9.04
C PHE E 486 40.33 -10.41 8.12
N ASN E 487 39.11 -10.25 8.65
CA ASN E 487 37.98 -9.75 7.87
C ASN E 487 37.73 -10.61 6.63
N CYS E 488 38.18 -11.86 6.67
CA CYS E 488 37.97 -12.81 5.57
C CYS E 488 37.56 -14.14 6.19
N TYR E 489 36.33 -14.56 5.91
CA TYR E 489 35.76 -15.74 6.54
C TYR E 489 35.21 -16.67 5.47
N PHE E 490 35.21 -17.97 5.77
CA PHE E 490 34.77 -18.99 4.84
C PHE E 490 33.26 -19.15 4.97
N PRO E 491 32.46 -18.76 3.98
CA PRO E 491 31.01 -18.76 4.18
C PRO E 491 30.44 -20.13 4.55
N LEU E 492 30.96 -21.20 3.95
CA LEU E 492 30.44 -22.53 4.24
C LEU E 492 30.86 -22.97 5.64
N GLN E 493 29.89 -23.39 6.44
CA GLN E 493 30.12 -23.76 7.82
C GLN E 493 29.32 -25.02 8.15
N SER E 494 29.71 -25.68 9.24
CA SER E 494 29.10 -26.92 9.67
C SER E 494 28.22 -26.69 10.89
N TYR E 495 27.17 -27.49 11.00
CA TYR E 495 26.23 -27.39 12.11
C TYR E 495 26.82 -27.98 13.38
N GLY E 496 26.20 -27.65 14.51
CA GLY E 496 26.60 -28.19 15.79
C GLY E 496 25.66 -29.28 16.27
N PHE E 497 25.24 -30.15 15.37
CA PHE E 497 24.31 -31.22 15.71
C PHE E 497 24.98 -32.25 16.61
N GLN E 498 24.33 -32.56 17.73
CA GLN E 498 24.78 -33.59 18.65
C GLN E 498 23.56 -34.28 19.23
N PRO E 499 23.68 -35.55 19.63
CA PRO E 499 22.54 -36.23 20.24
C PRO E 499 22.11 -35.62 21.57
N THR E 500 22.98 -34.89 22.24
CA THR E 500 22.68 -34.30 23.55
C THR E 500 22.23 -32.86 23.46
N ASN E 501 22.09 -32.31 22.26
CA ASN E 501 21.67 -30.92 22.11
C ASN E 501 20.22 -30.74 22.57
N GLY E 502 19.88 -29.50 22.92
CA GLY E 502 18.56 -29.19 23.37
C GLY E 502 17.55 -29.12 22.24
N VAL E 503 16.30 -28.81 22.61
CA VAL E 503 15.23 -28.77 21.62
C VAL E 503 15.53 -27.76 20.53
N GLY E 504 16.10 -26.62 20.88
CA GLY E 504 16.41 -25.60 19.88
C GLY E 504 17.63 -25.91 19.05
N TYR E 505 18.59 -26.64 19.62
CA TYR E 505 19.85 -26.94 18.93
C TYR E 505 19.83 -28.29 18.23
N GLN E 506 18.81 -29.13 18.46
CA GLN E 506 18.76 -30.40 17.77
C GLN E 506 18.35 -30.20 16.31
N PRO E 507 18.85 -31.05 15.40
CA PRO E 507 18.52 -30.88 13.98
C PRO E 507 17.06 -31.20 13.71
N TYR E 508 16.43 -30.38 12.87
CA TYR E 508 15.06 -30.60 12.42
C TYR E 508 15.07 -30.62 10.89
N ARG E 509 14.83 -31.79 10.32
CA ARG E 509 14.70 -31.89 8.87
C ARG E 509 13.52 -31.05 8.40
N VAL E 510 13.75 -30.24 7.37
CA VAL E 510 12.76 -29.29 6.87
C VAL E 510 12.47 -29.59 5.41
N VAL E 511 11.19 -29.69 5.08
CA VAL E 511 10.73 -29.93 3.71
C VAL E 511 9.71 -28.85 3.36
N VAL E 512 9.90 -28.22 2.21
CA VAL E 512 9.02 -27.15 1.74
C VAL E 512 8.40 -27.58 0.43
N LEU E 513 7.08 -27.42 0.32
CA LEU E 513 6.32 -27.79 -0.86
C LEU E 513 5.94 -26.52 -1.62
N SER E 514 6.33 -26.45 -2.89
CA SER E 514 6.01 -25.33 -3.76
C SER E 514 5.28 -25.85 -4.99
N PHE E 515 4.24 -25.12 -5.41
CA PHE E 515 3.42 -25.59 -6.51
C PHE E 515 2.76 -24.41 -7.19
N GLU E 516 2.23 -24.66 -8.39
CA GLU E 516 1.47 -23.69 -9.17
C GLU E 516 0.07 -24.24 -9.41
N LEU E 517 -0.94 -23.41 -9.16
CA LEU E 517 -2.34 -23.82 -9.26
C LEU E 517 -2.95 -23.28 -10.54
N LEU E 518 -3.53 -24.19 -11.34
CA LEU E 518 -4.24 -23.83 -12.56
C LEU E 518 -3.40 -23.00 -13.52
N HIS E 519 -2.07 -23.08 -13.40
CA HIS E 519 -1.16 -22.37 -14.28
C HIS E 519 -0.61 -23.25 -15.40
N ALA E 520 -1.01 -24.51 -15.48
CA ALA E 520 -0.49 -25.44 -16.47
C ALA E 520 -1.31 -26.72 -16.44
N PRO E 521 -1.14 -27.63 -17.40
CA PRO E 521 -1.89 -28.89 -17.36
C PRO E 521 -1.61 -29.66 -16.08
N ALA E 522 -2.64 -30.33 -15.58
CA ALA E 522 -2.56 -31.01 -14.29
C ALA E 522 -1.72 -32.29 -14.43
N THR E 523 -0.53 -32.27 -13.84
CA THR E 523 0.34 -33.43 -13.80
C THR E 523 0.18 -34.25 -12.52
N VAL E 524 -0.45 -33.68 -11.49
CA VAL E 524 -0.67 -34.36 -10.22
C VAL E 524 -2.08 -34.08 -9.76
N CYS E 525 -2.61 -34.96 -8.91
CA CYS E 525 -3.95 -34.78 -8.36
C CYS E 525 -4.07 -35.65 -7.11
N GLY E 526 -4.91 -35.20 -6.18
CA GLY E 526 -5.13 -35.91 -4.95
C GLY E 526 -5.95 -37.17 -5.15
N PRO E 527 -5.96 -38.06 -4.15
CA PRO E 527 -6.73 -39.30 -4.28
C PRO E 527 -8.22 -39.08 -4.10
N LYS E 528 -8.83 -38.34 -5.02
CA LYS E 528 -10.26 -38.08 -5.02
C LYS E 528 -10.90 -38.85 -6.16
N LYS E 529 -11.89 -39.70 -5.84
CA LYS E 529 -12.54 -40.51 -6.86
C LYS E 529 -13.31 -39.63 -7.82
N SER E 530 -13.18 -39.92 -9.12
CA SER E 530 -13.92 -39.20 -10.14
C SER E 530 -15.19 -39.96 -10.50
N THR E 531 -16.18 -39.22 -11.00
CA THR E 531 -17.48 -39.76 -11.36
C THR E 531 -17.75 -39.48 -12.84
N ASN E 532 -18.90 -39.96 -13.30
CA ASN E 532 -19.27 -39.79 -14.70
C ASN E 532 -19.61 -38.33 -15.00
N LEU E 533 -19.43 -37.96 -16.27
CA LEU E 533 -19.72 -36.61 -16.73
C LEU E 533 -21.21 -36.45 -16.98
N VAL E 534 -21.71 -35.24 -16.73
CA VAL E 534 -23.10 -34.89 -16.96
C VAL E 534 -23.16 -33.64 -17.82
N LYS E 535 -24.19 -33.57 -18.67
CA LYS E 535 -24.34 -32.48 -19.62
C LYS E 535 -25.76 -31.94 -19.57
N ASN E 536 -25.90 -30.68 -20.01
CA ASN E 536 -27.21 -30.03 -20.07
C ASN E 536 -27.88 -29.97 -18.70
N LYS E 537 -27.09 -29.79 -17.64
CA LYS E 537 -27.61 -29.69 -16.29
C LYS E 537 -26.68 -28.81 -15.46
N CYS E 538 -27.27 -28.12 -14.49
CA CYS E 538 -26.51 -27.29 -13.56
C CYS E 538 -25.93 -28.17 -12.47
N VAL E 539 -24.60 -28.22 -12.38
CA VAL E 539 -23.91 -29.08 -11.43
C VAL E 539 -22.69 -28.36 -10.89
N ASN E 540 -22.19 -28.84 -9.76
CA ASN E 540 -20.95 -28.35 -9.17
C ASN E 540 -19.82 -29.20 -9.72
N PHE E 541 -18.91 -28.58 -10.48
CA PHE E 541 -17.87 -29.29 -11.20
C PHE E 541 -16.51 -28.99 -10.59
N ASN E 542 -15.67 -30.02 -10.52
CA ASN E 542 -14.28 -29.90 -10.06
C ASN E 542 -13.40 -30.55 -11.11
N PHE E 543 -12.92 -29.75 -12.06
CA PHE E 543 -12.14 -30.25 -13.19
C PHE E 543 -10.72 -29.72 -13.07
N ASN E 544 -9.76 -30.63 -12.94
CA ASN E 544 -8.34 -30.28 -12.88
C ASN E 544 -8.06 -29.25 -11.79
N GLY E 545 -8.74 -29.39 -10.65
CA GLY E 545 -8.56 -28.50 -9.53
C GLY E 545 -9.38 -27.23 -9.58
N LEU E 546 -10.12 -26.99 -10.66
CA LEU E 546 -10.94 -25.81 -10.79
C LEU E 546 -12.36 -26.13 -10.32
N THR E 547 -12.81 -25.44 -9.29
CA THR E 547 -14.12 -25.66 -8.70
C THR E 547 -15.06 -24.52 -9.04
N GLY E 548 -16.29 -24.86 -9.37
CA GLY E 548 -17.29 -23.87 -9.69
C GLY E 548 -18.62 -24.52 -10.00
N THR E 549 -19.59 -23.66 -10.29
CA THR E 549 -20.95 -24.09 -10.62
C THR E 549 -21.32 -23.55 -11.99
N GLY E 550 -21.90 -24.41 -12.81
CA GLY E 550 -22.30 -24.02 -14.16
C GLY E 550 -22.88 -25.19 -14.91
N VAL E 551 -23.38 -24.88 -16.10
CA VAL E 551 -23.99 -25.88 -16.97
C VAL E 551 -22.93 -26.36 -17.96
N LEU E 552 -22.82 -27.68 -18.09
CA LEU E 552 -21.84 -28.31 -18.97
C LEU E 552 -22.52 -28.74 -20.26
N THR E 553 -22.00 -28.28 -21.39
CA THR E 553 -22.55 -28.61 -22.69
C THR E 553 -21.41 -28.73 -23.69
N GLU E 554 -21.69 -29.44 -24.79
CA GLU E 554 -20.71 -29.59 -25.87
C GLU E 554 -20.38 -28.21 -26.44
N SER E 555 -19.09 -27.94 -26.65
CA SER E 555 -18.66 -26.63 -27.09
C SER E 555 -18.40 -26.62 -28.59
N ASN E 556 -18.86 -25.55 -29.25
CA ASN E 556 -18.60 -25.34 -30.66
C ASN E 556 -17.25 -24.66 -30.91
N LYS E 557 -16.59 -24.16 -29.87
CA LYS E 557 -15.29 -23.53 -30.00
C LYS E 557 -14.21 -24.59 -30.14
N LYS E 558 -13.22 -24.30 -30.99
CA LYS E 558 -12.11 -25.22 -31.25
C LYS E 558 -10.88 -24.70 -30.52
N PHE E 559 -10.40 -25.48 -29.54
CA PHE E 559 -9.19 -25.13 -28.83
C PHE E 559 -7.99 -25.83 -29.45
N LEU E 560 -6.82 -25.22 -29.26
CA LEU E 560 -5.59 -25.82 -29.76
C LEU E 560 -5.21 -27.03 -28.91
N PRO E 561 -4.43 -27.96 -29.46
CA PRO E 561 -4.11 -29.19 -28.71
C PRO E 561 -3.47 -28.93 -27.36
N PHE E 562 -2.57 -27.94 -27.27
CA PHE E 562 -1.90 -27.65 -26.01
C PHE E 562 -2.77 -26.90 -25.03
N GLN E 563 -3.69 -26.06 -25.51
CA GLN E 563 -4.57 -25.31 -24.63
C GLN E 563 -5.50 -26.26 -23.88
N GLN E 564 -5.71 -25.97 -22.60
CA GLN E 564 -6.60 -26.78 -21.78
C GLN E 564 -7.76 -25.96 -21.24
N PHE E 565 -7.47 -24.81 -20.62
CA PHE E 565 -8.50 -23.99 -20.00
C PHE E 565 -8.87 -22.84 -20.92
N GLY E 566 -10.17 -22.58 -21.04
CA GLY E 566 -10.66 -21.42 -21.77
C GLY E 566 -11.26 -20.38 -20.85
N ARG E 567 -11.20 -19.13 -21.29
CA ARG E 567 -11.70 -18.00 -20.50
C ARG E 567 -12.57 -17.11 -21.38
N ASP E 568 -13.52 -16.43 -20.73
CA ASP E 568 -14.45 -15.56 -21.42
C ASP E 568 -13.87 -14.14 -21.49
N ILE E 569 -14.68 -13.19 -21.96
CA ILE E 569 -14.25 -11.80 -22.01
C ILE E 569 -13.94 -11.30 -20.61
N ALA E 570 -14.73 -11.73 -19.63
CA ALA E 570 -14.53 -11.33 -18.24
C ALA E 570 -13.29 -11.95 -17.61
N ASP E 571 -12.65 -12.90 -18.29
CA ASP E 571 -11.48 -13.65 -17.83
C ASP E 571 -11.89 -14.77 -16.88
N THR E 572 -13.18 -14.95 -16.61
CA THR E 572 -13.64 -16.04 -15.76
C THR E 572 -13.62 -17.35 -16.54
N THR E 573 -13.99 -18.43 -15.86
CA THR E 573 -13.99 -19.75 -16.49
C THR E 573 -15.06 -19.80 -17.58
N ASP E 574 -14.64 -20.26 -18.77
CA ASP E 574 -15.54 -20.37 -19.91
C ASP E 574 -15.70 -21.84 -20.32
N ALA E 575 -14.60 -22.54 -20.57
CA ALA E 575 -14.66 -23.95 -20.96
C ALA E 575 -13.37 -24.63 -20.54
N VAL E 576 -13.43 -25.96 -20.44
CA VAL E 576 -12.30 -26.77 -19.99
C VAL E 576 -12.38 -28.14 -20.64
N ARG E 577 -11.21 -28.74 -20.87
CA ARG E 577 -11.08 -30.08 -21.40
C ARG E 577 -11.26 -31.09 -20.27
N ASP E 578 -11.90 -32.20 -20.57
CA ASP E 578 -11.98 -33.29 -19.61
C ASP E 578 -10.63 -34.01 -19.57
N PRO E 579 -9.99 -34.12 -18.40
CA PRO E 579 -8.63 -34.68 -18.37
C PRO E 579 -8.55 -36.11 -18.87
N GLN E 580 -9.57 -36.93 -18.65
CA GLN E 580 -9.50 -38.34 -19.04
C GLN E 580 -9.80 -38.50 -20.53
N THR E 581 -10.99 -38.13 -20.96
CA THR E 581 -11.40 -38.19 -22.35
C THR E 581 -11.43 -36.77 -22.91
N LEU E 582 -10.42 -36.44 -23.71
CA LEU E 582 -10.27 -35.07 -24.19
C LEU E 582 -11.52 -34.62 -24.95
N GLU E 583 -12.23 -33.64 -24.37
CA GLU E 583 -13.41 -33.07 -25.00
C GLU E 583 -13.65 -31.70 -24.37
N ILE E 584 -14.01 -30.74 -25.21
CA ILE E 584 -14.23 -29.36 -24.80
C ILE E 584 -15.66 -29.22 -24.32
N LEU E 585 -15.84 -28.67 -23.13
CA LEU E 585 -17.16 -28.49 -22.52
C LEU E 585 -17.33 -27.03 -22.14
N ASP E 586 -18.40 -26.41 -22.61
CA ASP E 586 -18.68 -25.02 -22.25
C ASP E 586 -19.27 -24.96 -20.85
N ILE E 587 -18.78 -24.01 -20.05
CA ILE E 587 -19.23 -23.79 -18.68
C ILE E 587 -20.06 -22.52 -18.68
N THR E 588 -21.36 -22.66 -18.41
CA THR E 588 -22.27 -21.52 -18.33
C THR E 588 -22.73 -21.35 -16.89
N PRO E 589 -22.39 -20.24 -16.22
CA PRO E 589 -22.85 -20.07 -14.84
C PRO E 589 -24.36 -20.13 -14.74
N CYS E 590 -24.85 -20.75 -13.67
CA CYS E 590 -26.27 -20.97 -13.48
C CYS E 590 -26.92 -19.67 -12.97
N SER E 591 -28.17 -19.77 -12.53
CA SER E 591 -28.93 -18.63 -12.01
C SER E 591 -29.11 -17.56 -13.09
N PHE E 592 -29.78 -17.99 -14.16
CA PHE E 592 -30.10 -17.10 -15.27
C PHE E 592 -31.12 -16.05 -14.83
N GLY E 593 -30.83 -14.79 -15.14
CA GLY E 593 -31.79 -13.73 -14.88
C GLY E 593 -31.96 -13.45 -13.40
N GLY E 594 -32.96 -12.61 -13.10
CA GLY E 594 -33.30 -12.23 -11.76
C GLY E 594 -34.75 -12.51 -11.43
N VAL E 595 -35.25 -11.82 -10.40
CA VAL E 595 -36.63 -11.97 -9.94
C VAL E 595 -37.16 -10.59 -9.61
N SER E 596 -38.42 -10.34 -9.99
CA SER E 596 -39.12 -9.11 -9.65
C SER E 596 -40.53 -9.46 -9.23
N VAL E 597 -41.14 -8.56 -8.45
CA VAL E 597 -42.45 -8.76 -7.86
C VAL E 597 -43.37 -7.63 -8.33
N ILE E 598 -44.55 -7.99 -8.82
CA ILE E 598 -45.56 -7.03 -9.25
C ILE E 598 -46.77 -7.22 -8.35
N THR E 599 -47.03 -6.23 -7.49
CA THR E 599 -48.15 -6.29 -6.57
C THR E 599 -48.75 -4.90 -6.39
N PRO E 600 -50.06 -4.80 -6.16
CA PRO E 600 -50.65 -3.49 -5.86
C PRO E 600 -50.51 -3.13 -4.39
N GLY E 601 -51.11 -2.01 -3.97
CA GLY E 601 -51.08 -1.65 -2.57
C GLY E 601 -51.69 -2.74 -1.71
N THR E 602 -51.03 -3.01 -0.58
CA THR E 602 -51.49 -4.07 0.32
C THR E 602 -52.93 -3.82 0.76
N ASN E 603 -53.30 -2.54 0.91
CA ASN E 603 -54.67 -2.22 1.30
C ASN E 603 -55.69 -2.63 0.24
N THR E 604 -55.25 -2.84 -0.99
CA THR E 604 -56.17 -3.21 -2.08
C THR E 604 -56.28 -4.72 -2.19
N SER E 605 -55.17 -5.40 -2.43
CA SER E 605 -55.16 -6.86 -2.56
C SER E 605 -53.76 -7.37 -2.31
N ASN E 606 -53.67 -8.63 -1.90
CA ASN E 606 -52.39 -9.29 -1.63
C ASN E 606 -51.91 -10.14 -2.79
N GLN E 607 -52.67 -10.22 -3.88
CA GLN E 607 -52.24 -11.03 -5.02
C GLN E 607 -51.00 -10.40 -5.66
N VAL E 608 -50.09 -11.27 -6.10
CA VAL E 608 -48.80 -10.85 -6.63
C VAL E 608 -48.50 -11.62 -7.91
N ALA E 609 -47.57 -11.06 -8.69
CA ALA E 609 -47.09 -11.70 -9.91
C ALA E 609 -45.57 -11.62 -9.94
N VAL E 610 -44.93 -12.73 -10.29
CA VAL E 610 -43.47 -12.82 -10.30
C VAL E 610 -42.98 -12.66 -11.74
N LEU E 611 -41.90 -11.91 -11.89
CA LEU E 611 -41.30 -11.64 -13.20
C LEU E 611 -39.85 -12.07 -13.18
N TYR E 612 -39.44 -12.83 -14.20
CA TYR E 612 -38.05 -13.23 -14.39
C TYR E 612 -37.50 -12.49 -15.60
N GLN E 613 -36.36 -11.82 -15.44
CA GLN E 613 -35.84 -10.93 -16.46
C GLN E 613 -35.00 -11.70 -17.47
N ASP E 614 -35.31 -11.51 -18.75
CA ASP E 614 -34.50 -12.03 -19.85
C ASP E 614 -34.27 -13.54 -19.72
N VAL E 615 -35.31 -14.26 -19.31
CA VAL E 615 -35.24 -15.72 -19.20
C VAL E 615 -36.62 -16.29 -19.48
N ASN E 616 -36.65 -17.43 -20.17
CA ASN E 616 -37.91 -18.11 -20.44
C ASN E 616 -38.38 -18.87 -19.21
N CYS E 617 -39.66 -19.27 -19.24
CA CYS E 617 -40.23 -20.02 -18.13
C CYS E 617 -39.59 -21.40 -18.04
N THR E 618 -38.84 -21.63 -16.96
CA THR E 618 -38.13 -22.89 -16.76
C THR E 618 -38.68 -23.65 -15.56
N GLU E 619 -38.69 -23.04 -14.37
CA GLU E 619 -39.14 -23.75 -13.18
C GLU E 619 -40.66 -23.76 -13.08
N VAL E 620 -41.26 -22.56 -12.96
CA VAL E 620 -42.71 -22.40 -12.80
C VAL E 620 -43.32 -23.52 -11.98
N ASN E 641 -51.12 -20.36 -14.78
CA ASN E 641 -50.85 -18.93 -14.87
C ASN E 641 -49.39 -18.68 -15.29
N VAL E 642 -48.95 -19.39 -16.33
CA VAL E 642 -47.59 -19.28 -16.84
C VAL E 642 -47.68 -18.62 -18.21
N PHE E 643 -47.21 -17.38 -18.29
CA PHE E 643 -47.23 -16.60 -19.52
C PHE E 643 -45.85 -16.02 -19.78
N GLN E 644 -45.61 -15.64 -21.03
CA GLN E 644 -44.34 -15.05 -21.45
C GLN E 644 -44.61 -13.70 -22.11
N THR E 645 -43.62 -12.82 -22.01
CA THR E 645 -43.71 -11.48 -22.56
C THR E 645 -42.32 -10.99 -22.91
N ARG E 646 -42.23 -9.78 -23.46
CA ARG E 646 -40.95 -9.23 -23.88
C ARG E 646 -40.00 -9.05 -22.70
N ALA E 647 -40.54 -8.85 -21.50
CA ALA E 647 -39.72 -8.66 -20.31
C ALA E 647 -39.26 -9.98 -19.69
N GLY E 648 -39.66 -11.12 -20.26
CA GLY E 648 -39.31 -12.42 -19.74
C GLY E 648 -40.52 -13.14 -19.19
N CYS E 649 -40.25 -14.30 -18.59
CA CYS E 649 -41.32 -15.11 -18.02
C CYS E 649 -42.07 -14.32 -16.95
N LEU E 650 -43.39 -14.31 -17.05
CA LEU E 650 -44.25 -13.60 -16.11
C LEU E 650 -45.33 -14.57 -15.62
N ILE E 651 -45.46 -14.68 -14.31
CA ILE E 651 -46.44 -15.58 -13.70
C ILE E 651 -47.27 -14.80 -12.70
N GLY E 652 -48.53 -15.17 -12.57
CA GLY E 652 -49.46 -14.50 -11.68
C GLY E 652 -50.23 -13.36 -12.32
N ALA E 653 -49.91 -12.99 -13.55
CA ALA E 653 -50.59 -11.93 -14.27
C ALA E 653 -51.26 -12.50 -15.52
N GLU E 654 -52.46 -12.00 -15.80
CA GLU E 654 -53.26 -12.45 -16.94
C GLU E 654 -53.00 -11.53 -18.13
N HIS E 655 -52.55 -12.11 -19.23
CA HIS E 655 -52.28 -11.32 -20.43
C HIS E 655 -53.59 -10.84 -21.04
N VAL E 656 -53.65 -9.55 -21.36
CA VAL E 656 -54.83 -8.92 -21.92
C VAL E 656 -54.42 -8.16 -23.17
N ASN E 657 -55.14 -8.39 -24.27
CA ASN E 657 -54.83 -7.69 -25.52
C ASN E 657 -55.19 -6.21 -25.42
N ASN E 658 -56.24 -5.87 -24.68
CA ASN E 658 -56.64 -4.48 -24.53
C ASN E 658 -55.52 -3.66 -23.90
N SER E 659 -55.32 -2.46 -24.42
CA SER E 659 -54.26 -1.57 -23.97
C SER E 659 -54.82 -0.54 -23.01
N TYR E 660 -54.14 -0.36 -21.88
CA TYR E 660 -54.54 0.58 -20.85
C TYR E 660 -53.34 1.44 -20.45
N GLU E 661 -53.62 2.48 -19.67
CA GLU E 661 -52.55 3.34 -19.18
C GLU E 661 -51.63 2.55 -18.26
N CYS E 662 -50.34 2.87 -18.32
CA CYS E 662 -49.35 2.16 -17.52
C CYS E 662 -49.56 2.44 -16.05
N ASP E 663 -49.88 1.40 -15.28
CA ASP E 663 -50.08 1.50 -13.84
C ASP E 663 -48.83 1.03 -13.10
N ILE E 664 -48.40 -0.21 -13.33
CA ILE E 664 -47.18 -0.76 -12.73
C ILE E 664 -46.26 -1.17 -13.87
N PRO E 665 -45.15 -0.45 -14.10
CA PRO E 665 -44.27 -0.82 -15.21
C PRO E 665 -43.67 -2.21 -15.02
N ILE E 666 -43.52 -2.93 -16.14
CA ILE E 666 -42.92 -4.26 -16.13
C ILE E 666 -41.57 -4.18 -16.85
N GLY E 667 -41.60 -3.76 -18.10
CA GLY E 667 -40.38 -3.64 -18.89
C GLY E 667 -40.63 -4.00 -20.32
N ALA E 668 -39.77 -3.45 -21.19
CA ALA E 668 -39.86 -3.68 -22.62
C ALA E 668 -41.25 -3.33 -23.16
N GLY E 669 -41.80 -2.23 -22.64
CA GLY E 669 -43.08 -1.75 -23.12
C GLY E 669 -44.29 -2.48 -22.57
N ILE E 670 -44.15 -3.12 -21.41
CA ILE E 670 -45.26 -3.86 -20.79
C ILE E 670 -45.54 -3.24 -19.42
N CYS E 671 -46.82 -3.12 -19.09
CA CYS E 671 -47.25 -2.58 -17.81
C CYS E 671 -48.38 -3.45 -17.26
N ALA E 672 -48.48 -3.48 -15.94
CA ALA E 672 -49.48 -4.28 -15.25
C ALA E 672 -50.36 -3.39 -14.38
N SER E 673 -51.60 -3.84 -14.18
CA SER E 673 -52.56 -3.10 -13.37
C SER E 673 -53.48 -4.09 -12.69
N TYR E 674 -54.08 -3.65 -11.58
CA TYR E 674 -55.04 -4.45 -10.82
C TYR E 674 -56.44 -3.97 -11.18
N GLN E 675 -57.13 -4.74 -12.03
CA GLN E 675 -58.44 -4.34 -12.54
C GLN E 675 -59.32 -5.58 -12.63
N THR E 676 -60.62 -5.33 -12.77
CA THR E 676 -61.60 -6.40 -12.91
C THR E 676 -61.29 -7.25 -14.13
N SER E 689 -63.66 -9.64 -7.61
CA SER E 689 -63.43 -10.16 -8.95
C SER E 689 -62.38 -9.33 -9.68
N GLN E 690 -61.29 -9.01 -8.99
CA GLN E 690 -60.20 -8.22 -9.54
C GLN E 690 -58.89 -8.97 -9.39
N SER E 691 -58.02 -8.82 -10.39
CA SER E 691 -56.74 -9.49 -10.37
C SER E 691 -55.77 -8.72 -11.26
N ILE E 692 -54.48 -8.98 -11.05
CA ILE E 692 -53.45 -8.34 -11.87
C ILE E 692 -53.54 -8.85 -13.30
N ILE E 693 -53.31 -7.94 -14.24
CA ILE E 693 -53.35 -8.27 -15.67
C ILE E 693 -52.10 -7.72 -16.34
N ALA E 694 -51.72 -8.34 -17.45
CA ALA E 694 -50.59 -7.92 -18.26
C ALA E 694 -51.09 -7.44 -19.61
N TYR E 695 -50.65 -6.26 -20.02
CA TYR E 695 -51.12 -5.65 -21.26
C TYR E 695 -50.02 -4.77 -21.82
N THR E 696 -50.12 -4.50 -23.13
CA THR E 696 -49.24 -3.55 -23.77
C THR E 696 -49.60 -2.14 -23.32
N MET E 697 -48.59 -1.36 -22.92
CA MET E 697 -48.85 -0.04 -22.38
C MET E 697 -49.53 0.83 -23.42
N SER E 698 -50.45 1.69 -22.96
CA SER E 698 -51.20 2.55 -23.86
C SER E 698 -50.41 3.82 -24.15
N LEU E 699 -50.39 4.22 -25.42
CA LEU E 699 -49.72 5.43 -25.85
C LEU E 699 -50.63 6.64 -25.88
N GLY E 700 -51.87 6.49 -25.43
CA GLY E 700 -52.84 7.56 -25.45
C GLY E 700 -53.93 7.32 -26.48
N ALA E 701 -55.07 8.00 -26.27
CA ALA E 701 -56.19 7.85 -27.18
C ALA E 701 -55.79 8.24 -28.59
N GLU E 702 -56.22 7.43 -29.56
CA GLU E 702 -55.91 7.70 -30.97
C GLU E 702 -56.86 8.77 -31.49
N ASN E 703 -56.29 9.86 -32.02
CA ASN E 703 -57.07 10.97 -32.56
C ASN E 703 -56.48 11.37 -33.90
N SER E 704 -57.29 11.29 -34.95
CA SER E 704 -56.88 11.65 -36.30
C SER E 704 -57.51 12.99 -36.65
N VAL E 705 -56.68 14.03 -36.72
CA VAL E 705 -57.14 15.38 -37.01
C VAL E 705 -57.20 15.53 -38.53
N ALA E 706 -58.37 15.92 -39.04
CA ALA E 706 -58.51 16.15 -40.47
C ALA E 706 -57.62 17.30 -40.90
N TYR E 707 -57.01 17.15 -42.08
CA TYR E 707 -56.09 18.14 -42.63
C TYR E 707 -56.54 18.50 -44.04
N SER E 708 -56.86 19.78 -44.25
CA SER E 708 -57.21 20.28 -45.57
C SER E 708 -56.73 21.72 -45.68
N ASN E 709 -56.39 22.13 -46.91
CA ASN E 709 -55.84 23.47 -47.11
C ASN E 709 -56.86 24.54 -46.77
N ASN E 710 -58.13 24.33 -47.13
CA ASN E 710 -59.15 25.35 -47.01
C ASN E 710 -59.95 25.27 -45.71
N SER E 711 -59.59 24.36 -44.79
CA SER E 711 -60.31 24.19 -43.55
C SER E 711 -59.41 24.53 -42.37
N ILE E 712 -60.01 25.20 -41.36
CA ILE E 712 -59.32 25.55 -40.14
C ILE E 712 -60.28 25.37 -38.97
N ALA E 713 -59.72 25.17 -37.78
CA ALA E 713 -60.50 25.05 -36.55
C ALA E 713 -60.15 26.22 -35.65
N ILE E 714 -61.16 27.02 -35.31
CA ILE E 714 -61.02 28.17 -34.42
C ILE E 714 -61.86 27.89 -33.18
N PRO E 715 -61.28 27.86 -31.97
CA PRO E 715 -62.08 27.57 -30.79
C PRO E 715 -63.23 28.55 -30.63
N THR E 716 -64.43 28.02 -30.42
CA THR E 716 -65.60 28.83 -30.13
C THR E 716 -65.84 29.00 -28.63
N ASN E 717 -65.08 28.30 -27.80
CA ASN E 717 -65.19 28.41 -26.35
C ASN E 717 -63.83 28.11 -25.73
N PHE E 718 -63.65 28.58 -24.50
CA PHE E 718 -62.39 28.40 -23.80
C PHE E 718 -62.67 28.18 -22.32
N THR E 719 -61.73 27.50 -21.66
CA THR E 719 -61.81 27.26 -20.22
C THR E 719 -60.47 27.60 -19.60
N ILE E 720 -60.51 28.41 -18.54
CA ILE E 720 -59.31 28.79 -17.80
C ILE E 720 -59.12 27.77 -16.69
N SER E 721 -58.04 26.99 -16.77
CA SER E 721 -57.77 25.93 -15.80
C SER E 721 -56.46 26.23 -15.08
N VAL E 722 -56.41 25.84 -13.82
CA VAL E 722 -55.23 26.00 -12.98
C VAL E 722 -54.55 24.65 -12.86
N THR E 723 -53.26 24.60 -13.20
CA THR E 723 -52.48 23.37 -13.19
C THR E 723 -51.57 23.36 -11.97
N THR E 724 -51.59 22.26 -11.22
CA THR E 724 -50.78 22.11 -10.03
C THR E 724 -49.43 21.51 -10.41
N GLU E 725 -48.35 22.25 -10.14
CA GLU E 725 -47.00 21.79 -10.40
C GLU E 725 -46.21 21.81 -9.10
N ILE E 726 -45.36 20.80 -8.93
CA ILE E 726 -44.64 20.58 -7.68
C ILE E 726 -43.16 20.43 -8.00
N LEU E 727 -42.33 21.27 -7.38
CA LEU E 727 -40.89 21.25 -7.54
C LEU E 727 -40.21 21.39 -6.18
N PRO E 728 -39.32 20.48 -5.83
CA PRO E 728 -38.53 20.67 -4.60
C PRO E 728 -37.51 21.80 -4.76
N VAL E 729 -37.22 22.46 -3.65
CA VAL E 729 -36.27 23.56 -3.63
C VAL E 729 -35.18 23.30 -2.60
N SER E 730 -35.59 22.97 -1.37
CA SER E 730 -34.67 22.85 -0.24
C SER E 730 -34.67 21.42 0.29
N MET E 731 -33.51 21.00 0.77
CA MET E 731 -33.32 19.68 1.36
C MET E 731 -33.00 19.84 2.84
N THR E 732 -33.49 18.89 3.64
CA THR E 732 -33.37 18.99 5.09
C THR E 732 -31.91 19.11 5.50
N LYS E 733 -31.55 20.27 6.03
CA LYS E 733 -30.19 20.53 6.49
C LYS E 733 -29.80 19.50 7.54
N THR E 734 -28.68 18.82 7.32
CA THR E 734 -28.19 17.79 8.23
C THR E 734 -26.69 17.95 8.39
N SER E 735 -26.23 17.98 9.64
CA SER E 735 -24.80 18.06 9.97
C SER E 735 -24.42 16.79 10.72
N VAL E 736 -23.32 16.16 10.32
CA VAL E 736 -22.88 14.89 10.88
C VAL E 736 -21.49 15.09 11.47
N ASP E 737 -21.30 14.60 12.70
CA ASP E 737 -20.02 14.69 13.39
C ASP E 737 -19.33 13.32 13.36
N CYS E 738 -18.19 13.25 12.66
CA CYS E 738 -17.42 12.01 12.68
C CYS E 738 -17.02 11.65 14.09
N THR E 739 -16.53 12.64 14.82
CA THR E 739 -15.85 12.43 16.09
C THR E 739 -16.80 11.84 17.13
N MET E 740 -18.11 11.99 16.91
CA MET E 740 -19.07 11.39 17.81
C MET E 740 -19.82 10.25 17.12
N TYR E 741 -20.10 10.40 15.82
CA TYR E 741 -20.75 9.31 15.09
C TYR E 741 -19.89 8.05 15.05
N ILE E 742 -18.61 8.20 14.72
CA ILE E 742 -17.72 7.05 14.59
C ILE E 742 -17.24 6.64 15.97
N CYS E 743 -16.61 7.56 16.68
CA CYS E 743 -16.00 7.29 17.98
C CYS E 743 -16.83 7.98 19.05
N GLY E 744 -17.60 7.19 19.81
CA GLY E 744 -18.44 7.76 20.84
C GLY E 744 -17.67 7.89 22.14
N ASP E 745 -17.23 9.11 22.48
CA ASP E 745 -16.56 9.37 23.74
C ASP E 745 -15.34 8.48 23.94
N SER E 746 -14.46 8.40 22.94
CA SER E 746 -13.26 7.60 23.02
C SER E 746 -12.07 8.44 22.58
N THR E 747 -10.97 8.35 23.32
CA THR E 747 -9.78 9.15 23.01
C THR E 747 -8.86 8.44 22.04
N GLU E 748 -8.58 7.15 22.28
CA GLU E 748 -7.77 6.39 21.35
C GLU E 748 -8.45 6.27 19.99
N CYS E 749 -9.78 6.08 20.00
CA CYS E 749 -10.52 6.11 18.75
C CYS E 749 -10.42 7.48 18.09
N SER E 750 -10.35 8.54 18.90
CA SER E 750 -10.13 9.87 18.34
C SER E 750 -8.77 9.96 17.67
N ASN E 751 -7.74 9.35 18.27
CA ASN E 751 -6.43 9.33 17.64
C ASN E 751 -6.47 8.55 16.33
N LEU E 752 -7.21 7.45 16.29
CA LEU E 752 -7.36 6.70 15.04
C LEU E 752 -8.17 7.47 14.02
N LEU E 753 -9.05 8.38 14.47
CA LEU E 753 -9.68 9.32 13.54
C LEU E 753 -8.67 10.29 12.97
N LEU E 754 -7.84 10.89 13.82
CA LEU E 754 -6.88 11.89 13.38
C LEU E 754 -5.84 11.31 12.43
N GLN E 755 -5.38 10.08 12.70
CA GLN E 755 -4.34 9.50 11.87
C GLN E 755 -4.77 9.35 10.42
N TYR E 756 -6.07 9.33 10.15
CA TYR E 756 -6.57 9.27 8.79
C TYR E 756 -6.55 10.61 8.08
N GLY E 757 -6.23 11.69 8.79
CA GLY E 757 -6.03 12.96 8.12
C GLY E 757 -7.26 13.84 8.20
N SER E 758 -7.65 14.41 7.08
CA SER E 758 -8.72 15.35 7.11
C SER E 758 -9.91 14.72 6.61
N PHE E 759 -9.88 13.42 6.66
CA PHE E 759 -10.98 12.72 6.10
C PHE E 759 -12.27 13.30 6.63
N CYS E 760 -12.30 13.69 7.90
CA CYS E 760 -13.57 14.13 8.48
C CYS E 760 -13.85 15.54 8.16
N THR E 761 -12.82 16.31 8.05
CA THR E 761 -13.09 17.69 7.89
C THR E 761 -13.78 17.75 6.63
N GLN E 762 -13.31 16.99 5.69
CA GLN E 762 -13.88 17.09 4.39
C GLN E 762 -15.31 16.94 4.55
N LEU E 763 -15.67 15.93 5.28
CA LEU E 763 -17.03 15.68 5.45
C LEU E 763 -17.62 16.88 6.05
N ASN E 764 -17.07 17.27 7.16
CA ASN E 764 -17.75 18.36 7.83
C ASN E 764 -17.86 19.58 6.91
N ARG E 765 -16.78 19.90 6.19
CA ARG E 765 -16.90 21.03 5.28
C ARG E 765 -17.88 20.70 4.18
N ALA E 766 -17.92 19.43 3.74
CA ALA E 766 -18.90 19.03 2.72
C ALA E 766 -20.32 19.26 3.21
N LEU E 767 -20.62 18.78 4.42
CA LEU E 767 -21.99 18.92 4.95
C LEU E 767 -22.34 20.38 5.19
N THR E 768 -21.42 21.18 5.71
CA THR E 768 -21.69 22.60 5.91
C THR E 768 -21.96 23.29 4.58
N GLY E 769 -21.19 22.95 3.54
CA GLY E 769 -21.44 23.51 2.23
C GLY E 769 -22.79 23.09 1.67
N ILE E 770 -23.17 21.83 1.90
CA ILE E 770 -24.50 21.38 1.50
C ILE E 770 -25.58 22.22 2.17
N ALA E 771 -25.44 22.44 3.48
CA ALA E 771 -26.43 23.24 4.20
C ALA E 771 -26.48 24.66 3.66
N VAL E 772 -25.31 25.26 3.40
CA VAL E 772 -25.28 26.61 2.86
C VAL E 772 -25.92 26.65 1.47
N GLU E 773 -25.73 25.58 0.69
CA GLU E 773 -26.33 25.53 -0.64
C GLU E 773 -27.84 25.52 -0.56
N GLN E 774 -28.41 24.71 0.35
CA GLN E 774 -29.87 24.78 0.52
C GLN E 774 -30.32 26.14 1.03
N ASP E 775 -29.55 26.76 1.92
CA ASP E 775 -29.92 28.09 2.40
C ASP E 775 -29.99 29.08 1.24
N LYS E 776 -28.97 29.05 0.37
CA LYS E 776 -28.97 29.92 -0.81
C LYS E 776 -30.12 29.57 -1.74
N ASN E 777 -30.45 28.28 -1.86
CA ASN E 777 -31.58 27.90 -2.71
C ASN E 777 -32.88 28.49 -2.19
N THR E 778 -33.12 28.44 -0.89
CA THR E 778 -34.32 29.08 -0.35
C THR E 778 -34.28 30.59 -0.59
N GLN E 779 -33.16 31.24 -0.29
CA GLN E 779 -33.10 32.69 -0.39
C GLN E 779 -33.31 33.17 -1.82
N GLU E 780 -32.60 32.56 -2.78
CA GLU E 780 -32.69 32.99 -4.17
C GLU E 780 -33.99 32.59 -4.84
N VAL E 781 -34.68 31.56 -4.32
CA VAL E 781 -35.92 31.10 -4.93
C VAL E 781 -37.10 31.86 -4.35
N PHE E 782 -37.32 31.71 -3.05
CA PHE E 782 -38.51 32.32 -2.44
C PHE E 782 -38.46 33.84 -2.53
N ALA E 783 -37.31 34.44 -2.27
CA ALA E 783 -37.16 35.89 -2.21
C ALA E 783 -36.60 36.40 -3.54
N GLN E 784 -37.47 37.01 -4.35
CA GLN E 784 -37.07 37.70 -5.56
C GLN E 784 -37.28 39.21 -5.49
N VAL E 785 -37.85 39.71 -4.40
CA VAL E 785 -38.13 41.13 -4.24
C VAL E 785 -37.57 41.61 -2.92
N LYS E 786 -37.32 42.91 -2.83
CA LYS E 786 -36.78 43.54 -1.65
C LYS E 786 -37.86 44.13 -0.74
N GLN E 787 -39.13 43.97 -1.10
CA GLN E 787 -40.23 44.54 -0.34
C GLN E 787 -41.33 43.51 -0.17
N ILE E 788 -42.12 43.69 0.89
CA ILE E 788 -43.26 42.83 1.20
C ILE E 788 -44.54 43.60 0.85
N TYR E 789 -45.33 43.04 -0.05
CA TYR E 789 -46.55 43.68 -0.53
C TYR E 789 -47.77 43.06 0.13
N LYS E 790 -48.74 43.91 0.47
CA LYS E 790 -49.96 43.47 1.14
C LYS E 790 -51.16 44.05 0.42
N THR E 791 -52.27 43.29 0.45
CA THR E 791 -53.51 43.74 -0.16
C THR E 791 -54.19 44.80 0.69
N PRO E 792 -55.00 45.67 0.10
CA PRO E 792 -55.69 46.69 0.89
C PRO E 792 -56.76 46.07 1.77
N PRO E 793 -57.19 46.79 2.81
CA PRO E 793 -58.23 46.21 3.69
C PRO E 793 -59.51 45.86 2.95
N ILE E 794 -59.89 46.68 1.97
CA ILE E 794 -61.06 46.36 1.13
C ILE E 794 -60.56 45.50 -0.03
N LYS E 795 -61.10 44.28 -0.12
CA LYS E 795 -60.64 43.29 -1.08
C LYS E 795 -61.50 43.36 -2.33
N ASP E 796 -60.92 43.86 -3.42
CA ASP E 796 -61.58 43.90 -4.73
C ASP E 796 -60.64 43.23 -5.72
N PHE E 797 -60.93 41.97 -6.04
CA PHE E 797 -60.05 41.16 -6.88
C PHE E 797 -60.52 41.09 -8.33
N GLY E 798 -61.53 41.87 -8.71
CA GLY E 798 -61.98 41.88 -10.08
C GLY E 798 -62.73 40.64 -10.50
N GLY E 799 -63.34 39.92 -9.56
CA GLY E 799 -64.10 38.73 -9.84
C GLY E 799 -63.48 37.45 -9.32
N PHE E 800 -62.17 37.31 -9.41
CA PHE E 800 -61.49 36.12 -8.90
C PHE E 800 -61.52 36.11 -7.38
N ASN E 801 -61.49 34.91 -6.81
CA ASN E 801 -61.47 34.72 -5.36
C ASN E 801 -60.12 34.11 -4.99
N PHE E 802 -59.23 34.93 -4.44
CA PHE E 802 -57.90 34.50 -4.05
C PHE E 802 -57.79 34.21 -2.55
N SER E 803 -58.91 34.20 -1.83
CA SER E 803 -58.85 33.93 -0.40
C SER E 803 -58.27 32.55 -0.12
N GLN E 804 -58.50 31.59 -1.01
CA GLN E 804 -57.95 30.25 -0.81
C GLN E 804 -56.42 30.27 -0.83
N ILE E 805 -55.82 31.06 -1.74
CA ILE E 805 -54.37 31.13 -1.83
C ILE E 805 -53.77 32.18 -0.89
N LEU E 806 -54.53 33.22 -0.53
CA LEU E 806 -54.01 34.22 0.39
C LEU E 806 -53.95 33.65 1.81
N PRO E 807 -52.92 33.99 2.59
CA PRO E 807 -52.88 33.52 3.97
C PRO E 807 -54.01 34.10 4.81
N ASP E 808 -54.46 33.32 5.79
CA ASP E 808 -55.50 33.77 6.71
C ASP E 808 -54.84 34.37 7.94
N PRO E 809 -55.02 35.67 8.22
CA PRO E 809 -54.36 36.26 9.40
C PRO E 809 -54.86 35.70 10.72
N SER E 810 -56.03 35.06 10.74
CA SER E 810 -56.60 34.58 12.00
C SER E 810 -55.72 33.53 12.69
N LYS E 811 -55.17 32.59 11.93
CA LYS E 811 -54.36 31.54 12.53
C LYS E 811 -53.05 32.10 13.07
N PRO E 812 -52.45 31.44 14.06
CA PRO E 812 -51.20 31.97 14.63
C PRO E 812 -50.07 32.05 13.62
N SER E 813 -49.73 30.94 12.97
CA SER E 813 -48.71 30.91 11.93
C SER E 813 -49.39 31.22 10.61
N LYS E 814 -49.00 32.33 9.98
CA LYS E 814 -49.71 32.82 8.80
C LYS E 814 -49.45 31.89 7.62
N ARG E 815 -50.53 31.31 7.09
CA ARG E 815 -50.44 30.47 5.91
C ARG E 815 -51.83 30.40 5.28
N SER E 816 -51.87 30.02 4.01
CA SER E 816 -53.12 29.94 3.27
C SER E 816 -53.76 28.57 3.47
N PHE E 817 -55.03 28.46 3.06
CA PHE E 817 -55.76 27.21 3.27
C PHE E 817 -55.21 26.09 2.40
N ILE E 818 -54.61 26.43 1.25
CA ILE E 818 -53.86 25.43 0.48
C ILE E 818 -52.59 25.04 1.21
N GLU E 819 -51.88 26.03 1.78
CA GLU E 819 -50.68 25.73 2.55
C GLU E 819 -51.00 24.85 3.75
N ASP E 820 -52.22 24.92 4.27
CA ASP E 820 -52.61 24.02 5.35
C ASP E 820 -52.48 22.57 4.92
N LEU E 821 -53.05 22.22 3.76
CA LEU E 821 -52.90 20.87 3.24
C LEU E 821 -51.46 20.57 2.87
N LEU E 822 -50.75 21.55 2.30
CA LEU E 822 -49.38 21.32 1.88
C LEU E 822 -48.51 20.92 3.07
N PHE E 823 -48.66 21.61 4.20
CA PHE E 823 -47.89 21.28 5.39
C PHE E 823 -48.42 20.03 6.07
N ASN E 824 -49.74 19.81 6.03
CA ASN E 824 -50.33 18.66 6.70
C ASN E 824 -50.11 17.36 5.93
N LYS E 825 -50.08 17.43 4.59
CA LYS E 825 -50.00 16.24 3.76
C LYS E 825 -48.57 15.80 3.45
N VAL E 826 -47.58 16.50 3.99
CA VAL E 826 -46.17 16.16 3.78
C VAL E 826 -45.58 15.77 5.13
N THR E 827 -44.98 14.58 5.19
CA THR E 827 -44.40 14.08 6.42
C THR E 827 -42.96 14.59 6.57
N ASP E 848 -38.83 8.28 19.26
CA ASP E 848 -38.80 9.14 18.09
C ASP E 848 -37.55 8.87 17.26
N LEU E 849 -37.77 8.56 15.97
CA LEU E 849 -36.65 8.23 15.09
C LEU E 849 -35.72 9.43 14.90
N ILE E 850 -36.28 10.64 14.79
CA ILE E 850 -35.45 11.83 14.65
C ILE E 850 -34.58 12.02 15.89
N CYS E 851 -35.16 11.81 17.08
CA CYS E 851 -34.36 11.88 18.30
C CYS E 851 -33.29 10.81 18.33
N ALA E 852 -33.62 9.61 17.86
CA ALA E 852 -32.61 8.55 17.80
C ALA E 852 -31.45 8.94 16.89
N GLN E 853 -31.76 9.52 15.73
CA GLN E 853 -30.70 9.99 14.84
C GLN E 853 -29.87 11.08 15.51
N LYS E 854 -30.53 12.02 16.20
CA LYS E 854 -29.80 13.07 16.90
C LYS E 854 -28.87 12.49 17.96
N PHE E 855 -29.31 11.46 18.66
CA PHE E 855 -28.46 10.80 19.65
C PHE E 855 -27.28 10.07 19.02
N ASN E 856 -27.35 9.77 17.73
CA ASN E 856 -26.28 9.09 17.02
C ASN E 856 -25.30 10.05 16.35
N GLY E 857 -25.49 11.36 16.53
CA GLY E 857 -24.64 12.35 15.92
C GLY E 857 -25.19 12.99 14.66
N LEU E 858 -26.45 12.71 14.31
CA LEU E 858 -27.08 13.30 13.14
C LEU E 858 -27.84 14.55 13.58
N THR E 859 -27.23 15.71 13.38
CA THR E 859 -27.80 16.98 13.81
C THR E 859 -28.61 17.57 12.66
N VAL E 860 -29.91 17.78 12.89
CA VAL E 860 -30.80 18.37 11.91
C VAL E 860 -30.94 19.86 12.22
N LEU E 861 -30.63 20.70 11.23
CA LEU E 861 -30.63 22.14 11.41
C LEU E 861 -31.85 22.76 10.74
N PRO E 862 -32.53 23.69 11.39
CA PRO E 862 -33.66 24.36 10.76
C PRO E 862 -33.20 25.29 9.64
N PRO E 863 -34.02 25.51 8.63
CA PRO E 863 -33.64 26.44 7.57
C PRO E 863 -33.61 27.88 8.07
N LEU E 864 -32.78 28.70 7.42
CA LEU E 864 -32.70 30.10 7.78
C LEU E 864 -34.03 30.80 7.54
N LEU E 865 -34.85 30.30 6.62
CA LEU E 865 -36.17 30.85 6.33
C LEU E 865 -37.20 29.88 6.88
N THR E 866 -38.02 30.35 7.82
CA THR E 866 -39.00 29.51 8.49
C THR E 866 -40.26 29.38 7.63
N ASP E 867 -41.15 28.46 8.03
CA ASP E 867 -42.36 28.22 7.26
C ASP E 867 -43.22 29.48 7.18
N GLU E 868 -43.38 30.17 8.31
CA GLU E 868 -44.16 31.41 8.31
C GLU E 868 -43.50 32.47 7.43
N MET E 869 -42.17 32.58 7.48
CA MET E 869 -41.47 33.58 6.69
C MET E 869 -41.57 33.26 5.20
N ILE E 870 -41.48 31.97 4.85
CA ILE E 870 -41.66 31.56 3.47
C ILE E 870 -43.08 31.88 3.00
N ALA E 871 -44.06 31.62 3.87
CA ALA E 871 -45.44 31.94 3.53
C ALA E 871 -45.62 33.44 3.34
N GLN E 872 -44.92 34.25 4.13
CA GLN E 872 -44.99 35.70 3.95
C GLN E 872 -44.34 36.14 2.66
N TYR E 873 -43.23 35.51 2.24
CA TYR E 873 -42.69 35.79 0.92
C TYR E 873 -43.69 35.44 -0.17
N THR E 874 -44.35 34.29 -0.03
CA THR E 874 -45.36 33.91 -1.02
C THR E 874 -46.51 34.92 -1.04
N SER E 875 -46.93 35.39 0.14
CA SER E 875 -48.00 36.38 0.21
C SER E 875 -47.57 37.69 -0.45
N ALA E 876 -46.32 38.10 -0.22
CA ALA E 876 -45.83 39.31 -0.88
C ALA E 876 -45.84 39.16 -2.39
N LEU E 877 -45.37 38.02 -2.90
CA LEU E 877 -45.38 37.80 -4.35
C LEU E 877 -46.79 37.82 -4.89
N LEU E 878 -47.72 37.15 -4.20
CA LEU E 878 -49.09 37.09 -4.67
C LEU E 878 -49.75 38.47 -4.64
N ALA E 879 -49.50 39.24 -3.58
CA ALA E 879 -50.06 40.59 -3.51
C ALA E 879 -49.51 41.47 -4.60
N GLY E 880 -48.21 41.36 -4.88
CA GLY E 880 -47.64 42.13 -5.98
C GLY E 880 -48.26 41.76 -7.31
N THR E 881 -48.45 40.46 -7.55
CA THR E 881 -49.07 40.03 -8.80
C THR E 881 -50.51 40.51 -8.92
N ILE E 882 -51.29 40.41 -7.83
CA ILE E 882 -52.70 40.79 -7.90
C ILE E 882 -52.87 42.29 -8.03
N THR E 883 -52.11 43.07 -7.26
CA THR E 883 -52.30 44.53 -7.25
C THR E 883 -51.47 45.20 -8.34
N SER E 884 -50.16 44.97 -8.33
CA SER E 884 -49.25 45.65 -9.25
C SER E 884 -48.97 44.84 -10.51
N GLY E 885 -49.59 43.67 -10.67
CA GLY E 885 -49.37 42.89 -11.87
C GLY E 885 -47.92 42.47 -11.99
N TRP E 886 -47.33 42.76 -13.16
CA TRP E 886 -45.96 42.36 -13.46
C TRP E 886 -44.96 43.50 -13.30
N THR E 887 -45.42 44.68 -12.87
CA THR E 887 -44.53 45.84 -12.78
C THR E 887 -43.51 45.68 -11.66
N PHE E 888 -43.93 45.15 -10.51
CA PHE E 888 -43.02 45.04 -9.38
C PHE E 888 -41.83 44.15 -9.70
N GLY E 889 -42.04 43.13 -10.53
CA GLY E 889 -40.93 42.27 -10.91
C GLY E 889 -39.87 42.98 -11.72
N ALA E 890 -40.28 43.89 -12.61
CA ALA E 890 -39.37 44.63 -13.46
C ALA E 890 -39.00 46.00 -12.90
N GLY E 891 -39.48 46.34 -11.70
CA GLY E 891 -39.18 47.63 -11.13
C GLY E 891 -40.04 47.90 -9.91
N ALA E 892 -40.23 49.18 -9.62
CA ALA E 892 -41.07 49.56 -8.50
C ALA E 892 -42.51 49.12 -8.75
N ALA E 893 -43.18 48.69 -7.67
CA ALA E 893 -44.55 48.24 -7.78
C ALA E 893 -45.45 49.38 -8.26
N LEU E 894 -46.25 49.09 -9.28
CA LEU E 894 -47.13 50.08 -9.89
C LEU E 894 -48.57 49.56 -9.81
N GLN E 895 -49.44 50.33 -9.16
CA GLN E 895 -50.83 49.92 -9.04
C GLN E 895 -51.47 49.80 -10.43
N ILE E 896 -52.00 48.62 -10.72
CA ILE E 896 -52.67 48.36 -11.99
C ILE E 896 -53.98 47.62 -11.71
N PRO E 897 -55.11 48.04 -12.29
CA PRO E 897 -56.35 47.29 -12.07
C PRO E 897 -56.25 45.89 -12.63
N PHE E 898 -56.94 44.95 -11.97
CA PHE E 898 -56.90 43.56 -12.39
C PHE E 898 -57.38 43.40 -13.84
N ALA E 899 -58.30 44.27 -14.27
CA ALA E 899 -58.78 44.21 -15.64
C ALA E 899 -57.63 44.41 -16.62
N MET E 900 -56.78 45.41 -16.38
CA MET E 900 -55.61 45.60 -17.24
C MET E 900 -54.66 44.42 -17.17
N GLN E 901 -54.46 43.84 -15.99
CA GLN E 901 -53.58 42.69 -15.88
C GLN E 901 -54.06 41.55 -16.78
N MET E 902 -55.34 41.19 -16.64
CA MET E 902 -55.87 40.09 -17.44
C MET E 902 -55.90 40.45 -18.93
N ALA E 903 -56.21 41.70 -19.26
CA ALA E 903 -56.24 42.10 -20.67
C ALA E 903 -54.86 41.97 -21.30
N TYR E 904 -53.83 42.47 -20.62
CA TYR E 904 -52.47 42.35 -21.15
C TYR E 904 -52.04 40.89 -21.23
N ARG E 905 -52.37 40.09 -20.24
CA ARG E 905 -51.99 38.68 -20.27
C ARG E 905 -52.68 37.92 -21.40
N PHE E 906 -53.96 38.24 -21.67
CA PHE E 906 -54.63 37.66 -22.83
C PHE E 906 -53.99 38.12 -24.13
N ASN E 907 -53.69 39.42 -24.25
CA ASN E 907 -53.07 39.92 -25.46
C ASN E 907 -51.70 39.31 -25.70
N GLY E 908 -50.97 38.98 -24.65
CA GLY E 908 -49.67 38.37 -24.81
C GLY E 908 -49.73 36.98 -25.43
N ILE E 909 -50.84 36.27 -25.22
CA ILE E 909 -51.01 34.93 -25.77
C ILE E 909 -51.77 34.92 -27.08
N GLY E 910 -52.08 36.07 -27.65
CA GLY E 910 -52.80 36.16 -28.90
C GLY E 910 -54.31 36.26 -28.77
N VAL E 911 -54.83 36.38 -27.55
CA VAL E 911 -56.26 36.51 -27.32
C VAL E 911 -56.57 37.98 -27.07
N THR E 912 -57.44 38.55 -27.90
CA THR E 912 -57.80 39.96 -27.75
C THR E 912 -58.50 40.19 -26.42
N GLN E 913 -58.19 41.32 -25.79
CA GLN E 913 -58.74 41.62 -24.47
C GLN E 913 -60.24 41.85 -24.51
N ASN E 914 -60.83 42.02 -25.70
CA ASN E 914 -62.27 42.20 -25.80
C ASN E 914 -63.02 41.04 -25.17
N VAL E 915 -62.47 39.82 -25.27
CA VAL E 915 -63.11 38.66 -24.67
C VAL E 915 -63.17 38.80 -23.15
N LEU E 916 -62.14 39.42 -22.56
CA LEU E 916 -62.10 39.55 -21.10
C LEU E 916 -63.32 40.26 -20.57
N TYR E 917 -63.64 41.44 -21.13
CA TYR E 917 -64.71 42.23 -20.56
C TYR E 917 -66.08 41.64 -20.87
N GLU E 918 -66.17 40.82 -21.92
CA GLU E 918 -67.43 40.17 -22.23
C GLU E 918 -67.67 38.94 -21.36
N ASN E 919 -66.59 38.24 -20.98
CA ASN E 919 -66.72 36.95 -20.30
C ASN E 919 -66.18 36.94 -18.88
N GLN E 920 -65.89 38.12 -18.30
CA GLN E 920 -65.24 38.15 -16.99
C GLN E 920 -65.95 37.29 -15.95
N LYS E 921 -67.27 37.31 -15.91
CA LYS E 921 -67.98 36.53 -14.90
C LYS E 921 -67.73 35.04 -15.08
N LEU E 922 -67.82 34.55 -16.32
CA LEU E 922 -67.58 33.13 -16.57
C LEU E 922 -66.12 32.77 -16.32
N ILE E 923 -65.20 33.68 -16.66
CA ILE E 923 -63.79 33.42 -16.41
C ILE E 923 -63.53 33.30 -14.92
N ALA E 924 -64.11 34.19 -14.12
CA ALA E 924 -63.97 34.11 -12.66
C ALA E 924 -64.60 32.84 -12.11
N ASN E 925 -65.76 32.45 -12.64
CA ASN E 925 -66.37 31.20 -12.20
C ASN E 925 -65.47 30.01 -12.49
N GLN E 926 -64.91 29.94 -13.69
CA GLN E 926 -64.00 28.85 -14.06
C GLN E 926 -62.75 28.86 -13.17
N PHE E 927 -62.21 30.05 -12.91
CA PHE E 927 -61.02 30.17 -12.06
C PHE E 927 -61.31 29.64 -10.66
N ASN E 928 -62.40 30.12 -10.06
CA ASN E 928 -62.74 29.68 -8.70
C ASN E 928 -63.01 28.19 -8.67
N SER E 929 -63.68 27.67 -9.69
CA SER E 929 -63.91 26.22 -9.75
C SER E 929 -62.58 25.47 -9.85
N ALA E 930 -61.62 26.02 -10.58
CA ALA E 930 -60.33 25.36 -10.71
C ALA E 930 -59.60 25.29 -9.37
N ILE E 931 -59.57 26.41 -8.63
CA ILE E 931 -58.94 26.37 -7.31
C ILE E 931 -59.71 25.46 -6.37
N GLY E 932 -61.03 25.42 -6.46
CA GLY E 932 -61.80 24.49 -5.64
C GLY E 932 -61.46 23.05 -5.94
N LYS E 933 -61.37 22.71 -7.22
CA LYS E 933 -61.00 21.35 -7.62
C LYS E 933 -59.60 20.99 -7.15
N ILE E 934 -58.66 21.93 -7.26
CA ILE E 934 -57.31 21.69 -6.77
C ILE E 934 -57.32 21.45 -5.27
N GLN E 935 -58.07 22.26 -4.54
CA GLN E 935 -58.17 22.09 -3.09
C GLN E 935 -58.72 20.72 -2.74
N ASP E 936 -59.80 20.31 -3.42
CA ASP E 936 -60.39 19.00 -3.15
C ASP E 936 -59.40 17.87 -3.47
N SER E 937 -58.71 17.97 -4.60
CA SER E 937 -57.74 16.94 -4.97
C SER E 937 -56.62 16.84 -3.95
N LEU E 938 -56.09 17.99 -3.51
CA LEU E 938 -55.02 17.96 -2.52
C LEU E 938 -55.50 17.42 -1.19
N SER E 939 -56.73 17.74 -0.79
CA SER E 939 -57.27 17.22 0.45
C SER E 939 -57.49 15.71 0.36
N SER E 940 -57.88 15.21 -0.81
CA SER E 940 -58.17 13.80 -0.96
C SER E 940 -56.93 13.01 -1.37
N THR E 941 -56.26 13.45 -2.45
CA THR E 941 -55.12 12.74 -3.00
C THR E 941 -53.84 13.26 -2.33
N ALA E 942 -53.24 12.43 -1.48
CA ALA E 942 -51.98 12.77 -0.85
C ALA E 942 -50.79 12.65 -1.80
N SER E 943 -50.90 11.81 -2.84
CA SER E 943 -49.80 11.63 -3.77
C SER E 943 -49.55 12.85 -4.63
N ALA E 944 -50.45 13.84 -4.60
CA ALA E 944 -50.25 15.05 -5.39
C ALA E 944 -48.95 15.75 -5.02
N LEU E 945 -48.46 15.54 -3.81
CA LEU E 945 -47.17 16.05 -3.37
C LEU E 945 -46.08 14.97 -3.44
N GLY E 946 -46.15 14.09 -4.44
CA GLY E 946 -45.25 12.96 -4.51
C GLY E 946 -43.79 13.36 -4.67
N LYS E 947 -43.52 14.43 -5.40
CA LYS E 947 -42.13 14.84 -5.59
C LYS E 947 -41.50 15.24 -4.26
N LEU E 948 -42.20 16.04 -3.46
CA LEU E 948 -41.70 16.41 -2.14
C LEU E 948 -41.61 15.21 -1.22
N GLN E 949 -42.62 14.33 -1.27
CA GLN E 949 -42.57 13.13 -0.45
C GLN E 949 -41.38 12.26 -0.83
N ASP E 950 -40.97 12.28 -2.10
CA ASP E 950 -39.81 11.52 -2.52
C ASP E 950 -38.53 12.07 -1.89
N VAL E 951 -38.39 13.39 -1.84
CA VAL E 951 -37.23 13.99 -1.17
C VAL E 951 -37.24 13.60 0.30
N VAL E 952 -38.41 13.70 0.94
CA VAL E 952 -38.50 13.33 2.36
C VAL E 952 -38.09 11.88 2.55
N ASN E 953 -38.61 10.97 1.71
CA ASN E 953 -38.33 9.56 1.86
C ASN E 953 -36.86 9.25 1.62
N GLN E 954 -36.26 9.84 0.59
CA GLN E 954 -34.86 9.56 0.30
C GLN E 954 -33.97 10.05 1.44
N ASN E 955 -34.22 11.27 1.93
CA ASN E 955 -33.43 11.77 3.05
C ASN E 955 -33.59 10.89 4.28
N ALA E 956 -34.84 10.51 4.58
CA ALA E 956 -35.10 9.70 5.77
C ALA E 956 -34.43 8.34 5.67
N GLN E 957 -34.53 7.69 4.51
CA GLN E 957 -33.93 6.37 4.35
C GLN E 957 -32.41 6.44 4.42
N ALA E 958 -31.83 7.48 3.83
CA ALA E 958 -30.39 7.66 3.94
C ALA E 958 -29.97 7.80 5.39
N LEU E 959 -30.66 8.66 6.14
CA LEU E 959 -30.31 8.85 7.55
C LEU E 959 -30.49 7.56 8.34
N ASN E 960 -31.58 6.84 8.11
CA ASN E 960 -31.82 5.61 8.85
C ASN E 960 -30.77 4.55 8.54
N THR E 961 -30.40 4.41 7.26
CA THR E 961 -29.38 3.42 6.92
C THR E 961 -28.03 3.80 7.50
N LEU E 962 -27.69 5.09 7.48
CA LEU E 962 -26.46 5.53 8.12
C LEU E 962 -26.46 5.21 9.61
N VAL E 963 -27.59 5.46 10.28
CA VAL E 963 -27.68 5.13 11.70
C VAL E 963 -27.54 3.64 11.92
N LYS E 964 -28.19 2.83 11.08
CA LYS E 964 -28.10 1.37 11.20
C LYS E 964 -26.68 0.86 10.97
N GLN E 965 -25.90 1.54 10.12
CA GLN E 965 -24.54 1.08 9.86
C GLN E 965 -23.73 0.99 11.14
N LEU E 966 -24.07 1.80 12.15
CA LEU E 966 -23.40 1.69 13.43
C LEU E 966 -23.60 0.32 14.07
N SER E 967 -24.69 -0.36 13.74
CA SER E 967 -24.98 -1.69 14.28
C SER E 967 -24.22 -2.80 13.56
N SER E 968 -23.83 -2.58 12.31
CA SER E 968 -23.18 -3.61 11.52
C SER E 968 -21.76 -3.84 12.00
N ASN E 969 -21.31 -5.10 11.92
CA ASN E 969 -20.02 -5.47 12.50
C ASN E 969 -18.85 -4.89 11.71
N PHE E 970 -18.98 -4.75 10.39
CA PHE E 970 -17.93 -4.13 9.57
C PHE E 970 -16.62 -4.92 9.65
N GLY E 971 -16.74 -6.24 9.72
CA GLY E 971 -15.58 -7.11 9.70
C GLY E 971 -14.88 -7.29 11.03
N ALA E 972 -15.25 -6.50 12.04
CA ALA E 972 -14.62 -6.63 13.35
C ALA E 972 -15.31 -7.74 14.16
N ILE E 973 -14.87 -7.90 15.40
CA ILE E 973 -15.51 -8.86 16.30
C ILE E 973 -16.89 -8.35 16.70
N SER E 974 -17.01 -7.06 16.98
CA SER E 974 -18.27 -6.47 17.39
C SER E 974 -18.43 -5.11 16.73
N SER E 975 -19.68 -4.68 16.57
CA SER E 975 -19.98 -3.40 15.96
C SER E 975 -19.92 -2.23 16.93
N VAL E 976 -19.81 -2.50 18.23
CA VAL E 976 -19.81 -1.45 19.24
C VAL E 976 -18.36 -1.10 19.58
N LEU E 977 -18.03 0.19 19.47
CA LEU E 977 -16.68 0.64 19.80
C LEU E 977 -16.36 0.38 21.27
N ASN E 978 -17.33 0.64 22.16
CA ASN E 978 -17.09 0.43 23.58
C ASN E 978 -16.81 -1.02 23.91
N ASP E 979 -17.51 -1.96 23.27
CA ASP E 979 -17.23 -3.38 23.50
C ASP E 979 -15.80 -3.72 23.09
N ILE E 980 -15.34 -3.21 21.95
CA ILE E 980 -13.97 -3.44 21.53
C ILE E 980 -12.99 -2.86 22.54
N LEU E 981 -13.27 -1.64 23.01
CA LEU E 981 -12.42 -1.02 24.01
C LEU E 981 -12.42 -1.80 25.32
N SER E 982 -13.57 -2.31 25.73
CA SER E 982 -13.67 -3.05 26.99
C SER E 982 -13.27 -4.51 26.86
N ARG E 983 -12.93 -4.97 25.64
CA ARG E 983 -12.59 -6.37 25.42
C ARG E 983 -11.12 -6.56 25.10
N LEU E 984 -10.57 -5.88 24.09
CA LEU E 984 -9.24 -6.19 23.60
C LEU E 984 -8.20 -5.21 24.13
N ASP E 985 -6.94 -5.58 23.97
CA ASP E 985 -5.81 -4.77 24.38
C ASP E 985 -5.63 -3.59 23.43
N PRO E 986 -4.86 -2.58 23.83
CA PRO E 986 -4.66 -1.41 22.96
C PRO E 986 -4.19 -1.80 21.57
N PRO E 987 -3.25 -2.74 21.43
CA PRO E 987 -2.85 -3.14 20.07
C PRO E 987 -3.92 -3.89 19.30
N GLU E 988 -4.55 -4.92 19.89
CA GLU E 988 -5.62 -5.63 19.21
C GLU E 988 -6.85 -4.76 19.03
N ALA E 989 -7.18 -3.96 20.05
CA ALA E 989 -8.22 -2.96 19.88
C ALA E 989 -7.88 -2.02 18.73
N GLU E 990 -6.59 -1.78 18.50
CA GLU E 990 -6.19 -0.91 17.40
C GLU E 990 -6.60 -1.48 16.06
N VAL E 991 -6.35 -2.77 15.83
CA VAL E 991 -6.71 -3.37 14.55
C VAL E 991 -8.21 -3.50 14.40
N GLN E 992 -8.90 -3.86 15.49
CA GLN E 992 -10.36 -3.94 15.42
C GLN E 992 -10.96 -2.58 15.10
N ILE E 993 -10.48 -1.52 15.77
CA ILE E 993 -10.98 -0.19 15.50
C ILE E 993 -10.51 0.31 14.14
N ASP E 994 -9.42 -0.26 13.62
CA ASP E 994 -9.00 0.06 12.26
C ASP E 994 -10.02 -0.45 11.25
N ARG E 995 -10.45 -1.70 11.42
CA ARG E 995 -11.54 -2.20 10.58
C ARG E 995 -12.81 -1.37 10.77
N LEU E 996 -13.13 -1.04 12.02
CA LEU E 996 -14.34 -0.29 12.31
C LEU E 996 -14.31 1.10 11.69
N ILE E 997 -13.18 1.81 11.80
CA ILE E 997 -13.03 3.11 11.17
C ILE E 997 -13.09 3.00 9.66
N THR E 998 -12.43 2.01 9.06
CA THR E 998 -12.54 1.85 7.62
C THR E 998 -14.01 1.76 7.22
N GLY E 999 -14.74 0.86 7.87
CA GLY E 999 -16.13 0.66 7.48
C GLY E 999 -16.99 1.89 7.72
N ARG E 1000 -16.85 2.50 8.89
CA ARG E 1000 -17.73 3.64 9.23
C ARG E 1000 -17.41 4.87 8.40
N LEU E 1001 -16.12 5.13 8.15
CA LEU E 1001 -15.76 6.24 7.27
C LEU E 1001 -16.26 5.99 5.87
N GLN E 1002 -16.20 4.74 5.40
CA GLN E 1002 -16.77 4.39 4.11
C GLN E 1002 -18.26 4.67 4.08
N SER E 1003 -18.98 4.29 5.13
CA SER E 1003 -20.41 4.55 5.21
C SER E 1003 -20.70 6.05 5.17
N LEU E 1004 -19.94 6.83 5.94
CA LEU E 1004 -20.14 8.28 5.95
C LEU E 1004 -19.86 8.89 4.58
N GLN E 1005 -18.79 8.42 3.93
CA GLN E 1005 -18.45 8.92 2.60
C GLN E 1005 -19.58 8.61 1.62
N THR E 1006 -20.15 7.40 1.70
CA THR E 1006 -21.29 7.07 0.85
C THR E 1006 -22.47 7.97 1.15
N TYR E 1007 -22.75 8.19 2.44
CA TYR E 1007 -23.87 9.05 2.82
C TYR E 1007 -23.71 10.43 2.21
N VAL E 1008 -22.51 11.01 2.31
CA VAL E 1008 -22.34 12.38 1.86
C VAL E 1008 -22.22 12.44 0.35
N THR E 1009 -21.78 11.36 -0.30
CA THR E 1009 -21.84 11.31 -1.75
C THR E 1009 -23.29 11.34 -2.22
N GLN E 1010 -24.14 10.54 -1.58
CA GLN E 1010 -25.57 10.58 -1.89
C GLN E 1010 -26.13 11.96 -1.62
N GLN E 1011 -25.74 12.57 -0.50
CA GLN E 1011 -26.24 13.89 -0.15
C GLN E 1011 -25.80 14.93 -1.18
N LEU E 1012 -24.56 14.85 -1.65
CA LEU E 1012 -24.08 15.80 -2.66
C LEU E 1012 -24.79 15.62 -3.99
N ILE E 1013 -25.02 14.37 -4.42
CA ILE E 1013 -25.71 14.17 -5.69
C ILE E 1013 -27.15 14.66 -5.59
N ARG E 1014 -27.83 14.35 -4.48
CA ARG E 1014 -29.18 14.86 -4.29
C ARG E 1014 -29.18 16.38 -4.15
N ALA E 1015 -28.13 16.95 -3.57
CA ALA E 1015 -28.04 18.40 -3.45
C ALA E 1015 -27.87 19.04 -4.82
N ALA E 1016 -27.07 18.45 -5.70
CA ALA E 1016 -26.96 18.96 -7.05
C ALA E 1016 -28.29 18.87 -7.78
N GLU E 1017 -28.99 17.74 -7.63
CA GLU E 1017 -30.29 17.59 -8.28
C GLU E 1017 -31.27 18.63 -7.77
N ILE E 1018 -31.35 18.81 -6.46
CA ILE E 1018 -32.32 19.74 -5.89
C ILE E 1018 -31.88 21.18 -6.12
N ARG E 1019 -30.59 21.42 -6.34
CA ARG E 1019 -30.13 22.75 -6.70
C ARG E 1019 -30.53 23.10 -8.12
N ALA E 1020 -30.40 22.15 -9.05
CA ALA E 1020 -30.93 22.35 -10.39
C ALA E 1020 -32.43 22.59 -10.34
N SER E 1021 -33.14 21.79 -9.53
CA SER E 1021 -34.58 21.97 -9.38
C SER E 1021 -34.91 23.33 -8.78
N ALA E 1022 -34.11 23.80 -7.82
CA ALA E 1022 -34.38 25.09 -7.18
C ALA E 1022 -34.14 26.25 -8.14
N ASN E 1023 -33.09 26.14 -8.95
CA ASN E 1023 -32.87 27.16 -9.98
C ASN E 1023 -34.00 27.14 -11.01
N LEU E 1024 -34.46 25.94 -11.37
CA LEU E 1024 -35.61 25.84 -12.25
C LEU E 1024 -36.84 26.48 -11.63
N ALA E 1025 -37.04 26.27 -10.33
CA ALA E 1025 -38.19 26.89 -9.64
C ALA E 1025 -38.05 28.40 -9.60
N ALA E 1026 -36.85 28.90 -9.38
CA ALA E 1026 -36.62 30.35 -9.38
C ALA E 1026 -36.94 30.93 -10.76
N THR E 1027 -36.48 30.26 -11.82
CA THR E 1027 -36.83 30.73 -13.17
C THR E 1027 -38.34 30.66 -13.41
N LYS E 1028 -38.96 29.55 -12.99
CA LYS E 1028 -40.41 29.42 -13.13
C LYS E 1028 -41.12 30.57 -12.46
N MET E 1029 -40.71 30.90 -11.24
CA MET E 1029 -41.35 32.00 -10.52
C MET E 1029 -41.11 33.31 -11.26
N SER E 1030 -39.84 33.65 -11.49
CA SER E 1030 -39.51 34.93 -12.12
C SER E 1030 -40.29 35.14 -13.41
N GLU E 1031 -40.47 34.08 -14.21
CA GLU E 1031 -41.15 34.24 -15.49
C GLU E 1031 -42.66 34.15 -15.33
N CYS E 1032 -43.18 33.02 -14.84
CA CYS E 1032 -44.61 32.79 -14.80
C CYS E 1032 -45.30 33.74 -13.82
N VAL E 1033 -44.81 33.83 -12.58
CA VAL E 1033 -45.53 34.51 -11.50
C VAL E 1033 -45.37 36.01 -11.64
N LEU E 1034 -44.13 36.49 -11.54
CA LEU E 1034 -43.88 37.93 -11.60
C LEU E 1034 -44.39 38.52 -12.90
N GLY E 1035 -43.83 38.08 -14.03
CA GLY E 1035 -44.26 38.51 -15.34
C GLY E 1035 -45.08 37.45 -16.05
N GLN E 1036 -45.07 37.53 -17.37
CA GLN E 1036 -45.73 36.55 -18.23
C GLN E 1036 -44.67 35.79 -19.01
N SER E 1037 -44.92 34.49 -19.20
CA SER E 1037 -43.98 33.60 -19.86
C SER E 1037 -44.58 33.12 -21.17
N LYS E 1038 -43.85 33.29 -22.27
CA LYS E 1038 -44.25 32.76 -23.56
C LYS E 1038 -43.70 31.36 -23.81
N ARG E 1039 -42.89 30.83 -22.91
CA ARG E 1039 -42.33 29.50 -23.09
C ARG E 1039 -43.44 28.46 -23.03
N VAL E 1040 -43.34 27.45 -23.89
CA VAL E 1040 -44.38 26.44 -24.02
C VAL E 1040 -44.17 25.36 -22.98
N ASP E 1041 -45.18 25.13 -22.14
CA ASP E 1041 -45.17 24.06 -21.15
C ASP E 1041 -44.18 24.32 -20.02
N PHE E 1042 -43.42 25.40 -20.10
CA PHE E 1042 -42.52 25.74 -19.01
C PHE E 1042 -43.30 26.07 -17.74
N CYS E 1043 -44.39 26.83 -17.89
CA CYS E 1043 -45.31 27.09 -16.79
C CYS E 1043 -46.49 26.13 -16.77
N GLY E 1044 -46.49 25.11 -17.62
CA GLY E 1044 -47.56 24.14 -17.69
C GLY E 1044 -48.25 24.16 -19.05
N LYS E 1045 -49.08 23.15 -19.26
CA LYS E 1045 -49.78 23.00 -20.52
C LYS E 1045 -50.73 24.17 -20.75
N GLY E 1046 -50.82 24.60 -22.00
CA GLY E 1046 -51.67 25.71 -22.38
C GLY E 1046 -50.94 27.05 -22.31
N TYR E 1047 -51.58 28.04 -22.93
CA TYR E 1047 -51.01 29.39 -22.95
C TYR E 1047 -51.08 29.99 -21.56
N HIS E 1048 -49.92 30.27 -20.98
CA HIS E 1048 -49.84 30.71 -19.59
C HIS E 1048 -50.23 32.17 -19.44
N LEU E 1049 -50.92 32.46 -18.33
CA LEU E 1049 -51.31 33.83 -18.00
C LEU E 1049 -50.60 34.31 -16.75
N MET E 1050 -50.77 33.59 -15.64
CA MET E 1050 -50.11 33.94 -14.39
C MET E 1050 -49.97 32.68 -13.55
N SER E 1051 -49.07 32.74 -12.57
CA SER E 1051 -48.85 31.64 -11.65
C SER E 1051 -48.79 32.16 -10.23
N PHE E 1052 -49.20 31.32 -9.28
CA PHE E 1052 -49.22 31.69 -7.87
C PHE E 1052 -48.43 30.67 -7.06
N PRO E 1053 -47.28 31.03 -6.50
CA PRO E 1053 -46.53 30.07 -5.69
C PRO E 1053 -47.24 29.78 -4.37
N GLN E 1054 -46.92 28.63 -3.79
CA GLN E 1054 -47.50 28.20 -2.52
C GLN E 1054 -46.42 27.49 -1.72
N SER E 1055 -46.23 27.94 -0.47
CA SER E 1055 -45.18 27.37 0.37
C SER E 1055 -45.49 25.92 0.69
N ALA E 1056 -44.46 25.07 0.62
CA ALA E 1056 -44.56 23.66 0.96
C ALA E 1056 -43.32 23.25 1.74
N PRO E 1057 -43.41 22.20 2.55
CA PRO E 1057 -42.24 21.78 3.32
C PRO E 1057 -41.16 21.21 2.40
N HIS E 1058 -39.97 21.81 2.47
CA HIS E 1058 -38.84 21.38 1.64
C HIS E 1058 -39.22 21.42 0.16
N GLY E 1059 -39.95 22.46 -0.23
CA GLY E 1059 -40.40 22.57 -1.62
C GLY E 1059 -41.35 23.74 -1.78
N VAL E 1060 -41.94 23.82 -2.96
CA VAL E 1060 -42.89 24.88 -3.28
C VAL E 1060 -43.87 24.33 -4.31
N VAL E 1061 -45.10 24.82 -4.25
CA VAL E 1061 -46.18 24.40 -5.14
C VAL E 1061 -46.64 25.61 -5.94
N PHE E 1062 -46.72 25.44 -7.26
CA PHE E 1062 -47.10 26.51 -8.17
C PHE E 1062 -48.48 26.24 -8.74
N LEU E 1063 -49.36 27.24 -8.65
CA LEU E 1063 -50.69 27.18 -9.24
C LEU E 1063 -50.63 27.89 -10.58
N HIS E 1064 -50.51 27.14 -11.66
CA HIS E 1064 -50.29 27.68 -13.00
C HIS E 1064 -51.62 27.88 -13.69
N VAL E 1065 -51.91 29.13 -14.05
CA VAL E 1065 -53.13 29.47 -14.79
C VAL E 1065 -52.78 29.53 -16.26
N THR E 1066 -53.54 28.80 -17.09
CA THR E 1066 -53.28 28.73 -18.51
C THR E 1066 -54.59 28.85 -19.28
N TYR E 1067 -54.48 29.35 -20.51
CA TYR E 1067 -55.64 29.49 -21.40
C TYR E 1067 -55.70 28.26 -22.30
N VAL E 1068 -56.68 27.40 -22.04
CA VAL E 1068 -56.84 26.13 -22.75
C VAL E 1068 -58.12 26.21 -23.58
N PRO E 1069 -58.07 26.12 -24.90
CA PRO E 1069 -59.31 26.10 -25.68
C PRO E 1069 -60.09 24.83 -25.40
N ALA E 1070 -61.40 24.99 -25.22
CA ALA E 1070 -62.26 23.87 -24.83
C ALA E 1070 -62.93 23.23 -26.04
N GLN E 1071 -63.70 24.01 -26.79
CA GLN E 1071 -64.48 23.49 -27.91
C GLN E 1071 -64.06 24.20 -29.19
N GLU E 1072 -63.97 23.44 -30.28
CA GLU E 1072 -63.57 23.96 -31.57
C GLU E 1072 -64.51 23.45 -32.65
N LYS E 1073 -64.70 24.29 -33.68
CA LYS E 1073 -65.53 23.93 -34.83
C LYS E 1073 -64.75 24.25 -36.10
N ASN E 1074 -64.76 23.31 -37.05
CA ASN E 1074 -64.02 23.48 -38.28
C ASN E 1074 -64.73 24.47 -39.19
N PHE E 1075 -63.97 25.40 -39.76
CA PHE E 1075 -64.50 26.43 -40.64
C PHE E 1075 -63.63 26.53 -41.89
N THR E 1076 -64.25 27.01 -42.97
CA THR E 1076 -63.52 27.22 -44.22
C THR E 1076 -62.65 28.46 -44.10
N THR E 1077 -61.43 28.38 -44.63
CA THR E 1077 -60.49 29.50 -44.53
C THR E 1077 -59.78 29.72 -45.86
N ALA E 1078 -59.02 30.81 -45.95
CA ALA E 1078 -58.25 31.12 -47.15
C ALA E 1078 -57.05 31.99 -46.79
N PRO E 1079 -55.90 31.77 -47.42
CA PRO E 1079 -54.70 32.57 -47.06
C PRO E 1079 -54.79 34.03 -47.46
N ALA E 1080 -55.62 34.37 -48.43
CA ALA E 1080 -55.68 35.74 -48.92
C ALA E 1080 -57.05 35.98 -49.55
N ILE E 1081 -57.32 37.26 -49.83
CA ILE E 1081 -58.58 37.69 -50.43
C ILE E 1081 -58.25 38.52 -51.66
N CYS E 1082 -58.92 38.22 -52.77
CA CYS E 1082 -58.74 38.95 -54.02
C CYS E 1082 -59.93 39.88 -54.22
N HIS E 1083 -59.68 41.19 -54.15
CA HIS E 1083 -60.73 42.19 -54.28
C HIS E 1083 -60.57 43.01 -55.55
N ASP E 1084 -59.40 43.61 -55.73
CA ASP E 1084 -59.11 44.44 -56.89
C ASP E 1084 -57.88 43.97 -57.66
N GLY E 1085 -57.54 42.68 -57.57
CA GLY E 1085 -56.36 42.15 -58.22
C GLY E 1085 -55.13 42.12 -57.33
N LYS E 1086 -55.19 42.74 -56.15
CA LYS E 1086 -54.08 42.75 -55.20
C LYS E 1086 -54.47 41.92 -53.97
N ALA E 1087 -53.63 40.96 -53.61
CA ALA E 1087 -53.93 40.08 -52.50
C ALA E 1087 -53.92 40.86 -51.18
N HIS E 1088 -54.80 40.47 -50.28
CA HIS E 1088 -54.92 41.06 -48.96
C HIS E 1088 -54.64 40.00 -47.90
N PHE E 1089 -53.75 40.30 -46.97
CA PHE E 1089 -53.36 39.36 -45.95
C PHE E 1089 -53.76 39.88 -44.56
N PRO E 1090 -54.15 39.00 -43.64
CA PRO E 1090 -54.51 39.46 -42.30
C PRO E 1090 -53.32 40.11 -41.60
N ARG E 1091 -53.60 41.19 -40.85
CA ARG E 1091 -52.60 41.75 -39.96
C ARG E 1091 -52.42 40.87 -38.73
N GLU E 1092 -53.52 40.39 -38.16
CA GLU E 1092 -53.49 39.47 -37.03
C GLU E 1092 -54.68 38.54 -37.15
N GLY E 1093 -54.49 37.28 -36.73
CA GLY E 1093 -55.53 36.28 -36.88
C GLY E 1093 -55.55 35.68 -38.26
N VAL E 1094 -56.65 35.01 -38.61
CA VAL E 1094 -56.78 34.35 -39.90
C VAL E 1094 -58.17 34.63 -40.46
N PHE E 1095 -58.31 34.49 -41.77
CA PHE E 1095 -59.59 34.61 -42.44
C PHE E 1095 -60.41 33.34 -42.25
N VAL E 1096 -61.71 33.50 -42.00
CA VAL E 1096 -62.59 32.37 -41.75
C VAL E 1096 -63.95 32.68 -42.35
N SER E 1097 -64.60 31.65 -42.88
CA SER E 1097 -65.93 31.77 -43.45
C SER E 1097 -66.79 30.60 -42.96
N ASN E 1098 -68.05 30.89 -42.65
CA ASN E 1098 -69.00 29.89 -42.22
C ASN E 1098 -69.94 29.46 -43.34
N GLY E 1099 -69.65 29.83 -44.58
CA GLY E 1099 -70.49 29.52 -45.72
C GLY E 1099 -71.32 30.69 -46.21
N THR E 1100 -71.41 31.77 -45.43
CA THR E 1100 -72.16 32.95 -45.86
C THR E 1100 -71.20 34.02 -46.38
N HIS E 1101 -70.23 34.41 -45.55
CA HIS E 1101 -69.25 35.42 -45.92
C HIS E 1101 -67.95 35.16 -45.17
N TRP E 1102 -66.89 35.79 -45.64
CA TRP E 1102 -65.58 35.67 -45.02
C TRP E 1102 -65.47 36.66 -43.86
N PHE E 1103 -64.83 36.24 -42.78
CA PHE E 1103 -64.64 37.08 -41.60
C PHE E 1103 -63.24 36.88 -41.05
N VAL E 1104 -62.79 37.87 -40.29
CA VAL E 1104 -61.46 37.86 -39.68
C VAL E 1104 -61.60 37.47 -38.21
N THR E 1105 -60.78 36.50 -37.79
CA THR E 1105 -60.80 36.03 -36.41
C THR E 1105 -59.42 35.55 -36.02
N GLN E 1106 -59.17 35.50 -34.72
CA GLN E 1106 -57.90 35.04 -34.20
C GLN E 1106 -57.86 33.51 -34.16
N ARG E 1107 -56.64 32.97 -34.17
CA ARG E 1107 -56.47 31.53 -34.08
C ARG E 1107 -56.99 30.98 -32.76
N ASN E 1108 -56.72 31.68 -31.65
CA ASN E 1108 -57.03 31.17 -30.33
C ASN E 1108 -58.49 31.38 -29.91
N PHE E 1109 -59.24 32.22 -30.63
CA PHE E 1109 -60.62 32.47 -30.28
C PHE E 1109 -61.40 32.82 -31.54
N TYR E 1110 -62.71 32.63 -31.49
CA TYR E 1110 -63.60 32.85 -32.61
C TYR E 1110 -64.33 34.18 -32.41
N GLU E 1111 -63.95 35.19 -33.18
CA GLU E 1111 -64.60 36.51 -33.14
C GLU E 1111 -64.66 37.06 -34.55
N PRO E 1112 -65.70 36.73 -35.31
CA PRO E 1112 -65.82 37.25 -36.67
C PRO E 1112 -65.74 38.77 -36.70
N GLN E 1113 -64.95 39.29 -37.64
CA GLN E 1113 -64.77 40.72 -37.81
C GLN E 1113 -64.88 41.06 -39.29
N ILE E 1114 -65.39 42.26 -39.58
CA ILE E 1114 -65.56 42.68 -40.96
C ILE E 1114 -64.20 42.86 -41.61
N ILE E 1115 -64.03 42.26 -42.79
CA ILE E 1115 -62.78 42.36 -43.54
C ILE E 1115 -62.68 43.78 -44.10
N THR E 1116 -61.56 44.44 -43.82
CA THR E 1116 -61.37 45.82 -44.23
C THR E 1116 -59.88 46.12 -44.34
N THR E 1117 -59.57 47.28 -44.90
CA THR E 1117 -58.17 47.69 -45.05
C THR E 1117 -57.49 47.88 -43.69
N ASP E 1118 -58.27 48.21 -42.66
CA ASP E 1118 -57.68 48.39 -41.33
C ASP E 1118 -57.30 47.05 -40.71
N ASN E 1119 -57.83 45.94 -41.22
CA ASN E 1119 -57.54 44.62 -40.70
C ASN E 1119 -56.66 43.80 -41.63
N THR E 1120 -56.32 44.31 -42.81
CA THR E 1120 -55.50 43.60 -43.78
C THR E 1120 -54.55 44.58 -44.43
N PHE E 1121 -53.49 44.05 -45.04
CA PHE E 1121 -52.51 44.85 -45.75
C PHE E 1121 -52.31 44.29 -47.14
N VAL E 1122 -51.94 45.17 -48.07
CA VAL E 1122 -51.80 44.84 -49.48
C VAL E 1122 -50.39 44.36 -49.75
N SER E 1123 -50.26 43.21 -50.39
CA SER E 1123 -48.97 42.65 -50.75
C SER E 1123 -49.15 41.66 -51.89
N GLY E 1124 -48.21 41.68 -52.83
CA GLY E 1124 -48.27 40.78 -53.96
C GLY E 1124 -49.49 41.04 -54.83
N ASN E 1125 -50.00 39.96 -55.42
CA ASN E 1125 -51.18 40.05 -56.27
C ASN E 1125 -51.94 38.73 -56.15
N CYS E 1126 -53.01 38.58 -56.94
CA CYS E 1126 -53.86 37.40 -56.86
C CYS E 1126 -53.31 36.22 -57.64
N ASP E 1127 -52.34 36.44 -58.53
CA ASP E 1127 -51.80 35.37 -59.36
C ASP E 1127 -50.56 34.71 -58.76
N VAL E 1128 -50.08 35.18 -57.61
CA VAL E 1128 -48.92 34.59 -56.95
C VAL E 1128 -49.38 33.74 -55.78
N VAL E 1129 -50.28 34.29 -54.96
CA VAL E 1129 -50.75 33.57 -53.79
C VAL E 1129 -51.51 32.32 -54.22
N ILE E 1130 -51.24 31.22 -53.53
CA ILE E 1130 -51.87 29.94 -53.81
C ILE E 1130 -53.06 29.78 -52.88
N GLY E 1131 -54.22 29.44 -53.44
CA GLY E 1131 -55.43 29.28 -52.67
C GLY E 1131 -56.18 30.54 -52.37
N ILE E 1132 -55.83 31.66 -53.00
CA ILE E 1132 -56.53 32.91 -52.75
C ILE E 1132 -57.99 32.79 -53.18
N VAL E 1133 -58.85 33.55 -52.52
CA VAL E 1133 -60.28 33.57 -52.82
C VAL E 1133 -60.70 35.00 -53.10
N ASN E 1134 -61.90 35.14 -53.65
CA ASN E 1134 -62.45 36.44 -54.03
C ASN E 1134 -63.52 36.88 -53.04
N ASN E 1135 -63.35 38.09 -52.51
CA ASN E 1135 -64.33 38.66 -51.59
C ASN E 1135 -64.19 40.18 -51.61
N THR E 1136 -65.22 40.85 -51.12
CA THR E 1136 -65.25 42.31 -51.06
C THR E 1136 -64.65 42.77 -49.73
N VAL E 1137 -63.71 43.70 -49.81
CA VAL E 1137 -63.06 44.26 -48.63
C VAL E 1137 -63.71 45.59 -48.30
N TYR E 1138 -64.24 45.70 -47.08
CA TYR E 1138 -64.94 46.92 -46.66
C TYR E 1138 -63.97 48.08 -46.52
N ASP E 1139 -64.40 49.25 -46.98
CA ASP E 1139 -63.60 50.47 -46.90
C ASP E 1139 -64.26 51.44 -45.93
N PRO E 1140 -63.68 51.73 -44.76
CA PRO E 1140 -64.32 52.65 -43.83
C PRO E 1140 -64.50 54.05 -44.38
N LEU E 1141 -63.67 54.47 -45.33
CA LEU E 1141 -63.78 55.80 -45.91
C LEU E 1141 -64.94 55.91 -46.91
N GLN E 1142 -65.43 54.79 -47.42
CA GLN E 1142 -66.51 54.83 -48.41
C GLN E 1142 -67.75 55.55 -47.90
N PRO E 1143 -68.32 55.22 -46.73
CA PRO E 1143 -69.46 55.99 -46.24
C PRO E 1143 -69.12 57.45 -45.97
N GLU E 1144 -67.90 57.73 -45.52
CA GLU E 1144 -67.53 59.11 -45.21
C GLU E 1144 -67.34 59.94 -46.48
N LEU E 1145 -66.70 59.38 -47.49
CA LEU E 1145 -66.50 60.12 -48.74
C LEU E 1145 -67.83 60.46 -49.41
N ASP E 1146 -68.78 59.52 -49.43
CA ASP E 1146 -70.07 59.77 -50.04
C ASP E 1146 -70.91 60.78 -49.26
N SER E 1147 -70.55 61.05 -48.01
CA SER E 1147 -71.30 62.00 -47.20
C SER E 1147 -70.87 63.43 -47.49
N GLU F 1 37.01 29.74 74.57
CA GLU F 1 38.00 29.93 73.46
C GLU F 1 38.02 28.71 72.54
N VAL F 2 37.71 28.93 71.27
CA VAL F 2 37.71 27.86 70.29
C VAL F 2 39.15 27.49 69.95
N GLN F 3 39.45 26.19 70.00
CA GLN F 3 40.79 25.69 69.76
C GLN F 3 40.72 24.48 68.84
N LEU F 4 41.80 24.26 68.10
CA LEU F 4 41.95 23.12 67.21
C LEU F 4 43.08 22.24 67.72
N LEU F 5 42.81 20.93 67.81
CA LEU F 5 43.75 19.98 68.39
C LEU F 5 44.47 19.25 67.27
N GLN F 6 45.80 19.28 67.30
CA GLN F 6 46.66 18.61 66.33
C GLN F 6 47.67 17.74 67.04
N SER F 7 48.22 16.77 66.30
CA SER F 7 49.23 15.89 66.85
C SER F 7 50.50 16.68 67.17
N GLY F 8 51.19 16.25 68.22
CA GLY F 8 52.37 16.96 68.69
C GLY F 8 53.50 17.02 67.67
N ALA F 9 53.85 15.87 67.10
CA ALA F 9 54.92 15.82 66.10
C ALA F 9 54.81 14.52 65.32
N GLU F 10 55.46 14.48 64.17
CA GLU F 10 55.48 13.32 63.29
C GLU F 10 56.90 13.06 62.81
N LEU F 11 57.26 11.78 62.74
CA LEU F 11 58.56 11.34 62.23
C LEU F 11 58.30 10.51 60.98
N VAL F 12 58.78 11.00 59.84
CA VAL F 12 58.51 10.38 58.55
C VAL F 12 59.82 10.27 57.77
N ARG F 13 60.03 9.14 57.10
CA ARG F 13 61.19 8.96 56.26
C ARG F 13 60.96 9.62 54.90
N PRO F 14 62.02 9.97 54.18
CA PRO F 14 61.85 10.56 52.84
C PRO F 14 61.07 9.63 51.93
N GLY F 15 60.18 10.22 51.14
CA GLY F 15 59.35 9.48 50.21
C GLY F 15 58.05 8.94 50.80
N ALA F 16 57.91 8.93 52.12
CA ALA F 16 56.70 8.47 52.77
C ALA F 16 55.72 9.62 52.92
N LEU F 17 54.61 9.36 53.62
CA LEU F 17 53.55 10.33 53.81
C LEU F 17 53.09 10.34 55.26
N VAL F 18 52.50 11.47 55.65
CA VAL F 18 51.94 11.64 56.99
C VAL F 18 50.53 12.23 56.85
N LYS F 19 49.71 11.98 57.86
CA LYS F 19 48.35 12.49 57.93
C LYS F 19 48.20 13.28 59.23
N LEU F 20 47.98 14.58 59.09
CA LEU F 20 47.87 15.48 60.24
C LEU F 20 46.40 15.70 60.58
N SER F 21 46.03 15.41 61.82
CA SER F 21 44.66 15.55 62.28
C SER F 21 44.42 16.96 62.83
N CYS F 22 43.18 17.42 62.74
CA CYS F 22 42.80 18.72 63.26
C CYS F 22 41.35 18.59 63.78
N LYS F 23 41.23 18.35 65.08
CA LYS F 23 39.93 18.08 65.69
C LYS F 23 39.29 19.38 66.16
N ALA F 24 38.03 19.58 65.76
CA ALA F 24 37.30 20.77 66.20
C ALA F 24 36.95 20.66 67.68
N SER F 25 36.95 21.81 68.36
CA SER F 25 36.60 21.88 69.78
C SER F 25 35.80 23.14 70.01
N GLY F 26 34.54 22.99 70.41
CA GLY F 26 33.68 24.13 70.69
C GLY F 26 32.93 24.67 69.50
N PHE F 27 32.96 24.00 68.35
CA PHE F 27 32.25 24.47 67.18
C PHE F 27 31.99 23.29 66.26
N ASN F 28 31.05 23.49 65.34
CA ASN F 28 30.72 22.48 64.33
C ASN F 28 31.49 22.82 63.05
N ILE F 29 32.40 21.92 62.65
CA ILE F 29 33.26 22.19 61.51
C ILE F 29 32.47 22.40 60.23
N LYS F 30 31.29 21.80 60.12
CA LYS F 30 30.51 21.85 58.89
C LYS F 30 30.10 23.27 58.50
N ASP F 31 30.02 24.20 59.45
CA ASP F 31 29.56 25.55 59.18
C ASP F 31 30.68 26.55 58.94
N TYR F 32 31.94 26.11 58.97
CA TYR F 32 33.07 27.02 58.82
C TYR F 32 34.11 26.42 57.90
N TYR F 33 34.91 27.29 57.28
CA TYR F 33 36.00 26.86 56.44
C TYR F 33 37.16 26.34 57.30
N MET F 34 38.01 25.52 56.68
CA MET F 34 39.23 25.03 57.31
C MET F 34 40.42 25.37 56.42
N HIS F 35 41.49 25.85 57.05
CA HIS F 35 42.71 26.25 56.36
C HIS F 35 43.89 25.48 56.92
N TRP F 36 44.93 25.35 56.11
CA TRP F 36 46.17 24.69 56.53
C TRP F 36 47.36 25.55 56.14
N VAL F 37 48.44 25.43 56.92
CA VAL F 37 49.60 26.30 56.80
C VAL F 37 50.86 25.48 57.00
N LYS F 38 51.95 25.93 56.38
CA LYS F 38 53.27 25.36 56.58
C LYS F 38 54.23 26.47 57.04
N GLN F 39 55.05 26.15 58.04
CA GLN F 39 55.96 27.14 58.62
C GLN F 39 57.33 26.51 58.86
N ARG F 40 58.37 27.24 58.47
CA ARG F 40 59.74 26.91 58.79
C ARG F 40 60.45 28.15 59.30
N PRO F 41 61.45 27.98 60.18
CA PRO F 41 62.05 29.16 60.83
C PRO F 41 62.71 30.13 59.88
N GLU F 42 63.11 29.70 58.68
CA GLU F 42 63.89 30.57 57.80
C GLU F 42 63.01 31.50 56.97
N GLN F 43 61.79 31.11 56.64
CA GLN F 43 60.90 31.94 55.84
C GLN F 43 59.66 32.42 56.58
N GLY F 44 59.25 31.73 57.64
CA GLY F 44 58.05 32.09 58.37
C GLY F 44 56.84 31.29 57.93
N LEU F 45 55.66 31.89 58.01
CA LEU F 45 54.43 31.20 57.66
C LEU F 45 54.30 31.08 56.15
N GLU F 46 53.79 29.94 55.69
CA GLU F 46 53.51 29.70 54.28
C GLU F 46 52.15 29.05 54.15
N TRP F 47 51.24 29.69 53.41
CA TRP F 47 49.87 29.22 53.31
C TRP F 47 49.78 27.97 52.44
N PHE F 48 49.03 26.98 52.93
CA PHE F 48 48.92 25.70 52.24
C PHE F 48 47.67 25.63 51.37
N GLY F 49 46.49 25.79 51.97
CA GLY F 49 45.25 25.70 51.22
C GLY F 49 44.06 25.78 52.16
N TRP F 50 42.88 25.72 51.57
CA TRP F 50 41.63 25.73 52.32
C TRP F 50 40.68 24.67 51.78
N ILE F 51 39.79 24.20 52.65
CA ILE F 51 38.77 23.22 52.31
C ILE F 51 37.44 23.67 52.90
N ASP F 52 36.35 23.37 52.20
CA ASP F 52 35.01 23.61 52.70
C ASP F 52 34.39 22.27 53.07
N PRO F 53 34.21 21.95 54.36
CA PRO F 53 33.65 20.64 54.72
C PRO F 53 32.28 20.38 54.12
N GLU F 54 31.44 21.40 53.97
CA GLU F 54 30.08 21.19 53.48
C GLU F 54 30.00 21.21 51.97
N ASN F 55 30.88 21.95 51.29
CA ASN F 55 30.92 21.96 49.84
C ASN F 55 31.87 20.94 49.25
N GLY F 56 32.99 20.66 49.92
CA GLY F 56 33.99 19.76 49.41
C GLY F 56 35.01 20.39 48.49
N ASN F 57 34.86 21.67 48.18
CA ASN F 57 35.83 22.35 47.32
C ASN F 57 37.14 22.54 48.06
N THR F 58 38.25 22.35 47.35
CA THR F 58 39.58 22.50 47.91
C THR F 58 40.47 23.26 46.94
N ILE F 59 41.29 24.15 47.50
CA ILE F 59 42.26 24.93 46.74
C ILE F 59 43.63 24.72 47.38
N TYR F 60 44.62 24.44 46.54
CA TYR F 60 45.98 24.16 47.00
C TYR F 60 46.95 25.15 46.36
N ASP F 61 47.88 25.64 47.16
CA ASP F 61 48.89 26.56 46.65
C ASP F 61 49.78 25.83 45.64
N PRO F 62 50.26 26.50 44.59
CA PRO F 62 51.14 25.81 43.63
C PRO F 62 52.38 25.22 44.27
N LYS F 63 52.88 25.82 45.35
CA LYS F 63 54.05 25.28 46.03
C LYS F 63 53.81 23.89 46.57
N PHE F 64 52.55 23.53 46.83
CA PHE F 64 52.21 22.22 47.39
C PHE F 64 51.29 21.39 46.49
N GLN F 65 50.95 21.87 45.31
CA GLN F 65 50.09 21.11 44.42
C GLN F 65 50.75 19.79 44.04
N GLY F 66 49.98 18.70 44.12
CA GLY F 66 50.49 17.38 43.83
C GLY F 66 51.17 16.70 44.99
N LYS F 67 51.33 17.38 46.13
CA LYS F 67 51.99 16.81 47.30
C LYS F 67 51.01 16.43 48.40
N ALA F 68 49.80 17.01 48.41
CA ALA F 68 48.90 16.85 49.53
C ALA F 68 47.46 16.95 49.06
N SER F 69 46.56 16.39 49.87
CA SER F 69 45.12 16.51 49.67
C SER F 69 44.48 16.76 51.02
N ILE F 70 43.45 17.60 51.03
CA ILE F 70 42.77 18.02 52.26
C ILE F 70 41.40 17.37 52.31
N THR F 71 41.06 16.79 53.46
CA THR F 71 39.76 16.18 53.68
C THR F 71 39.37 16.41 55.14
N ALA F 72 38.20 15.92 55.53
CA ALA F 72 37.73 16.08 56.89
C ALA F 72 36.71 14.98 57.19
N ASP F 73 36.51 14.74 58.49
CA ASP F 73 35.55 13.74 58.96
C ASP F 73 34.37 14.48 59.59
N THR F 74 33.21 14.38 58.96
CA THR F 74 32.03 15.11 59.45
C THR F 74 31.60 14.62 60.82
N SER F 75 31.62 13.30 61.04
CA SER F 75 31.10 12.75 62.29
C SER F 75 31.91 13.24 63.48
N SER F 76 33.23 13.24 63.37
CA SER F 76 34.10 13.65 64.47
C SER F 76 34.49 15.12 64.40
N ASN F 77 34.02 15.86 63.39
CA ASN F 77 34.35 17.27 63.23
C ASN F 77 35.87 17.46 63.20
N THR F 78 36.55 16.56 62.49
CA THR F 78 38.00 16.55 62.41
C THR F 78 38.44 16.79 60.97
N ALA F 79 39.41 17.69 60.80
CA ALA F 79 39.98 17.97 59.49
C ALA F 79 41.34 17.30 59.37
N TYR F 80 41.60 16.73 58.19
CA TYR F 80 42.81 15.95 57.95
C TYR F 80 43.56 16.52 56.76
N LEU F 81 44.88 16.59 56.89
CA LEU F 81 45.77 17.00 55.81
C LEU F 81 46.77 15.88 55.57
N GLN F 82 46.83 15.38 54.34
CA GLN F 82 47.73 14.31 53.96
C GLN F 82 48.94 14.91 53.25
N LEU F 83 50.13 14.67 53.79
CA LEU F 83 51.37 15.18 53.23
C LEU F 83 52.19 13.99 52.75
N SER F 84 52.34 13.88 51.43
CA SER F 84 53.00 12.75 50.80
C SER F 84 54.14 13.23 49.91
N SER F 85 54.96 12.28 49.46
CA SER F 85 56.11 12.58 48.61
C SER F 85 57.01 13.62 49.27
N LEU F 86 57.30 13.41 50.55
CA LEU F 86 58.03 14.39 51.34
C LEU F 86 59.53 14.20 51.20
N THR F 87 60.25 15.32 51.31
CA THR F 87 61.70 15.35 51.27
C THR F 87 62.20 16.23 52.40
N SER F 88 63.51 16.51 52.39
CA SER F 88 64.10 17.33 53.45
C SER F 88 63.49 18.73 53.49
N GLU F 89 63.15 19.28 52.33
CA GLU F 89 62.60 20.63 52.27
C GLU F 89 61.22 20.73 52.90
N ASP F 90 60.54 19.60 53.13
CA ASP F 90 59.19 19.61 53.69
C ASP F 90 59.17 19.60 55.21
N THR F 91 60.33 19.52 55.86
CA THR F 91 60.38 19.60 57.32
C THR F 91 59.85 20.97 57.76
N ALA F 92 58.69 20.97 58.40
CA ALA F 92 58.03 22.22 58.76
C ALA F 92 57.00 21.93 59.83
N VAL F 93 56.51 23.00 60.46
CA VAL F 93 55.43 22.93 61.44
C VAL F 93 54.14 23.33 60.74
N TYR F 94 53.12 22.48 60.83
CA TYR F 94 51.87 22.66 60.11
C TYR F 94 50.75 23.01 61.08
N TYR F 95 49.95 24.00 60.71
CA TYR F 95 48.84 24.47 61.52
C TYR F 95 47.53 24.36 60.72
N CYS F 96 46.42 24.27 61.45
CA CYS F 96 45.09 24.29 60.86
C CYS F 96 44.29 25.44 61.45
N ALA F 97 43.44 26.03 60.63
CA ALA F 97 42.66 27.19 61.04
C ALA F 97 41.22 27.04 60.55
N GLY F 98 40.29 27.57 61.34
CA GLY F 98 38.89 27.49 61.00
C GLY F 98 38.04 28.16 62.05
N SER F 99 36.74 27.84 62.03
CA SER F 99 35.79 28.39 62.99
C SER F 99 35.74 29.92 62.92
N GLY F 100 35.29 30.43 61.77
CA GLY F 100 35.27 31.87 61.55
C GLY F 100 34.04 32.56 62.10
N ASN F 101 33.27 31.87 62.93
CA ASN F 101 32.10 32.45 63.57
C ASN F 101 31.11 33.01 62.55
N TYR F 102 30.78 32.21 61.53
CA TYR F 102 29.78 32.58 60.53
C TYR F 102 30.17 33.86 59.79
N GLU F 103 31.47 34.11 59.65
CA GLU F 103 31.95 35.26 58.91
C GLU F 103 33.32 34.93 58.34
N ASP F 104 33.58 35.41 57.13
CA ASP F 104 34.86 35.16 56.45
C ASP F 104 35.89 36.20 56.88
N ALA F 105 36.01 36.36 58.20
CA ALA F 105 36.91 37.35 58.78
C ALA F 105 37.80 36.74 59.85
N MET F 106 37.26 35.79 60.62
CA MET F 106 37.94 35.27 61.80
C MET F 106 38.34 33.82 61.57
N ASP F 107 39.19 33.32 62.46
CA ASP F 107 39.56 31.92 62.49
C ASP F 107 40.28 31.64 63.79
N TYR F 108 40.37 30.35 64.14
CA TYR F 108 41.07 29.90 65.34
C TYR F 108 42.12 28.86 64.95
N TRP F 109 43.28 28.96 65.58
CA TRP F 109 44.44 28.18 65.20
C TRP F 109 44.84 27.22 66.32
N GLY F 110 45.22 26.01 65.92
CA GLY F 110 45.68 25.00 66.85
C GLY F 110 47.14 25.19 67.23
N GLN F 111 47.63 24.28 68.06
CA GLN F 111 49.01 24.35 68.53
C GLN F 111 50.02 24.03 67.42
N GLY F 112 49.61 23.30 66.40
CA GLY F 112 50.51 22.97 65.30
C GLY F 112 51.20 21.63 65.51
N THR F 113 51.58 21.02 64.38
CA THR F 113 52.26 19.73 64.38
C THR F 113 53.63 19.89 63.74
N SER F 114 54.66 19.42 64.44
CA SER F 114 56.03 19.47 63.95
C SER F 114 56.29 18.21 63.12
N VAL F 115 56.42 18.38 61.80
CA VAL F 115 56.65 17.27 60.89
C VAL F 115 58.10 17.34 60.43
N THR F 116 58.86 16.29 60.71
CA THR F 116 60.27 16.22 60.35
C THR F 116 60.48 15.06 59.39
N VAL F 117 61.11 15.34 58.25
CA VAL F 117 61.41 14.33 57.24
C VAL F 117 62.85 13.88 57.45
N SER F 118 63.02 12.73 58.08
CA SER F 118 64.35 12.21 58.37
C SER F 118 64.26 10.72 58.62
N SER F 119 65.41 10.05 58.56
CA SER F 119 65.52 8.63 58.82
C SER F 119 66.01 8.34 60.24
N ALA F 120 66.03 9.35 61.11
CA ALA F 120 66.54 9.15 62.46
C ALA F 120 65.69 8.14 63.23
N LYS F 121 66.35 7.37 64.08
CA LYS F 121 65.70 6.40 64.95
C LYS F 121 66.00 6.73 66.40
N THR F 122 65.10 6.30 67.29
CA THR F 122 65.25 6.58 68.71
C THR F 122 66.65 6.20 69.19
N THR F 123 67.40 7.19 69.71
CA THR F 123 68.77 6.98 70.14
C THR F 123 68.92 7.55 71.55
N PRO F 124 69.47 6.80 72.50
CA PRO F 124 69.64 7.33 73.85
C PRO F 124 70.69 8.43 73.87
N PRO F 125 70.60 9.37 74.79
CA PRO F 125 71.58 10.46 74.83
C PRO F 125 72.91 10.02 75.43
N SER F 126 73.96 10.75 75.08
CA SER F 126 75.27 10.60 75.69
C SER F 126 75.54 11.83 76.54
N VAL F 127 75.61 11.63 77.86
CA VAL F 127 75.69 12.72 78.83
C VAL F 127 77.10 12.78 79.38
N TYR F 128 77.72 13.95 79.32
CA TYR F 128 79.02 14.20 79.89
C TYR F 128 78.99 15.50 80.69
N PRO F 129 79.79 15.60 81.76
CA PRO F 129 79.80 16.83 82.55
C PRO F 129 80.74 17.87 81.97
N LEU F 130 80.43 19.13 82.28
CA LEU F 130 81.28 20.26 81.92
C LEU F 130 81.79 20.87 83.24
N ALA F 131 82.89 20.32 83.74
CA ALA F 131 83.41 20.76 85.03
C ALA F 131 84.58 21.73 84.82
N PRO F 132 84.80 22.66 85.75
CA PRO F 132 85.94 23.57 85.62
C PRO F 132 87.26 22.81 85.57
N GLY F 133 88.19 23.33 84.80
CA GLY F 133 89.51 22.74 84.66
C GLY F 133 90.55 23.44 85.50
N SER F 134 91.33 24.30 84.87
CA SER F 134 92.36 25.05 85.59
C SER F 134 91.72 25.96 86.62
N ALA F 135 92.47 26.26 87.69
CA ALA F 135 91.94 27.07 88.77
C ALA F 135 91.63 28.50 88.32
N ALA F 136 92.14 28.92 87.16
CA ALA F 136 91.86 30.28 86.68
C ALA F 136 90.37 30.49 86.43
N GLN F 137 89.63 29.41 86.17
CA GLN F 137 88.19 29.52 85.88
C GLN F 137 87.39 29.60 87.17
N THR F 138 87.58 30.71 87.88
CA THR F 138 86.88 30.98 89.12
C THR F 138 86.48 32.45 89.18
N ASN F 139 85.25 32.70 89.56
CA ASN F 139 84.70 34.05 89.70
C ASN F 139 83.99 34.12 91.05
N SER F 140 83.29 35.23 91.29
CA SER F 140 82.48 35.33 92.50
C SER F 140 81.36 34.30 92.52
N MET F 141 80.97 33.79 91.35
CA MET F 141 79.98 32.74 91.24
C MET F 141 80.52 31.66 90.32
N VAL F 142 80.16 30.42 90.63
CA VAL F 142 80.65 29.25 89.91
C VAL F 142 79.61 28.83 88.89
N THR F 143 80.02 28.72 87.63
CA THR F 143 79.16 28.29 86.54
C THR F 143 79.54 26.86 86.15
N LEU F 144 78.56 25.97 86.13
CA LEU F 144 78.76 24.57 85.78
C LEU F 144 77.80 24.19 84.66
N GLY F 145 78.28 23.31 83.76
CA GLY F 145 77.52 22.90 82.60
C GLY F 145 77.28 21.40 82.58
N CYS F 146 76.36 21.00 81.70
CA CYS F 146 76.04 19.59 81.50
C CYS F 146 75.60 19.40 80.06
N LEU F 147 76.35 18.62 79.30
CA LEU F 147 76.16 18.48 77.87
C LEU F 147 75.41 17.19 77.57
N VAL F 148 74.39 17.29 76.71
CA VAL F 148 73.63 16.15 76.23
C VAL F 148 73.74 16.16 74.72
N LYS F 149 74.23 15.06 74.14
CA LYS F 149 74.47 14.96 72.71
C LYS F 149 74.19 13.55 72.24
N GLY F 150 73.79 13.43 70.97
CA GLY F 150 73.54 12.13 70.38
C GLY F 150 72.25 11.47 70.80
N TYR F 151 71.13 12.15 70.64
CA TYR F 151 69.83 11.61 71.03
C TYR F 151 68.78 11.95 69.98
N PHE F 152 67.66 11.21 70.04
CA PHE F 152 66.54 11.43 69.14
C PHE F 152 65.36 10.64 69.67
N PRO F 153 64.13 11.18 69.65
CA PRO F 153 63.76 12.55 69.28
C PRO F 153 63.90 13.55 70.43
N GLU F 154 63.90 14.84 70.12
CA GLU F 154 63.94 15.87 71.14
C GLU F 154 62.59 15.94 71.85
N PRO F 155 62.56 16.51 73.08
CA PRO F 155 63.67 17.02 73.88
C PRO F 155 64.15 16.03 74.94
N VAL F 156 65.15 16.45 75.72
CA VAL F 156 65.65 15.67 76.85
C VAL F 156 65.49 16.51 78.10
N THR F 157 64.86 15.94 79.12
CA THR F 157 64.62 16.65 80.37
C THR F 157 65.93 16.78 81.13
N VAL F 158 66.38 18.02 81.32
CA VAL F 158 67.63 18.31 82.02
C VAL F 158 67.33 19.25 83.18
N THR F 159 67.78 18.87 84.38
CA THR F 159 67.63 19.68 85.56
C THR F 159 68.88 19.52 86.41
N TRP F 160 68.89 20.13 87.59
CA TRP F 160 70.04 20.09 88.49
C TRP F 160 69.58 19.75 89.91
N ASN F 161 70.35 18.89 90.57
CA ASN F 161 70.10 18.51 91.96
C ASN F 161 68.67 17.97 92.11
N SER F 162 68.25 17.15 91.14
CA SER F 162 66.94 16.51 91.17
C SER F 162 65.82 17.54 91.29
N GLY F 163 66.00 18.70 90.69
CA GLY F 163 64.99 19.74 90.70
C GLY F 163 65.01 20.65 91.91
N SER F 164 65.86 20.37 92.90
CA SER F 164 65.96 21.21 94.08
C SER F 164 66.77 22.47 93.84
N LEU F 165 67.49 22.55 92.72
CA LEU F 165 68.26 23.74 92.36
C LEU F 165 67.65 24.35 91.11
N SER F 166 67.19 25.60 91.22
CA SER F 166 66.55 26.29 90.12
C SER F 166 67.09 27.69 89.88
N SER F 167 67.82 28.27 90.83
CA SER F 167 68.36 29.61 90.65
C SER F 167 69.56 29.56 89.71
N GLY F 168 69.48 30.31 88.62
CA GLY F 168 70.55 30.34 87.64
C GLY F 168 70.58 29.17 86.69
N VAL F 169 69.59 28.28 86.75
CA VAL F 169 69.55 27.11 85.88
C VAL F 169 69.01 27.53 84.52
N HIS F 170 69.76 27.22 83.45
CA HIS F 170 69.36 27.54 82.10
C HIS F 170 69.57 26.33 81.21
N THR F 171 68.55 25.97 80.43
CA THR F 171 68.62 24.88 79.47
C THR F 171 68.29 25.44 78.09
N PHE F 172 69.06 25.01 77.08
CA PHE F 172 68.92 25.60 75.75
C PHE F 172 68.20 24.64 74.80
N PRO F 173 67.47 25.15 73.82
CA PRO F 173 66.78 24.26 72.88
C PRO F 173 67.75 23.38 72.11
N ALA F 174 67.29 22.17 71.78
CA ALA F 174 68.11 21.23 71.04
C ALA F 174 68.27 21.67 69.59
N VAL F 175 69.36 21.20 68.97
CA VAL F 175 69.68 21.50 67.59
C VAL F 175 69.85 20.18 66.84
N LEU F 176 69.19 20.06 65.70
CA LEU F 176 69.25 18.86 64.89
C LEU F 176 70.50 18.90 64.01
N GLN F 177 71.23 17.80 63.98
CA GLN F 177 72.44 17.69 63.16
C GLN F 177 72.71 16.22 62.87
N SER F 178 72.79 15.87 61.58
CA SER F 178 73.09 14.50 61.17
C SER F 178 72.15 13.49 61.82
N ASP F 179 70.86 13.79 61.77
CA ASP F 179 69.80 12.93 62.29
C ASP F 179 69.86 12.78 63.80
N LEU F 180 70.58 13.64 64.49
CA LEU F 180 70.69 13.59 65.95
C LEU F 180 70.56 14.99 66.52
N TYR F 181 70.10 15.05 67.76
CA TYR F 181 69.88 16.32 68.46
C TYR F 181 70.98 16.55 69.50
N THR F 182 71.23 17.82 69.79
CA THR F 182 72.21 18.22 70.78
C THR F 182 71.71 19.44 71.54
N LEU F 183 71.86 19.39 72.87
CA LEU F 183 71.50 20.52 73.73
C LEU F 183 72.49 20.60 74.87
N SER F 184 72.52 21.75 75.53
CA SER F 184 73.40 21.98 76.66
C SER F 184 72.61 22.66 77.78
N SER F 185 73.08 22.48 79.00
CA SER F 185 72.49 23.11 80.18
C SER F 185 73.60 23.59 81.09
N SER F 186 73.34 24.70 81.78
CA SER F 186 74.32 25.28 82.69
C SER F 186 73.59 25.92 83.86
N VAL F 187 74.28 25.97 85.00
CA VAL F 187 73.75 26.56 86.22
C VAL F 187 74.85 27.37 86.88
N THR F 188 74.51 28.55 87.37
CA THR F 188 75.43 29.41 88.11
C THR F 188 75.07 29.32 89.59
N VAL F 189 76.06 28.98 90.41
CA VAL F 189 75.83 28.77 91.84
C VAL F 189 76.82 29.62 92.64
N PRO F 190 76.51 29.95 93.89
CA PRO F 190 77.44 30.78 94.68
C PRO F 190 78.77 30.08 94.86
N SER F 191 79.83 30.88 94.95
CA SER F 191 81.17 30.33 95.15
C SER F 191 81.28 29.57 96.46
N SER F 192 80.40 29.84 97.43
CA SER F 192 80.43 29.13 98.70
C SER F 192 79.92 27.70 98.61
N THR F 193 79.26 27.33 97.51
CA THR F 193 78.71 25.99 97.37
C THR F 193 79.75 25.14 96.66
N TRP F 194 80.14 25.47 95.43
CA TRP F 194 81.09 24.63 94.71
C TRP F 194 82.52 25.01 95.11
N PRO F 195 83.43 24.03 95.26
CA PRO F 195 83.24 22.58 95.15
C PRO F 195 82.82 21.93 96.47
N SER F 196 82.59 22.73 97.51
CA SER F 196 82.25 22.18 98.81
C SER F 196 80.96 21.39 98.75
N GLU F 197 79.95 21.92 98.07
CA GLU F 197 78.64 21.30 97.94
C GLU F 197 78.51 20.74 96.54
N THR F 198 78.17 19.46 96.42
CA THR F 198 78.06 18.82 95.12
C THR F 198 76.93 19.43 94.32
N VAL F 199 77.19 19.67 93.03
CA VAL F 199 76.19 20.16 92.09
C VAL F 199 76.05 19.11 91.02
N THR F 200 74.86 18.53 90.88
CA THR F 200 74.61 17.41 90.00
C THR F 200 73.61 17.80 88.92
N CYS F 201 73.89 17.40 87.68
CA CYS F 201 72.98 17.59 86.57
C CYS F 201 72.28 16.28 86.25
N ASN F 202 70.95 16.32 86.21
CA ASN F 202 70.13 15.13 85.96
C ASN F 202 69.60 15.23 84.53
N VAL F 203 69.85 14.20 83.74
CA VAL F 203 69.41 14.13 82.35
C VAL F 203 68.52 12.91 82.20
N ALA F 204 67.31 13.12 81.67
CA ALA F 204 66.34 12.05 81.47
C ALA F 204 65.77 12.15 80.07
N HIS F 205 65.72 11.01 79.37
CA HIS F 205 65.17 10.92 78.01
C HIS F 205 64.10 9.82 78.02
N PRO F 206 62.85 10.18 78.34
CA PRO F 206 61.80 9.15 78.39
C PRO F 206 61.64 8.36 77.11
N ALA F 207 61.92 8.96 75.95
CA ALA F 207 61.77 8.26 74.69
C ALA F 207 62.65 7.01 74.65
N SER F 208 63.87 7.09 75.19
CA SER F 208 64.79 5.96 75.23
C SER F 208 64.92 5.37 76.63
N SER F 209 64.13 5.83 77.59
CA SER F 209 64.18 5.33 78.97
C SER F 209 65.60 5.44 79.52
N THR F 210 66.25 6.56 79.24
CA THR F 210 67.62 6.81 79.66
C THR F 210 67.64 7.85 80.78
N LYS F 211 68.34 7.54 81.86
CA LYS F 211 68.50 8.45 82.99
C LYS F 211 69.95 8.43 83.43
N VAL F 212 70.58 9.61 83.48
CA VAL F 212 71.98 9.75 83.84
C VAL F 212 72.09 10.81 84.93
N ASP F 213 72.81 10.48 86.00
CA ASP F 213 73.09 11.40 87.09
C ASP F 213 74.59 11.64 87.13
N LYS F 214 75.02 12.83 86.69
CA LYS F 214 76.42 13.18 86.58
C LYS F 214 76.73 14.29 87.58
N LYS F 215 77.68 14.06 88.47
CA LYS F 215 78.05 15.03 89.49
C LYS F 215 79.19 15.91 89.00
N ILE F 216 79.23 17.14 89.50
CA ILE F 216 80.29 18.09 89.15
C ILE F 216 80.79 18.77 90.42
N ASP G 1 49.51 34.80 43.23
CA ASP G 1 50.90 35.04 43.73
C ASP G 1 51.06 36.47 44.22
N VAL G 2 50.56 36.74 45.43
CA VAL G 2 50.64 38.08 46.00
C VAL G 2 52.00 38.26 46.65
N LEU G 3 52.57 39.45 46.51
CA LEU G 3 53.85 39.80 47.11
C LEU G 3 53.64 40.92 48.14
N MET G 4 54.21 40.73 49.32
CA MET G 4 54.12 41.71 50.39
C MET G 4 55.41 41.74 51.19
N THR G 5 55.70 42.89 51.78
CA THR G 5 56.90 43.08 52.59
C THR G 5 56.50 43.77 53.90
N GLN G 6 57.04 43.27 55.00
CA GLN G 6 56.75 43.81 56.33
C GLN G 6 57.93 44.63 56.83
N THR G 7 57.64 45.86 57.27
CA THR G 7 58.67 46.76 57.76
C THR G 7 58.20 47.32 59.10
N PRO G 8 59.07 47.39 60.12
CA PRO G 8 60.45 46.91 60.14
C PRO G 8 60.54 45.40 60.35
N LEU G 9 61.70 44.81 60.07
CA LEU G 9 61.89 43.39 60.36
C LEU G 9 61.76 43.10 61.84
N SER G 10 62.33 43.96 62.69
CA SER G 10 62.19 43.82 64.13
C SER G 10 62.29 45.21 64.75
N LEU G 11 61.75 45.34 65.97
CA LEU G 11 61.76 46.61 66.67
C LEU G 11 61.62 46.37 68.17
N PRO G 12 62.56 46.84 68.98
CA PRO G 12 62.39 46.73 70.43
C PRO G 12 61.58 47.90 71.00
N VAL G 13 60.66 47.56 71.89
CA VAL G 13 59.83 48.54 72.58
C VAL G 13 59.80 48.21 74.06
N SER G 14 60.10 49.21 74.89
CA SER G 14 60.07 49.02 76.33
C SER G 14 58.63 48.87 76.81
N LEU G 15 58.48 48.32 78.01
CA LEU G 15 57.16 48.15 78.59
C LEU G 15 56.45 49.49 78.72
N GLY G 16 55.21 49.56 78.24
CA GLY G 16 54.43 50.77 78.25
C GLY G 16 54.51 51.58 76.97
N ASP G 17 55.45 51.25 76.08
CA ASP G 17 55.60 51.97 74.83
C ASP G 17 54.59 51.45 73.80
N GLN G 18 54.64 52.01 72.60
CA GLN G 18 53.76 51.64 71.51
C GLN G 18 54.54 50.96 70.40
N ALA G 19 53.93 49.95 69.78
CA ALA G 19 54.53 49.19 68.71
C ALA G 19 53.81 49.46 67.40
N SER G 20 54.58 49.55 66.31
CA SER G 20 54.03 49.83 65.00
C SER G 20 54.65 48.87 63.99
N ILE G 21 53.81 48.04 63.37
CA ILE G 21 54.22 47.10 62.34
C ILE G 21 53.44 47.43 61.08
N SER G 22 54.16 47.62 59.97
CA SER G 22 53.56 48.03 58.71
C SER G 22 53.77 46.95 57.66
N CYS G 23 52.79 46.83 56.76
CA CYS G 23 52.82 45.87 55.67
C CYS G 23 52.41 46.55 54.38
N ARG G 24 53.07 46.20 53.28
CA ARG G 24 52.77 46.71 51.95
C ARG G 24 52.39 45.55 51.06
N SER G 25 51.31 45.72 50.30
CA SER G 25 50.79 44.67 49.43
C SER G 25 50.89 45.10 47.97
N SER G 26 51.03 44.11 47.09
CA SER G 26 51.11 44.37 45.66
C SER G 26 49.75 44.45 44.98
N GLN G 27 48.67 44.19 45.71
CA GLN G 27 47.31 44.30 45.19
C GLN G 27 46.47 45.11 46.16
N SER G 28 45.63 45.99 45.62
CA SER G 28 44.76 46.81 46.45
C SER G 28 43.68 45.94 47.09
N ILE G 29 43.52 46.06 48.41
CA ILE G 29 42.52 45.29 49.13
C ILE G 29 41.69 46.22 50.01
N VAL G 30 41.70 47.51 49.69
CA VAL G 30 40.93 48.50 50.43
C VAL G 30 39.51 48.53 49.89
N HIS G 31 38.53 48.51 50.79
CA HIS G 31 37.13 48.42 50.43
C HIS G 31 36.40 49.68 50.86
N SER G 32 35.34 50.01 50.11
CA SER G 32 34.54 51.20 50.41
C SER G 32 33.58 50.99 51.57
N ASN G 33 33.43 49.76 52.06
CA ASN G 33 32.52 49.47 53.16
C ASN G 33 33.14 49.72 54.53
N GLY G 34 34.41 50.12 54.58
CA GLY G 34 35.09 50.39 55.83
C GLY G 34 35.99 49.27 56.32
N ASN G 35 35.83 48.07 55.76
CA ASN G 35 36.66 46.94 56.14
C ASN G 35 37.77 46.73 55.11
N THR G 36 38.87 46.12 55.56
CA THR G 36 40.01 45.80 54.70
C THR G 36 40.46 44.38 55.00
N TYR G 37 40.45 43.53 53.98
CA TYR G 37 40.76 42.11 54.13
C TYR G 37 42.25 41.92 54.37
N LEU G 38 42.66 42.16 55.61
CA LEU G 38 44.02 41.89 56.05
C LEU G 38 43.99 41.59 57.54
N GLU G 39 44.28 40.34 57.90
CA GLU G 39 44.22 39.89 59.28
C GLU G 39 45.61 39.94 59.92
N TRP G 40 45.66 40.43 61.15
CA TRP G 40 46.89 40.57 61.91
C TRP G 40 47.00 39.43 62.92
N TYR G 41 48.22 38.92 63.09
CA TYR G 41 48.47 37.78 63.95
C TYR G 41 49.66 38.04 64.85
N LEU G 42 49.68 37.37 65.99
CA LEU G 42 50.81 37.39 66.91
C LEU G 42 51.21 35.96 67.24
N GLN G 43 52.48 35.63 67.01
CA GLN G 43 53.03 34.31 67.27
C GLN G 43 53.97 34.42 68.46
N LYS G 44 53.46 34.09 69.64
CA LYS G 44 54.28 34.15 70.84
C LYS G 44 55.38 33.08 70.78
N PRO G 45 56.52 33.32 71.45
CA PRO G 45 57.61 32.34 71.39
C PRO G 45 57.17 30.93 71.78
N GLY G 46 57.24 30.01 70.82
CA GLY G 46 56.86 28.63 71.07
C GLY G 46 55.39 28.32 70.92
N GLN G 47 54.57 29.29 70.55
CA GLN G 47 53.14 29.09 70.34
C GLN G 47 52.78 29.38 68.89
N SER G 48 51.63 28.85 68.48
CA SER G 48 51.14 29.07 67.14
C SER G 48 50.58 30.49 67.00
N PRO G 49 50.51 31.01 65.77
CA PRO G 49 49.95 32.36 65.59
C PRO G 49 48.51 32.44 66.08
N LYS G 50 48.17 33.59 66.68
CA LYS G 50 46.84 33.85 67.18
C LYS G 50 46.31 35.13 66.55
N LEU G 51 45.07 35.08 66.07
CA LEU G 51 44.48 36.24 65.41
C LEU G 51 44.38 37.41 66.37
N LEU G 52 44.81 38.59 65.90
CA LEU G 52 44.71 39.81 66.68
C LEU G 52 43.58 40.71 66.17
N ILE G 53 43.60 41.05 64.88
CA ILE G 53 42.64 41.96 64.28
C ILE G 53 42.15 41.36 62.98
N TYR G 54 40.83 41.37 62.78
CA TYR G 54 40.22 40.85 61.56
C TYR G 54 39.63 42.00 60.77
N LYS G 55 39.83 41.97 59.45
CA LYS G 55 39.38 43.03 58.56
C LYS G 55 39.93 44.38 58.97
N VAL G 56 41.15 44.37 59.53
CA VAL G 56 41.91 45.57 59.82
C VAL G 56 41.21 46.45 60.84
N SER G 57 40.02 46.96 60.50
CA SER G 57 39.33 47.95 61.31
C SER G 57 38.45 47.35 62.39
N ASN G 58 38.44 46.03 62.54
CA ASN G 58 37.60 45.36 63.53
C ASN G 58 38.47 44.47 64.40
N ARG G 59 38.40 44.69 65.72
CA ARG G 59 39.22 43.93 66.65
C ARG G 59 38.65 42.53 66.88
N PHE G 60 39.53 41.55 66.95
CA PHE G 60 39.12 40.17 67.17
C PHE G 60 38.65 39.97 68.61
N SER G 61 37.62 39.13 68.77
CA SER G 61 37.09 38.85 70.10
C SER G 61 38.14 38.12 70.94
N GLY G 62 38.19 38.47 72.23
CA GLY G 62 39.13 37.86 73.14
C GLY G 62 40.52 38.45 73.12
N VAL G 63 40.77 39.46 72.29
CA VAL G 63 42.08 40.10 72.18
C VAL G 63 42.05 41.35 73.05
N PRO G 64 43.16 41.72 73.69
CA PRO G 64 43.17 42.95 74.50
C PRO G 64 42.86 44.19 73.66
N ASP G 65 42.26 45.19 74.31
CA ASP G 65 41.84 46.39 73.61
C ASP G 65 43.00 47.15 72.98
N ARG G 66 44.23 46.91 73.43
CA ARG G 66 45.37 47.65 72.91
C ARG G 66 45.61 47.41 71.42
N PHE G 67 45.10 46.31 70.89
CA PHE G 67 45.36 45.95 69.49
C PHE G 67 44.31 46.59 68.59
N SER G 68 44.77 47.26 67.53
CA SER G 68 43.88 47.89 66.57
C SER G 68 44.63 48.11 65.26
N GLY G 69 43.98 47.77 64.15
CA GLY G 69 44.57 47.93 62.84
C GLY G 69 43.95 49.08 62.06
N SER G 70 44.75 49.65 61.16
CA SER G 70 44.32 50.77 60.34
C SER G 70 45.20 50.83 59.10
N GLY G 71 44.71 51.57 58.11
CA GLY G 71 45.42 51.78 56.87
C GLY G 71 44.46 51.87 55.71
N SER G 72 45.01 52.01 54.51
CA SER G 72 44.20 52.12 53.30
C SER G 72 45.07 51.78 52.09
N GLY G 73 44.41 51.59 50.96
CA GLY G 73 45.09 51.27 49.73
C GLY G 73 45.86 49.95 49.82
N THR G 74 47.18 50.04 49.80
CA THR G 74 48.04 48.86 49.90
C THR G 74 48.98 48.92 51.10
N ASP G 75 48.96 50.01 51.88
CA ASP G 75 49.81 50.16 53.05
C ASP G 75 48.93 50.15 54.29
N PHE G 76 49.26 49.27 55.24
CA PHE G 76 48.50 49.12 56.47
C PHE G 76 49.45 48.91 57.63
N THR G 77 49.02 49.35 58.82
CA THR G 77 49.86 49.32 60.01
C THR G 77 49.03 48.83 61.20
N LEU G 78 49.71 48.15 62.12
CA LEU G 78 49.10 47.71 63.37
C LEU G 78 49.67 48.54 64.51
N LYS G 79 48.79 49.09 65.33
CA LYS G 79 49.17 49.96 66.44
C LYS G 79 48.77 49.34 67.76
N ILE G 80 49.72 49.27 68.69
CA ILE G 80 49.48 48.79 70.06
C ILE G 80 49.59 50.01 70.97
N SER G 81 48.49 50.38 71.61
CA SER G 81 48.48 51.56 72.46
C SER G 81 49.46 51.45 73.62
N ARG G 82 49.54 50.27 74.25
CA ARG G 82 50.53 50.04 75.29
C ARG G 82 50.98 48.58 75.17
N VAL G 83 52.30 48.37 75.14
CA VAL G 83 52.86 47.04 74.93
C VAL G 83 53.22 46.42 76.26
N GLU G 84 53.08 45.10 76.36
CA GLU G 84 53.41 44.35 77.56
C GLU G 84 54.38 43.22 77.23
N ALA G 85 54.81 42.51 78.27
CA ALA G 85 55.70 41.37 78.07
C ALA G 85 55.04 40.26 77.29
N GLU G 86 53.75 40.00 77.55
CA GLU G 86 53.05 38.91 76.86
C GLU G 86 52.86 39.19 75.37
N ASP G 87 53.10 40.42 74.91
CA ASP G 87 53.00 40.75 73.51
C ASP G 87 54.19 40.25 72.70
N LEU G 88 55.19 39.68 73.35
CA LEU G 88 56.37 39.18 72.65
C LEU G 88 55.96 38.13 71.62
N GLY G 89 56.60 38.19 70.46
CA GLY G 89 56.31 37.26 69.38
C GLY G 89 56.62 37.90 68.05
N VAL G 90 56.13 37.25 67.00
CA VAL G 90 56.31 37.71 65.62
C VAL G 90 54.93 38.05 65.05
N TYR G 91 54.81 39.25 64.49
CA TYR G 91 53.55 39.74 63.94
C TYR G 91 53.53 39.50 62.44
N TYR G 92 52.44 38.91 61.95
CA TYR G 92 52.30 38.54 60.55
C TYR G 92 51.07 39.23 59.96
N CYS G 93 51.17 39.56 58.68
CA CYS G 93 50.06 40.11 57.91
C CYS G 93 49.46 39.03 57.03
N PHE G 94 48.13 39.02 56.95
CA PHE G 94 47.39 37.96 56.27
C PHE G 94 46.32 38.57 55.37
N GLN G 95 46.59 38.60 54.08
CA GLN G 95 45.62 39.12 53.12
C GLN G 95 44.49 38.12 52.91
N GLY G 96 43.30 38.64 52.66
CA GLY G 96 42.13 37.80 52.45
C GLY G 96 41.75 37.63 50.99
N SER G 97 40.54 38.04 50.65
CA SER G 97 40.06 38.05 49.27
C SER G 97 39.66 36.66 48.80
N HIS G 98 39.26 36.56 47.53
CA HIS G 98 38.79 35.30 46.95
C HIS G 98 39.86 34.71 46.04
N VAL G 99 41.12 34.86 46.43
CA VAL G 99 42.25 34.35 45.66
C VAL G 99 43.14 33.57 46.61
N PRO G 100 44.04 32.73 46.12
CA PRO G 100 44.91 31.96 47.02
C PRO G 100 45.54 32.86 48.09
N ARG G 101 45.31 32.50 49.34
CA ARG G 101 45.74 33.35 50.45
C ARG G 101 47.26 33.38 50.54
N THR G 102 47.78 34.49 51.05
CA THR G 102 49.21 34.74 51.08
C THR G 102 49.63 35.18 52.48
N PHE G 103 50.88 34.89 52.83
CA PHE G 103 51.46 35.23 54.12
C PHE G 103 52.63 36.19 53.93
N GLY G 104 52.98 36.89 55.02
CA GLY G 104 54.09 37.81 55.01
C GLY G 104 55.32 37.23 55.69
N GLY G 105 56.39 38.02 55.68
CA GLY G 105 57.65 37.60 56.28
C GLY G 105 57.68 37.65 57.79
N GLY G 106 56.83 38.44 58.41
CA GLY G 106 56.78 38.52 59.86
C GLY G 106 57.66 39.63 60.41
N THR G 107 57.23 40.19 61.54
CA THR G 107 57.96 41.23 62.25
C THR G 107 58.13 40.81 63.69
N LYS G 108 59.38 40.87 64.18
CA LYS G 108 59.71 40.43 65.54
C LYS G 108 59.60 41.60 66.50
N LEU G 109 59.05 41.34 67.68
CA LEU G 109 58.90 42.35 68.72
C LEU G 109 59.69 41.92 69.95
N GLU G 110 60.44 42.86 70.53
CA GLU G 110 61.26 42.60 71.71
C GLU G 110 61.01 43.68 72.74
N ILE G 111 61.25 43.34 74.00
CA ILE G 111 61.08 44.26 75.12
C ILE G 111 62.40 44.99 75.34
N LYS G 112 62.39 46.30 75.19
CA LYS G 112 63.61 47.08 75.26
C LYS G 112 64.15 47.15 76.69
N ARG G 113 65.47 47.14 76.81
CA ARG G 113 66.14 47.32 78.09
C ARG G 113 67.55 47.84 77.82
N ALA G 114 68.27 48.11 78.91
CA ALA G 114 69.66 48.56 78.79
C ALA G 114 70.46 47.56 77.98
N ASP G 115 71.11 48.05 76.92
CA ASP G 115 71.89 47.18 76.06
C ASP G 115 73.08 46.60 76.82
N ALA G 116 73.37 45.32 76.57
CA ALA G 116 74.46 44.64 77.24
C ALA G 116 75.07 43.63 76.29
N ALA G 117 76.40 43.54 76.31
CA ALA G 117 77.11 42.59 75.47
C ALA G 117 77.13 41.21 76.13
N PRO G 118 77.24 40.15 75.34
CA PRO G 118 77.22 38.79 75.91
C PRO G 118 78.47 38.53 76.75
N THR G 119 78.28 37.66 77.75
CA THR G 119 79.40 37.18 78.56
C THR G 119 79.76 35.78 78.06
N VAL G 120 81.00 35.62 77.59
CA VAL G 120 81.44 34.42 76.90
C VAL G 120 82.30 33.59 77.83
N SER G 121 81.96 32.30 77.96
CA SER G 121 82.73 31.34 78.72
C SER G 121 82.75 30.03 77.96
N ILE G 122 83.86 29.29 78.07
CA ILE G 122 84.04 28.04 77.35
C ILE G 122 84.42 26.95 78.33
N PHE G 123 83.84 25.76 78.14
CA PHE G 123 84.14 24.60 78.97
C PHE G 123 84.85 23.55 78.12
N PRO G 124 85.99 23.03 78.57
CA PRO G 124 86.74 22.06 77.76
C PRO G 124 86.02 20.71 77.75
N PRO G 125 86.34 19.85 76.78
CA PRO G 125 85.72 18.52 76.75
C PRO G 125 86.04 17.73 78.00
N SER G 126 85.08 16.92 78.44
CA SER G 126 85.25 16.13 79.65
C SER G 126 86.26 15.00 79.41
N SER G 127 86.86 14.54 80.50
CA SER G 127 87.79 13.41 80.42
C SER G 127 87.08 12.15 79.94
N GLU G 128 85.85 11.92 80.43
CA GLU G 128 85.10 10.73 80.01
C GLU G 128 84.82 10.77 78.51
N GLN G 129 84.43 11.92 77.99
CA GLN G 129 84.15 12.05 76.56
C GLN G 129 85.40 11.78 75.74
N LEU G 130 86.54 12.33 76.18
CA LEU G 130 87.79 12.09 75.48
C LEU G 130 88.16 10.62 75.50
N THR G 131 87.97 9.96 76.65
CA THR G 131 88.25 8.53 76.73
C THR G 131 87.34 7.74 75.79
N SER G 132 86.08 8.12 75.70
CA SER G 132 85.14 7.41 74.83
C SER G 132 85.54 7.51 73.35
N GLY G 133 86.28 8.56 72.98
CA GLY G 133 86.73 8.71 71.61
C GLY G 133 86.17 9.95 70.93
N GLY G 134 85.47 10.79 71.69
CA GLY G 134 84.89 12.00 71.17
C GLY G 134 85.37 13.23 71.94
N ALA G 135 84.94 14.39 71.45
CA ALA G 135 85.29 15.66 72.07
C ALA G 135 84.24 16.69 71.71
N SER G 136 83.94 17.57 72.66
CA SER G 136 82.96 18.64 72.46
C SER G 136 83.39 19.87 73.25
N VAL G 137 83.47 21.00 72.57
CA VAL G 137 83.79 22.28 73.18
C VAL G 137 82.50 23.08 73.27
N VAL G 138 82.12 23.46 74.48
CA VAL G 138 80.84 24.14 74.74
C VAL G 138 81.15 25.58 75.14
N CYS G 139 80.53 26.52 74.44
CA CYS G 139 80.67 27.95 74.72
C CYS G 139 79.32 28.50 75.13
N PHE G 140 79.28 29.15 76.30
CA PHE G 140 78.05 29.69 76.86
C PHE G 140 78.06 31.20 76.78
N LEU G 141 76.98 31.77 76.23
CA LEU G 141 76.81 33.22 76.13
C LEU G 141 75.53 33.57 76.87
N ASN G 142 75.63 34.53 77.80
CA ASN G 142 74.53 34.88 78.68
C ASN G 142 74.39 36.39 78.81
N ASN G 143 73.17 36.83 79.11
CA ASN G 143 72.90 38.21 79.48
C ASN G 143 73.30 39.18 78.36
N PHE G 144 72.64 39.07 77.22
CA PHE G 144 72.83 40.00 76.12
C PHE G 144 71.48 40.41 75.55
N TYR G 145 71.45 41.61 74.97
CA TYR G 145 70.26 42.17 74.35
C TYR G 145 70.71 43.19 73.32
N PRO G 146 70.08 43.23 72.13
CA PRO G 146 68.95 42.43 71.66
C PRO G 146 69.30 40.99 71.30
N LYS G 147 68.29 40.24 70.85
CA LYS G 147 68.49 38.83 70.55
C LYS G 147 69.49 38.62 69.42
N ASP G 148 69.45 39.47 68.40
CA ASP G 148 70.31 39.33 67.23
C ASP G 148 71.76 39.12 67.64
N ILE G 149 72.32 37.96 67.29
CA ILE G 149 73.70 37.62 67.64
C ILE G 149 74.13 36.43 66.80
N ASN G 150 75.43 36.31 66.59
CA ASN G 150 76.01 35.19 65.86
C ASN G 150 77.31 34.77 66.53
N VAL G 151 77.68 33.50 66.33
CA VAL G 151 78.87 32.91 66.93
C VAL G 151 79.64 32.16 65.86
N LYS G 152 80.96 32.30 65.89
CA LYS G 152 81.86 31.54 65.02
C LYS G 152 82.99 30.95 65.86
N TRP G 153 83.47 29.78 65.43
CA TRP G 153 84.49 29.05 66.14
C TRP G 153 85.81 29.07 65.36
N LYS G 154 86.91 29.21 66.09
CA LYS G 154 88.24 29.20 65.53
C LYS G 154 89.08 28.12 66.22
N ILE G 155 89.83 27.38 65.42
CA ILE G 155 90.76 26.36 65.92
C ILE G 155 92.16 26.79 65.50
N ASP G 156 93.00 27.10 66.50
CA ASP G 156 94.35 27.57 66.25
C ASP G 156 94.35 28.78 65.33
N GLY G 157 93.34 29.64 65.50
CA GLY G 157 93.22 30.85 64.71
C GLY G 157 92.57 30.66 63.35
N SER G 158 92.15 29.45 63.00
CA SER G 158 91.53 29.16 61.72
C SER G 158 90.02 29.01 61.91
N GLU G 159 89.26 29.70 61.07
CA GLU G 159 87.80 29.67 61.16
C GLU G 159 87.29 28.24 61.04
N ARG G 160 86.36 27.87 61.90
CA ARG G 160 85.75 26.54 61.91
C ARG G 160 84.23 26.71 61.89
N GLN G 161 83.58 26.05 60.94
CA GLN G 161 82.12 26.09 60.83
C GLN G 161 81.46 24.72 60.96
N ASN G 162 82.13 23.66 60.49
CA ASN G 162 81.56 22.32 60.58
C ASN G 162 81.44 21.90 62.03
N GLY G 163 80.29 21.31 62.38
CA GLY G 163 80.06 20.83 63.73
C GLY G 163 79.62 21.89 64.71
N VAL G 164 79.42 23.13 64.28
CA VAL G 164 79.02 24.21 65.17
C VAL G 164 77.50 24.24 65.24
N LEU G 165 76.96 24.12 66.45
CA LEU G 165 75.52 24.16 66.69
C LEU G 165 75.22 25.32 67.62
N ASN G 166 74.28 26.17 67.21
CA ASN G 166 73.88 27.34 67.99
C ASN G 166 72.41 27.23 68.36
N SER G 167 72.12 27.49 69.63
CA SER G 167 70.76 27.42 70.15
C SER G 167 70.47 28.64 70.99
N TRP G 168 69.44 29.39 70.63
CA TRP G 168 69.07 30.63 71.30
C TRP G 168 67.88 30.39 72.22
N THR G 169 67.79 31.22 73.26
CA THR G 169 66.72 31.14 74.24
C THR G 169 65.78 32.33 74.10
N ASP G 170 64.66 32.27 74.81
CA ASP G 170 63.70 33.37 74.82
C ASP G 170 64.15 34.47 75.78
N GLN G 171 63.51 35.63 75.66
CA GLN G 171 63.83 36.74 76.53
C GLN G 171 63.56 36.37 77.99
N ASP G 172 64.51 36.69 78.85
CA ASP G 172 64.38 36.35 80.27
C ASP G 172 63.18 37.04 80.88
N SER G 173 62.40 36.30 81.67
CA SER G 173 61.23 36.86 82.32
C SER G 173 61.58 37.83 83.43
N LYS G 174 62.82 37.83 83.91
CA LYS G 174 63.25 38.70 85.00
C LYS G 174 64.20 39.80 84.52
N ASP G 175 65.30 39.42 83.86
CA ASP G 175 66.27 40.39 83.38
C ASP G 175 65.99 40.88 81.97
N SER G 176 65.02 40.27 81.27
CA SER G 176 64.65 40.69 79.92
C SER G 176 65.82 40.58 78.95
N THR G 177 66.76 39.69 79.23
CA THR G 177 67.93 39.46 78.40
C THR G 177 67.83 38.10 77.71
N TYR G 178 68.78 37.82 76.83
CA TYR G 178 68.82 36.60 76.05
C TYR G 178 70.10 35.83 76.36
N SER G 179 70.00 34.50 76.27
CA SER G 179 71.12 33.60 76.46
C SER G 179 71.09 32.54 75.37
N MET G 180 72.26 31.96 75.10
CA MET G 180 72.38 30.94 74.06
C MET G 180 73.60 30.09 74.34
N SER G 181 73.71 29.00 73.58
CA SER G 181 74.82 28.07 73.68
C SER G 181 75.42 27.81 72.31
N SER G 182 76.73 27.61 72.27
CA SER G 182 77.46 27.29 71.04
C SER G 182 78.35 26.10 71.32
N THR G 183 78.08 24.97 70.67
CA THR G 183 78.82 23.73 70.88
C THR G 183 79.54 23.35 69.59
N LEU G 184 80.83 23.08 69.69
CA LEU G 184 81.64 22.66 68.56
C LEU G 184 81.89 21.16 68.69
N THR G 185 81.42 20.40 67.69
CA THR G 185 81.57 18.95 67.70
C THR G 185 82.89 18.57 67.04
N LEU G 186 83.70 17.79 67.77
CA LEU G 186 85.00 17.35 67.28
C LEU G 186 85.22 15.90 67.67
N THR G 187 86.07 15.23 66.90
CA THR G 187 86.52 13.89 67.25
C THR G 187 87.75 13.98 68.15
N LYS G 188 88.11 12.85 68.75
CA LYS G 188 89.26 12.82 69.64
C LYS G 188 90.53 13.23 68.88
N ASP G 189 90.72 12.69 67.68
CA ASP G 189 91.88 13.07 66.88
C ASP G 189 91.84 14.55 66.52
N GLU G 190 90.67 15.05 66.13
CA GLU G 190 90.55 16.46 65.78
C GLU G 190 90.86 17.35 66.97
N TYR G 191 90.35 17.00 68.15
CA TYR G 191 90.58 17.82 69.34
C TYR G 191 92.04 17.78 69.76
N GLU G 192 92.63 16.59 69.81
CA GLU G 192 94.00 16.47 70.29
C GLU G 192 95.02 17.02 69.29
N ARG G 193 94.67 17.01 68.00
CA ARG G 193 95.57 17.53 66.98
C ARG G 193 95.70 19.05 67.02
N HIS G 194 94.85 19.73 67.79
CA HIS G 194 94.87 21.18 67.90
C HIS G 194 94.93 21.56 69.37
N ASN G 195 95.46 22.77 69.62
CA ASN G 195 95.72 23.23 70.98
C ASN G 195 94.78 24.33 71.44
N SER G 196 94.49 25.32 70.60
CA SER G 196 93.73 26.50 70.99
C SER G 196 92.37 26.51 70.29
N TYR G 197 91.33 26.83 71.06
CA TYR G 197 89.98 26.98 70.53
C TYR G 197 89.40 28.28 71.06
N THR G 198 88.72 29.03 70.19
CA THR G 198 88.22 30.35 70.52
C THR G 198 86.74 30.45 70.18
N CYS G 199 85.98 31.10 71.06
CA CYS G 199 84.56 31.37 70.85
C CYS G 199 84.39 32.87 70.61
N GLU G 200 84.02 33.23 69.37
CA GLU G 200 83.86 34.62 68.98
C GLU G 200 82.36 34.92 68.86
N ALA G 201 81.92 36.00 69.50
CA ALA G 201 80.51 36.39 69.51
C ALA G 201 80.37 37.73 68.82
N THR G 202 79.50 37.80 67.82
CA THR G 202 79.22 39.03 67.10
C THR G 202 77.85 39.55 67.52
N HIS G 203 77.82 40.70 68.18
CA HIS G 203 76.59 41.27 68.70
C HIS G 203 76.50 42.74 68.31
N LYS G 204 75.27 43.23 68.21
CA LYS G 204 75.04 44.60 67.75
C LYS G 204 75.58 45.65 68.70
N THR G 205 75.75 45.31 69.98
CA THR G 205 76.18 46.29 70.98
C THR G 205 77.70 46.37 71.13
N SER G 206 78.45 45.59 70.36
CA SER G 206 79.91 45.60 70.44
C SER G 206 80.46 45.52 69.03
N THR G 207 81.21 46.56 68.63
CA THR G 207 81.83 46.55 67.31
C THR G 207 82.81 45.39 67.18
N SER G 208 83.63 45.18 68.21
CA SER G 208 84.58 44.07 68.21
C SER G 208 83.93 42.84 68.83
N PRO G 209 84.02 41.66 68.20
CA PRO G 209 83.41 40.47 68.79
C PRO G 209 84.00 40.15 70.16
N ILE G 210 83.17 39.62 71.04
CA ILE G 210 83.60 39.17 72.35
C ILE G 210 84.36 37.87 72.18
N VAL G 211 85.59 37.81 72.68
CA VAL G 211 86.51 36.71 72.43
C VAL G 211 86.83 36.03 73.75
N LYS G 212 86.68 34.69 73.76
CA LYS G 212 87.11 33.86 74.87
C LYS G 212 87.91 32.70 74.30
N SER G 213 89.06 32.39 74.92
CA SER G 213 89.96 31.37 74.42
C SER G 213 90.44 30.50 75.57
N PHE G 214 90.79 29.26 75.24
CA PHE G 214 91.34 28.32 76.21
C PHE G 214 92.25 27.34 75.48
N ASN G 215 93.11 26.69 76.24
CA ASN G 215 94.06 25.72 75.70
C ASN G 215 93.64 24.31 76.08
N ARG G 216 94.03 23.34 75.25
CA ARG G 216 93.64 21.96 75.48
C ARG G 216 94.19 21.43 76.80
N ASN G 217 95.44 21.75 77.10
CA ASN G 217 96.11 21.25 78.30
C ASN G 217 95.58 21.88 79.58
N GLU G 218 94.77 22.93 79.48
CA GLU G 218 94.21 23.58 80.65
C GLU G 218 92.99 22.87 81.21
N CYS G 219 92.51 21.83 80.53
CA CYS G 219 91.35 21.08 81.02
C CYS G 219 91.65 20.44 82.36
C1 NAG H . 19.03 -40.24 -32.88
C2 NAG H . 19.79 -41.54 -33.15
C3 NAG H . 19.33 -42.64 -32.21
C4 NAG H . 19.45 -42.17 -30.76
C5 NAG H . 18.66 -40.88 -30.58
C6 NAG H . 18.79 -40.31 -29.18
C7 NAG H . 18.47 -42.30 -35.07
C8 NAG H . 18.51 -42.70 -36.52
N2 NAG H . 19.65 -41.96 -34.54
O3 NAG H . 20.13 -43.80 -32.40
O4 NAG H . 18.98 -43.16 -29.85
O5 NAG H . 19.15 -39.89 -31.48
O6 NAG H . 18.72 -41.32 -28.19
O7 NAG H . 17.43 -42.28 -34.42
#